data_9CYX
#
_entry.id   9CYX
#
_cell.length_a   1.00
_cell.length_b   1.00
_cell.length_c   1.00
_cell.angle_alpha   90.00
_cell.angle_beta   90.00
_cell.angle_gamma   90.00
#
_symmetry.space_group_name_H-M   'P 1'
#
loop_
_entity.id
_entity.type
_entity.pdbx_description
1 polymer 'Lambda 1'
2 polymer 'Outer capsid protein lambda-2'
3 polymer 'Inner capsid protein sigma-2'
#
loop_
_entity_poly.entity_id
_entity_poly.type
_entity_poly.pdbx_seq_one_letter_code
_entity_poly.pdbx_strand_id
1 'polypeptide(L)'
;MKRIPRKTKGKSSGKGNDSTERADDGSSQLRDKQNNKAGPATTEPGTSNREQYKARPGIASVQRATESAEMPMKNNDEGT
PDKKGNTKGDLVNEHSEAKDEADEATKKQAKDTDKSKAQVTYSDTGINNANELSRSGNVDNEGGSNQKPMSTRIAEATSA
IVSKHPARVGLPPTASSGHGYQCHVCSAVLFSPLDLDAHVASHGLHGNMTLTSSDIQRHITEFISSWQNHPIVQVSADVE
NKKTAQLLHADTPRLVTWDAGLCTSFKIVPIVPAQVPQDVLAYTFFTSSYAIQSPFPEAAVSRIVVHTRWASNVDFDRDS
SVIMAPPTENNIHLFKQLLNTETLSVRGANPLMFRANVLHMLLEFVLDNLYLNRHTGFSQDHTPFTEGANLRSLPGPDAE
KWYSIMYPTRMGTPNVSKICNFVASCVRNRVGRFDRAQMMNGAMSEWVDVFETSDALTVSIRGRWMARLARMNINPTEIE
WALTECAQGYVTVTSPYAPSVNRLMPYRISNAERQISQIIRIMNIGNNATVIQPVLQDISVLLQRISPLQIDPTIISNTM
STVSESTTQTLSPASSILGKLRPSNSDFSSFRVALAGWLYNGVVTTVIDDSSYPKDGGSVTSLENLWDFFILALALPLTT
DPCAPVKAFMTLANMMVGFETIPMDNQIYTQSRRASAFSTPHTWPRCFMNIQLISPIDAPILRQWAEIIHRYWPNPSQIR
YGAPNVFGSANLFTPPEVLLLPIDHQPANVTTPTLDFTNELTNWRARVCELMKNLVDNQRYQPGWTQSLVSSMRGTLDKL
KLIKSMTPMYLQQLAPVELAVIAPMLPFPPFQVPYVRLDRDRVPTMVGVTRQSRDTITQPALSLSTTNTTVGVPLALDAR
AITVALLSGKYPPDLVTNVWYADAIYPMYADTEVFSNLQRDMITCEAVQTLVTLVAQISETQYPVDRYLDWIPSLRASAA
TAATFAEWVNTSMKTAFDLSDMLLEPLLSGDPRMTQLAIQYQQYNGRTFNIIPEMPGSVIADCVQLTAEVFNHEYNLFGI
ARGDIIIGRVQSTHLWSPLAPPPDLVFDRDTPGVHIFGRDCRISFGMNGAAPMIRDETGLMVPFEGNWIFPLALWQMNTR
YFNQQFDAWIKTGELRIRIEMGAYPYMLHYYDPRQYANAWNLTSAWLEEITPTSIPSVPFMVPISSDHDISSAPAVQYII
STEYNDRSLFCTNSSSPQTIAGPDKHIPVERYNILTNPDAPPTQIQLPEVVDLYNVVTRYAYETPPITAVVMGVP
;
H,I,B
2 'polypeptide(L)'
;ANVWGVRLADSLSSPTIETRTRQYTLHDLCSDLDANPGREPWKPLRNQRTNNIVAVQLFRPLQGLVLDTQLYGFPGAFDD
WERFMREKLRVLKYEVLRIYPISNYSNEHVNVFVANALVGAFLSNQAFYDLLPLLIINDTMIGDLLGTGASLSQFFQSHG
DVLEVAAGRKYLQMENYSNDDDDPPLFAKDLSDYAKAFYSDTYEVLDRFFWTHDSSAGVLVHYDKPTNGHHYLLGTLTQM
VSAPPYIINATDAMLLESCLEQFSANVRARPAQPVTRLDQCYHLRWGAQYVGEDSLTYRLGVLSLLATNGYQLARPIPRQ
LTNRWLSSFVSQIMSDGVNETPLWPQERYVQIAYDSPSVVDGATQYGYVRKNQLRLGMRISALQSLSDTPSPVQWLPQYT
IDQAAMDEGDLMVSRLTQLPLRPDYGNIWVGDALSYYVDYNRSHRVVLSSELPQLPDTYFDGDEQYGRSLFSLARKIGDR
SLVKDTAVLKHAYQAIDPNTGKEYLRSRQSVAYFGASAGHSGADQPLVIEPWIQGKISGVPPPSSVRQFGYDVARGAIVD
LARPFPSGDYQFVYSDVDQVVDGHDDLSISSGLVESLLSSCMHATAPGGSFVVKINFPTRPVWHYIEQKILPNITSYMLI
KPFVTNNVELFFVAFGVHQHSSLTWTSGVYFFLVDHFYRYETLSTISRQLPSFGYVDDGSSVTGIETISIENPGFSNMTQ
AARIGISGLCANVGNARKSIAIYESHGARVLTITSRRSPASARRKSRLRYLPLIDPRSLEVQARTILPADPVLFENVSGA
SPHVCLTMMYNFEVSSAVYDGDVVLDLGTGPEAKILELIPATSPVTCVDIRPTAQPSGCWNVRTTFLELDYLSDGWITGV
RGDIVTCMLSLGAAAAGKSMTFDAAFQQLIKVLSKSTANVVLVQVNCPTDVVRSIKGYLEIDSTNKRYRFPKFGRDEPYS
DMDALEKICRTAWPNCSITWVPLSYDLRWTRLALLESTTLSSASIRIAELMYKYMPIMRIDIHGLPMEKRGNFIVGQNCS
LVIPGFNAQDVFNCYFNSALAFSTEDVNAAMIPQVSAQFDATKGEWTLDMVFSDAGIYTMQALVGSNANPVSLGSFVVDS
PDVDITDAWPAQLDFTIAGTDVDITVNPYYRLMTFVRIDGQWQIANPDKFQFFSSASGTLVMNVKLDIADKYLLYYIRDV
QSRDVGFYIQHPLQLLNTITLPTNEDLFLSAPDMREWAVKESGNTICILNSQGFVLPQDWDVLTDTISWSPSIPTYIVPP
GDYTLTPL
;
A
3 'polypeptide(L)'
;ARAAFLFKTVGFGGLQNVPINDELSSHLLRAGNSPWQLTQFLDWISLGRGLATSALVPTAGSRYYQMSCLLSGTLQIPFR
PNHRWGDIRFLRLVWSAPTLDGLVVAPPQVLAQPALQAQADRVYDCDDYPFLARDPRFKHRVYQQLSAVTLLNLTGFGPI
SYVRVDEDMWSGDVNQLLMNYFGHTFAEIAYTLCQASANRPWEYDGTYARMTQIVLSLFWLSYVGVIHQQNTYRTFYFQC
NRRGDAAEVWILSCSLNHSAQIRPGNRSLFVMPTSPDWNMDVNLILSSTLTGCLCSGSQLPLIDNNSVPAVSRNIHGWTG
RAGNQLHGFQVRRMVTEFCDRLRRDGVMTQAQQNQVEALADQTQQFKRDKLETWAREDDQYNQAHPNSTMFRTKPFTNAQ
WGRGNTGATSAAIAALI
;
Q,R
#
# COMPACT_ATOMS: atom_id res chain seq x y z
N LYS A 242 0.46 -17.81 -40.99
CA LYS A 242 -0.96 -18.14 -40.90
C LYS A 242 -1.81 -16.92 -40.59
N LYS A 243 -1.26 -15.99 -39.80
CA LYS A 243 -2.04 -14.87 -39.32
C LYS A 243 -2.39 -13.88 -40.44
N THR A 244 -1.45 -13.62 -41.35
CA THR A 244 -1.73 -12.66 -42.42
C THR A 244 -2.70 -13.23 -43.44
N ALA A 245 -2.67 -14.53 -43.69
CA ALA A 245 -3.66 -15.14 -44.56
C ALA A 245 -5.05 -15.05 -43.93
N GLN A 246 -5.13 -15.28 -42.62
CA GLN A 246 -6.39 -15.10 -41.92
C GLN A 246 -6.86 -13.65 -42.00
N LEU A 247 -5.93 -12.70 -41.95
CA LEU A 247 -6.29 -11.29 -42.07
C LEU A 247 -6.85 -10.96 -43.46
N LEU A 248 -6.24 -11.51 -44.51
CA LEU A 248 -6.67 -11.16 -45.86
C LEU A 248 -8.03 -11.78 -46.19
N HIS A 249 -8.22 -13.06 -45.90
CA HIS A 249 -9.51 -13.70 -46.13
C HIS A 249 -9.68 -14.86 -45.17
N ALA A 250 -10.91 -15.05 -44.72
CA ALA A 250 -11.23 -16.03 -43.70
C ALA A 250 -12.33 -16.96 -44.22
N ASP A 251 -12.32 -18.19 -43.72
CA ASP A 251 -13.23 -19.20 -44.23
C ASP A 251 -14.67 -18.81 -43.98
N THR A 252 -15.51 -18.98 -44.97
CA THR A 252 -16.93 -18.69 -44.84
C THR A 252 -17.63 -19.85 -44.15
N PRO A 253 -18.31 -19.63 -43.03
CA PRO A 253 -19.04 -20.72 -42.39
C PRO A 253 -20.26 -21.13 -43.20
N ARG A 254 -20.72 -22.35 -42.93
CA ARG A 254 -21.89 -22.89 -43.61
C ARG A 254 -23.09 -22.77 -42.67
N LEU A 255 -24.03 -21.89 -43.01
CA LEU A 255 -25.17 -21.62 -42.14
C LEU A 255 -26.40 -22.43 -42.55
N VAL A 256 -26.83 -22.29 -43.80
CA VAL A 256 -28.14 -22.78 -44.24
C VAL A 256 -27.97 -24.22 -44.72
N THR A 257 -28.65 -25.15 -44.04
CA THR A 257 -28.64 -26.56 -44.38
C THR A 257 -30.04 -27.10 -44.23
N TRP A 258 -30.35 -28.16 -44.98
CA TRP A 258 -31.72 -28.65 -45.12
C TRP A 258 -31.83 -30.11 -44.70
N ASP A 259 -32.92 -30.45 -44.03
CA ASP A 259 -33.21 -31.80 -43.58
C ASP A 259 -34.54 -32.25 -44.18
N ALA A 260 -34.55 -33.44 -44.78
CA ALA A 260 -35.73 -33.97 -45.45
C ALA A 260 -36.31 -35.21 -44.78
N GLY A 261 -35.87 -35.53 -43.57
CA GLY A 261 -36.32 -36.72 -42.88
C GLY A 261 -37.37 -36.47 -41.81
N LEU A 262 -37.06 -36.84 -40.58
CA LEU A 262 -37.96 -36.66 -39.44
C LEU A 262 -37.27 -35.84 -38.37
N CYS A 263 -38.04 -34.99 -37.70
CA CYS A 263 -37.50 -34.07 -36.70
C CYS A 263 -37.55 -34.72 -35.32
N THR A 264 -36.84 -35.85 -35.20
CA THR A 264 -36.85 -36.61 -33.96
C THR A 264 -35.44 -37.09 -33.65
N SER A 265 -35.16 -37.29 -32.36
CA SER A 265 -33.87 -37.78 -31.92
C SER A 265 -33.98 -38.84 -30.83
N PHE A 266 -35.18 -39.32 -30.53
CA PHE A 266 -35.38 -40.43 -29.62
C PHE A 266 -35.96 -41.60 -30.38
N LYS A 267 -35.62 -42.82 -29.95
CA LYS A 267 -35.97 -44.04 -30.65
C LYS A 267 -36.42 -45.09 -29.66
N ILE A 268 -37.46 -45.84 -30.02
CA ILE A 268 -37.96 -46.92 -29.19
C ILE A 268 -37.35 -48.21 -29.71
N VAL A 269 -36.82 -49.02 -28.81
CA VAL A 269 -36.20 -50.28 -29.23
C VAL A 269 -36.69 -51.43 -28.37
N PRO A 270 -36.71 -52.65 -28.94
CA PRO A 270 -37.19 -53.86 -28.26
C PRO A 270 -36.09 -54.64 -27.54
N ILE A 271 -35.95 -54.41 -26.24
CA ILE A 271 -34.94 -55.10 -25.43
C ILE A 271 -35.15 -56.60 -25.32
N VAL A 272 -36.41 -57.02 -25.15
CA VAL A 272 -36.74 -58.44 -25.01
C VAL A 272 -37.74 -58.91 -26.07
N PRO A 273 -37.58 -60.15 -26.54
CA PRO A 273 -38.48 -60.70 -27.56
C PRO A 273 -39.87 -61.08 -27.03
N ALA A 274 -40.89 -60.96 -27.88
CA ALA A 274 -42.25 -61.31 -27.49
C ALA A 274 -42.45 -62.81 -27.52
N GLN A 275 -43.35 -63.28 -26.67
CA GLN A 275 -43.67 -64.70 -26.50
C GLN A 275 -44.94 -65.08 -27.27
N VAL A 276 -44.88 -64.91 -28.59
CA VAL A 276 -46.06 -65.13 -29.43
C VAL A 276 -46.50 -66.58 -29.44
N PRO A 277 -45.62 -67.57 -29.70
CA PRO A 277 -46.10 -68.97 -29.73
C PRO A 277 -46.26 -69.56 -28.33
N GLN A 278 -47.24 -69.04 -27.59
CA GLN A 278 -47.48 -69.49 -26.23
C GLN A 278 -48.54 -70.58 -26.21
N ASP A 279 -48.87 -71.08 -25.02
CA ASP A 279 -49.81 -72.18 -24.89
C ASP A 279 -51.04 -71.85 -24.06
N VAL A 280 -51.45 -70.58 -24.01
CA VAL A 280 -52.77 -70.19 -23.50
C VAL A 280 -53.62 -69.53 -24.59
N LEU A 281 -53.02 -68.67 -25.41
CA LEU A 281 -53.74 -68.03 -26.49
C LEU A 281 -53.40 -68.68 -27.82
N ALA A 282 -54.40 -68.83 -28.67
CA ALA A 282 -54.17 -69.32 -30.01
C ALA A 282 -53.44 -68.27 -30.81
N TYR A 283 -52.53 -68.73 -31.68
CA TYR A 283 -51.67 -67.80 -32.40
C TYR A 283 -52.45 -66.89 -33.32
N THR A 284 -53.71 -67.23 -33.61
CA THR A 284 -54.50 -66.43 -34.54
C THR A 284 -54.91 -65.09 -33.95
N PHE A 285 -54.78 -64.93 -32.63
CA PHE A 285 -55.15 -63.66 -31.99
C PHE A 285 -54.26 -62.53 -32.46
N PHE A 286 -52.96 -62.78 -32.57
CA PHE A 286 -51.98 -61.71 -32.71
C PHE A 286 -51.97 -61.17 -34.13
N THR A 287 -51.79 -59.86 -34.27
CA THR A 287 -51.66 -59.26 -35.58
C THR A 287 -50.26 -59.37 -36.15
N SER A 288 -49.31 -59.92 -35.38
CA SER A 288 -47.98 -60.19 -35.93
C SER A 288 -48.01 -61.36 -36.90
N SER A 289 -48.95 -62.30 -36.72
CA SER A 289 -49.04 -63.45 -37.61
C SER A 289 -49.66 -63.10 -38.95
N TYR A 290 -50.43 -62.01 -39.03
CA TYR A 290 -50.95 -61.53 -40.30
C TYR A 290 -50.05 -60.49 -40.93
N ALA A 291 -48.90 -60.23 -40.34
CA ALA A 291 -47.88 -59.34 -40.91
C ALA A 291 -48.36 -57.91 -41.04
N ILE A 292 -49.22 -57.43 -40.13
CA ILE A 292 -49.50 -56.01 -40.09
C ILE A 292 -48.29 -55.27 -39.54
N GLN A 293 -47.85 -54.25 -40.26
CA GLN A 293 -46.80 -53.38 -39.75
C GLN A 293 -47.34 -52.53 -38.61
N SER A 294 -46.59 -52.46 -37.52
CA SER A 294 -47.05 -51.83 -36.30
C SER A 294 -46.27 -50.55 -36.01
N PRO A 295 -46.91 -49.52 -35.47
CA PRO A 295 -46.18 -48.27 -35.20
C PRO A 295 -45.10 -48.41 -34.14
N PHE A 296 -45.21 -49.36 -33.24
CA PHE A 296 -44.31 -49.54 -32.12
C PHE A 296 -43.78 -50.96 -32.16
N PRO A 297 -42.62 -51.21 -31.56
CA PRO A 297 -42.11 -52.59 -31.49
C PRO A 297 -43.05 -53.49 -30.71
N GLU A 298 -43.15 -54.73 -31.16
CA GLU A 298 -43.94 -55.75 -30.48
C GLU A 298 -42.99 -56.61 -29.66
N ALA A 299 -43.00 -56.40 -28.35
CA ALA A 299 -42.04 -57.08 -27.48
C ALA A 299 -42.55 -57.05 -26.05
N ALA A 300 -41.90 -57.86 -25.20
CA ALA A 300 -42.27 -57.88 -23.80
C ALA A 300 -41.74 -56.66 -23.06
N VAL A 301 -40.61 -56.09 -23.49
CA VAL A 301 -40.07 -54.86 -22.92
C VAL A 301 -39.58 -53.95 -24.05
N SER A 302 -39.92 -52.68 -23.97
CA SER A 302 -39.49 -51.67 -24.93
C SER A 302 -38.99 -50.45 -24.18
N ARG A 303 -37.94 -49.80 -24.69
CA ARG A 303 -37.33 -48.69 -23.98
C ARG A 303 -36.86 -47.60 -24.94
N ILE A 304 -36.80 -46.38 -24.42
CA ILE A 304 -36.46 -45.19 -25.20
C ILE A 304 -34.97 -44.90 -25.06
N VAL A 305 -34.30 -44.68 -26.18
CA VAL A 305 -32.89 -44.32 -26.19
C VAL A 305 -32.68 -43.13 -27.11
N VAL A 306 -31.53 -42.47 -26.95
CA VAL A 306 -31.19 -41.24 -27.66
C VAL A 306 -30.35 -41.58 -28.87
N HIS A 307 -30.72 -41.05 -30.03
CA HIS A 307 -30.01 -41.33 -31.28
C HIS A 307 -30.28 -40.14 -32.22
N THR A 308 -29.37 -39.18 -32.22
CA THR A 308 -29.60 -37.95 -32.96
C THR A 308 -29.55 -38.22 -34.45
N ARG A 309 -30.54 -37.70 -35.16
CA ARG A 309 -30.64 -37.81 -36.62
C ARG A 309 -30.63 -39.23 -37.11
N TRP A 310 -31.38 -40.12 -36.45
CA TRP A 310 -31.47 -41.50 -36.90
C TRP A 310 -32.45 -41.67 -38.05
N ALA A 311 -33.32 -40.68 -38.27
CA ALA A 311 -34.31 -40.73 -39.33
C ALA A 311 -34.15 -39.61 -40.34
N SER A 312 -33.04 -38.89 -40.30
CA SER A 312 -32.91 -37.70 -41.12
C SER A 312 -32.28 -38.04 -42.47
N ASN A 313 -32.42 -37.09 -43.40
CA ASN A 313 -31.85 -37.19 -44.74
C ASN A 313 -31.37 -35.80 -45.11
N VAL A 314 -30.07 -35.55 -44.98
CA VAL A 314 -29.54 -34.19 -45.00
C VAL A 314 -28.59 -34.03 -46.18
N ASP A 315 -28.38 -32.78 -46.59
CA ASP A 315 -27.46 -32.47 -47.67
C ASP A 315 -26.10 -31.98 -47.20
N PHE A 316 -25.94 -31.71 -45.90
CA PHE A 316 -24.63 -31.43 -45.33
C PHE A 316 -24.55 -32.12 -43.97
N ASP A 317 -23.34 -32.52 -43.59
CA ASP A 317 -23.13 -33.33 -42.40
C ASP A 317 -22.37 -32.51 -41.37
N ARG A 318 -23.01 -32.27 -40.21
CA ARG A 318 -22.34 -31.61 -39.10
C ARG A 318 -21.37 -32.53 -38.39
N ASP A 319 -21.63 -33.84 -38.41
CA ASP A 319 -20.69 -34.85 -37.94
C ASP A 319 -20.37 -34.66 -36.45
N SER A 320 -21.42 -34.57 -35.64
CA SER A 320 -21.27 -34.48 -34.19
C SER A 320 -22.34 -35.29 -33.48
N SER A 321 -22.56 -36.52 -33.92
CA SER A 321 -23.71 -37.29 -33.47
C SER A 321 -23.52 -37.82 -32.06
N VAL A 322 -24.63 -37.94 -31.33
CA VAL A 322 -24.68 -38.57 -30.03
C VAL A 322 -25.46 -39.88 -30.21
N ILE A 323 -24.77 -41.01 -30.09
CA ILE A 323 -25.34 -42.30 -30.40
C ILE A 323 -25.34 -43.13 -29.12
N MET A 324 -26.49 -43.65 -28.75
CA MET A 324 -26.64 -44.36 -27.48
C MET A 324 -27.07 -45.80 -27.71
N ALA A 325 -26.36 -46.72 -27.09
CA ALA A 325 -26.70 -48.13 -27.13
C ALA A 325 -27.81 -48.42 -26.12
N PRO A 326 -28.55 -49.52 -26.31
CA PRO A 326 -29.59 -49.88 -25.35
C PRO A 326 -29.02 -50.08 -23.96
N PRO A 327 -29.83 -49.94 -22.91
CA PRO A 327 -29.32 -50.09 -21.54
C PRO A 327 -28.82 -51.49 -21.21
N THR A 328 -29.17 -52.51 -21.99
CA THR A 328 -28.56 -53.82 -21.82
C THR A 328 -27.15 -53.90 -22.39
N GLU A 329 -26.58 -52.76 -22.78
CA GLU A 329 -25.18 -52.67 -23.18
C GLU A 329 -24.49 -51.61 -22.35
N ASN A 330 -23.16 -51.64 -22.38
CA ASN A 330 -22.37 -50.72 -21.56
C ASN A 330 -22.15 -49.43 -22.34
N ASN A 331 -22.50 -48.30 -21.72
CA ASN A 331 -22.39 -46.98 -22.32
C ASN A 331 -21.34 -46.09 -21.66
N ILE A 332 -20.30 -46.66 -21.06
CA ILE A 332 -19.37 -45.85 -20.28
C ILE A 332 -18.51 -44.97 -21.18
N HIS A 333 -18.38 -45.35 -22.46
CA HIS A 333 -17.48 -44.61 -23.35
C HIS A 333 -17.96 -43.19 -23.59
N LEU A 334 -19.27 -42.95 -23.49
CA LEU A 334 -19.76 -41.58 -23.60
C LEU A 334 -19.26 -40.72 -22.43
N PHE A 335 -19.22 -41.29 -21.23
CA PHE A 335 -18.90 -40.51 -20.05
C PHE A 335 -17.40 -40.48 -19.78
N LYS A 336 -16.61 -41.25 -20.54
CA LYS A 336 -15.16 -41.22 -20.27
C LYS A 336 -14.37 -40.58 -21.40
N GLN A 337 -14.96 -39.65 -22.14
CA GLN A 337 -14.22 -38.99 -23.22
C GLN A 337 -13.42 -37.75 -22.85
N LEU A 338 -13.77 -37.08 -21.75
CA LEU A 338 -13.04 -35.86 -21.34
C LEU A 338 -12.32 -36.03 -20.01
N LEU A 339 -11.03 -35.67 -20.00
CA LEU A 339 -10.17 -35.73 -18.81
C LEU A 339 -10.07 -37.11 -18.15
N ASN A 340 -10.23 -38.15 -18.94
CA ASN A 340 -10.14 -39.51 -18.45
C ASN A 340 -8.90 -40.12 -19.08
N THR A 341 -7.92 -39.28 -19.38
CA THR A 341 -6.70 -39.76 -20.02
C THR A 341 -5.78 -40.52 -19.07
N GLU A 342 -6.01 -40.44 -17.76
CA GLU A 342 -5.22 -41.19 -16.79
C GLU A 342 -5.94 -42.43 -16.26
N THR A 343 -7.03 -42.83 -16.89
CA THR A 343 -7.76 -44.02 -16.45
C THR A 343 -7.16 -45.26 -17.14
N LEU A 344 -6.84 -46.27 -16.34
CA LEU A 344 -6.22 -47.48 -16.88
C LEU A 344 -7.26 -48.41 -17.51
N SER A 345 -8.31 -48.74 -16.78
CA SER A 345 -9.28 -49.72 -17.24
C SER A 345 -10.12 -49.20 -18.40
N VAL A 346 -10.48 -50.11 -19.30
CA VAL A 346 -11.35 -49.71 -20.42
C VAL A 346 -12.79 -49.61 -19.96
N ARG A 347 -13.10 -50.17 -18.80
CA ARG A 347 -14.47 -50.32 -18.33
C ARG A 347 -14.83 -49.35 -17.22
N GLY A 348 -14.01 -48.33 -16.98
CA GLY A 348 -14.24 -47.42 -15.87
C GLY A 348 -14.03 -45.97 -16.26
N ALA A 349 -14.65 -45.09 -15.48
CA ALA A 349 -14.58 -43.66 -15.72
C ALA A 349 -14.43 -42.94 -14.38
N ASN A 350 -13.87 -41.74 -14.44
CA ASN A 350 -13.63 -40.95 -13.24
C ASN A 350 -14.89 -40.17 -12.88
N PRO A 351 -15.49 -40.40 -11.71
CA PRO A 351 -16.73 -39.69 -11.40
C PRO A 351 -16.60 -38.18 -11.34
N LEU A 352 -15.46 -37.66 -10.88
CA LEU A 352 -15.31 -36.22 -10.71
C LEU A 352 -15.28 -35.50 -12.05
N MET A 353 -15.21 -36.24 -13.16
CA MET A 353 -15.25 -35.59 -14.47
C MET A 353 -16.65 -35.57 -15.07
N PHE A 354 -17.64 -36.17 -14.41
CA PHE A 354 -18.94 -36.40 -15.05
C PHE A 354 -19.57 -35.10 -15.54
N ARG A 355 -19.58 -34.07 -14.70
CA ARG A 355 -20.24 -32.82 -15.11
C ARG A 355 -19.56 -32.20 -16.31
N ALA A 356 -18.26 -32.44 -16.48
CA ALA A 356 -17.59 -31.93 -17.67
C ALA A 356 -18.03 -32.69 -18.91
N ASN A 357 -18.25 -33.99 -18.78
CA ASN A 357 -18.57 -34.82 -19.94
C ASN A 357 -20.01 -34.63 -20.38
N VAL A 358 -20.93 -34.44 -19.43
CA VAL A 358 -22.33 -34.24 -19.78
C VAL A 358 -22.50 -32.92 -20.53
N LEU A 359 -21.93 -31.85 -20.00
CA LEU A 359 -22.10 -30.54 -20.62
C LEU A 359 -21.67 -30.56 -22.07
N HIS A 360 -20.44 -31.02 -22.34
CA HIS A 360 -19.98 -31.16 -23.71
C HIS A 360 -20.95 -32.00 -24.52
N MET A 361 -21.41 -33.12 -23.96
CA MET A 361 -22.42 -33.94 -24.64
C MET A 361 -23.62 -33.11 -25.05
N LEU A 362 -24.17 -32.32 -24.12
CA LEU A 362 -25.33 -31.51 -24.47
C LEU A 362 -25.01 -30.55 -25.59
N LEU A 363 -23.82 -29.95 -25.57
CA LEU A 363 -23.43 -29.08 -26.68
C LEU A 363 -23.53 -29.83 -27.99
N GLU A 364 -22.98 -31.05 -28.03
CA GLU A 364 -23.04 -31.86 -29.24
C GLU A 364 -24.48 -32.05 -29.68
N PHE A 365 -25.36 -32.34 -28.73
CA PHE A 365 -26.77 -32.57 -29.05
C PHE A 365 -27.36 -31.39 -29.80
N VAL A 366 -26.98 -30.17 -29.40
CA VAL A 366 -27.49 -28.99 -30.08
C VAL A 366 -26.88 -28.88 -31.48
N LEU A 367 -25.56 -29.11 -31.58
CA LEU A 367 -24.85 -28.78 -32.80
C LEU A 367 -25.28 -29.68 -33.95
N ASP A 368 -25.76 -30.88 -33.65
CA ASP A 368 -26.20 -31.77 -34.71
C ASP A 368 -27.61 -31.45 -35.19
N ASN A 369 -28.32 -30.57 -34.49
CA ASN A 369 -29.71 -30.34 -34.86
C ASN A 369 -29.93 -28.97 -35.48
N LEU A 370 -28.87 -28.28 -35.87
CA LEU A 370 -29.01 -27.00 -36.54
C LEU A 370 -29.34 -27.19 -38.01
N TYR A 371 -30.61 -27.38 -38.33
CA TYR A 371 -31.04 -27.66 -39.69
C TYR A 371 -32.39 -27.01 -39.94
N LEU A 372 -32.76 -26.96 -41.21
CA LEU A 372 -34.07 -26.44 -41.63
C LEU A 372 -34.87 -27.57 -42.26
N ASN A 373 -36.17 -27.60 -41.95
CA ASN A 373 -37.04 -28.69 -42.39
C ASN A 373 -37.51 -28.42 -43.82
N ARG A 374 -37.31 -29.38 -44.71
CA ARG A 374 -37.58 -29.18 -46.13
C ARG A 374 -38.92 -29.80 -46.55
N HIS A 375 -39.62 -29.10 -47.43
CA HIS A 375 -40.92 -29.54 -47.91
C HIS A 375 -40.76 -30.44 -49.13
N THR A 376 -41.21 -31.70 -49.01
CA THR A 376 -40.95 -32.70 -50.03
C THR A 376 -42.16 -32.82 -50.96
N GLY A 377 -43.29 -33.33 -50.49
CA GLY A 377 -44.40 -33.62 -51.38
C GLY A 377 -45.37 -34.59 -50.77
N PHE A 378 -46.61 -34.59 -51.27
CA PHE A 378 -47.72 -35.30 -50.65
C PHE A 378 -48.49 -36.12 -51.65
N SER A 379 -49.35 -37.00 -51.14
CA SER A 379 -50.29 -37.76 -51.95
C SER A 379 -51.56 -37.97 -51.16
N GLN A 380 -52.69 -38.11 -51.85
CA GLN A 380 -53.96 -38.36 -51.20
C GLN A 380 -54.19 -39.85 -51.02
N ASP A 381 -54.75 -40.22 -49.88
CA ASP A 381 -55.01 -41.61 -49.52
C ASP A 381 -56.08 -42.24 -50.41
N HIS A 382 -55.79 -43.40 -50.97
CA HIS A 382 -56.75 -44.12 -51.79
C HIS A 382 -57.47 -45.22 -51.02
N THR A 383 -57.25 -45.33 -49.72
CA THR A 383 -57.83 -46.32 -48.84
C THR A 383 -58.72 -45.65 -47.81
N PRO A 384 -59.65 -46.39 -47.19
CA PRO A 384 -60.48 -45.81 -46.12
C PRO A 384 -59.78 -45.70 -44.77
N PHE A 385 -58.49 -46.01 -44.69
CA PHE A 385 -57.80 -45.98 -43.40
C PHE A 385 -57.73 -44.58 -42.82
N THR A 386 -57.80 -43.54 -43.66
CA THR A 386 -57.99 -42.18 -43.21
C THR A 386 -59.12 -41.55 -44.01
N GLU A 387 -59.51 -40.35 -43.62
CA GLU A 387 -60.55 -39.61 -44.34
C GLU A 387 -59.92 -38.75 -45.44
N GLY A 388 -59.36 -39.43 -46.43
CA GLY A 388 -58.74 -38.74 -47.54
C GLY A 388 -57.59 -37.84 -47.16
N ALA A 389 -56.77 -38.26 -46.21
CA ALA A 389 -55.68 -37.42 -45.74
C ALA A 389 -54.57 -37.33 -46.77
N ASN A 390 -53.76 -36.28 -46.63
CA ASN A 390 -52.59 -36.09 -47.47
C ASN A 390 -51.36 -36.57 -46.71
N LEU A 391 -50.67 -37.55 -47.27
CA LEU A 391 -49.54 -38.21 -46.63
C LEU A 391 -48.24 -37.81 -47.33
N ARG A 392 -47.23 -37.54 -46.52
CA ARG A 392 -45.97 -36.98 -46.99
C ARG A 392 -45.01 -38.08 -47.44
N SER A 393 -44.19 -37.77 -48.44
CA SER A 393 -43.24 -38.72 -49.00
C SER A 393 -41.82 -38.35 -48.59
N LEU A 394 -41.03 -39.36 -48.17
CA LEU A 394 -39.64 -39.13 -47.81
C LEU A 394 -38.73 -39.65 -48.92
N PRO A 395 -37.72 -38.89 -49.31
CA PRO A 395 -36.78 -39.38 -50.31
C PRO A 395 -35.94 -40.53 -49.79
N GLY A 396 -35.52 -41.39 -50.71
CA GLY A 396 -34.65 -42.50 -50.38
C GLY A 396 -35.35 -43.83 -50.48
N PRO A 397 -34.60 -44.91 -50.25
CA PRO A 397 -35.17 -46.25 -50.37
C PRO A 397 -35.93 -46.66 -49.12
N ASP A 398 -36.85 -47.61 -49.31
CA ASP A 398 -37.58 -48.25 -48.22
C ASP A 398 -38.46 -47.26 -47.47
N ALA A 399 -39.39 -46.63 -48.19
CA ALA A 399 -40.32 -45.71 -47.55
C ALA A 399 -41.54 -46.42 -46.97
N GLU A 400 -41.72 -47.70 -47.31
CA GLU A 400 -42.91 -48.42 -46.87
C GLU A 400 -42.91 -48.63 -45.37
N LYS A 401 -41.74 -48.57 -44.73
CA LYS A 401 -41.71 -48.62 -43.28
C LYS A 401 -41.83 -47.22 -42.68
N TRP A 402 -41.40 -46.20 -43.41
CA TRP A 402 -41.57 -44.83 -42.94
C TRP A 402 -43.04 -44.48 -42.85
N TYR A 403 -43.86 -44.97 -43.79
CA TYR A 403 -45.28 -44.67 -43.73
C TYR A 403 -45.94 -45.26 -42.48
N SER A 404 -45.49 -46.43 -42.04
CA SER A 404 -46.07 -47.02 -40.85
C SER A 404 -45.57 -46.33 -39.59
N ILE A 405 -44.30 -45.91 -39.59
CA ILE A 405 -43.75 -45.26 -38.39
C ILE A 405 -44.36 -43.87 -38.20
N MET A 406 -44.53 -43.12 -39.29
CA MET A 406 -44.75 -41.69 -39.19
C MET A 406 -46.18 -41.33 -38.83
N TYR A 407 -47.14 -42.22 -39.08
CA TYR A 407 -48.55 -41.96 -38.81
C TYR A 407 -49.13 -43.07 -37.95
N PRO A 408 -48.99 -42.98 -36.63
CA PRO A 408 -49.47 -44.05 -35.76
C PRO A 408 -50.97 -44.29 -35.85
N THR A 409 -51.74 -43.24 -36.10
CA THR A 409 -53.20 -43.31 -36.02
C THR A 409 -53.85 -43.84 -37.28
N ARG A 410 -53.07 -44.14 -38.32
CA ARG A 410 -53.60 -44.73 -39.55
C ARG A 410 -53.83 -46.25 -39.44
N MET A 411 -53.31 -46.89 -38.40
CA MET A 411 -53.40 -48.33 -38.26
C MET A 411 -54.82 -48.75 -37.92
N GLY A 412 -55.24 -49.92 -38.43
CA GLY A 412 -56.53 -50.46 -38.06
C GLY A 412 -56.52 -51.02 -36.65
N THR A 413 -57.72 -51.27 -36.11
CA THR A 413 -57.87 -51.75 -34.73
C THR A 413 -58.79 -52.96 -34.70
N PRO A 414 -58.27 -54.15 -34.99
CA PRO A 414 -59.08 -55.37 -34.93
C PRO A 414 -58.95 -56.14 -33.63
N ASN A 415 -58.32 -55.56 -32.61
CA ASN A 415 -57.75 -56.35 -31.53
C ASN A 415 -57.95 -55.61 -30.21
N VAL A 416 -57.81 -56.33 -29.09
CA VAL A 416 -57.82 -55.71 -27.78
C VAL A 416 -56.41 -55.70 -27.15
N SER A 417 -55.37 -55.58 -27.96
CA SER A 417 -54.02 -55.46 -27.43
C SER A 417 -53.83 -54.09 -26.80
N LYS A 418 -52.64 -53.87 -26.25
CA LYS A 418 -52.32 -52.54 -25.70
C LYS A 418 -52.22 -51.49 -26.81
N ILE A 419 -51.53 -51.83 -27.90
CA ILE A 419 -51.36 -50.88 -29.00
C ILE A 419 -52.69 -50.53 -29.62
N CYS A 420 -53.54 -51.53 -29.83
CA CYS A 420 -54.85 -51.27 -30.43
C CYS A 420 -55.72 -50.41 -29.50
N ASN A 421 -55.69 -50.67 -28.19
CA ASN A 421 -56.43 -49.81 -27.27
C ASN A 421 -55.93 -48.37 -27.33
N PHE A 422 -54.61 -48.19 -27.32
CA PHE A 422 -54.07 -46.83 -27.35
C PHE A 422 -54.49 -46.13 -28.64
N VAL A 423 -54.34 -46.79 -29.77
CA VAL A 423 -54.59 -46.12 -31.05
C VAL A 423 -56.08 -45.94 -31.28
N ALA A 424 -56.92 -46.73 -30.61
CA ALA A 424 -58.35 -46.49 -30.66
C ALA A 424 -58.74 -45.33 -29.77
N SER A 425 -57.93 -45.04 -28.75
CA SER A 425 -58.22 -43.90 -27.88
C SER A 425 -57.88 -42.56 -28.53
N CYS A 426 -57.16 -42.57 -29.65
CA CYS A 426 -56.73 -41.32 -30.27
C CYS A 426 -57.83 -40.75 -31.16
N VAL A 427 -57.61 -39.51 -31.60
CA VAL A 427 -58.53 -38.83 -32.50
C VAL A 427 -58.09 -39.08 -33.93
N ARG A 428 -58.99 -38.93 -34.89
CA ARG A 428 -58.70 -39.40 -36.25
C ARG A 428 -58.54 -38.29 -37.29
N ASN A 429 -58.80 -37.02 -36.95
CA ASN A 429 -58.70 -36.00 -37.99
C ASN A 429 -57.38 -35.23 -37.98
N ARG A 430 -56.43 -35.63 -37.14
CA ARG A 430 -55.17 -34.90 -36.97
C ARG A 430 -53.99 -35.64 -37.60
N VAL A 431 -54.14 -36.15 -38.81
CA VAL A 431 -53.05 -36.82 -39.52
C VAL A 431 -52.79 -36.13 -40.85
N GLY A 432 -51.55 -35.69 -41.07
CA GLY A 432 -51.16 -35.22 -42.39
C GLY A 432 -50.89 -33.74 -42.40
N ARG A 433 -51.18 -33.11 -43.53
CA ARG A 433 -51.02 -31.68 -43.70
C ARG A 433 -52.31 -30.96 -43.34
N PHE A 434 -52.21 -29.73 -42.86
CA PHE A 434 -53.42 -28.93 -42.64
C PHE A 434 -53.23 -27.44 -42.85
N ASP A 435 -52.12 -27.02 -43.46
CA ASP A 435 -51.87 -25.63 -43.85
C ASP A 435 -51.06 -25.58 -45.14
N ARG A 436 -51.16 -24.46 -45.85
CA ARG A 436 -50.56 -24.35 -47.17
C ARG A 436 -50.53 -22.88 -47.56
N ALA A 437 -49.35 -22.33 -47.85
CA ALA A 437 -49.24 -20.96 -48.36
C ALA A 437 -48.97 -20.97 -49.87
N GLN A 438 -50.02 -21.27 -50.63
CA GLN A 438 -49.92 -21.28 -52.09
C GLN A 438 -50.11 -19.85 -52.61
N MET A 439 -48.98 -19.22 -52.94
CA MET A 439 -49.03 -17.81 -53.34
C MET A 439 -49.10 -17.63 -54.85
N MET A 440 -48.48 -18.51 -55.62
CA MET A 440 -48.47 -18.38 -57.08
C MET A 440 -48.89 -19.69 -57.71
N ASN A 441 -49.74 -19.60 -58.72
CA ASN A 441 -50.24 -20.79 -59.40
C ASN A 441 -49.11 -21.46 -60.18
N GLY A 442 -49.03 -22.78 -60.08
CA GLY A 442 -47.96 -23.50 -60.75
C GLY A 442 -46.58 -23.25 -60.20
N ALA A 443 -46.44 -23.23 -58.87
CA ALA A 443 -45.14 -23.14 -58.22
C ALA A 443 -45.22 -23.86 -56.89
N MET A 444 -44.09 -24.00 -56.22
CA MET A 444 -44.05 -24.64 -54.92
C MET A 444 -44.76 -23.77 -53.88
N SER A 445 -45.53 -24.41 -53.01
CA SER A 445 -46.13 -23.68 -51.90
C SER A 445 -45.02 -23.27 -50.95
N GLU A 446 -45.16 -22.07 -50.35
CA GLU A 446 -44.04 -21.50 -49.62
C GLU A 446 -43.71 -22.30 -48.37
N TRP A 447 -44.73 -22.77 -47.65
CA TRP A 447 -44.50 -23.62 -46.50
C TRP A 447 -45.77 -24.42 -46.21
N VAL A 448 -45.60 -25.49 -45.42
CA VAL A 448 -46.71 -26.31 -44.98
C VAL A 448 -46.58 -26.60 -43.49
N ASP A 449 -47.70 -26.93 -42.86
CA ASP A 449 -47.76 -27.32 -41.46
C ASP A 449 -48.39 -28.70 -41.37
N VAL A 450 -47.69 -29.63 -40.73
CA VAL A 450 -48.09 -31.04 -40.76
C VAL A 450 -48.07 -31.62 -39.35
N PHE A 451 -48.87 -32.67 -39.17
CA PHE A 451 -48.83 -33.51 -37.97
C PHE A 451 -47.94 -34.71 -38.26
N GLU A 452 -46.94 -34.95 -37.42
CA GLU A 452 -46.09 -36.10 -37.68
C GLU A 452 -45.27 -36.46 -36.46
N THR A 453 -44.67 -37.65 -36.52
CA THR A 453 -43.80 -38.15 -35.45
C THR A 453 -42.56 -37.27 -35.35
N SER A 454 -42.28 -36.81 -34.13
CA SER A 454 -41.16 -35.93 -33.84
C SER A 454 -41.14 -35.74 -32.33
N ASP A 455 -40.10 -35.10 -31.83
CA ASP A 455 -40.05 -34.72 -30.42
C ASP A 455 -40.04 -33.20 -30.29
N ALA A 456 -40.50 -32.70 -29.15
CA ALA A 456 -40.67 -31.26 -29.00
C ALA A 456 -39.34 -30.54 -28.83
N LEU A 457 -38.32 -31.22 -28.31
CA LEU A 457 -37.07 -30.55 -27.99
C LEU A 457 -36.35 -30.07 -29.25
N THR A 458 -36.18 -30.94 -30.24
CA THR A 458 -35.46 -30.52 -31.43
C THR A 458 -36.32 -29.61 -32.29
N VAL A 459 -37.65 -29.71 -32.18
CA VAL A 459 -38.53 -28.75 -32.83
C VAL A 459 -38.30 -27.35 -32.25
N SER A 460 -38.18 -27.25 -30.93
CA SER A 460 -37.86 -25.95 -30.33
C SER A 460 -36.52 -25.43 -30.82
N ILE A 461 -35.51 -26.30 -30.87
CA ILE A 461 -34.18 -25.87 -31.30
C ILE A 461 -34.23 -25.32 -32.72
N ARG A 462 -34.86 -26.06 -33.63
CA ARG A 462 -34.91 -25.60 -35.02
C ARG A 462 -35.81 -24.38 -35.18
N GLY A 463 -36.79 -24.20 -34.31
CA GLY A 463 -37.56 -22.96 -34.33
C GLY A 463 -36.72 -21.76 -33.99
N ARG A 464 -35.90 -21.86 -32.94
CA ARG A 464 -35.00 -20.78 -32.59
C ARG A 464 -34.01 -20.50 -33.73
N TRP A 465 -33.48 -21.56 -34.34
CA TRP A 465 -32.55 -21.39 -35.46
C TRP A 465 -33.19 -20.66 -36.62
N MET A 466 -34.43 -21.05 -36.97
CA MET A 466 -35.13 -20.38 -38.06
C MET A 466 -35.41 -18.92 -37.71
N ALA A 467 -35.76 -18.63 -36.46
CA ALA A 467 -36.02 -17.26 -36.06
C ALA A 467 -34.78 -16.38 -36.22
N ARG A 468 -33.62 -16.88 -35.81
CA ARG A 468 -32.38 -16.14 -36.01
C ARG A 468 -32.12 -15.88 -37.48
N LEU A 469 -32.17 -16.93 -38.30
CA LEU A 469 -31.90 -16.74 -39.72
C LEU A 469 -32.90 -15.80 -40.36
N ALA A 470 -34.14 -15.76 -39.86
CA ALA A 470 -35.12 -14.84 -40.42
C ALA A 470 -34.82 -13.40 -40.05
N ARG A 471 -34.37 -13.15 -38.82
CA ARG A 471 -33.98 -11.78 -38.50
C ARG A 471 -32.77 -11.35 -39.32
N MET A 472 -31.98 -12.30 -39.83
CA MET A 472 -30.80 -11.91 -40.60
C MET A 472 -31.14 -11.55 -42.06
N ASN A 473 -32.39 -11.70 -42.49
CA ASN A 473 -32.74 -11.66 -43.90
C ASN A 473 -32.79 -10.25 -44.48
N ILE A 474 -32.50 -10.14 -45.78
CA ILE A 474 -32.64 -8.91 -46.56
C ILE A 474 -33.19 -9.23 -47.95
N ASN A 475 -33.68 -8.19 -48.65
CA ASN A 475 -34.35 -8.32 -49.94
C ASN A 475 -33.59 -7.57 -51.03
N PRO A 476 -33.83 -7.88 -52.31
CA PRO A 476 -33.01 -7.31 -53.38
C PRO A 476 -33.01 -5.79 -53.46
N THR A 477 -34.12 -5.13 -53.14
CA THR A 477 -34.17 -3.67 -53.26
C THR A 477 -33.19 -3.00 -52.30
N GLU A 478 -33.12 -3.50 -51.06
CA GLU A 478 -32.19 -2.93 -50.09
C GLU A 478 -30.75 -3.15 -50.53
N ILE A 479 -30.47 -4.32 -51.13
CA ILE A 479 -29.14 -4.57 -51.68
C ILE A 479 -28.79 -3.58 -52.78
N GLU A 480 -29.76 -3.30 -53.65
CA GLU A 480 -29.54 -2.32 -54.70
C GLU A 480 -29.23 -0.94 -54.12
N TRP A 481 -30.00 -0.51 -53.14
CA TRP A 481 -29.76 0.81 -52.54
C TRP A 481 -28.38 0.86 -51.88
N ALA A 482 -28.00 -0.21 -51.17
CA ALA A 482 -26.71 -0.22 -50.48
C ALA A 482 -25.56 -0.17 -51.48
N LEU A 483 -25.64 -0.94 -52.57
CA LEU A 483 -24.57 -0.88 -53.56
C LEU A 483 -24.51 0.47 -54.24
N THR A 484 -25.66 1.09 -54.51
CA THR A 484 -25.64 2.41 -55.13
C THR A 484 -25.02 3.44 -54.20
N GLU A 485 -25.32 3.37 -52.89
CA GLU A 485 -24.68 4.29 -51.95
C GLU A 485 -23.18 4.05 -51.86
N CYS A 486 -22.76 2.78 -51.90
CA CYS A 486 -21.35 2.48 -51.71
C CYS A 486 -20.48 3.08 -52.80
N ALA A 487 -20.98 3.12 -54.03
CA ALA A 487 -20.18 3.57 -55.16
C ALA A 487 -20.23 5.07 -55.37
N GLN A 488 -20.94 5.80 -54.53
CA GLN A 488 -21.07 7.26 -54.63
C GLN A 488 -21.72 7.70 -55.93
N GLY A 489 -22.39 6.79 -56.64
CA GLY A 489 -23.09 7.14 -57.85
C GLY A 489 -22.39 6.78 -59.15
N TYR A 490 -21.25 6.11 -59.10
CA TYR A 490 -20.56 5.72 -60.32
C TYR A 490 -20.98 4.35 -60.83
N VAL A 491 -21.84 3.63 -60.10
CA VAL A 491 -22.34 2.34 -60.51
C VAL A 491 -23.85 2.34 -60.34
N THR A 492 -24.57 1.78 -61.32
CA THR A 492 -26.00 1.57 -61.20
C THR A 492 -26.30 0.09 -61.36
N VAL A 493 -27.10 -0.45 -60.43
CA VAL A 493 -27.60 -1.80 -60.52
C VAL A 493 -29.12 -1.73 -60.46
N THR A 494 -29.78 -2.77 -60.96
CA THR A 494 -31.23 -2.82 -60.98
C THR A 494 -31.74 -3.95 -60.10
N SER A 495 -33.03 -3.88 -59.79
CA SER A 495 -33.75 -4.95 -59.12
C SER A 495 -35.06 -5.20 -59.85
N PRO A 496 -35.57 -6.43 -59.79
CA PRO A 496 -36.88 -6.71 -60.41
C PRO A 496 -38.02 -6.14 -59.59
N TYR A 497 -39.18 -6.02 -60.26
CA TYR A 497 -40.37 -5.43 -59.64
C TYR A 497 -41.60 -6.28 -60.01
N ALA A 498 -41.90 -7.27 -59.18
CA ALA A 498 -42.99 -8.20 -59.45
C ALA A 498 -43.19 -9.07 -58.22
N PRO A 499 -44.31 -9.77 -58.12
CA PRO A 499 -44.45 -10.78 -57.05
C PRO A 499 -43.61 -12.01 -57.34
N SER A 500 -42.75 -12.36 -56.39
CA SER A 500 -41.79 -13.44 -56.60
C SER A 500 -41.83 -14.41 -55.45
N VAL A 501 -41.11 -15.52 -55.61
CA VAL A 501 -41.07 -16.56 -54.59
C VAL A 501 -40.22 -16.09 -53.42
N ASN A 502 -40.44 -16.71 -52.26
CA ASN A 502 -39.72 -16.31 -51.06
C ASN A 502 -38.28 -16.81 -51.09
N ARG A 503 -37.36 -15.91 -50.77
CA ARG A 503 -35.94 -16.20 -50.74
C ARG A 503 -35.43 -16.04 -49.31
N LEU A 504 -34.24 -16.58 -49.07
CA LEU A 504 -33.56 -16.46 -47.78
C LEU A 504 -32.12 -16.07 -48.03
N MET A 505 -31.79 -14.81 -47.71
CA MET A 505 -30.43 -14.28 -47.87
C MET A 505 -30.01 -13.64 -46.55
N PRO A 506 -29.56 -14.44 -45.59
CA PRO A 506 -29.23 -13.90 -44.27
C PRO A 506 -27.91 -13.17 -44.20
N TYR A 507 -27.93 -11.83 -44.17
CA TYR A 507 -26.70 -11.05 -44.17
C TYR A 507 -26.66 -9.88 -43.21
N ARG A 508 -27.79 -9.35 -42.74
CA ARG A 508 -27.74 -8.20 -41.85
C ARG A 508 -27.42 -8.63 -40.43
N ILE A 509 -26.43 -7.99 -39.82
CA ILE A 509 -26.06 -8.22 -38.44
C ILE A 509 -26.10 -6.88 -37.69
N SER A 510 -25.80 -6.94 -36.40
CA SER A 510 -25.84 -5.75 -35.57
C SER A 510 -24.48 -5.11 -35.44
N ASN A 511 -24.47 -3.83 -35.04
CA ASN A 511 -23.21 -3.09 -34.99
C ASN A 511 -22.25 -3.65 -33.94
N ALA A 512 -22.78 -4.08 -32.80
CA ALA A 512 -21.92 -4.61 -31.74
C ALA A 512 -21.11 -5.82 -32.21
N GLU A 513 -21.69 -6.62 -33.09
CA GLU A 513 -20.98 -7.79 -33.62
C GLU A 513 -19.77 -7.36 -34.44
N ARG A 514 -19.92 -6.33 -35.27
CA ARG A 514 -18.77 -5.80 -36.00
C ARG A 514 -17.74 -5.17 -35.06
N GLN A 515 -18.20 -4.49 -34.00
CA GLN A 515 -17.27 -3.95 -33.01
C GLN A 515 -16.42 -5.08 -32.40
N ILE A 516 -17.08 -6.14 -31.94
CA ILE A 516 -16.38 -7.22 -31.27
C ILE A 516 -15.42 -7.91 -32.23
N SER A 517 -15.84 -8.13 -33.47
CA SER A 517 -14.95 -8.73 -34.45
C SER A 517 -13.72 -7.86 -34.69
N GLN A 518 -13.92 -6.54 -34.79
CA GLN A 518 -12.81 -5.63 -34.99
C GLN A 518 -11.82 -5.69 -33.83
N ILE A 519 -12.35 -5.73 -32.60
CA ILE A 519 -11.47 -5.77 -31.43
C ILE A 519 -10.66 -7.07 -31.42
N ILE A 520 -11.33 -8.19 -31.71
CA ILE A 520 -10.65 -9.49 -31.75
C ILE A 520 -9.53 -9.47 -32.78
N ARG A 521 -9.81 -8.91 -33.97
CA ARG A 521 -8.81 -8.83 -35.01
C ARG A 521 -7.64 -7.92 -34.62
N ILE A 522 -7.94 -6.80 -33.96
CA ILE A 522 -6.87 -5.88 -33.55
C ILE A 522 -5.95 -6.53 -32.54
N MET A 523 -6.51 -7.24 -31.55
CA MET A 523 -5.59 -7.93 -30.64
C MET A 523 -4.89 -9.08 -31.35
N ASN A 524 -5.48 -9.58 -32.44
CA ASN A 524 -4.85 -10.64 -33.21
C ASN A 524 -3.65 -10.13 -34.01
N ILE A 525 -3.61 -8.83 -34.32
CA ILE A 525 -2.56 -8.32 -35.21
C ILE A 525 -1.41 -7.61 -34.48
N GLY A 526 -1.55 -7.30 -33.20
CA GLY A 526 -0.69 -6.35 -32.50
C GLY A 526 0.81 -6.53 -32.56
N ASN A 527 1.53 -5.40 -32.72
CA ASN A 527 2.98 -5.32 -32.68
C ASN A 527 3.70 -6.12 -33.75
N ASN A 528 3.02 -6.47 -34.85
CA ASN A 528 3.64 -7.26 -35.91
C ASN A 528 3.53 -6.52 -37.24
N ALA A 529 4.66 -6.10 -37.77
CA ALA A 529 4.65 -5.36 -39.03
C ALA A 529 4.45 -6.30 -40.22
N THR A 530 4.98 -7.53 -40.12
CA THR A 530 4.88 -8.47 -41.22
C THR A 530 3.45 -8.95 -41.43
N VAL A 531 2.55 -8.65 -40.50
CA VAL A 531 1.15 -9.02 -40.64
C VAL A 531 0.40 -7.96 -41.42
N ILE A 532 0.76 -6.69 -41.23
CA ILE A 532 -0.05 -5.61 -41.77
C ILE A 532 0.54 -5.05 -43.07
N GLN A 533 1.83 -5.26 -43.31
CA GLN A 533 2.43 -4.72 -44.54
C GLN A 533 1.77 -5.22 -45.82
N PRO A 534 1.47 -6.51 -46.00
CA PRO A 534 0.77 -6.93 -47.21
C PRO A 534 -0.59 -6.30 -47.41
N VAL A 535 -1.29 -5.93 -46.34
CA VAL A 535 -2.57 -5.25 -46.49
C VAL A 535 -2.39 -3.92 -47.23
N LEU A 536 -1.41 -3.13 -46.79
CA LEU A 536 -1.13 -1.86 -47.45
C LEU A 536 -0.65 -2.08 -48.88
N GLN A 537 0.14 -3.12 -49.12
CA GLN A 537 0.55 -3.39 -50.49
C GLN A 537 -0.65 -3.67 -51.40
N ASP A 538 -1.58 -4.49 -50.93
CA ASP A 538 -2.79 -4.78 -51.70
C ASP A 538 -3.58 -3.52 -51.98
N ILE A 539 -3.78 -2.68 -50.96
CA ILE A 539 -4.56 -1.46 -51.15
C ILE A 539 -3.86 -0.52 -52.11
N SER A 540 -2.53 -0.45 -52.08
CA SER A 540 -1.80 0.42 -53.00
C SER A 540 -1.95 -0.05 -54.44
N VAL A 541 -1.87 -1.36 -54.66
CA VAL A 541 -2.07 -1.88 -56.02
C VAL A 541 -3.46 -1.54 -56.52
N LEU A 542 -4.47 -1.69 -55.67
CA LEU A 542 -5.83 -1.36 -56.07
C LEU A 542 -5.98 0.14 -56.35
N LEU A 543 -5.30 0.99 -55.57
CA LEU A 543 -5.33 2.42 -55.83
C LEU A 543 -4.74 2.73 -57.21
N GLN A 544 -3.65 2.08 -57.58
CA GLN A 544 -3.14 2.30 -58.93
C GLN A 544 -4.13 1.83 -59.98
N ARG A 545 -4.79 0.69 -59.74
CA ARG A 545 -5.74 0.18 -60.72
C ARG A 545 -6.89 1.14 -60.95
N ILE A 546 -7.30 1.88 -59.90
CA ILE A 546 -8.52 2.67 -60.00
C ILE A 546 -8.28 4.11 -60.47
N SER A 547 -7.05 4.61 -60.34
CA SER A 547 -6.88 6.07 -60.36
C SER A 547 -6.36 6.57 -61.71
N PRO A 548 -6.72 7.82 -62.09
CA PRO A 548 -6.29 8.35 -63.39
C PRO A 548 -4.90 8.97 -63.37
N LEU A 549 -4.45 9.43 -62.21
CA LEU A 549 -3.15 10.08 -62.10
C LEU A 549 -2.03 9.08 -62.40
N GLN A 550 -1.04 9.55 -63.15
CA GLN A 550 0.18 8.79 -63.37
C GLN A 550 1.36 9.74 -63.28
N ILE A 551 2.54 9.19 -62.96
CA ILE A 551 3.70 9.98 -62.58
C ILE A 551 4.63 10.10 -63.77
N ASP A 552 4.97 11.33 -64.13
CA ASP A 552 5.85 11.62 -65.27
C ASP A 552 7.06 12.41 -64.77
N PRO A 553 8.18 11.74 -64.51
CA PRO A 553 9.33 12.45 -63.92
C PRO A 553 9.88 13.58 -64.76
N THR A 554 9.82 13.47 -66.10
CA THR A 554 10.46 14.46 -66.95
C THR A 554 9.91 15.85 -66.74
N ILE A 555 8.70 15.96 -66.19
CA ILE A 555 8.11 17.27 -65.90
C ILE A 555 9.05 18.11 -65.04
N ILE A 556 9.86 17.46 -64.20
CA ILE A 556 10.90 18.19 -63.50
C ILE A 556 12.12 18.40 -64.38
N SER A 557 12.66 17.27 -64.90
CA SER A 557 13.89 17.33 -65.71
C SER A 557 13.82 18.45 -66.75
N ASN A 558 12.74 18.52 -67.52
CA ASN A 558 12.75 19.54 -68.60
C ASN A 558 12.91 20.91 -67.97
N THR A 559 12.15 21.21 -66.91
CA THR A 559 12.23 22.57 -66.33
C THR A 559 13.68 22.80 -65.90
N MET A 560 14.36 21.75 -65.42
CA MET A 560 15.74 21.90 -64.90
C MET A 560 16.67 22.28 -66.06
N SER A 561 16.34 21.86 -67.29
CA SER A 561 17.16 22.20 -68.48
C SER A 561 16.76 23.58 -69.03
N THR A 562 15.80 24.25 -68.40
CA THR A 562 15.31 25.57 -68.88
C THR A 562 16.40 26.63 -68.82
N VAL A 563 17.23 26.59 -67.76
CA VAL A 563 18.35 27.57 -67.62
C VAL A 563 19.67 26.88 -67.97
N SER A 564 20.66 27.64 -68.43
CA SER A 564 22.00 27.06 -68.70
C SER A 564 23.00 27.62 -67.69
N GLU A 565 23.94 26.78 -67.25
CA GLU A 565 25.03 27.26 -66.36
C GLU A 565 26.32 27.13 -67.16
N SER A 566 27.30 28.02 -66.95
CA SER A 566 28.51 28.12 -67.74
C SER A 566 29.43 26.93 -67.51
N THR A 567 30.28 26.66 -68.50
CA THR A 567 31.25 25.58 -68.40
C THR A 567 32.50 26.05 -67.69
N THR A 568 32.40 27.17 -66.96
CA THR A 568 33.48 27.72 -66.17
C THR A 568 33.10 27.80 -64.71
N GLN A 569 32.58 26.70 -64.16
CA GLN A 569 32.23 26.62 -62.74
C GLN A 569 32.25 25.16 -62.34
N THR A 570 32.30 24.92 -61.04
CA THR A 570 32.46 23.57 -60.52
C THR A 570 31.22 22.99 -59.85
N LEU A 571 30.30 23.84 -59.37
CA LEU A 571 29.07 23.37 -58.74
C LEU A 571 27.87 23.98 -59.44
N SER A 572 26.84 23.16 -59.64
CA SER A 572 25.64 23.56 -60.37
C SER A 572 24.39 23.12 -59.63
N PRO A 573 23.43 24.02 -59.45
CA PRO A 573 22.20 23.65 -58.73
C PRO A 573 21.38 22.59 -59.44
N ALA A 574 21.17 22.76 -60.75
CA ALA A 574 20.31 21.86 -61.50
C ALA A 574 20.87 20.43 -61.50
N SER A 575 22.19 20.31 -61.61
CA SER A 575 22.81 19.00 -61.48
C SER A 575 22.54 18.39 -60.11
N SER A 576 22.59 19.20 -59.06
CA SER A 576 22.27 18.70 -57.72
C SER A 576 20.84 18.20 -57.62
N ILE A 577 19.89 18.94 -58.19
CA ILE A 577 18.50 18.50 -58.18
C ILE A 577 18.35 17.18 -58.91
N LEU A 578 18.88 17.11 -60.13
CA LEU A 578 18.67 15.91 -60.94
C LEU A 578 19.51 14.74 -60.44
N GLY A 579 20.43 15.00 -59.51
CA GLY A 579 21.15 13.90 -58.89
C GLY A 579 20.47 13.40 -57.62
N LYS A 580 20.01 14.33 -56.78
CA LYS A 580 19.44 13.94 -55.50
C LYS A 580 18.00 13.47 -55.63
N LEU A 581 17.23 14.03 -56.57
CA LEU A 581 15.88 13.53 -56.79
C LEU A 581 15.89 12.12 -57.36
N ARG A 582 16.66 11.88 -58.43
CA ARG A 582 17.00 10.55 -58.92
C ARG A 582 15.74 9.71 -59.14
N PRO A 583 14.94 10.03 -60.17
CA PRO A 583 13.72 9.24 -60.40
C PRO A 583 13.98 8.05 -61.30
N SER A 584 13.17 7.00 -61.09
CA SER A 584 13.15 5.87 -62.02
C SER A 584 11.74 5.32 -62.21
N ASN A 585 10.73 5.97 -61.63
CA ASN A 585 9.31 5.71 -61.85
C ASN A 585 8.84 4.38 -61.25
N SER A 586 9.78 3.58 -60.72
CA SER A 586 9.37 2.31 -60.13
C SER A 586 8.99 2.45 -58.65
N ASP A 587 9.18 3.63 -58.07
CA ASP A 587 8.94 3.86 -56.65
C ASP A 587 7.53 4.38 -56.38
N PHE A 588 6.65 4.33 -57.39
CA PHE A 588 5.29 4.81 -57.22
C PHE A 588 4.59 4.15 -56.05
N SER A 589 4.96 2.90 -55.73
CA SER A 589 4.35 2.22 -54.61
C SER A 589 4.50 3.02 -53.33
N SER A 590 5.71 3.56 -53.07
CA SER A 590 5.92 4.28 -51.82
C SER A 590 4.97 5.45 -51.69
N PHE A 591 4.53 6.01 -52.82
CA PHE A 591 3.54 7.08 -52.76
C PHE A 591 2.17 6.53 -52.35
N ARG A 592 1.73 5.46 -53.01
CA ARG A 592 0.41 4.90 -52.73
C ARG A 592 0.33 4.36 -51.31
N VAL A 593 1.40 3.72 -50.84
CA VAL A 593 1.44 3.21 -49.48
C VAL A 593 1.27 4.35 -48.46
N ALA A 594 1.66 5.56 -48.81
CA ALA A 594 1.46 6.68 -47.90
C ALA A 594 -0.01 7.07 -47.80
N LEU A 595 -0.81 6.73 -48.82
CA LEU A 595 -2.24 7.05 -48.79
C LEU A 595 -3.02 5.97 -48.07
N ALA A 596 -2.72 4.70 -48.34
CA ALA A 596 -3.41 3.61 -47.66
C ALA A 596 -3.20 3.72 -46.15
N GLY A 597 -2.02 4.17 -45.72
CA GLY A 597 -1.77 4.34 -44.30
C GLY A 597 -2.77 5.27 -43.63
N TRP A 598 -3.35 6.20 -44.40
CA TRP A 598 -4.31 7.13 -43.82
C TRP A 598 -5.50 6.40 -43.23
N LEU A 599 -5.79 5.18 -43.69
CA LEU A 599 -6.96 4.47 -43.20
C LEU A 599 -6.66 3.73 -41.90
N TYR A 600 -5.40 3.67 -41.47
CA TYR A 600 -5.09 2.80 -40.35
C TYR A 600 -4.21 3.43 -39.30
N ASN A 601 -4.32 4.73 -39.03
CA ASN A 601 -3.36 5.38 -38.15
C ASN A 601 -3.54 4.97 -36.69
N GLY A 602 -4.59 4.21 -36.39
CA GLY A 602 -4.78 3.75 -35.04
C GLY A 602 -3.90 2.58 -34.66
N VAL A 603 -3.37 1.85 -35.65
CA VAL A 603 -2.58 0.65 -35.37
C VAL A 603 -1.24 0.71 -36.09
N VAL A 604 -1.14 1.50 -37.15
CA VAL A 604 0.09 1.63 -37.92
C VAL A 604 0.48 3.11 -37.97
N THR A 605 1.77 3.38 -37.86
CA THR A 605 2.32 4.72 -38.01
C THR A 605 3.33 4.73 -39.15
N THR A 606 3.22 5.70 -40.05
CA THR A 606 4.13 5.85 -41.16
C THR A 606 5.14 6.95 -40.85
N VAL A 607 6.42 6.58 -40.86
CA VAL A 607 7.51 7.50 -40.51
C VAL A 607 8.54 7.44 -41.62
N ILE A 608 9.32 8.53 -41.75
CA ILE A 608 10.33 8.64 -42.79
C ILE A 608 11.57 7.89 -42.34
N ASP A 609 12.15 7.11 -43.24
CA ASP A 609 13.34 6.34 -42.93
C ASP A 609 14.48 7.28 -42.54
N ASP A 610 15.32 6.84 -41.61
CA ASP A 610 16.33 7.72 -41.05
C ASP A 610 17.41 8.09 -42.07
N SER A 611 17.63 7.24 -43.06
CA SER A 611 18.71 7.49 -44.01
C SER A 611 18.41 8.68 -44.93
N SER A 612 17.16 9.13 -44.98
CA SER A 612 16.84 10.30 -45.78
C SER A 612 17.50 11.57 -45.22
N TYR A 613 17.80 11.59 -43.94
CA TYR A 613 18.43 12.71 -43.27
C TYR A 613 19.91 12.81 -43.63
N PRO A 614 20.54 13.97 -43.38
CA PRO A 614 21.99 14.10 -43.61
C PRO A 614 22.82 13.10 -42.81
N LYS A 615 23.86 12.56 -43.45
CA LYS A 615 24.62 11.45 -42.88
C LYS A 615 25.35 11.83 -41.60
N ASP A 616 25.93 13.03 -41.57
CA ASP A 616 26.67 13.51 -40.41
C ASP A 616 26.10 14.80 -39.86
N GLY A 617 24.86 15.12 -40.19
CA GLY A 617 24.31 16.41 -39.86
C GLY A 617 24.35 17.38 -41.04
N GLY A 618 23.53 18.41 -40.94
CA GLY A 618 23.37 19.38 -42.00
C GLY A 618 24.14 20.67 -41.78
N SER A 619 24.77 21.15 -42.85
CA SER A 619 25.46 22.42 -42.86
C SER A 619 24.87 23.27 -43.98
N VAL A 620 24.48 24.49 -43.65
CA VAL A 620 23.81 25.37 -44.61
C VAL A 620 24.72 25.75 -45.76
N THR A 621 26.04 25.58 -45.61
CA THR A 621 26.96 26.02 -46.64
C THR A 621 26.98 25.10 -47.85
N SER A 622 26.53 23.85 -47.73
CA SER A 622 26.59 22.90 -48.82
C SER A 622 25.25 22.83 -49.51
N LEU A 623 25.27 22.57 -50.82
CA LEU A 623 24.05 22.60 -51.61
C LEU A 623 23.25 21.31 -51.43
N GLU A 624 23.94 20.17 -51.30
CA GLU A 624 23.27 18.90 -51.08
C GLU A 624 22.41 18.95 -49.83
N ASN A 625 22.97 19.51 -48.75
CA ASN A 625 22.23 19.60 -47.51
C ASN A 625 21.02 20.52 -47.65
N LEU A 626 21.16 21.63 -48.39
CA LEU A 626 20.01 22.48 -48.69
C LEU A 626 18.89 21.69 -49.34
N TRP A 627 19.21 20.95 -50.41
CA TRP A 627 18.12 20.32 -51.13
C TRP A 627 17.58 19.10 -50.38
N ASP A 628 18.39 18.47 -49.54
CA ASP A 628 17.86 17.44 -48.66
C ASP A 628 16.85 18.03 -47.69
N PHE A 629 17.14 19.20 -47.13
CA PHE A 629 16.14 19.87 -46.30
C PHE A 629 14.87 20.15 -47.11
N PHE A 630 15.02 20.58 -48.35
CA PHE A 630 13.85 20.87 -49.19
C PHE A 630 13.01 19.61 -49.40
N ILE A 631 13.66 18.49 -49.72
CA ILE A 631 12.96 17.24 -49.95
C ILE A 631 12.22 16.80 -48.69
N LEU A 632 12.89 16.86 -47.54
CA LEU A 632 12.22 16.47 -46.31
C LEU A 632 11.06 17.40 -45.97
N ALA A 633 11.24 18.70 -46.17
CA ALA A 633 10.19 19.64 -45.82
C ALA A 633 8.97 19.48 -46.72
N LEU A 634 9.16 18.99 -47.94
CA LEU A 634 8.00 18.66 -48.76
C LEU A 634 7.39 17.32 -48.37
N ALA A 635 8.21 16.34 -47.99
CA ALA A 635 7.74 14.98 -47.82
C ALA A 635 7.03 14.78 -46.48
N LEU A 636 7.49 15.43 -45.42
CA LEU A 636 6.95 15.19 -44.09
C LEU A 636 5.43 15.33 -43.98
N PRO A 637 4.77 16.33 -44.55
CA PRO A 637 3.32 16.49 -44.28
C PRO A 637 2.47 15.29 -44.71
N LEU A 638 2.95 14.46 -45.64
CA LEU A 638 2.13 13.37 -46.14
C LEU A 638 2.02 12.21 -45.15
N THR A 639 2.94 12.11 -44.19
CA THR A 639 2.95 11.01 -43.23
C THR A 639 1.89 11.20 -42.16
N THR A 640 1.57 10.10 -41.47
CA THR A 640 0.67 10.16 -40.32
C THR A 640 1.40 10.23 -38.99
N ASP A 641 2.71 10.36 -39.01
CA ASP A 641 3.49 10.50 -37.78
C ASP A 641 3.10 11.79 -37.09
N PRO A 642 2.58 11.74 -35.86
CA PRO A 642 2.10 12.96 -35.21
C PRO A 642 3.19 13.93 -34.80
N CYS A 643 4.46 13.57 -34.92
CA CYS A 643 5.56 14.44 -34.56
C CYS A 643 6.32 14.97 -35.76
N ALA A 644 5.69 14.99 -36.93
CA ALA A 644 6.35 15.54 -38.13
C ALA A 644 6.72 17.02 -38.02
N PRO A 645 5.87 17.92 -37.49
CA PRO A 645 6.28 19.34 -37.48
C PRO A 645 7.57 19.60 -36.72
N VAL A 646 7.72 19.00 -35.54
CA VAL A 646 8.93 19.17 -34.76
C VAL A 646 10.11 18.55 -35.47
N LYS A 647 9.90 17.44 -36.17
CA LYS A 647 10.99 16.86 -36.95
C LYS A 647 11.48 17.80 -38.03
N ALA A 648 10.56 18.50 -38.71
CA ALA A 648 10.99 19.47 -39.72
C ALA A 648 11.72 20.66 -39.10
N PHE A 649 11.17 21.18 -38.00
CA PHE A 649 11.80 22.32 -37.34
C PHE A 649 13.21 21.98 -36.89
N MET A 650 13.39 20.79 -36.32
CA MET A 650 14.71 20.38 -35.85
C MET A 650 15.61 20.03 -37.02
N THR A 651 15.05 19.57 -38.14
CA THR A 651 15.88 19.31 -39.31
C THR A 651 16.50 20.61 -39.82
N LEU A 652 15.76 21.72 -39.74
CA LEU A 652 16.39 23.00 -40.07
C LEU A 652 17.33 23.47 -38.97
N ALA A 653 16.96 23.27 -37.70
CA ALA A 653 17.79 23.78 -36.61
C ALA A 653 19.15 23.10 -36.59
N ASN A 654 19.22 21.82 -36.97
CA ASN A 654 20.50 21.13 -37.07
C ASN A 654 21.36 21.71 -38.18
N MET A 655 20.77 22.50 -39.08
CA MET A 655 21.52 23.08 -40.18
C MET A 655 22.25 24.35 -39.77
N MET A 656 21.75 25.01 -38.73
CA MET A 656 22.24 26.32 -38.32
C MET A 656 23.27 26.26 -37.20
N VAL A 657 23.77 25.08 -36.84
CA VAL A 657 24.70 24.98 -35.73
C VAL A 657 26.03 25.60 -36.15
N GLY A 658 26.44 26.65 -35.44
CA GLY A 658 27.54 27.48 -35.86
C GLY A 658 27.13 28.76 -36.54
N PHE A 659 25.83 28.96 -36.77
CA PHE A 659 25.28 30.17 -37.35
C PHE A 659 24.29 30.88 -36.44
N GLU A 660 23.37 30.14 -35.84
CA GLU A 660 22.38 30.70 -34.94
C GLU A 660 22.19 29.72 -33.79
N THR A 661 21.69 30.22 -32.66
CA THR A 661 21.45 29.38 -31.49
C THR A 661 20.12 29.73 -30.86
N ILE A 662 19.43 28.71 -30.35
CA ILE A 662 18.20 28.87 -29.57
C ILE A 662 18.30 28.00 -28.32
N PRO A 663 17.57 28.39 -27.27
CA PRO A 663 17.62 27.61 -26.03
C PRO A 663 16.95 26.24 -26.16
N MET A 664 17.50 25.27 -25.46
CA MET A 664 16.96 23.92 -25.38
C MET A 664 16.54 23.63 -23.96
N ASP A 665 15.98 22.43 -23.75
CA ASP A 665 15.49 22.08 -22.42
C ASP A 665 16.56 21.47 -21.53
N ASN A 666 17.54 20.77 -22.10
CA ASN A 666 18.52 20.05 -21.31
C ASN A 666 19.76 19.83 -22.16
N GLN A 667 20.70 19.04 -21.61
CA GLN A 667 21.97 18.79 -22.30
C GLN A 667 21.93 17.55 -23.17
N ILE A 668 20.94 16.67 -23.01
CA ILE A 668 20.93 15.45 -23.81
C ILE A 668 20.29 15.71 -25.16
N TYR A 669 19.14 16.39 -25.19
CA TYR A 669 18.48 16.76 -26.43
C TYR A 669 18.84 18.20 -26.82
N THR A 670 20.01 18.33 -27.42
CA THR A 670 20.57 19.63 -27.77
C THR A 670 20.31 19.96 -29.23
N GLN A 671 20.77 21.13 -29.64
CA GLN A 671 20.54 21.57 -31.02
C GLN A 671 21.26 20.71 -32.04
N SER A 672 22.36 20.06 -31.66
CA SER A 672 23.08 19.20 -32.57
C SER A 672 22.58 17.76 -32.54
N ARG A 673 21.54 17.47 -31.76
CA ARG A 673 20.94 16.14 -31.77
C ARG A 673 20.33 15.86 -33.13
N ARG A 674 20.40 14.60 -33.54
CA ARG A 674 19.78 14.20 -34.79
C ARG A 674 18.27 14.37 -34.69
N ALA A 675 17.65 14.84 -35.79
CA ALA A 675 16.24 15.18 -35.73
C ALA A 675 15.35 13.96 -35.55
N SER A 676 15.78 12.79 -36.04
CA SER A 676 14.98 11.59 -35.88
C SER A 676 14.81 11.21 -34.42
N ALA A 677 15.73 11.64 -33.55
CA ALA A 677 15.63 11.32 -32.14
C ALA A 677 14.41 11.96 -31.49
N PHE A 678 13.91 13.06 -32.06
CA PHE A 678 12.76 13.78 -31.50
C PHE A 678 11.46 13.10 -31.88
N SER A 679 11.11 12.00 -31.21
CA SER A 679 10.07 11.10 -31.69
C SER A 679 8.88 10.98 -30.75
N THR A 680 8.84 11.73 -29.64
CA THR A 680 7.74 11.67 -28.70
C THR A 680 7.35 13.09 -28.29
N PRO A 681 6.12 13.28 -27.80
CA PRO A 681 5.71 14.63 -27.39
C PRO A 681 6.58 15.24 -26.31
N HIS A 682 7.22 14.41 -25.49
CA HIS A 682 8.07 14.94 -24.43
C HIS A 682 9.32 15.62 -24.98
N THR A 683 9.75 15.24 -26.19
CA THR A 683 10.99 15.80 -26.73
C THR A 683 10.75 17.11 -27.47
N TRP A 684 9.51 17.58 -27.53
CA TRP A 684 9.20 18.87 -28.14
C TRP A 684 9.78 20.00 -27.30
N PRO A 685 10.65 20.84 -27.86
CA PRO A 685 11.27 21.91 -27.07
C PRO A 685 10.31 23.03 -26.71
N ARG A 686 10.61 23.72 -25.62
CA ARG A 686 9.70 24.75 -25.13
C ARG A 686 9.79 26.04 -25.94
N CYS A 687 10.91 26.27 -26.62
CA CYS A 687 10.99 27.45 -27.48
C CYS A 687 10.03 27.32 -28.67
N PHE A 688 9.75 26.09 -29.08
CA PHE A 688 8.85 25.85 -30.21
C PHE A 688 7.42 26.26 -29.88
N MET A 689 7.04 26.16 -28.62
CA MET A 689 5.66 26.47 -28.22
C MET A 689 5.39 27.96 -28.24
N ASN A 690 6.28 28.76 -27.64
CA ASN A 690 6.07 30.20 -27.58
C ASN A 690 7.24 30.91 -28.24
N ILE A 691 6.94 31.96 -28.99
CA ILE A 691 7.91 32.54 -29.90
C ILE A 691 8.76 33.61 -29.21
N GLN A 692 8.47 33.91 -27.94
CA GLN A 692 9.29 34.86 -27.21
C GLN A 692 10.64 34.27 -26.81
N LEU A 693 10.75 32.94 -26.76
CA LEU A 693 12.03 32.34 -26.37
C LEU A 693 13.05 32.36 -27.51
N ILE A 694 12.62 32.73 -28.71
CA ILE A 694 13.54 32.87 -29.83
C ILE A 694 13.82 34.35 -30.06
N SER A 695 15.10 34.69 -30.12
CA SER A 695 15.50 36.06 -30.38
C SER A 695 15.24 36.43 -31.84
N PRO A 696 14.54 37.55 -32.09
CA PRO A 696 14.39 38.01 -33.48
C PRO A 696 15.67 38.61 -34.05
N ILE A 697 16.63 38.98 -33.21
CA ILE A 697 17.87 39.58 -33.66
C ILE A 697 18.98 38.55 -33.81
N ASP A 698 18.90 37.46 -33.06
CA ASP A 698 19.93 36.42 -33.14
C ASP A 698 19.58 35.34 -34.15
N ALA A 699 18.33 34.88 -34.17
CA ALA A 699 17.90 33.82 -35.08
C ALA A 699 16.62 34.19 -35.83
N PRO A 700 16.66 35.23 -36.66
CA PRO A 700 15.43 35.62 -37.37
C PRO A 700 14.92 34.55 -38.31
N ILE A 701 15.81 33.76 -38.93
CA ILE A 701 15.37 32.72 -39.85
C ILE A 701 14.53 31.68 -39.12
N LEU A 702 14.99 31.23 -37.95
CA LEU A 702 14.24 30.24 -37.19
C LEU A 702 12.94 30.85 -36.65
N ARG A 703 12.94 32.12 -36.31
CA ARG A 703 11.71 32.80 -35.91
C ARG A 703 10.68 32.72 -37.04
N GLN A 704 11.10 33.05 -38.25
CA GLN A 704 10.20 33.01 -39.41
C GLN A 704 9.74 31.60 -39.71
N TRP A 705 10.64 30.62 -39.63
CA TRP A 705 10.28 29.23 -39.89
C TRP A 705 9.28 28.71 -38.87
N ALA A 706 9.46 29.05 -37.60
CA ALA A 706 8.49 28.65 -36.59
C ALA A 706 7.13 29.29 -36.85
N GLU A 707 7.12 30.58 -37.23
CA GLU A 707 5.83 31.21 -37.54
C GLU A 707 5.16 30.55 -38.73
N ILE A 708 5.94 30.24 -39.78
CA ILE A 708 5.39 29.59 -40.97
C ILE A 708 4.79 28.24 -40.60
N ILE A 709 5.51 27.45 -39.81
CA ILE A 709 4.98 26.14 -39.43
C ILE A 709 3.72 26.30 -38.60
N HIS A 710 3.72 27.22 -37.65
CA HIS A 710 2.63 27.30 -36.70
C HIS A 710 1.33 27.77 -37.36
N ARG A 711 1.43 28.61 -38.38
CA ARG A 711 0.19 29.16 -38.94
C ARG A 711 -0.13 28.63 -40.35
N TYR A 712 0.80 27.89 -40.97
CA TYR A 712 0.51 27.42 -42.33
C TYR A 712 0.64 25.91 -42.50
N TRP A 713 0.44 25.13 -41.44
CA TRP A 713 0.44 23.68 -41.59
C TRP A 713 -0.94 23.24 -42.08
N PRO A 714 -1.03 22.15 -42.88
CA PRO A 714 -2.33 21.71 -43.38
C PRO A 714 -3.33 21.37 -42.30
N ASN A 715 -4.63 21.52 -42.61
CA ASN A 715 -5.73 21.31 -41.68
C ASN A 715 -6.39 19.96 -41.93
N PRO A 716 -6.80 19.26 -40.88
CA PRO A 716 -7.47 17.97 -41.07
C PRO A 716 -8.92 18.12 -41.48
N SER A 717 -9.49 17.04 -42.03
CA SER A 717 -10.81 17.06 -42.63
C SER A 717 -11.47 15.71 -42.48
N GLN A 718 -12.71 15.60 -42.94
CA GLN A 718 -13.46 14.35 -42.90
C GLN A 718 -14.37 14.22 -44.12
N ILE A 719 -14.67 12.97 -44.47
CA ILE A 719 -15.54 12.67 -45.59
C ILE A 719 -16.54 11.60 -45.15
N ARG A 720 -17.59 11.41 -45.94
CA ARG A 720 -18.64 10.44 -45.64
C ARG A 720 -18.47 9.23 -46.53
N TYR A 721 -18.78 8.05 -46.00
CA TYR A 721 -18.63 6.83 -46.78
C TYR A 721 -19.56 5.73 -46.27
N GLY A 722 -19.76 4.71 -47.11
CA GLY A 722 -20.42 3.49 -46.70
C GLY A 722 -21.93 3.52 -46.83
N ALA A 723 -22.52 2.39 -46.45
CA ALA A 723 -23.98 2.23 -46.44
C ALA A 723 -24.37 1.41 -45.22
N PRO A 724 -24.61 2.06 -44.08
CA PRO A 724 -24.81 1.32 -42.84
C PRO A 724 -26.13 0.57 -42.76
N ASN A 725 -27.05 0.76 -43.70
CA ASN A 725 -28.32 0.06 -43.62
C ASN A 725 -28.20 -1.44 -43.88
N VAL A 726 -27.09 -1.88 -44.46
CA VAL A 726 -26.86 -3.32 -44.64
C VAL A 726 -25.53 -3.72 -44.00
N PHE A 727 -24.45 -3.03 -44.37
CA PHE A 727 -23.12 -3.37 -43.86
C PHE A 727 -22.89 -2.90 -42.43
N GLY A 728 -23.66 -1.95 -41.94
CA GLY A 728 -23.37 -1.41 -40.63
C GLY A 728 -22.05 -0.65 -40.65
N SER A 729 -21.37 -0.65 -39.52
CA SER A 729 -20.05 -0.02 -39.47
C SER A 729 -19.24 -0.63 -38.34
N ALA A 730 -17.92 -0.53 -38.47
CA ALA A 730 -16.99 -1.01 -37.46
C ALA A 730 -16.14 0.10 -36.87
N ASN A 731 -16.60 1.35 -36.96
CA ASN A 731 -15.86 2.47 -36.39
C ASN A 731 -15.93 2.42 -34.88
N LEU A 732 -14.76 2.35 -34.23
CA LEU A 732 -14.71 2.21 -32.77
C LEU A 732 -14.77 3.58 -32.10
N PHE A 733 -13.80 4.44 -32.42
CA PHE A 733 -13.71 5.74 -31.76
C PHE A 733 -14.36 6.87 -32.54
N THR A 734 -14.27 6.86 -33.85
CA THR A 734 -14.96 7.86 -34.65
C THR A 734 -16.40 7.45 -34.87
N PRO A 735 -17.29 8.40 -35.17
CA PRO A 735 -18.68 8.05 -35.48
C PRO A 735 -18.76 7.23 -36.74
N PRO A 736 -19.78 6.39 -36.89
CA PRO A 736 -19.94 5.65 -38.14
C PRO A 736 -20.18 6.60 -39.30
N GLU A 737 -19.88 6.13 -40.51
CA GLU A 737 -20.08 6.83 -41.76
C GLU A 737 -19.07 7.94 -41.99
N VAL A 738 -18.02 8.05 -41.18
CA VAL A 738 -17.10 9.17 -41.23
C VAL A 738 -15.67 8.65 -41.37
N LEU A 739 -14.92 9.24 -42.30
CA LEU A 739 -13.52 8.88 -42.54
C LEU A 739 -12.67 10.13 -42.41
N LEU A 740 -11.68 10.09 -41.52
CA LEU A 740 -10.88 11.27 -41.20
C LEU A 740 -9.61 11.30 -42.04
N LEU A 741 -9.17 12.50 -42.39
CA LEU A 741 -7.98 12.74 -43.19
C LEU A 741 -7.16 13.85 -42.55
N PRO A 742 -5.83 13.81 -42.70
CA PRO A 742 -5.00 14.90 -42.19
C PRO A 742 -4.96 16.13 -43.09
N ILE A 743 -5.53 16.03 -44.29
CA ILE A 743 -5.47 17.06 -45.32
C ILE A 743 -6.88 17.46 -45.68
N ASP A 744 -7.10 18.78 -45.81
CA ASP A 744 -8.42 19.29 -46.17
C ASP A 744 -8.81 18.88 -47.58
N HIS A 745 -10.10 18.60 -47.75
CA HIS A 745 -10.67 18.07 -48.99
C HIS A 745 -11.70 19.06 -49.52
N GLN A 746 -11.70 19.26 -50.84
CA GLN A 746 -12.70 20.10 -51.48
C GLN A 746 -13.15 19.41 -52.76
N PRO A 747 -14.46 19.28 -52.99
CA PRO A 747 -14.94 18.60 -54.20
C PRO A 747 -14.77 19.44 -55.46
N ALA A 748 -14.78 18.76 -56.60
CA ALA A 748 -14.61 19.43 -57.88
C ALA A 748 -15.95 19.90 -58.43
N ASN A 749 -15.93 21.05 -59.12
CA ASN A 749 -17.11 21.57 -59.78
C ASN A 749 -17.17 21.20 -61.26
N VAL A 750 -16.06 20.75 -61.83
CA VAL A 750 -15.90 20.60 -63.27
C VAL A 750 -15.35 19.22 -63.55
N THR A 751 -15.86 18.56 -64.60
CA THR A 751 -15.42 17.23 -64.97
C THR A 751 -14.29 17.23 -65.99
N THR A 752 -13.80 18.40 -66.41
CA THR A 752 -12.70 18.51 -67.37
C THR A 752 -11.68 19.48 -66.81
N PRO A 753 -10.90 19.07 -65.83
CA PRO A 753 -10.09 20.03 -65.07
C PRO A 753 -8.93 20.62 -65.88
N THR A 754 -8.58 21.86 -65.53
CA THR A 754 -7.39 22.52 -66.01
C THR A 754 -6.59 23.02 -64.82
N LEU A 755 -5.25 23.12 -64.97
CA LEU A 755 -4.33 23.44 -63.85
C LEU A 755 -4.85 24.55 -62.92
N ASP A 756 -4.73 24.35 -61.61
CA ASP A 756 -5.11 25.39 -60.61
C ASP A 756 -4.12 25.33 -59.45
N PHE A 757 -3.72 26.47 -58.90
CA PHE A 757 -2.68 26.49 -57.83
C PHE A 757 -3.29 26.93 -56.50
N THR A 758 -4.62 27.00 -56.42
CA THR A 758 -5.29 27.48 -55.17
C THR A 758 -5.28 26.35 -54.12
N ASN A 759 -4.80 25.17 -54.50
CA ASN A 759 -4.80 23.99 -53.58
C ASN A 759 -3.82 24.23 -52.43
N GLU A 760 -4.06 23.63 -51.27
CA GLU A 760 -3.22 23.84 -50.06
C GLU A 760 -1.78 23.37 -50.29
N LEU A 761 -1.57 22.26 -51.01
CA LEU A 761 -0.20 21.70 -51.15
C LEU A 761 0.73 22.70 -51.84
N THR A 762 0.26 23.38 -52.90
CA THR A 762 1.09 24.40 -53.58
C THR A 762 1.39 25.56 -52.62
N ASN A 763 0.40 25.97 -51.83
CA ASN A 763 0.59 27.11 -50.90
C ASN A 763 1.73 26.78 -49.92
N TRP A 764 1.78 25.53 -49.43
CA TRP A 764 2.89 25.11 -48.53
C TRP A 764 4.23 25.27 -49.26
N ARG A 765 4.35 24.69 -50.46
CA ARG A 765 5.59 24.77 -51.23
C ARG A 765 6.01 26.23 -51.46
N ALA A 766 5.04 27.14 -51.62
CA ALA A 766 5.37 28.55 -51.80
C ALA A 766 6.05 29.12 -50.55
N ARG A 767 5.47 28.82 -49.38
CA ARG A 767 6.13 29.22 -48.13
C ARG A 767 7.56 28.68 -48.08
N VAL A 768 7.72 27.40 -48.44
CA VAL A 768 9.03 26.75 -48.33
C VAL A 768 10.04 27.44 -49.24
N CYS A 769 9.65 27.72 -50.48
CA CYS A 769 10.59 28.33 -51.42
C CYS A 769 10.96 29.76 -51.03
N GLU A 770 10.00 30.53 -50.53
CA GLU A 770 10.33 31.88 -50.06
C GLU A 770 11.31 31.82 -48.89
N LEU A 771 11.10 30.89 -47.95
CA LEU A 771 12.02 30.79 -46.82
C LEU A 771 13.41 30.33 -47.25
N MET A 772 13.49 29.46 -48.26
CA MET A 772 14.80 29.13 -48.80
C MET A 772 15.48 30.35 -49.38
N LYS A 773 14.71 31.17 -50.11
CA LYS A 773 15.29 32.35 -50.75
C LYS A 773 15.90 33.29 -49.72
N ASN A 774 15.22 33.47 -48.58
CA ASN A 774 15.75 34.37 -47.55
C ASN A 774 17.18 34.02 -47.17
N LEU A 775 17.44 32.76 -46.82
CA LEU A 775 18.78 32.43 -46.34
C LEU A 775 19.76 32.21 -47.49
N VAL A 776 19.29 32.02 -48.72
CA VAL A 776 20.25 31.97 -49.82
C VAL A 776 20.76 33.36 -50.16
N ASP A 777 19.87 34.37 -50.12
CA ASP A 777 20.27 35.72 -50.49
C ASP A 777 21.30 36.29 -49.52
N ASN A 778 21.49 35.62 -48.38
CA ASN A 778 22.40 36.07 -47.35
C ASN A 778 23.77 36.43 -47.91
N GLN A 779 24.32 37.55 -47.46
CA GLN A 779 25.71 37.87 -47.78
C GLN A 779 26.68 37.03 -46.97
N ARG A 780 26.20 36.40 -45.88
CA ARG A 780 27.04 35.52 -45.09
C ARG A 780 27.22 34.16 -45.76
N TYR A 781 26.21 33.71 -46.52
CA TYR A 781 26.34 32.49 -47.32
C TYR A 781 27.17 32.69 -48.57
N GLN A 782 27.10 33.87 -49.18
CA GLN A 782 27.62 34.03 -50.53
C GLN A 782 29.14 33.92 -50.71
N PRO A 783 30.00 34.27 -49.72
CA PRO A 783 31.42 34.53 -50.07
C PRO A 783 32.08 33.48 -50.93
N GLY A 784 31.78 32.20 -50.69
CA GLY A 784 32.36 31.18 -51.53
C GLY A 784 31.69 31.00 -52.86
N TRP A 785 30.68 31.81 -53.15
CA TRP A 785 29.83 31.66 -54.32
C TRP A 785 29.82 32.95 -55.12
N THR A 786 29.74 32.82 -56.44
CA THR A 786 29.60 33.99 -57.30
C THR A 786 28.22 34.64 -57.10
N GLN A 787 28.13 35.94 -57.36
CA GLN A 787 26.83 36.60 -57.31
C GLN A 787 25.85 36.00 -58.31
N SER A 788 26.35 35.64 -59.50
CA SER A 788 25.49 34.95 -60.46
C SER A 788 24.97 33.64 -59.88
N LEU A 789 25.69 33.04 -58.94
CA LEU A 789 25.19 31.81 -58.33
C LEU A 789 24.06 32.08 -57.34
N VAL A 790 24.12 33.19 -56.61
CA VAL A 790 22.95 33.57 -55.80
C VAL A 790 21.74 33.79 -56.68
N SER A 791 21.95 34.48 -57.81
CA SER A 791 20.85 34.70 -58.74
C SER A 791 20.31 33.39 -59.29
N SER A 792 21.20 32.47 -59.69
CA SER A 792 20.72 31.22 -60.27
C SER A 792 20.04 30.32 -59.24
N MET A 793 20.46 30.39 -57.98
CA MET A 793 19.71 29.70 -56.93
C MET A 793 18.29 30.25 -56.81
N ARG A 794 18.14 31.58 -56.76
CA ARG A 794 16.77 32.10 -56.66
C ARG A 794 15.98 31.80 -57.93
N GLY A 795 16.67 31.70 -59.07
CA GLY A 795 15.98 31.32 -60.30
C GLY A 795 15.45 29.91 -60.26
N THR A 796 16.25 28.95 -59.79
CA THR A 796 15.76 27.57 -59.74
C THR A 796 14.73 27.37 -58.63
N LEU A 797 14.82 28.15 -57.56
CA LEU A 797 13.73 28.17 -56.58
C LEU A 797 12.42 28.67 -57.22
N ASP A 798 12.51 29.58 -58.20
CA ASP A 798 11.27 29.98 -58.91
C ASP A 798 10.87 28.95 -59.98
N LYS A 799 11.81 28.16 -60.51
CA LYS A 799 11.38 27.10 -61.48
C LYS A 799 10.49 26.07 -60.78
N LEU A 800 10.90 25.61 -59.60
CA LEU A 800 10.12 24.57 -58.88
C LEU A 800 8.93 25.26 -58.22
N LYS A 801 9.03 26.54 -57.93
CA LYS A 801 7.81 27.13 -57.39
C LYS A 801 6.67 27.05 -58.39
N LEU A 802 6.99 27.10 -59.67
CA LEU A 802 5.99 27.22 -60.73
C LEU A 802 5.90 25.97 -61.60
N ILE A 803 6.22 24.80 -61.06
CA ILE A 803 6.14 23.59 -61.89
C ILE A 803 4.68 23.23 -62.10
N LYS A 804 4.39 22.61 -63.24
CA LYS A 804 3.03 22.18 -63.58
C LYS A 804 2.79 20.83 -62.91
N SER A 805 2.34 20.90 -61.65
CA SER A 805 2.17 19.72 -60.83
C SER A 805 0.68 19.48 -60.61
N MET A 806 0.19 18.34 -61.09
CA MET A 806 -1.20 17.97 -60.92
C MET A 806 -1.44 17.14 -59.66
N THR A 807 -0.36 16.71 -59.01
CA THR A 807 -0.48 15.89 -57.78
C THR A 807 -1.24 16.66 -56.69
N PRO A 808 -0.92 17.93 -56.37
CA PRO A 808 -1.59 18.63 -55.28
C PRO A 808 -3.11 18.76 -55.47
N MET A 809 -3.55 19.15 -56.68
CA MET A 809 -5.01 19.32 -56.95
C MET A 809 -5.69 17.95 -56.87
N TYR A 810 -5.02 16.90 -57.34
CA TYR A 810 -5.60 15.53 -57.30
C TYR A 810 -5.90 15.12 -55.87
N LEU A 811 -4.94 15.34 -54.96
CA LEU A 811 -5.13 14.90 -53.55
C LEU A 811 -6.28 15.71 -52.94
N GLN A 812 -6.37 17.00 -53.28
CA GLN A 812 -7.41 17.89 -52.71
C GLN A 812 -8.80 17.48 -53.20
N GLN A 813 -8.91 16.93 -54.40
CA GLN A 813 -10.28 16.69 -54.95
C GLN A 813 -10.59 15.24 -55.33
N LEU A 814 -9.66 14.49 -55.93
CA LEU A 814 -10.04 13.19 -56.46
C LEU A 814 -9.75 12.05 -55.48
N ALA A 815 -8.64 12.12 -54.75
CA ALA A 815 -8.19 11.04 -53.88
C ALA A 815 -9.16 10.70 -52.74
N PRO A 816 -9.72 11.69 -52.02
CA PRO A 816 -10.71 11.33 -50.98
C PRO A 816 -11.90 10.55 -51.51
N VAL A 817 -12.37 10.86 -52.71
CA VAL A 817 -13.47 10.11 -53.30
C VAL A 817 -13.06 8.66 -53.53
N GLU A 818 -11.85 8.45 -54.05
CA GLU A 818 -11.37 7.10 -54.28
C GLU A 818 -11.25 6.32 -52.98
N LEU A 819 -10.74 6.95 -51.93
CA LEU A 819 -10.67 6.27 -50.64
C LEU A 819 -12.04 5.92 -50.10
N ALA A 820 -13.01 6.84 -50.21
CA ALA A 820 -14.36 6.55 -49.74
C ALA A 820 -15.02 5.44 -50.54
N VAL A 821 -14.73 5.34 -51.83
CA VAL A 821 -15.28 4.25 -52.63
C VAL A 821 -14.64 2.91 -52.25
N ILE A 822 -13.32 2.89 -52.08
CA ILE A 822 -12.63 1.62 -51.84
C ILE A 822 -12.94 1.08 -50.46
N ALA A 823 -13.03 1.95 -49.45
CA ALA A 823 -13.02 1.49 -48.06
C ALA A 823 -14.08 0.43 -47.72
N PRO A 824 -15.33 0.50 -48.17
CA PRO A 824 -16.31 -0.50 -47.73
C PRO A 824 -16.01 -1.92 -48.20
N MET A 825 -15.18 -2.11 -49.23
CA MET A 825 -14.88 -3.45 -49.70
C MET A 825 -13.66 -4.08 -49.03
N LEU A 826 -13.02 -3.37 -48.11
CA LEU A 826 -11.80 -3.87 -47.52
C LEU A 826 -12.10 -5.04 -46.56
N PRO A 827 -11.26 -6.08 -46.56
CA PRO A 827 -11.46 -7.18 -45.61
C PRO A 827 -11.09 -6.84 -44.18
N PHE A 828 -10.20 -5.88 -43.98
CA PHE A 828 -9.91 -5.32 -42.65
C PHE A 828 -10.36 -3.86 -42.67
N PRO A 829 -11.51 -3.54 -42.08
CA PRO A 829 -12.08 -2.20 -42.24
C PRO A 829 -11.23 -1.14 -41.57
N PRO A 830 -11.38 0.13 -41.95
CA PRO A 830 -10.53 1.18 -41.40
C PRO A 830 -10.66 1.31 -39.88
N PHE A 831 -9.55 1.70 -39.26
CA PHE A 831 -9.46 1.88 -37.81
C PHE A 831 -8.58 3.10 -37.60
N GLN A 832 -9.15 4.16 -37.00
CA GLN A 832 -8.45 5.43 -36.90
C GLN A 832 -8.58 6.02 -35.50
N VAL A 833 -7.65 6.92 -35.19
CA VAL A 833 -7.74 7.78 -34.01
C VAL A 833 -7.66 9.22 -34.54
N PRO A 834 -8.19 10.21 -33.83
CA PRO A 834 -8.27 11.56 -34.39
C PRO A 834 -6.91 12.15 -34.72
N TYR A 835 -6.86 12.91 -35.82
CA TYR A 835 -5.67 13.64 -36.19
C TYR A 835 -5.65 14.99 -35.49
N VAL A 836 -4.51 15.37 -34.95
CA VAL A 836 -4.34 16.65 -34.27
C VAL A 836 -3.17 17.37 -34.94
N ARG A 837 -3.32 18.68 -35.13
CA ARG A 837 -2.42 19.40 -36.03
C ARG A 837 -1.10 19.75 -35.33
N LEU A 838 -1.18 20.63 -34.33
CA LEU A 838 -0.05 20.98 -33.48
C LEU A 838 -0.43 20.97 -32.01
N ASP A 839 -1.59 20.43 -31.67
CA ASP A 839 -2.09 20.43 -30.30
C ASP A 839 -1.41 19.28 -29.56
N ARG A 840 -0.33 19.61 -28.84
CA ARG A 840 0.45 18.57 -28.18
C ARG A 840 -0.30 17.97 -27.00
N ASP A 841 -1.21 18.72 -26.40
CA ASP A 841 -2.01 18.16 -25.31
C ASP A 841 -2.94 17.06 -25.79
N ARG A 842 -3.01 16.85 -27.09
CA ARG A 842 -3.92 15.85 -27.64
C ARG A 842 -3.32 14.73 -28.50
N VAL A 843 -2.00 14.61 -28.57
CA VAL A 843 -1.43 13.55 -29.38
C VAL A 843 -1.65 12.22 -28.69
N PRO A 844 -2.17 11.22 -29.41
CA PRO A 844 -2.41 9.90 -28.81
C PRO A 844 -1.11 9.20 -28.48
N THR A 845 -1.02 8.58 -27.31
CA THR A 845 0.20 7.90 -26.92
C THR A 845 0.09 6.39 -26.62
N MET A 846 -1.12 5.83 -26.68
CA MET A 846 -1.33 4.42 -26.37
C MET A 846 -2.67 3.86 -26.84
N VAL A 847 -2.66 2.66 -27.43
CA VAL A 847 -3.90 1.99 -27.82
C VAL A 847 -3.88 0.60 -27.21
N GLY A 848 -4.89 0.29 -26.40
CA GLY A 848 -4.85 -0.95 -25.65
C GLY A 848 -6.14 -1.72 -25.61
N VAL A 849 -6.06 -3.01 -25.92
CA VAL A 849 -7.19 -3.93 -25.85
C VAL A 849 -7.07 -4.76 -24.58
N THR A 850 -8.21 -5.17 -24.04
CA THR A 850 -8.26 -6.02 -22.86
C THR A 850 -9.00 -7.30 -23.20
N ARG A 851 -8.63 -8.39 -22.51
CA ARG A 851 -9.23 -9.72 -22.83
C ARG A 851 -9.67 -10.46 -21.57
N GLN A 852 -9.15 -10.09 -20.39
CA GLN A 852 -9.57 -10.74 -19.13
C GLN A 852 -9.61 -9.69 -18.01
N SER A 853 -10.03 -10.08 -16.81
CA SER A 853 -10.06 -9.14 -15.65
C SER A 853 -9.08 -9.61 -14.58
N ARG A 854 -8.94 -8.83 -13.50
CA ARG A 854 -7.96 -9.16 -12.43
C ARG A 854 -8.66 -9.90 -11.28
N ASP A 855 -8.40 -9.48 -10.03
CA ASP A 855 -8.97 -10.19 -8.86
C ASP A 855 -10.05 -9.36 -8.16
N THR A 856 -11.24 -9.92 -7.94
CA THR A 856 -12.32 -9.23 -7.20
C THR A 856 -12.77 -7.96 -7.96
N ILE A 857 -12.56 -7.94 -9.28
CA ILE A 857 -13.07 -6.79 -10.09
C ILE A 857 -13.98 -7.38 -11.17
N THR A 858 -15.28 -7.10 -11.09
CA THR A 858 -16.25 -7.72 -12.03
C THR A 858 -16.69 -6.70 -13.09
N GLN A 859 -16.40 -5.41 -12.90
CA GLN A 859 -16.90 -4.36 -13.84
C GLN A 859 -15.78 -3.94 -14.79
N PRO A 860 -15.98 -3.98 -16.12
CA PRO A 860 -14.90 -3.69 -17.09
C PRO A 860 -14.31 -2.30 -16.99
N ALA A 861 -15.10 -1.29 -16.60
CA ALA A 861 -14.58 0.07 -16.59
C ALA A 861 -13.48 0.25 -15.57
N LEU A 862 -13.49 -0.55 -14.51
CA LEU A 862 -12.49 -0.41 -13.46
C LEU A 862 -11.23 -1.18 -13.79
N SER A 863 -11.35 -2.29 -14.53
CA SER A 863 -10.19 -3.14 -14.77
C SER A 863 -9.53 -2.87 -16.11
N LEU A 864 -10.21 -2.14 -17.00
CA LEU A 864 -9.63 -1.87 -18.32
C LEU A 864 -8.33 -1.07 -18.21
N SER A 865 -8.26 -0.16 -17.25
CA SER A 865 -7.11 0.73 -17.16
C SER A 865 -5.84 -0.01 -16.77
N THR A 866 -5.97 -1.22 -16.24
CA THR A 866 -4.79 -1.97 -15.81
C THR A 866 -4.52 -3.17 -16.70
N THR A 867 -5.56 -3.83 -17.19
CA THR A 867 -5.36 -5.16 -17.79
C THR A 867 -5.04 -5.06 -19.29
N ASN A 868 -4.99 -3.86 -19.84
CA ASN A 868 -4.87 -3.72 -21.29
C ASN A 868 -3.45 -4.06 -21.76
N THR A 869 -3.32 -4.24 -23.07
CA THR A 869 -2.05 -4.53 -23.74
C THR A 869 -1.90 -3.61 -24.95
N THR A 870 -0.74 -2.98 -25.07
CA THR A 870 -0.51 -1.96 -26.09
C THR A 870 -0.33 -2.56 -27.46
N VAL A 871 -0.72 -1.80 -28.49
CA VAL A 871 -0.76 -2.25 -29.87
C VAL A 871 -0.18 -1.16 -30.78
N GLY A 872 0.59 -1.57 -31.77
CA GLY A 872 1.07 -0.66 -32.80
C GLY A 872 2.51 -0.88 -33.24
N VAL A 873 2.76 -0.61 -34.52
CA VAL A 873 4.12 -0.62 -35.09
C VAL A 873 4.29 0.55 -36.03
N PRO A 874 5.52 1.04 -36.14
CA PRO A 874 5.81 2.07 -37.14
C PRO A 874 6.22 1.48 -38.47
N LEU A 875 6.13 2.25 -39.54
CA LEU A 875 6.50 1.80 -40.88
C LEU A 875 7.37 2.86 -41.53
N ALA A 876 8.33 2.42 -42.35
CA ALA A 876 9.33 3.32 -42.92
C ALA A 876 9.04 3.59 -44.39
N LEU A 877 9.08 4.87 -44.76
CA LEU A 877 8.83 5.32 -46.11
C LEU A 877 10.05 6.06 -46.65
N ASP A 878 10.11 6.17 -47.97
CA ASP A 878 11.20 6.85 -48.65
C ASP A 878 10.80 8.30 -48.97
N ALA A 879 11.66 9.25 -48.64
CA ALA A 879 11.32 10.65 -48.84
C ALA A 879 11.48 11.07 -50.29
N ARG A 880 12.48 10.55 -51.00
CA ARG A 880 12.70 11.00 -52.37
C ARG A 880 11.57 10.55 -53.28
N ALA A 881 11.04 9.35 -53.05
CA ALA A 881 9.93 8.86 -53.87
C ALA A 881 8.69 9.73 -53.68
N ILE A 882 8.37 10.05 -52.43
CA ILE A 882 7.19 10.87 -52.16
C ILE A 882 7.37 12.26 -52.78
N THR A 883 8.56 12.84 -52.64
CA THR A 883 8.80 14.17 -53.20
C THR A 883 8.67 14.17 -54.72
N VAL A 884 9.25 13.16 -55.38
CA VAL A 884 9.16 13.09 -56.84
C VAL A 884 7.71 12.93 -57.28
N ALA A 885 6.96 12.07 -56.60
CA ALA A 885 5.55 11.89 -56.94
C ALA A 885 4.77 13.18 -56.72
N LEU A 886 5.12 13.95 -55.69
CA LEU A 886 4.45 15.21 -55.45
C LEU A 886 4.76 16.23 -56.54
N LEU A 887 5.99 16.23 -57.05
CA LEU A 887 6.37 17.25 -58.04
C LEU A 887 5.86 16.91 -59.44
N SER A 888 5.78 15.62 -59.78
CA SER A 888 5.65 15.23 -61.18
C SER A 888 4.37 14.47 -61.50
N GLY A 889 3.21 14.97 -61.10
CA GLY A 889 1.97 14.28 -61.42
C GLY A 889 1.34 14.78 -62.72
N LYS A 890 0.73 13.85 -63.46
CA LYS A 890 0.20 14.12 -64.79
C LYS A 890 -1.12 13.38 -65.02
N TYR A 891 -2.10 14.10 -65.54
CA TYR A 891 -3.37 13.51 -65.95
C TYR A 891 -3.29 13.01 -67.40
N PRO A 892 -4.19 12.13 -67.80
CA PRO A 892 -4.26 11.73 -69.22
C PRO A 892 -4.64 12.92 -70.08
N PRO A 893 -4.25 12.92 -71.37
CA PRO A 893 -4.43 14.14 -72.18
C PRO A 893 -5.87 14.60 -72.27
N ASP A 894 -6.83 13.69 -72.37
CA ASP A 894 -8.24 14.03 -72.38
C ASP A 894 -8.93 13.24 -71.28
N LEU A 895 -9.36 13.92 -70.23
CA LEU A 895 -9.99 13.27 -69.11
C LEU A 895 -11.36 13.88 -68.85
N VAL A 896 -12.36 13.02 -68.79
CA VAL A 896 -13.68 13.36 -68.25
C VAL A 896 -13.89 12.43 -67.06
N THR A 897 -13.97 13.01 -65.87
CA THR A 897 -13.84 12.22 -64.65
C THR A 897 -14.98 11.22 -64.48
N ASN A 898 -16.22 11.63 -64.80
CA ASN A 898 -17.35 10.73 -64.58
C ASN A 898 -17.25 9.47 -65.43
N VAL A 899 -16.87 9.61 -66.70
CA VAL A 899 -16.72 8.43 -67.55
C VAL A 899 -15.58 7.55 -67.07
N TRP A 900 -14.45 8.16 -66.69
CA TRP A 900 -13.31 7.39 -66.24
C TRP A 900 -13.67 6.55 -65.02
N TYR A 901 -14.27 7.17 -64.01
CA TYR A 901 -14.57 6.43 -62.80
C TYR A 901 -15.70 5.45 -63.01
N ALA A 902 -16.66 5.76 -63.89
CA ALA A 902 -17.70 4.80 -64.20
C ALA A 902 -17.13 3.54 -64.82
N ASP A 903 -16.17 3.70 -65.73
CA ASP A 903 -15.57 2.52 -66.37
C ASP A 903 -14.66 1.77 -65.41
N ALA A 904 -13.97 2.48 -64.52
CA ALA A 904 -13.00 1.82 -63.65
C ALA A 904 -13.69 1.05 -62.53
N ILE A 905 -14.72 1.63 -61.91
CA ILE A 905 -15.26 1.07 -60.68
C ILE A 905 -16.22 -0.08 -60.94
N TYR A 906 -16.77 -0.19 -62.15
CA TYR A 906 -17.81 -1.18 -62.42
C TYR A 906 -17.44 -2.61 -62.06
N PRO A 907 -16.30 -3.17 -62.50
CA PRO A 907 -16.04 -4.59 -62.22
C PRO A 907 -15.90 -4.92 -60.74
N MET A 908 -15.36 -4.00 -59.93
CA MET A 908 -15.02 -4.36 -58.56
C MET A 908 -16.27 -4.52 -57.70
N TYR A 909 -17.41 -4.00 -58.14
CA TYR A 909 -18.61 -4.12 -57.32
C TYR A 909 -19.37 -5.42 -57.59
N ALA A 910 -18.84 -6.28 -58.48
CA ALA A 910 -19.45 -7.58 -58.69
C ALA A 910 -18.96 -8.61 -57.68
N ASP A 911 -18.04 -8.21 -56.79
CA ASP A 911 -17.46 -9.14 -55.83
C ASP A 911 -18.21 -9.07 -54.50
N THR A 912 -18.45 -10.23 -53.89
CA THR A 912 -19.30 -10.33 -52.71
C THR A 912 -18.58 -10.91 -51.49
N GLU A 913 -17.40 -10.40 -51.15
CA GLU A 913 -16.67 -10.94 -50.01
C GLU A 913 -17.15 -10.32 -48.71
N VAL A 914 -17.71 -9.11 -48.77
CA VAL A 914 -18.24 -8.49 -47.56
C VAL A 914 -19.43 -9.26 -47.02
N PHE A 915 -20.25 -9.82 -47.91
CA PHE A 915 -21.39 -10.61 -47.47
C PHE A 915 -20.95 -11.89 -46.78
N SER A 916 -19.76 -12.41 -47.10
CA SER A 916 -19.21 -13.52 -46.34
C SER A 916 -18.64 -13.05 -45.00
N ASN A 917 -17.99 -11.89 -45.01
CA ASN A 917 -17.38 -11.39 -43.78
C ASN A 917 -18.42 -11.18 -42.70
N LEU A 918 -19.63 -10.76 -43.09
CA LEU A 918 -20.68 -10.54 -42.09
C LEU A 918 -21.06 -11.83 -41.37
N GLN A 919 -21.23 -12.92 -42.12
CA GLN A 919 -21.55 -14.21 -41.51
C GLN A 919 -20.40 -14.70 -40.63
N ARG A 920 -19.16 -14.44 -41.03
CA ARG A 920 -18.03 -14.78 -40.18
C ARG A 920 -18.10 -14.03 -38.84
N ASP A 921 -18.46 -12.75 -38.88
CA ASP A 921 -18.59 -11.98 -37.64
C ASP A 921 -19.65 -12.59 -36.73
N MET A 922 -20.79 -12.96 -37.30
CA MET A 922 -21.86 -13.51 -36.47
C MET A 922 -21.40 -14.81 -35.79
N ILE A 923 -20.72 -15.67 -36.54
CA ILE A 923 -20.26 -16.92 -35.94
C ILE A 923 -19.25 -16.66 -34.82
N THR A 924 -18.35 -15.70 -35.00
CA THR A 924 -17.39 -15.41 -33.95
C THR A 924 -18.08 -14.98 -32.65
N CYS A 925 -19.06 -14.07 -32.77
CA CYS A 925 -19.75 -13.63 -31.55
C CYS A 925 -20.52 -14.77 -30.89
N GLU A 926 -21.19 -15.61 -31.68
CA GLU A 926 -21.90 -16.75 -31.12
C GLU A 926 -20.95 -17.64 -30.33
N ALA A 927 -19.77 -17.93 -30.91
CA ALA A 927 -18.82 -18.81 -30.24
C ALA A 927 -18.33 -18.22 -28.93
N VAL A 928 -18.06 -16.91 -28.90
CA VAL A 928 -17.58 -16.30 -27.68
C VAL A 928 -18.60 -16.44 -26.56
N GLN A 929 -19.87 -16.13 -26.86
CA GLN A 929 -20.89 -16.22 -25.82
C GLN A 929 -21.09 -17.66 -25.37
N THR A 930 -21.05 -18.62 -26.30
CA THR A 930 -21.19 -20.03 -25.93
C THR A 930 -20.07 -20.45 -24.99
N LEU A 931 -18.84 -20.02 -25.27
CA LEU A 931 -17.72 -20.34 -24.40
C LEU A 931 -17.96 -19.80 -22.99
N VAL A 932 -18.38 -18.53 -22.89
CA VAL A 932 -18.61 -17.97 -21.56
C VAL A 932 -19.67 -18.77 -20.80
N THR A 933 -20.80 -19.05 -21.44
CA THR A 933 -21.88 -19.73 -20.74
C THR A 933 -21.47 -21.13 -20.30
N LEU A 934 -20.73 -21.85 -21.15
CA LEU A 934 -20.36 -23.21 -20.79
C LEU A 934 -19.29 -23.23 -19.70
N VAL A 935 -18.36 -22.27 -19.73
CA VAL A 935 -17.31 -22.23 -18.71
C VAL A 935 -17.90 -21.87 -17.36
N ALA A 936 -18.92 -21.01 -17.34
CA ALA A 936 -19.47 -20.56 -16.07
C ALA A 936 -20.02 -21.71 -15.23
N GLN A 937 -20.32 -22.84 -15.85
CA GLN A 937 -20.96 -23.95 -15.14
C GLN A 937 -19.98 -24.65 -14.20
N ILE A 938 -18.71 -24.79 -14.60
CA ILE A 938 -17.79 -25.59 -13.79
C ILE A 938 -16.97 -24.72 -12.85
N SER A 939 -16.99 -23.41 -13.01
CA SER A 939 -16.19 -22.55 -12.15
C SER A 939 -16.90 -21.23 -11.92
N GLU A 940 -16.44 -20.50 -10.90
CA GLU A 940 -17.06 -19.23 -10.54
C GLU A 940 -16.60 -18.12 -11.47
N THR A 941 -17.54 -17.25 -11.83
CA THR A 941 -17.26 -16.15 -12.75
C THR A 941 -18.13 -14.97 -12.38
N GLN A 942 -17.96 -13.86 -13.10
CA GLN A 942 -18.63 -12.62 -12.75
C GLN A 942 -19.96 -12.42 -13.46
N TYR A 943 -20.39 -13.34 -14.30
CA TYR A 943 -21.63 -13.15 -15.02
C TYR A 943 -22.77 -13.88 -14.32
N PRO A 944 -24.00 -13.35 -14.40
CA PRO A 944 -25.15 -14.01 -13.78
C PRO A 944 -25.73 -15.09 -14.69
N VAL A 945 -25.63 -16.34 -14.27
CA VAL A 945 -26.10 -17.46 -15.09
C VAL A 945 -26.71 -18.51 -14.16
N ASP A 946 -27.79 -19.13 -14.62
CA ASP A 946 -28.46 -20.15 -13.85
C ASP A 946 -27.74 -21.50 -13.99
N ARG A 947 -27.91 -22.34 -12.97
CA ARG A 947 -27.09 -23.55 -12.81
C ARG A 947 -28.02 -24.73 -12.54
N TYR A 948 -28.21 -25.58 -13.56
CA TYR A 948 -29.14 -26.70 -13.43
C TYR A 948 -28.47 -28.02 -13.08
N LEU A 949 -27.20 -28.21 -13.44
CA LEU A 949 -26.54 -29.50 -13.28
C LEU A 949 -25.64 -29.59 -12.06
N ASP A 950 -25.94 -28.87 -10.99
CA ASP A 950 -25.06 -28.93 -9.83
C ASP A 950 -25.27 -30.18 -8.99
N TRP A 951 -26.11 -31.11 -9.42
CA TRP A 951 -26.24 -32.40 -8.75
C TRP A 951 -25.32 -33.46 -9.33
N ILE A 952 -24.54 -33.12 -10.35
CA ILE A 952 -23.56 -34.04 -10.94
C ILE A 952 -22.21 -33.75 -10.32
N PRO A 953 -21.51 -34.75 -9.79
CA PRO A 953 -20.19 -34.51 -9.19
C PRO A 953 -19.18 -33.97 -10.19
N SER A 954 -18.36 -33.04 -9.72
CA SER A 954 -17.34 -32.42 -10.56
C SER A 954 -16.12 -32.09 -9.71
N LEU A 955 -14.96 -32.04 -10.34
CA LEU A 955 -13.72 -31.87 -9.61
C LEU A 955 -13.51 -30.41 -9.22
N ARG A 956 -12.48 -30.18 -8.41
CA ARG A 956 -12.03 -28.83 -8.10
C ARG A 956 -11.27 -28.31 -9.30
N ALA A 957 -11.96 -27.56 -10.16
CA ALA A 957 -11.36 -27.11 -11.40
C ALA A 957 -10.30 -26.04 -11.14
N SER A 958 -9.30 -26.01 -11.99
CA SER A 958 -8.24 -25.01 -11.93
C SER A 958 -8.10 -24.37 -13.29
N ALA A 959 -7.08 -23.52 -13.45
CA ALA A 959 -6.89 -22.85 -14.72
C ALA A 959 -6.61 -23.85 -15.84
N ALA A 960 -5.85 -24.90 -15.54
CA ALA A 960 -5.55 -25.91 -16.54
C ALA A 960 -6.81 -26.62 -17.01
N THR A 961 -7.68 -26.99 -16.07
CA THR A 961 -8.92 -27.68 -16.44
C THR A 961 -9.81 -26.79 -17.28
N ALA A 962 -9.91 -25.50 -16.94
CA ALA A 962 -10.71 -24.58 -17.72
C ALA A 962 -10.18 -24.43 -19.14
N ALA A 963 -8.86 -24.30 -19.30
CA ALA A 963 -8.29 -24.22 -20.63
C ALA A 963 -8.55 -25.51 -21.42
N THR A 964 -8.43 -26.66 -20.75
CA THR A 964 -8.63 -27.93 -21.43
C THR A 964 -10.08 -28.09 -21.90
N PHE A 965 -11.03 -27.63 -21.09
CA PHE A 965 -12.43 -27.64 -21.52
C PHE A 965 -12.67 -26.69 -22.69
N ALA A 966 -12.07 -25.50 -22.63
CA ALA A 966 -12.28 -24.53 -23.69
C ALA A 966 -11.73 -25.01 -25.02
N GLU A 967 -10.63 -25.76 -25.02
CA GLU A 967 -10.11 -26.27 -26.27
C GLU A 967 -11.07 -27.26 -26.93
N TRP A 968 -11.71 -28.12 -26.14
CA TRP A 968 -12.73 -29.01 -26.68
C TRP A 968 -13.91 -28.23 -27.25
N VAL A 969 -14.33 -27.18 -26.54
CA VAL A 969 -15.43 -26.35 -27.03
C VAL A 969 -15.06 -25.76 -28.39
N ASN A 970 -13.84 -25.24 -28.50
CA ASN A 970 -13.39 -24.65 -29.75
C ASN A 970 -13.37 -25.68 -30.87
N THR A 971 -12.88 -26.88 -30.58
CA THR A 971 -12.80 -27.90 -31.61
C THR A 971 -14.19 -28.28 -32.13
N SER A 972 -15.14 -28.48 -31.23
CA SER A 972 -16.50 -28.80 -31.66
C SER A 972 -17.10 -27.68 -32.50
N MET A 973 -16.92 -26.43 -32.06
CA MET A 973 -17.48 -25.30 -32.80
C MET A 973 -16.89 -25.21 -34.20
N LYS A 974 -15.59 -25.45 -34.35
CA LYS A 974 -14.98 -25.37 -35.67
C LYS A 974 -15.40 -26.53 -36.56
N THR A 975 -15.54 -27.73 -35.99
CA THR A 975 -15.92 -28.87 -36.81
C THR A 975 -17.36 -28.74 -37.31
N ALA A 976 -18.27 -28.26 -36.46
CA ALA A 976 -19.67 -28.19 -36.88
C ALA A 976 -19.88 -27.26 -38.07
N PHE A 977 -19.27 -26.09 -38.07
CA PHE A 977 -19.51 -25.08 -39.10
C PHE A 977 -18.46 -25.13 -40.19
N ASP A 978 -17.62 -26.17 -40.20
CA ASP A 978 -16.72 -26.47 -41.31
C ASP A 978 -15.69 -25.34 -41.50
N LEU A 979 -15.01 -24.98 -40.42
CA LEU A 979 -14.00 -23.94 -40.42
C LEU A 979 -12.63 -24.57 -40.16
N SER A 980 -11.63 -24.18 -40.94
CA SER A 980 -10.28 -24.71 -40.81
C SER A 980 -9.31 -23.71 -40.21
N ASP A 981 -9.70 -22.45 -40.11
CA ASP A 981 -8.83 -21.40 -39.59
C ASP A 981 -9.20 -21.04 -38.15
N MET A 982 -8.56 -20.00 -37.62
CA MET A 982 -8.57 -19.75 -36.18
C MET A 982 -9.94 -19.30 -35.69
N LEU A 983 -10.30 -19.72 -34.49
CA LEU A 983 -11.54 -19.33 -33.83
C LEU A 983 -11.36 -19.45 -32.32
N LEU A 984 -11.65 -18.37 -31.60
CA LEU A 984 -11.55 -18.32 -30.14
C LEU A 984 -10.13 -18.49 -29.64
N GLU A 985 -9.17 -18.71 -30.53
CA GLU A 985 -7.82 -18.98 -30.08
C GLU A 985 -7.10 -17.75 -29.50
N PRO A 986 -7.34 -16.52 -29.95
CA PRO A 986 -6.79 -15.38 -29.21
C PRO A 986 -7.20 -15.34 -27.75
N LEU A 987 -8.42 -15.78 -27.43
CA LEU A 987 -8.88 -15.77 -26.04
C LEU A 987 -8.18 -16.84 -25.21
N LEU A 988 -7.76 -17.95 -25.83
CA LEU A 988 -7.35 -19.11 -25.04
C LEU A 988 -5.92 -19.00 -24.55
N SER A 989 -5.16 -18.00 -25.03
CA SER A 989 -3.81 -17.80 -24.51
C SER A 989 -3.86 -17.03 -23.20
N GLY A 990 -4.62 -17.54 -22.25
CA GLY A 990 -4.85 -16.84 -20.99
C GLY A 990 -5.83 -17.64 -20.16
N ASP A 991 -6.26 -17.03 -19.06
CA ASP A 991 -7.18 -17.69 -18.16
C ASP A 991 -8.60 -17.38 -18.60
N PRO A 992 -9.37 -18.36 -19.09
CA PRO A 992 -10.69 -18.05 -19.66
C PRO A 992 -11.78 -17.85 -18.61
N ARG A 993 -11.46 -17.77 -17.34
CA ARG A 993 -12.49 -17.70 -16.32
C ARG A 993 -12.92 -16.27 -16.01
N MET A 994 -12.28 -15.26 -16.57
CA MET A 994 -12.65 -13.88 -16.33
C MET A 994 -12.57 -13.05 -17.61
N THR A 995 -13.12 -13.59 -18.70
CA THR A 995 -12.96 -12.96 -20.01
C THR A 995 -13.80 -11.70 -20.14
N GLN A 996 -13.30 -10.75 -20.93
CA GLN A 996 -14.00 -9.51 -21.24
C GLN A 996 -13.32 -8.88 -22.46
N LEU A 997 -14.06 -8.02 -23.17
CA LEU A 997 -13.55 -7.38 -24.38
C LEU A 997 -13.81 -5.88 -24.30
N ALA A 998 -12.75 -5.09 -24.43
CA ALA A 998 -12.86 -3.63 -24.43
C ALA A 998 -11.56 -3.05 -24.96
N ILE A 999 -11.60 -1.77 -25.33
CA ILE A 999 -10.46 -1.08 -25.91
C ILE A 999 -10.42 0.35 -25.39
N GLN A 1000 -9.22 0.95 -25.39
CA GLN A 1000 -9.10 2.33 -24.97
C GLN A 1000 -7.91 2.99 -25.65
N TYR A 1001 -7.90 4.33 -25.65
CA TYR A 1001 -6.72 5.08 -26.03
C TYR A 1001 -6.60 6.33 -25.17
N GLN A 1002 -5.37 6.77 -24.96
CA GLN A 1002 -5.06 7.85 -24.03
C GLN A 1002 -4.29 8.95 -24.73
N GLN A 1003 -4.51 10.18 -24.27
CA GLN A 1003 -3.86 11.36 -24.82
C GLN A 1003 -2.64 11.74 -23.99
N TYR A 1004 -1.87 12.69 -24.50
CA TYR A 1004 -0.67 13.11 -23.78
C TYR A 1004 -1.00 13.80 -22.46
N ASN A 1005 -2.11 14.53 -22.40
CA ASN A 1005 -2.44 15.26 -21.19
C ASN A 1005 -3.13 14.39 -20.15
N GLY A 1006 -3.33 13.11 -20.43
CA GLY A 1006 -3.89 12.20 -19.47
C GLY A 1006 -5.34 11.81 -19.69
N ARG A 1007 -5.98 12.31 -20.73
CA ARG A 1007 -7.37 11.97 -20.97
C ARG A 1007 -7.48 10.66 -21.74
N THR A 1008 -8.38 9.79 -21.30
CA THR A 1008 -8.53 8.45 -21.83
C THR A 1008 -9.96 8.19 -22.27
N PHE A 1009 -10.10 7.45 -23.36
CA PHE A 1009 -11.39 7.15 -23.98
C PHE A 1009 -11.54 5.64 -24.09
N ASN A 1010 -12.72 5.14 -23.74
CA ASN A 1010 -13.01 3.73 -23.64
C ASN A 1010 -14.12 3.32 -24.60
N ILE A 1011 -14.03 2.09 -25.10
CA ILE A 1011 -15.10 1.43 -25.83
C ILE A 1011 -15.33 0.07 -25.20
N ILE A 1012 -16.58 -0.19 -24.82
CA ILE A 1012 -17.00 -1.46 -24.23
C ILE A 1012 -18.18 -1.98 -25.03
N PRO A 1013 -17.98 -2.84 -26.01
CA PRO A 1013 -19.12 -3.33 -26.81
C PRO A 1013 -20.09 -4.12 -25.96
N GLU A 1014 -21.35 -4.09 -26.37
CA GLU A 1014 -22.43 -4.77 -25.68
C GLU A 1014 -22.56 -6.20 -26.19
N MET A 1015 -22.78 -7.14 -25.29
CA MET A 1015 -22.94 -8.54 -25.70
C MET A 1015 -24.28 -8.71 -26.40
N PRO A 1016 -24.29 -9.15 -27.66
CA PRO A 1016 -25.56 -9.15 -28.42
C PRO A 1016 -26.51 -10.27 -28.03
N GLY A 1017 -26.07 -11.27 -27.28
CA GLY A 1017 -26.86 -12.46 -27.06
C GLY A 1017 -26.54 -13.53 -28.09
N SER A 1018 -26.90 -14.76 -27.75
CA SER A 1018 -26.53 -15.88 -28.60
C SER A 1018 -27.61 -16.95 -28.53
N VAL A 1019 -27.86 -17.62 -29.67
CA VAL A 1019 -28.93 -18.60 -29.70
C VAL A 1019 -28.40 -20.00 -29.41
N ILE A 1020 -27.12 -20.25 -29.70
CA ILE A 1020 -26.54 -21.55 -29.37
C ILE A 1020 -26.49 -21.75 -27.86
N ALA A 1021 -26.10 -20.70 -27.13
CA ALA A 1021 -26.04 -20.79 -25.66
C ALA A 1021 -27.43 -21.00 -25.05
N ASP A 1022 -28.44 -20.28 -25.58
CA ASP A 1022 -29.79 -20.45 -25.04
C ASP A 1022 -30.34 -21.84 -25.35
N CYS A 1023 -30.06 -22.37 -26.54
CA CYS A 1023 -30.48 -23.73 -26.85
C CYS A 1023 -29.77 -24.76 -25.98
N VAL A 1024 -28.50 -24.55 -25.67
CA VAL A 1024 -27.79 -25.46 -24.77
C VAL A 1024 -28.39 -25.41 -23.36
N GLN A 1025 -28.75 -24.21 -22.89
CA GLN A 1025 -29.37 -24.12 -21.58
C GLN A 1025 -30.77 -24.74 -21.55
N LEU A 1026 -31.52 -24.64 -22.65
CA LEU A 1026 -32.79 -25.35 -22.73
C LEU A 1026 -32.59 -26.86 -22.70
N THR A 1027 -31.55 -27.34 -23.39
CA THR A 1027 -31.21 -28.76 -23.32
C THR A 1027 -30.89 -29.17 -21.89
N ALA A 1028 -30.19 -28.31 -21.15
CA ALA A 1028 -29.92 -28.60 -19.74
C ALA A 1028 -31.20 -28.66 -18.92
N GLU A 1029 -32.12 -27.71 -19.13
CA GLU A 1029 -33.40 -27.75 -18.42
C GLU A 1029 -34.14 -29.05 -18.66
N VAL A 1030 -34.20 -29.48 -19.92
CA VAL A 1030 -34.90 -30.74 -20.24
C VAL A 1030 -34.17 -31.93 -19.62
N PHE A 1031 -32.85 -31.96 -19.74
CA PHE A 1031 -32.06 -33.05 -19.18
C PHE A 1031 -32.29 -33.21 -17.70
N ASN A 1032 -32.53 -32.09 -17.00
CA ASN A 1032 -32.78 -32.12 -15.57
C ASN A 1032 -33.94 -33.04 -15.20
N HIS A 1033 -34.92 -33.20 -16.10
CA HIS A 1033 -36.04 -34.09 -15.81
C HIS A 1033 -35.92 -35.41 -16.57
N GLU A 1034 -35.30 -35.41 -17.74
CA GLU A 1034 -35.24 -36.59 -18.59
C GLU A 1034 -33.87 -37.26 -18.58
N TYR A 1035 -33.11 -37.15 -17.48
CA TYR A 1035 -31.80 -37.78 -17.41
C TYR A 1035 -31.84 -39.29 -17.66
N ASN A 1036 -32.96 -39.95 -17.41
CA ASN A 1036 -33.00 -41.41 -17.56
C ASN A 1036 -32.86 -41.85 -19.01
N LEU A 1037 -33.46 -41.12 -19.96
CA LEU A 1037 -33.30 -41.47 -21.36
C LEU A 1037 -31.84 -41.35 -21.82
N PHE A 1038 -31.04 -40.53 -21.13
CA PHE A 1038 -29.66 -40.32 -21.53
C PHE A 1038 -28.70 -41.30 -20.88
N GLY A 1039 -29.19 -42.24 -20.08
CA GLY A 1039 -28.36 -43.25 -19.47
C GLY A 1039 -27.83 -42.92 -18.09
N ILE A 1040 -28.35 -41.90 -17.43
CA ILE A 1040 -27.85 -41.47 -16.12
C ILE A 1040 -28.93 -41.68 -15.08
N ALA A 1041 -28.56 -42.27 -13.95
CA ALA A 1041 -29.45 -42.43 -12.81
C ALA A 1041 -29.04 -41.49 -11.69
N ARG A 1042 -30.03 -41.04 -10.93
CA ARG A 1042 -29.88 -39.99 -9.93
C ARG A 1042 -30.10 -40.56 -8.54
N GLY A 1043 -29.28 -40.11 -7.59
CA GLY A 1043 -29.43 -40.54 -6.21
C GLY A 1043 -28.27 -41.35 -5.69
N ASP A 1044 -28.57 -42.32 -4.83
CA ASP A 1044 -27.57 -43.19 -4.22
C ASP A 1044 -28.02 -44.63 -4.40
N ILE A 1045 -27.24 -45.56 -3.86
CA ILE A 1045 -27.59 -46.97 -3.89
C ILE A 1045 -27.43 -47.57 -2.50
N ILE A 1046 -28.18 -48.63 -2.25
CA ILE A 1046 -28.05 -49.45 -1.04
C ILE A 1046 -27.54 -50.81 -1.46
N ILE A 1047 -26.46 -51.25 -0.80
CA ILE A 1047 -25.91 -52.58 -0.93
C ILE A 1047 -26.39 -53.39 0.25
N GLY A 1048 -26.99 -54.55 -0.02
CA GLY A 1048 -27.51 -55.40 1.03
C GLY A 1048 -28.26 -56.58 0.46
N ARG A 1049 -28.22 -57.71 1.16
CA ARG A 1049 -28.89 -58.90 0.65
C ARG A 1049 -30.39 -58.82 0.88
N VAL A 1050 -31.16 -59.00 -0.18
CA VAL A 1050 -32.61 -59.12 -0.07
C VAL A 1050 -33.07 -60.31 -0.88
N GLN A 1051 -33.85 -61.20 -0.25
CA GLN A 1051 -34.23 -62.46 -0.86
C GLN A 1051 -35.73 -62.66 -0.69
N SER A 1052 -36.43 -62.87 -1.80
CA SER A 1052 -37.86 -63.12 -1.78
C SER A 1052 -38.26 -63.62 -3.16
N THR A 1053 -39.54 -63.99 -3.28
CA THR A 1053 -40.07 -64.35 -4.60
C THR A 1053 -40.83 -63.22 -5.27
N HIS A 1054 -40.88 -62.03 -4.68
CA HIS A 1054 -41.66 -60.93 -5.23
C HIS A 1054 -41.00 -60.38 -6.50
N LEU A 1055 -41.81 -59.71 -7.31
CA LEU A 1055 -41.40 -59.30 -8.65
C LEU A 1055 -41.41 -57.79 -8.82
N TRP A 1056 -40.94 -57.04 -7.83
CA TRP A 1056 -40.79 -55.61 -8.00
C TRP A 1056 -39.46 -55.29 -8.67
N SER A 1057 -39.38 -54.08 -9.24
CA SER A 1057 -38.20 -53.67 -10.00
C SER A 1057 -37.22 -52.92 -9.12
N PRO A 1058 -35.91 -53.17 -9.25
CA PRO A 1058 -34.93 -52.45 -8.43
C PRO A 1058 -34.82 -50.96 -8.76
N LEU A 1059 -35.34 -50.51 -9.89
CA LEU A 1059 -35.34 -49.11 -10.24
C LEU A 1059 -36.53 -48.35 -9.66
N ALA A 1060 -37.34 -49.00 -8.84
CA ALA A 1060 -38.46 -48.39 -8.14
C ALA A 1060 -38.81 -49.23 -6.91
N PRO A 1061 -37.92 -49.32 -5.93
CA PRO A 1061 -38.08 -50.31 -4.86
C PRO A 1061 -39.11 -49.86 -3.83
N PRO A 1062 -39.60 -50.78 -3.00
CA PRO A 1062 -40.52 -50.37 -1.95
C PRO A 1062 -39.84 -49.48 -0.96
N PRO A 1063 -40.60 -48.60 -0.28
CA PRO A 1063 -39.96 -47.61 0.61
C PRO A 1063 -39.31 -48.21 1.84
N ASP A 1064 -39.69 -49.41 2.25
CA ASP A 1064 -39.17 -50.00 3.47
C ASP A 1064 -37.78 -50.57 3.32
N LEU A 1065 -37.27 -50.66 2.10
CA LEU A 1065 -35.90 -51.12 1.91
C LEU A 1065 -34.90 -49.98 1.94
N VAL A 1066 -35.37 -48.75 2.00
CA VAL A 1066 -34.52 -47.58 1.91
C VAL A 1066 -34.40 -46.94 3.29
N PHE A 1067 -33.21 -46.38 3.58
CA PHE A 1067 -33.00 -45.60 4.79
C PHE A 1067 -32.09 -44.43 4.45
N ASP A 1068 -32.11 -43.41 5.30
CA ASP A 1068 -31.36 -42.20 5.04
C ASP A 1068 -30.73 -41.70 6.33
N ARG A 1069 -30.15 -40.49 6.25
CA ARG A 1069 -29.46 -39.91 7.40
C ARG A 1069 -30.38 -39.69 8.59
N ASP A 1070 -31.63 -39.33 8.35
CA ASP A 1070 -32.56 -39.02 9.43
C ASP A 1070 -33.22 -40.27 10.02
N THR A 1071 -32.92 -41.44 9.48
CA THR A 1071 -33.49 -42.66 10.00
C THR A 1071 -32.93 -42.94 11.40
N PRO A 1072 -33.79 -43.24 12.39
CA PRO A 1072 -33.27 -43.65 13.70
C PRO A 1072 -32.53 -44.98 13.61
N GLY A 1073 -31.30 -44.98 14.12
CA GLY A 1073 -30.51 -46.20 14.18
C GLY A 1073 -29.41 -46.33 13.14
N VAL A 1074 -29.18 -45.32 12.31
CA VAL A 1074 -28.12 -45.42 11.33
C VAL A 1074 -26.82 -44.85 11.88
N HIS A 1075 -25.70 -45.33 11.35
CA HIS A 1075 -24.37 -44.85 11.68
C HIS A 1075 -23.77 -44.18 10.45
N ILE A 1076 -23.13 -43.03 10.63
CA ILE A 1076 -22.63 -42.22 9.53
C ILE A 1076 -21.12 -42.09 9.68
N PHE A 1077 -20.39 -42.36 8.60
CA PHE A 1077 -18.93 -42.40 8.61
C PHE A 1077 -18.37 -41.29 7.74
N GLY A 1078 -17.18 -40.80 8.09
CA GLY A 1078 -16.47 -39.84 7.31
C GLY A 1078 -15.00 -40.18 7.13
N ARG A 1079 -14.15 -39.17 7.30
CA ARG A 1079 -12.73 -39.31 6.95
C ARG A 1079 -12.00 -40.26 7.89
N ASP A 1080 -12.25 -40.15 9.20
CA ASP A 1080 -11.36 -40.73 10.21
C ASP A 1080 -11.80 -42.09 10.69
N CYS A 1081 -12.30 -42.94 9.81
CA CYS A 1081 -12.65 -44.29 10.20
C CYS A 1081 -11.40 -45.13 10.38
N ARG A 1082 -11.32 -45.82 11.51
CA ARG A 1082 -10.18 -46.65 11.87
C ARG A 1082 -10.70 -47.99 12.37
N ILE A 1083 -10.21 -49.06 11.77
CA ILE A 1083 -10.65 -50.41 12.13
C ILE A 1083 -9.71 -50.99 13.17
N SER A 1084 -10.28 -51.56 14.22
CA SER A 1084 -9.52 -52.25 15.25
C SER A 1084 -9.89 -53.72 15.25
N PHE A 1085 -8.89 -54.59 15.23
CA PHE A 1085 -9.12 -56.02 15.08
C PHE A 1085 -9.65 -56.63 16.37
N GLY A 1086 -10.29 -57.79 16.23
CA GLY A 1086 -10.84 -58.49 17.38
C GLY A 1086 -9.93 -59.59 17.88
N MET A 1087 -10.08 -59.91 19.17
CA MET A 1087 -9.18 -60.83 19.85
C MET A 1087 -9.97 -61.83 20.68
N ASN A 1088 -9.59 -63.10 20.57
CA ASN A 1088 -10.16 -64.19 21.36
C ASN A 1088 -11.67 -64.26 21.21
N GLY A 1089 -12.18 -64.05 20.00
CA GLY A 1089 -13.60 -64.15 19.74
C GLY A 1089 -14.37 -62.86 19.85
N ALA A 1090 -13.71 -61.74 20.14
CA ALA A 1090 -14.38 -60.45 20.16
C ALA A 1090 -14.51 -59.89 18.76
N ALA A 1091 -15.66 -59.29 18.46
CA ALA A 1091 -15.92 -58.81 17.12
C ALA A 1091 -15.06 -57.60 16.80
N PRO A 1092 -14.63 -57.46 15.54
CA PRO A 1092 -13.89 -56.26 15.13
C PRO A 1092 -14.83 -55.05 15.03
N MET A 1093 -14.24 -53.87 15.07
CA MET A 1093 -15.02 -52.65 15.17
C MET A 1093 -14.47 -51.55 14.28
N ILE A 1094 -15.32 -50.58 13.96
CA ILE A 1094 -14.95 -49.40 13.19
C ILE A 1094 -15.55 -48.17 13.86
N ARG A 1095 -14.90 -47.02 13.68
CA ARG A 1095 -15.20 -45.83 14.45
C ARG A 1095 -16.24 -44.96 13.75
N ASP A 1096 -17.27 -44.58 14.50
CA ASP A 1096 -18.31 -43.66 14.04
C ASP A 1096 -17.79 -42.22 14.07
N GLU A 1097 -18.61 -41.29 13.58
CA GLU A 1097 -18.30 -39.87 13.75
C GLU A 1097 -18.44 -39.42 15.19
N THR A 1098 -19.40 -39.98 15.93
CA THR A 1098 -19.59 -39.57 17.31
C THR A 1098 -18.42 -39.97 18.20
N GLY A 1099 -17.55 -40.86 17.74
CA GLY A 1099 -16.48 -41.40 18.55
C GLY A 1099 -16.73 -42.80 19.04
N LEU A 1100 -17.95 -43.30 18.93
CA LEU A 1100 -18.26 -44.66 19.32
C LEU A 1100 -17.75 -45.65 18.27
N MET A 1101 -17.42 -46.86 18.72
CA MET A 1101 -16.89 -47.90 17.86
C MET A 1101 -17.92 -49.03 17.77
N VAL A 1102 -18.28 -49.40 16.55
CA VAL A 1102 -19.42 -50.27 16.31
C VAL A 1102 -18.97 -51.52 15.56
N PRO A 1103 -19.67 -52.65 15.69
CA PRO A 1103 -19.33 -53.83 14.90
C PRO A 1103 -19.98 -53.84 13.52
N PHE A 1104 -19.65 -54.84 12.70
CA PHE A 1104 -20.03 -54.83 11.29
C PHE A 1104 -21.43 -55.38 11.04
N GLU A 1105 -22.47 -54.72 11.56
CA GLU A 1105 -23.86 -55.07 11.23
C GLU A 1105 -24.74 -53.89 11.57
N GLY A 1106 -25.55 -53.46 10.60
CA GLY A 1106 -26.49 -52.38 10.82
C GLY A 1106 -26.80 -51.67 9.54
N ASN A 1107 -27.12 -50.39 9.67
CA ASN A 1107 -27.35 -49.50 8.54
C ASN A 1107 -26.25 -48.44 8.56
N TRP A 1108 -25.35 -48.48 7.59
CA TRP A 1108 -24.26 -47.52 7.52
C TRP A 1108 -24.48 -46.56 6.37
N ILE A 1109 -23.97 -45.34 6.51
CA ILE A 1109 -23.95 -44.36 5.44
C ILE A 1109 -22.49 -44.08 5.12
N PHE A 1110 -22.12 -44.27 3.87
CA PHE A 1110 -20.78 -44.00 3.37
C PHE A 1110 -20.84 -42.96 2.27
N PRO A 1111 -19.85 -42.11 2.17
CA PRO A 1111 -19.64 -41.40 0.90
C PRO A 1111 -18.74 -42.22 -0.01
N LEU A 1112 -18.84 -42.02 -1.33
CA LEU A 1112 -18.13 -42.89 -2.27
C LEU A 1112 -16.62 -42.81 -2.10
N ALA A 1113 -16.09 -41.60 -1.82
CA ALA A 1113 -14.64 -41.43 -1.78
C ALA A 1113 -14.00 -42.26 -0.68
N LEU A 1114 -14.70 -42.50 0.42
CA LEU A 1114 -14.11 -43.31 1.48
C LEU A 1114 -13.85 -44.73 1.00
N TRP A 1115 -14.79 -45.32 0.26
CA TRP A 1115 -14.51 -46.63 -0.33
C TRP A 1115 -13.46 -46.53 -1.42
N GLN A 1116 -13.44 -45.44 -2.17
CA GLN A 1116 -12.47 -45.32 -3.25
C GLN A 1116 -11.04 -45.33 -2.70
N MET A 1117 -10.78 -44.57 -1.63
CA MET A 1117 -9.40 -44.37 -1.20
C MET A 1117 -8.88 -45.52 -0.35
N ASN A 1118 -9.74 -46.47 0.04
CA ASN A 1118 -9.34 -47.63 0.84
C ASN A 1118 -9.95 -48.89 0.26
N THR A 1119 -9.77 -49.10 -1.04
CA THR A 1119 -10.55 -50.11 -1.76
C THR A 1119 -10.26 -51.52 -1.27
N ARG A 1120 -9.00 -51.93 -1.36
CA ARG A 1120 -8.63 -53.32 -1.08
C ARG A 1120 -8.93 -53.70 0.37
N TYR A 1121 -8.55 -52.81 1.29
CA TYR A 1121 -8.78 -53.04 2.71
C TYR A 1121 -10.27 -53.18 3.02
N PHE A 1122 -11.09 -52.28 2.47
CA PHE A 1122 -12.51 -52.32 2.74
C PHE A 1122 -13.15 -53.58 2.15
N ASN A 1123 -12.75 -53.97 0.94
CA ASN A 1123 -13.27 -55.23 0.38
C ASN A 1123 -12.96 -56.39 1.31
N GLN A 1124 -11.68 -56.54 1.65
CA GLN A 1124 -11.26 -57.72 2.40
C GLN A 1124 -11.86 -57.73 3.81
N GLN A 1125 -12.28 -56.56 4.32
CA GLN A 1125 -12.90 -56.55 5.64
C GLN A 1125 -14.41 -56.79 5.57
N PHE A 1126 -15.09 -56.25 4.55
CA PHE A 1126 -16.55 -56.14 4.62
C PHE A 1126 -17.29 -57.12 3.71
N ASP A 1127 -16.63 -57.72 2.73
CA ASP A 1127 -17.41 -58.47 1.73
C ASP A 1127 -18.08 -59.70 2.32
N ALA A 1128 -17.43 -60.41 3.23
CA ALA A 1128 -18.06 -61.59 3.83
C ALA A 1128 -19.31 -61.20 4.61
N TRP A 1129 -19.24 -60.08 5.33
CA TRP A 1129 -20.37 -59.66 6.15
C TRP A 1129 -21.50 -59.09 5.31
N ILE A 1130 -21.19 -58.52 4.14
CA ILE A 1130 -22.26 -58.10 3.25
C ILE A 1130 -22.91 -59.31 2.60
N LYS A 1131 -22.11 -60.30 2.21
CA LYS A 1131 -22.63 -61.46 1.49
C LYS A 1131 -23.50 -62.33 2.39
N THR A 1132 -23.04 -62.64 3.60
CA THR A 1132 -23.81 -63.55 4.43
C THR A 1132 -24.42 -62.87 5.65
N GLY A 1133 -23.73 -61.90 6.24
CA GLY A 1133 -24.17 -61.27 7.46
C GLY A 1133 -25.36 -60.36 7.24
N GLU A 1134 -25.56 -59.45 8.19
CA GLU A 1134 -26.67 -58.52 8.20
C GLU A 1134 -26.19 -57.08 8.08
N LEU A 1135 -25.26 -56.84 7.16
CA LEU A 1135 -24.71 -55.51 6.93
C LEU A 1135 -25.32 -54.91 5.67
N ARG A 1136 -25.80 -53.68 5.77
CA ARG A 1136 -26.33 -52.95 4.63
C ARG A 1136 -25.73 -51.55 4.60
N ILE A 1137 -25.20 -51.16 3.44
CA ILE A 1137 -24.42 -49.94 3.32
C ILE A 1137 -25.01 -49.05 2.23
N ARG A 1138 -25.22 -47.78 2.54
CA ARG A 1138 -25.70 -46.81 1.56
C ARG A 1138 -24.54 -45.98 1.05
N ILE A 1139 -24.29 -46.04 -0.25
CA ILE A 1139 -23.16 -45.35 -0.89
C ILE A 1139 -23.71 -44.12 -1.61
N GLU A 1140 -23.23 -42.95 -1.22
CA GLU A 1140 -23.65 -41.69 -1.81
C GLU A 1140 -22.86 -41.43 -3.08
N MET A 1141 -23.55 -41.36 -4.21
CA MET A 1141 -22.87 -41.28 -5.49
C MET A 1141 -23.32 -40.06 -6.29
N GLY A 1142 -24.58 -39.65 -6.13
CA GLY A 1142 -25.07 -38.47 -6.83
C GLY A 1142 -25.64 -38.77 -8.20
N ALA A 1143 -24.77 -39.06 -9.16
CA ALA A 1143 -25.18 -39.44 -10.50
C ALA A 1143 -24.30 -40.58 -10.97
N TYR A 1144 -24.90 -41.56 -11.66
CA TYR A 1144 -24.09 -42.68 -12.10
C TYR A 1144 -24.70 -43.33 -13.33
N PRO A 1145 -23.89 -43.99 -14.17
CA PRO A 1145 -24.45 -44.82 -15.24
C PRO A 1145 -24.90 -46.17 -14.72
N TYR A 1146 -25.64 -46.92 -15.52
CA TYR A 1146 -26.18 -48.19 -15.05
C TYR A 1146 -26.25 -49.20 -16.20
N MET A 1147 -26.31 -50.47 -15.84
CA MET A 1147 -26.44 -51.57 -16.78
C MET A 1147 -27.58 -52.47 -16.30
N LEU A 1148 -28.32 -53.04 -17.24
CA LEU A 1148 -29.48 -53.86 -16.95
C LEU A 1148 -29.23 -55.30 -17.34
N HIS A 1149 -29.60 -56.22 -16.47
CA HIS A 1149 -29.55 -57.65 -16.75
C HIS A 1149 -30.93 -58.23 -16.46
N TYR A 1150 -31.47 -58.97 -17.42
CA TYR A 1150 -32.80 -59.55 -17.30
C TYR A 1150 -32.69 -61.04 -17.04
N TYR A 1151 -33.76 -61.62 -16.50
CA TYR A 1151 -33.75 -63.03 -16.16
C TYR A 1151 -35.17 -63.59 -16.19
N ASP A 1152 -35.26 -64.91 -16.28
CA ASP A 1152 -36.52 -65.63 -16.27
C ASP A 1152 -37.01 -65.85 -14.84
N PRO A 1153 -38.14 -65.29 -14.43
CA PRO A 1153 -38.54 -65.36 -13.02
C PRO A 1153 -38.85 -66.77 -12.54
N ARG A 1154 -39.17 -67.69 -13.45
CA ARG A 1154 -39.53 -69.04 -13.05
C ARG A 1154 -38.34 -69.87 -12.58
N GLN A 1155 -37.12 -69.36 -12.72
CA GLN A 1155 -35.93 -70.11 -12.32
C GLN A 1155 -35.16 -69.35 -11.24
N TYR A 1156 -34.22 -70.05 -10.61
CA TYR A 1156 -33.41 -69.47 -9.57
C TYR A 1156 -32.47 -68.42 -10.16
N ALA A 1157 -32.30 -67.31 -9.44
CA ALA A 1157 -31.42 -66.24 -9.87
C ALA A 1157 -30.67 -65.67 -8.67
N ASN A 1158 -29.38 -65.43 -8.85
CA ASN A 1158 -28.53 -64.84 -7.81
C ASN A 1158 -27.65 -63.79 -8.45
N ALA A 1159 -27.54 -62.63 -7.80
CA ALA A 1159 -26.83 -61.50 -8.37
C ALA A 1159 -25.48 -61.24 -7.73
N TRP A 1160 -24.92 -62.20 -6.98
CA TRP A 1160 -23.71 -61.90 -6.23
C TRP A 1160 -22.50 -61.68 -7.13
N ASN A 1161 -22.40 -62.41 -8.24
CA ASN A 1161 -21.21 -62.30 -9.08
C ASN A 1161 -21.06 -60.90 -9.67
N LEU A 1162 -22.15 -60.33 -10.19
CA LEU A 1162 -22.10 -58.99 -10.77
C LEU A 1162 -21.70 -57.95 -9.74
N THR A 1163 -22.28 -58.03 -8.54
CA THR A 1163 -22.00 -57.03 -7.52
C THR A 1163 -20.60 -57.18 -6.96
N SER A 1164 -20.12 -58.42 -6.80
CA SER A 1164 -18.73 -58.60 -6.36
C SER A 1164 -17.77 -58.03 -7.38
N ALA A 1165 -18.03 -58.26 -8.68
CA ALA A 1165 -17.17 -57.67 -9.69
C ALA A 1165 -17.20 -56.15 -9.63
N TRP A 1166 -18.38 -55.56 -9.46
CA TRP A 1166 -18.47 -54.10 -9.38
C TRP A 1166 -17.72 -53.56 -8.17
N LEU A 1167 -17.89 -54.21 -7.01
CA LEU A 1167 -17.20 -53.76 -5.81
C LEU A 1167 -15.70 -53.87 -5.96
N GLU A 1168 -15.22 -54.96 -6.55
CA GLU A 1168 -13.78 -55.17 -6.62
C GLU A 1168 -13.13 -54.30 -7.69
N GLU A 1169 -13.90 -53.82 -8.67
CA GLU A 1169 -13.30 -53.02 -9.71
C GLU A 1169 -13.26 -51.53 -9.36
N ILE A 1170 -13.63 -51.16 -8.15
CA ILE A 1170 -13.56 -49.76 -7.73
C ILE A 1170 -12.09 -49.45 -7.40
N THR A 1171 -11.60 -48.34 -7.93
CA THR A 1171 -10.23 -47.89 -7.75
C THR A 1171 -10.28 -46.45 -7.24
N PRO A 1172 -9.14 -45.90 -6.80
CA PRO A 1172 -9.13 -44.52 -6.32
C PRO A 1172 -9.62 -43.51 -7.36
N THR A 1173 -9.39 -43.76 -8.63
CA THR A 1173 -9.82 -42.79 -9.64
C THR A 1173 -10.92 -43.21 -10.61
N SER A 1174 -11.50 -44.40 -10.49
CA SER A 1174 -12.50 -44.75 -11.47
C SER A 1174 -13.49 -45.78 -10.92
N ILE A 1175 -14.66 -45.83 -11.55
CA ILE A 1175 -15.69 -46.85 -11.25
C ILE A 1175 -16.33 -47.31 -12.54
N PRO A 1176 -16.88 -48.52 -12.54
CA PRO A 1176 -17.66 -49.00 -13.69
C PRO A 1176 -19.16 -48.81 -13.51
N SER A 1177 -19.91 -49.17 -14.56
CA SER A 1177 -21.35 -49.05 -14.54
C SER A 1177 -21.97 -49.97 -13.49
N VAL A 1178 -23.02 -49.50 -12.85
CA VAL A 1178 -23.68 -50.23 -11.77
C VAL A 1178 -24.55 -51.31 -12.39
N PRO A 1179 -24.44 -52.56 -11.93
CA PRO A 1179 -25.29 -53.63 -12.49
C PRO A 1179 -26.61 -53.80 -11.77
N PHE A 1180 -27.71 -53.85 -12.50
CA PHE A 1180 -29.03 -54.11 -11.94
C PHE A 1180 -29.60 -55.39 -12.55
N MET A 1181 -30.41 -56.11 -11.76
CA MET A 1181 -31.04 -57.35 -12.19
C MET A 1181 -32.56 -57.15 -12.16
N VAL A 1182 -33.19 -57.28 -13.33
CA VAL A 1182 -34.59 -56.91 -13.50
C VAL A 1182 -35.39 -58.06 -14.09
N PRO A 1183 -36.55 -58.44 -13.51
CA PRO A 1183 -37.32 -59.55 -14.05
C PRO A 1183 -38.08 -59.24 -15.33
N ILE A 1184 -38.32 -60.26 -16.15
CA ILE A 1184 -39.05 -60.10 -17.40
C ILE A 1184 -40.54 -60.25 -17.14
N SER A 1185 -41.35 -59.43 -17.81
CA SER A 1185 -42.78 -59.39 -17.58
C SER A 1185 -43.50 -60.46 -18.38
N SER A 1186 -44.51 -61.08 -17.78
CA SER A 1186 -45.28 -62.14 -18.41
C SER A 1186 -46.73 -61.72 -18.56
N ASP A 1187 -47.37 -62.18 -19.63
CA ASP A 1187 -48.76 -61.85 -19.90
C ASP A 1187 -49.73 -62.93 -19.46
N HIS A 1188 -49.24 -64.04 -18.89
CA HIS A 1188 -50.11 -65.08 -18.37
C HIS A 1188 -49.51 -65.62 -17.08
N ASP A 1189 -50.16 -66.62 -16.51
CA ASP A 1189 -49.72 -67.19 -15.24
C ASP A 1189 -48.32 -67.79 -15.35
N ILE A 1190 -47.52 -67.57 -14.30
CA ILE A 1190 -46.22 -68.23 -14.15
C ILE A 1190 -46.05 -68.59 -12.68
N SER A 1191 -45.22 -69.59 -12.42
CA SER A 1191 -44.91 -69.95 -11.04
C SER A 1191 -43.72 -69.14 -10.54
N SER A 1192 -43.55 -69.14 -9.22
CA SER A 1192 -42.54 -68.32 -8.56
C SER A 1192 -41.30 -69.14 -8.20
N ALA A 1193 -40.22 -68.44 -7.90
CA ALA A 1193 -38.93 -69.05 -7.62
C ALA A 1193 -38.10 -68.06 -6.80
N PRO A 1194 -37.12 -68.55 -6.06
CA PRO A 1194 -36.28 -67.65 -5.27
C PRO A 1194 -35.40 -66.75 -6.13
N ALA A 1195 -35.00 -65.63 -5.56
CA ALA A 1195 -34.07 -64.69 -6.20
C ALA A 1195 -33.36 -63.90 -5.12
N VAL A 1196 -32.09 -63.56 -5.36
CA VAL A 1196 -31.31 -62.79 -4.41
C VAL A 1196 -30.84 -61.51 -5.09
N GLN A 1197 -31.10 -60.38 -4.45
CA GLN A 1197 -30.72 -59.06 -4.96
C GLN A 1197 -29.75 -58.41 -3.99
N TYR A 1198 -28.84 -57.59 -4.53
CA TYR A 1198 -27.79 -56.99 -3.72
C TYR A 1198 -27.61 -55.49 -3.93
N ILE A 1199 -28.17 -54.89 -4.96
CA ILE A 1199 -28.09 -53.45 -5.19
C ILE A 1199 -29.48 -52.92 -5.48
N ILE A 1200 -29.87 -51.86 -4.76
CA ILE A 1200 -31.12 -51.17 -5.07
C ILE A 1200 -30.86 -49.67 -5.10
N SER A 1201 -31.74 -48.95 -5.79
CA SER A 1201 -31.63 -47.50 -5.94
C SER A 1201 -32.57 -46.81 -4.98
N THR A 1202 -32.20 -45.60 -4.57
CA THR A 1202 -32.93 -44.91 -3.52
C THR A 1202 -34.25 -44.32 -4.00
N GLU A 1203 -34.36 -43.97 -5.28
CA GLU A 1203 -35.53 -43.29 -5.79
C GLU A 1203 -35.94 -43.87 -7.13
N TYR A 1204 -37.00 -43.32 -7.69
CA TYR A 1204 -37.53 -43.80 -8.96
C TYR A 1204 -36.59 -43.45 -10.10
N ASN A 1205 -36.09 -44.47 -10.79
CA ASN A 1205 -35.15 -44.31 -11.90
C ASN A 1205 -35.53 -45.18 -13.09
N ASP A 1206 -36.82 -45.35 -13.34
CA ASP A 1206 -37.30 -46.24 -14.40
C ASP A 1206 -38.07 -45.47 -15.46
N ARG A 1207 -37.71 -44.21 -15.71
CA ARG A 1207 -38.49 -43.38 -16.60
C ARG A 1207 -38.28 -43.72 -18.07
N SER A 1208 -37.25 -44.49 -18.41
CA SER A 1208 -36.97 -44.83 -19.79
C SER A 1208 -37.71 -46.07 -20.26
N LEU A 1209 -38.79 -46.47 -19.59
CA LEU A 1209 -39.52 -47.67 -19.96
C LEU A 1209 -40.73 -47.29 -20.81
N PHE A 1210 -40.93 -48.00 -21.90
CA PHE A 1210 -42.11 -47.88 -22.73
C PHE A 1210 -43.05 -49.01 -22.30
N CYS A 1211 -44.09 -49.28 -23.06
CA CYS A 1211 -45.04 -50.30 -22.62
C CYS A 1211 -44.42 -51.68 -22.60
N THR A 1212 -44.97 -52.55 -21.73
CA THR A 1212 -44.59 -53.96 -21.64
C THR A 1212 -45.72 -54.83 -22.16
N ASN A 1213 -45.37 -55.94 -22.81
CA ASN A 1213 -46.34 -56.82 -23.45
C ASN A 1213 -47.26 -56.05 -24.39
N SER A 1214 -46.65 -55.46 -25.43
CA SER A 1214 -47.38 -54.57 -26.32
C SER A 1214 -48.36 -55.29 -27.23
N SER A 1215 -48.29 -56.61 -27.30
CA SER A 1215 -49.14 -57.35 -28.22
C SER A 1215 -50.23 -58.17 -27.52
N SER A 1216 -50.05 -58.48 -26.25
CA SER A 1216 -51.02 -59.23 -25.46
C SER A 1216 -52.07 -58.29 -24.88
N PRO A 1217 -53.24 -58.81 -24.51
CA PRO A 1217 -54.25 -57.94 -23.90
C PRO A 1217 -53.79 -57.29 -22.60
N GLN A 1218 -52.94 -57.95 -21.81
CA GLN A 1218 -52.61 -57.47 -20.49
C GLN A 1218 -51.29 -58.08 -20.04
N THR A 1219 -50.78 -57.57 -18.91
CA THR A 1219 -49.63 -58.15 -18.23
C THR A 1219 -50.08 -58.73 -16.90
N ILE A 1220 -49.79 -60.00 -16.67
CA ILE A 1220 -50.23 -60.65 -15.44
C ILE A 1220 -49.22 -60.54 -14.31
N ALA A 1221 -47.94 -60.72 -14.59
CA ALA A 1221 -46.92 -60.71 -13.55
C ALA A 1221 -45.78 -59.78 -13.94
N GLY A 1222 -45.07 -59.30 -12.93
CA GLY A 1222 -43.93 -58.42 -13.15
C GLY A 1222 -44.34 -56.98 -13.30
N PRO A 1223 -43.38 -56.10 -13.58
CA PRO A 1223 -43.70 -54.69 -13.75
C PRO A 1223 -44.63 -54.47 -14.94
N ASP A 1224 -45.63 -53.62 -14.74
CA ASP A 1224 -46.69 -53.39 -15.71
C ASP A 1224 -46.68 -51.92 -16.11
N LYS A 1225 -46.63 -51.66 -17.41
CA LYS A 1225 -46.71 -50.28 -17.88
C LYS A 1225 -47.46 -50.24 -19.21
N HIS A 1226 -48.28 -49.20 -19.37
CA HIS A 1226 -49.04 -48.95 -20.58
C HIS A 1226 -48.43 -47.78 -21.33
N ILE A 1227 -48.86 -47.58 -22.56
CA ILE A 1227 -48.23 -46.58 -23.42
C ILE A 1227 -48.44 -45.20 -22.82
N PRO A 1228 -47.38 -44.38 -22.67
CA PRO A 1228 -47.52 -43.11 -21.93
C PRO A 1228 -48.42 -42.11 -22.61
N VAL A 1229 -49.54 -41.79 -21.95
CA VAL A 1229 -50.53 -40.88 -22.53
C VAL A 1229 -50.00 -39.46 -22.65
N GLU A 1230 -49.19 -39.03 -21.68
CA GLU A 1230 -48.74 -37.64 -21.66
C GLU A 1230 -47.86 -37.30 -22.86
N ARG A 1231 -47.11 -38.28 -23.37
CA ARG A 1231 -46.27 -38.02 -24.54
C ARG A 1231 -47.11 -37.76 -25.78
N TYR A 1232 -48.27 -38.42 -25.88
CA TYR A 1232 -49.16 -38.23 -27.01
C TYR A 1232 -50.35 -37.35 -26.66
N ASN A 1233 -50.17 -36.33 -25.83
CA ASN A 1233 -51.29 -35.51 -25.36
C ASN A 1233 -52.02 -34.82 -26.48
N ILE A 1234 -51.33 -34.55 -27.59
CA ILE A 1234 -51.98 -33.84 -28.69
C ILE A 1234 -53.03 -34.74 -29.34
N LEU A 1235 -52.91 -36.05 -29.15
CA LEU A 1235 -53.85 -36.98 -29.79
C LEU A 1235 -54.89 -37.49 -28.80
N THR A 1236 -54.49 -37.68 -27.54
CA THR A 1236 -55.39 -38.27 -26.55
C THR A 1236 -56.36 -37.26 -25.96
N ASN A 1237 -55.96 -35.99 -25.82
CA ASN A 1237 -56.84 -34.99 -25.25
C ASN A 1237 -57.50 -34.20 -26.37
N PRO A 1238 -58.79 -34.35 -26.61
CA PRO A 1238 -59.40 -33.71 -27.79
C PRO A 1238 -59.59 -32.21 -27.68
N ASP A 1239 -59.53 -31.65 -26.49
CA ASP A 1239 -59.78 -30.23 -26.30
C ASP A 1239 -58.50 -29.40 -26.20
N ALA A 1240 -57.36 -29.97 -26.55
CA ALA A 1240 -56.10 -29.26 -26.51
C ALA A 1240 -55.81 -28.61 -27.85
N PRO A 1241 -55.23 -27.41 -27.87
CA PRO A 1241 -54.84 -26.79 -29.14
C PRO A 1241 -53.73 -27.58 -29.81
N PRO A 1242 -53.68 -27.57 -31.14
CA PRO A 1242 -52.66 -28.40 -31.84
C PRO A 1242 -51.23 -27.96 -31.62
N THR A 1243 -50.97 -26.73 -31.19
CA THR A 1243 -49.61 -26.22 -31.07
C THR A 1243 -49.06 -26.28 -29.65
N GLN A 1244 -49.75 -26.96 -28.74
CA GLN A 1244 -49.31 -27.00 -27.35
C GLN A 1244 -48.01 -27.79 -27.22
N ILE A 1245 -47.17 -27.39 -26.26
CA ILE A 1245 -46.01 -28.15 -25.86
C ILE A 1245 -45.99 -28.27 -24.34
N GLN A 1246 -45.20 -29.22 -23.85
CA GLN A 1246 -45.14 -29.49 -22.43
C GLN A 1246 -43.72 -29.42 -21.87
N LEU A 1247 -42.80 -28.76 -22.56
CA LEU A 1247 -41.45 -28.62 -22.06
C LEU A 1247 -41.44 -27.71 -20.83
N PRO A 1248 -40.44 -27.87 -19.94
CA PRO A 1248 -39.32 -28.82 -19.96
C PRO A 1248 -39.63 -30.11 -19.23
N GLU A 1249 -40.86 -30.24 -18.75
CA GLU A 1249 -41.21 -31.39 -17.92
C GLU A 1249 -41.29 -32.68 -18.73
N VAL A 1250 -42.01 -32.67 -19.85
CA VAL A 1250 -42.28 -33.89 -20.62
C VAL A 1250 -42.03 -33.61 -22.10
N VAL A 1251 -41.32 -34.52 -22.76
CA VAL A 1251 -41.05 -34.38 -24.19
C VAL A 1251 -42.10 -35.17 -24.97
N ASP A 1252 -42.88 -34.47 -25.78
CA ASP A 1252 -43.90 -35.10 -26.60
C ASP A 1252 -43.27 -35.87 -27.75
N LEU A 1253 -43.98 -36.89 -28.24
CA LEU A 1253 -43.48 -37.70 -29.34
C LEU A 1253 -44.40 -37.68 -30.56
N TYR A 1254 -45.24 -36.65 -30.70
CA TYR A 1254 -46.08 -36.46 -31.87
C TYR A 1254 -46.47 -34.99 -31.91
N ASN A 1255 -46.04 -34.28 -32.97
CA ASN A 1255 -46.07 -32.83 -32.93
C ASN A 1255 -46.58 -32.25 -34.24
N VAL A 1256 -46.62 -30.92 -34.28
CA VAL A 1256 -46.91 -30.13 -35.47
C VAL A 1256 -45.62 -29.46 -35.91
N VAL A 1257 -45.26 -29.65 -37.18
CA VAL A 1257 -43.98 -29.22 -37.73
C VAL A 1257 -44.23 -28.32 -38.92
N THR A 1258 -43.41 -27.28 -39.05
CA THR A 1258 -43.43 -26.39 -40.19
C THR A 1258 -42.29 -26.71 -41.15
N ARG A 1259 -42.62 -26.89 -42.43
CA ARG A 1259 -41.64 -27.21 -43.44
C ARG A 1259 -41.65 -26.13 -44.52
N TYR A 1260 -40.46 -25.70 -44.94
CA TYR A 1260 -40.31 -24.55 -45.82
C TYR A 1260 -39.77 -24.96 -47.17
N ALA A 1261 -39.85 -24.04 -48.12
CA ALA A 1261 -39.32 -24.24 -49.46
C ALA A 1261 -38.64 -22.99 -50.01
N TYR A 1262 -37.92 -22.25 -49.16
CA TYR A 1262 -37.36 -20.97 -49.57
C TYR A 1262 -36.19 -21.17 -50.52
N GLU A 1263 -35.97 -20.19 -51.39
CA GLU A 1263 -34.84 -20.18 -52.31
C GLU A 1263 -33.64 -19.50 -51.67
N THR A 1264 -32.45 -19.95 -52.04
CA THR A 1264 -31.19 -19.36 -51.54
C THR A 1264 -30.25 -19.11 -52.71
N PRO A 1265 -30.53 -18.10 -53.53
CA PRO A 1265 -29.70 -17.84 -54.70
C PRO A 1265 -28.54 -16.93 -54.35
N PRO A 1266 -27.52 -16.84 -55.21
CA PRO A 1266 -26.46 -15.86 -54.99
C PRO A 1266 -26.92 -14.45 -55.33
N ILE A 1267 -26.20 -13.48 -54.77
CA ILE A 1267 -26.59 -12.07 -54.93
C ILE A 1267 -26.49 -11.65 -56.38
N THR A 1268 -25.50 -12.17 -57.12
CA THR A 1268 -25.34 -11.80 -58.51
C THR A 1268 -26.52 -12.21 -59.37
N ALA A 1269 -27.30 -13.19 -58.92
CA ALA A 1269 -28.39 -13.71 -59.73
C ALA A 1269 -29.56 -12.75 -59.80
N VAL A 1270 -29.81 -12.01 -58.72
CA VAL A 1270 -31.00 -11.16 -58.67
C VAL A 1270 -30.66 -9.70 -58.87
N VAL A 1271 -29.43 -9.31 -58.56
CA VAL A 1271 -28.95 -7.93 -58.74
C VAL A 1271 -28.02 -7.90 -59.93
N MET A 1272 -28.36 -7.10 -60.94
CA MET A 1272 -27.66 -7.09 -62.21
C MET A 1272 -27.19 -5.68 -62.51
N GLY A 1273 -25.91 -5.54 -62.80
CA GLY A 1273 -25.35 -4.24 -63.13
C GLY A 1273 -25.44 -3.91 -64.60
N VAL A 1274 -25.37 -2.63 -64.94
CA VAL A 1274 -25.42 -2.21 -66.33
C VAL A 1274 -24.01 -2.18 -66.90
N PRO A 1275 -23.68 -3.05 -67.87
CA PRO A 1275 -22.36 -3.18 -68.45
C PRO A 1275 -21.92 -1.94 -69.20
N TYR B 181 -3.24 -67.70 4.37
CA TYR B 181 -3.50 -67.17 3.04
C TYR B 181 -3.57 -65.65 3.15
N GLN B 182 -4.22 -65.16 4.20
CA GLN B 182 -4.29 -63.73 4.47
C GLN B 182 -4.29 -63.53 5.97
N CYS B 183 -3.85 -62.36 6.41
CA CYS B 183 -3.87 -61.98 7.82
C CYS B 183 -4.99 -60.98 8.04
N HIS B 184 -5.85 -61.25 9.02
CA HIS B 184 -6.92 -60.31 9.32
C HIS B 184 -6.45 -59.12 10.13
N VAL B 185 -5.27 -59.20 10.75
CA VAL B 185 -4.77 -58.08 11.55
C VAL B 185 -4.31 -56.93 10.66
N CYS B 186 -3.64 -57.25 9.55
CA CYS B 186 -2.99 -56.22 8.75
C CYS B 186 -3.44 -56.19 7.29
N SER B 187 -4.26 -57.14 6.85
CA SER B 187 -4.70 -57.27 5.45
C SER B 187 -3.58 -57.64 4.50
N ALA B 188 -2.68 -58.54 4.89
CA ALA B 188 -1.68 -59.04 3.96
C ALA B 188 -2.21 -60.27 3.22
N VAL B 189 -1.53 -60.62 2.12
CA VAL B 189 -1.80 -61.85 1.38
C VAL B 189 -0.55 -62.71 1.43
N LEU B 190 -0.71 -63.96 1.85
CA LEU B 190 0.42 -64.85 2.08
C LEU B 190 0.22 -66.15 1.30
N PHE B 191 1.25 -66.99 1.32
CA PHE B 191 1.23 -68.25 0.59
C PHE B 191 1.65 -69.45 1.42
N SER B 192 1.76 -69.32 2.74
CA SER B 192 2.21 -70.44 3.56
C SER B 192 1.70 -70.29 4.99
N PRO B 193 1.34 -71.39 5.66
CA PRO B 193 0.89 -71.27 7.06
C PRO B 193 2.03 -71.03 8.04
N LEU B 194 3.24 -71.53 7.74
CA LEU B 194 4.39 -71.22 8.58
C LEU B 194 4.83 -69.78 8.38
N ASP B 195 4.80 -69.29 7.14
CA ASP B 195 5.00 -67.87 6.92
C ASP B 195 3.88 -67.05 7.56
N LEU B 196 2.67 -67.63 7.64
CA LEU B 196 1.60 -67.01 8.41
C LEU B 196 1.97 -66.90 9.88
N ASP B 197 2.60 -67.93 10.43
CA ASP B 197 3.06 -67.86 11.81
C ASP B 197 4.11 -66.77 11.99
N ALA B 198 5.03 -66.65 11.04
CA ALA B 198 6.01 -65.57 11.11
C ALA B 198 5.34 -64.20 11.08
N HIS B 199 4.38 -64.03 10.17
CA HIS B 199 3.68 -62.76 10.05
C HIS B 199 2.92 -62.41 11.33
N VAL B 200 2.20 -63.38 11.91
CA VAL B 200 1.43 -63.07 13.11
C VAL B 200 2.36 -62.81 14.29
N ALA B 201 3.51 -63.49 14.36
CA ALA B 201 4.47 -63.19 15.41
C ALA B 201 5.03 -61.79 15.24
N SER B 202 5.06 -61.28 14.01
CA SER B 202 5.48 -59.89 13.81
C SER B 202 4.50 -58.91 14.47
N HIS B 203 3.22 -59.26 14.58
CA HIS B 203 2.25 -58.42 15.27
C HIS B 203 2.25 -58.61 16.77
N GLY B 204 2.96 -59.60 17.28
CA GLY B 204 2.90 -59.91 18.68
C GLY B 204 2.02 -61.07 19.04
N LEU B 205 1.44 -61.76 18.06
CA LEU B 205 0.65 -62.95 18.31
C LEU B 205 1.56 -64.16 18.24
N HIS B 206 1.64 -64.92 19.33
CA HIS B 206 2.48 -66.11 19.34
C HIS B 206 1.97 -67.14 18.34
N GLY B 207 2.92 -67.79 17.65
CA GLY B 207 2.59 -68.77 16.64
C GLY B 207 1.75 -69.94 17.14
N ARG B 218 16.45 -60.93 7.17
CA ARG B 218 15.59 -60.57 8.28
C ARG B 218 15.06 -59.16 8.09
N HIS B 219 13.73 -59.02 8.00
CA HIS B 219 13.13 -57.71 7.82
C HIS B 219 13.35 -56.83 9.04
N ILE B 220 13.42 -55.52 8.81
CA ILE B 220 13.45 -54.57 9.89
C ILE B 220 12.31 -53.56 9.84
N THR B 221 11.77 -53.26 8.65
CA THR B 221 10.57 -52.44 8.53
C THR B 221 9.71 -53.01 7.43
N GLU B 222 8.38 -52.88 7.58
CA GLU B 222 7.44 -53.27 6.54
C GLU B 222 6.21 -52.37 6.56
N PHE B 223 5.81 -51.95 5.37
CA PHE B 223 4.68 -51.06 5.16
C PHE B 223 3.71 -51.68 4.16
N ILE B 224 2.42 -51.45 4.38
CA ILE B 224 1.39 -51.86 3.42
C ILE B 224 0.44 -50.68 3.21
N SER B 225 -0.22 -50.67 2.05
CA SER B 225 -1.19 -49.63 1.71
C SER B 225 -2.56 -50.25 1.52
N SER B 226 -3.58 -49.42 1.73
CA SER B 226 -4.95 -49.92 1.71
C SER B 226 -5.59 -49.84 0.33
N TRP B 227 -5.07 -49.04 -0.60
CA TRP B 227 -5.73 -48.87 -1.88
C TRP B 227 -5.09 -49.64 -3.03
N GLN B 228 -4.02 -50.41 -2.78
CA GLN B 228 -3.59 -51.35 -3.81
C GLN B 228 -2.81 -52.48 -3.16
N ASN B 229 -2.36 -53.42 -4.00
CA ASN B 229 -1.55 -54.54 -3.58
C ASN B 229 -0.08 -54.22 -3.88
N HIS B 230 0.64 -53.73 -2.88
CA HIS B 230 2.05 -53.34 -3.06
C HIS B 230 2.71 -53.18 -1.70
N PRO B 231 3.06 -54.28 -1.04
CA PRO B 231 3.79 -54.18 0.22
C PRO B 231 5.26 -53.85 -0.02
N ILE B 232 5.89 -53.21 0.97
CA ILE B 232 7.30 -52.82 0.86
C ILE B 232 8.00 -53.20 2.16
N VAL B 233 9.18 -53.80 2.04
CA VAL B 233 9.98 -54.19 3.20
C VAL B 233 11.39 -53.65 3.03
N GLN B 234 12.10 -53.54 4.15
CA GLN B 234 13.49 -53.08 4.16
C GLN B 234 14.41 -54.12 4.79
N VAL B 235 15.52 -54.38 4.15
CA VAL B 235 16.55 -55.28 4.64
C VAL B 235 17.90 -54.58 4.57
N SER B 236 18.75 -54.83 5.56
CA SER B 236 20.03 -54.17 5.71
C SER B 236 20.91 -54.41 4.50
N ALA B 237 21.66 -53.38 4.10
CA ALA B 237 22.50 -53.43 2.91
C ALA B 237 23.75 -54.27 3.15
N ASP B 238 23.82 -54.92 4.31
CA ASP B 238 24.96 -55.76 4.64
C ASP B 238 25.04 -56.97 3.72
N VAL B 239 23.90 -57.59 3.44
CA VAL B 239 23.87 -58.87 2.75
C VAL B 239 23.79 -58.64 1.24
N GLU B 240 24.30 -59.60 0.47
CA GLU B 240 24.17 -59.56 -0.97
C GLU B 240 22.79 -59.99 -1.46
N ASN B 241 21.96 -60.53 -0.58
CA ASN B 241 20.61 -60.92 -0.96
C ASN B 241 19.67 -59.73 -0.84
N LYS B 242 19.07 -59.35 -1.97
CA LYS B 242 18.16 -58.22 -2.05
C LYS B 242 16.94 -58.65 -2.87
N LYS B 243 16.39 -59.83 -2.55
CA LYS B 243 15.31 -60.40 -3.35
C LYS B 243 14.07 -59.52 -3.17
N THR B 244 13.99 -58.52 -4.05
CA THR B 244 12.87 -57.58 -4.21
C THR B 244 12.69 -56.65 -3.01
N ALA B 245 13.65 -56.67 -2.08
CA ALA B 245 13.54 -55.84 -0.86
C ALA B 245 14.25 -54.49 -1.08
N GLN B 246 14.19 -53.60 -0.09
CA GLN B 246 14.87 -52.28 -0.20
C GLN B 246 16.07 -52.26 0.76
N LEU B 247 17.26 -51.91 0.27
CA LEU B 247 18.49 -51.94 1.12
C LEU B 247 18.53 -50.73 2.06
N LEU B 248 19.11 -50.89 3.26
CA LEU B 248 19.21 -49.78 4.24
C LEU B 248 20.68 -49.37 4.38
N HIS B 249 21.05 -48.19 3.88
CA HIS B 249 22.46 -47.71 3.93
C HIS B 249 22.88 -47.30 5.34
N ALA B 250 22.00 -46.61 6.09
CA ALA B 250 22.37 -46.08 7.43
C ALA B 250 23.30 -47.04 8.17
N ASP B 251 24.49 -46.57 8.57
CA ASP B 251 25.34 -47.47 9.41
C ASP B 251 24.98 -47.22 10.87
N THR B 252 24.21 -48.13 11.48
CA THR B 252 23.74 -47.92 12.88
C THR B 252 24.45 -48.89 13.81
N PRO B 253 24.91 -48.47 15.03
CA PRO B 253 25.69 -49.35 15.91
C PRO B 253 24.89 -50.54 16.48
N ARG B 254 25.54 -51.70 16.59
CA ARG B 254 24.88 -52.88 17.21
C ARG B 254 24.60 -52.57 18.67
N LEU B 255 23.39 -52.89 19.16
CA LEU B 255 23.02 -52.56 20.57
C LEU B 255 22.60 -53.83 21.30
N VAL B 256 21.37 -54.31 21.06
CA VAL B 256 20.88 -55.49 21.76
C VAL B 256 21.72 -56.70 21.35
N THR B 257 22.38 -57.32 22.33
CA THR B 257 23.14 -58.54 22.13
C THR B 257 22.94 -59.43 23.34
N TRP B 258 23.11 -60.74 23.15
CA TRP B 258 22.74 -61.74 24.16
C TRP B 258 23.93 -62.61 24.51
N ASP B 259 24.01 -63.00 25.78
CA ASP B 259 25.04 -63.90 26.27
C ASP B 259 24.40 -65.02 27.08
N ALA B 260 24.81 -66.26 26.81
CA ALA B 260 24.23 -67.42 27.47
C ALA B 260 25.20 -68.14 28.40
N GLY B 261 26.37 -67.58 28.67
CA GLY B 261 27.33 -68.22 29.55
C GLY B 261 27.25 -67.72 30.98
N LEU B 262 28.39 -67.62 31.64
CA LEU B 262 28.47 -67.09 32.99
C LEU B 262 28.84 -65.61 32.95
N CYS B 263 28.26 -64.83 33.85
CA CYS B 263 28.51 -63.39 33.89
C CYS B 263 29.71 -63.10 34.78
N THR B 264 30.83 -63.71 34.43
CA THR B 264 32.05 -63.61 35.22
C THR B 264 33.21 -63.29 34.30
N SER B 265 34.17 -62.53 34.82
CA SER B 265 35.32 -62.08 34.05
C SER B 265 36.65 -62.46 34.66
N PHE B 266 36.66 -63.00 35.87
CA PHE B 266 37.86 -63.45 36.55
C PHE B 266 37.85 -64.96 36.62
N LYS B 267 38.99 -65.58 36.28
CA LYS B 267 39.09 -67.03 36.27
C LYS B 267 40.28 -67.49 37.09
N ILE B 268 40.18 -68.72 37.59
CA ILE B 268 41.18 -69.27 38.50
C ILE B 268 42.07 -70.24 37.75
N VAL B 269 43.37 -69.99 37.78
CA VAL B 269 44.32 -70.83 37.07
C VAL B 269 45.30 -71.42 38.07
N PRO B 270 45.55 -72.76 38.01
CA PRO B 270 46.59 -73.39 38.83
C PRO B 270 48.00 -72.95 38.40
N ILE B 271 48.93 -72.79 39.36
CA ILE B 271 50.29 -72.28 39.02
C ILE B 271 51.34 -73.39 39.23
N VAL B 272 51.31 -74.09 40.37
CA VAL B 272 52.26 -75.23 40.58
C VAL B 272 51.43 -76.50 40.79
N PRO B 273 51.55 -77.51 39.91
CA PRO B 273 50.74 -78.72 39.99
C PRO B 273 51.11 -79.65 41.15
N ALA B 274 50.26 -80.65 41.45
CA ALA B 274 50.49 -81.53 42.57
C ALA B 274 49.40 -82.60 42.61
N GLN B 275 49.70 -83.70 43.30
CA GLN B 275 48.74 -84.77 43.52
C GLN B 275 48.99 -85.40 44.87
N VAL B 276 47.91 -85.77 45.55
CA VAL B 276 48.01 -86.25 46.94
C VAL B 276 47.06 -87.41 47.13
N PRO B 277 47.51 -88.44 47.86
CA PRO B 277 46.62 -89.57 48.17
C PRO B 277 45.44 -89.13 49.04
N GLN B 278 44.37 -89.92 48.95
CA GLN B 278 43.13 -89.61 49.63
C GLN B 278 42.46 -90.88 50.12
N ASP B 279 41.55 -90.73 51.08
CA ASP B 279 40.78 -91.86 51.59
C ASP B 279 39.69 -92.30 50.62
N VAL B 280 39.03 -91.35 49.96
CA VAL B 280 37.85 -91.61 49.14
C VAL B 280 38.19 -91.32 47.68
N LEU B 281 37.74 -92.20 46.78
CA LEU B 281 37.96 -92.02 45.35
C LEU B 281 36.69 -91.71 44.58
N ALA B 282 35.61 -92.43 44.83
CA ALA B 282 34.34 -92.20 44.15
C ALA B 282 33.21 -92.67 45.05
N TYR B 283 31.99 -92.25 44.73
CA TYR B 283 30.86 -92.65 45.55
C TYR B 283 29.88 -93.49 44.74
N THR B 284 29.33 -94.52 45.38
CA THR B 284 28.56 -95.56 44.69
C THR B 284 27.11 -95.51 45.15
N PHE B 285 26.18 -95.79 44.23
CA PHE B 285 24.77 -95.77 44.58
C PHE B 285 24.21 -97.17 44.79
N PHE B 286 24.15 -97.99 43.74
CA PHE B 286 23.85 -99.39 43.89
C PHE B 286 25.06 -100.16 43.40
N THR B 287 25.42 -100.06 42.13
CA THR B 287 26.59 -100.71 41.56
C THR B 287 27.44 -99.75 40.74
N SER B 288 26.84 -98.71 40.19
CA SER B 288 27.58 -97.70 39.46
C SER B 288 28.35 -96.80 40.41
N SER B 289 29.44 -96.24 39.92
CA SER B 289 30.29 -95.35 40.69
C SER B 289 30.37 -94.00 39.99
N TYR B 290 30.25 -92.94 40.77
CA TYR B 290 30.36 -91.58 40.26
C TYR B 290 31.60 -90.93 40.84
N ALA B 291 32.37 -90.31 39.96
CA ALA B 291 33.68 -89.77 40.27
C ALA B 291 33.54 -88.37 40.87
N ILE B 292 34.33 -88.09 41.91
CA ILE B 292 34.27 -86.81 42.57
C ILE B 292 34.93 -85.75 41.69
N GLN B 293 34.35 -84.56 41.66
CA GLN B 293 34.88 -83.46 40.88
C GLN B 293 34.75 -82.16 41.66
N SER B 294 35.82 -81.36 41.65
CA SER B 294 36.02 -80.24 42.56
C SER B 294 35.67 -78.92 41.91
N PRO B 295 35.12 -77.96 42.67
CA PRO B 295 34.88 -76.62 42.12
C PRO B 295 36.15 -75.87 41.80
N PHE B 296 37.25 -76.21 42.46
CA PHE B 296 38.51 -75.51 42.32
C PHE B 296 39.58 -76.53 41.98
N PRO B 297 40.64 -76.12 41.30
CA PRO B 297 41.69 -77.08 40.94
C PRO B 297 42.43 -77.59 42.16
N GLU B 298 42.90 -78.83 42.07
CA GLU B 298 43.75 -79.42 43.11
C GLU B 298 45.20 -79.17 42.75
N ALA B 299 45.82 -78.19 43.40
CA ALA B 299 47.14 -77.71 43.03
C ALA B 299 47.85 -77.20 44.27
N ALA B 300 49.15 -77.01 44.15
CA ALA B 300 49.91 -76.46 45.26
C ALA B 300 49.63 -74.98 45.46
N VAL B 301 49.67 -74.18 44.40
CA VAL B 301 49.32 -72.78 44.45
C VAL B 301 48.53 -72.42 43.20
N SER B 302 47.45 -71.66 43.38
CA SER B 302 46.59 -71.23 42.29
C SER B 302 46.28 -69.76 42.46
N ARG B 303 46.01 -69.08 41.35
CA ARG B 303 45.86 -67.63 41.38
C ARG B 303 44.67 -67.21 40.52
N ILE B 304 44.33 -65.92 40.62
CA ILE B 304 43.21 -65.32 39.90
C ILE B 304 43.74 -64.47 38.78
N VAL B 305 43.17 -64.60 37.59
CA VAL B 305 43.57 -63.83 36.43
C VAL B 305 42.34 -63.25 35.75
N VAL B 306 42.56 -62.23 34.93
CA VAL B 306 41.51 -61.53 34.23
C VAL B 306 41.42 -62.08 32.81
N HIS B 307 40.24 -62.57 32.44
CA HIS B 307 40.03 -63.14 31.11
C HIS B 307 38.55 -62.90 30.78
N THR B 308 38.26 -61.77 30.14
CA THR B 308 36.87 -61.38 29.95
C THR B 308 36.15 -62.36 29.04
N ARG B 309 34.94 -62.75 29.46
CA ARG B 309 34.08 -63.64 28.68
C ARG B 309 34.76 -64.95 28.36
N TRP B 310 35.50 -65.50 29.33
CA TRP B 310 36.13 -66.81 29.12
C TRP B 310 35.08 -67.91 29.08
N ALA B 311 34.02 -67.79 29.87
CA ALA B 311 32.97 -68.79 29.95
C ALA B 311 31.65 -68.28 29.38
N SER B 312 31.70 -67.53 28.29
CA SER B 312 30.50 -66.98 27.70
C SER B 312 30.10 -67.77 26.46
N ASN B 313 28.97 -67.37 25.88
CA ASN B 313 28.45 -67.97 24.65
C ASN B 313 27.55 -66.93 24.02
N VAL B 314 28.09 -66.17 23.06
CA VAL B 314 27.41 -64.98 22.56
C VAL B 314 26.94 -65.24 21.15
N ASP B 315 26.02 -64.39 20.68
CA ASP B 315 25.60 -64.44 19.29
C ASP B 315 26.41 -63.46 18.45
N PHE B 316 26.62 -62.26 18.96
CA PHE B 316 27.45 -61.25 18.32
C PHE B 316 28.66 -60.96 19.19
N ASP B 317 29.83 -60.88 18.57
CA ASP B 317 31.08 -60.73 19.29
C ASP B 317 31.59 -59.31 19.10
N ARG B 318 31.74 -58.58 20.21
CA ARG B 318 32.24 -57.21 20.18
C ARG B 318 33.75 -57.15 20.05
N ASP B 319 34.44 -58.27 20.27
CA ASP B 319 35.86 -58.43 19.91
C ASP B 319 36.74 -57.38 20.56
N SER B 320 36.66 -57.28 21.88
CA SER B 320 37.49 -56.34 22.65
C SER B 320 38.05 -56.99 23.90
N SER B 321 38.46 -58.26 23.81
CA SER B 321 38.84 -59.00 25.00
C SER B 321 40.14 -58.47 25.59
N VAL B 322 40.22 -58.51 26.91
CA VAL B 322 41.44 -58.28 27.65
C VAL B 322 41.83 -59.61 28.29
N ILE B 323 42.98 -60.15 27.88
CA ILE B 323 43.35 -61.51 28.20
C ILE B 323 44.64 -61.48 29.00
N MET B 324 44.63 -62.12 30.17
CA MET B 324 45.79 -62.19 31.05
C MET B 324 46.27 -63.63 31.16
N ALA B 325 47.55 -63.84 30.90
CA ALA B 325 48.18 -65.12 31.20
C ALA B 325 48.58 -65.18 32.67
N PRO B 326 48.76 -66.38 33.21
CA PRO B 326 49.17 -66.50 34.61
C PRO B 326 50.50 -65.81 34.84
N PRO B 327 50.70 -65.23 36.02
CA PRO B 327 51.86 -64.34 36.24
C PRO B 327 53.20 -65.03 36.14
N THR B 328 53.25 -66.35 36.10
CA THR B 328 54.51 -67.04 35.83
C THR B 328 55.00 -66.76 34.42
N GLU B 329 54.14 -66.23 33.54
CA GLU B 329 54.52 -65.81 32.20
C GLU B 329 54.64 -64.28 32.14
N ASN B 330 54.84 -63.78 30.92
CA ASN B 330 55.13 -62.36 30.69
C ASN B 330 53.90 -61.69 30.09
N ASN B 331 53.49 -60.55 30.66
CA ASN B 331 52.34 -59.81 30.18
C ASN B 331 52.66 -58.36 29.82
N ILE B 332 53.89 -58.06 29.39
CA ILE B 332 54.29 -56.67 29.19
C ILE B 332 53.58 -56.06 28.00
N HIS B 333 53.20 -56.87 27.00
CA HIS B 333 52.56 -56.33 25.81
C HIS B 333 51.19 -55.76 26.12
N LEU B 334 50.64 -56.11 27.29
CA LEU B 334 49.40 -55.47 27.74
C LEU B 334 49.59 -53.98 27.96
N PHE B 335 50.71 -53.60 28.58
CA PHE B 335 50.90 -52.21 28.98
C PHE B 335 51.76 -51.45 27.99
N LYS B 336 52.35 -52.13 27.02
CA LYS B 336 53.17 -51.41 26.04
C LYS B 336 52.40 -51.11 24.75
N GLN B 337 51.08 -51.24 24.76
CA GLN B 337 50.32 -51.24 23.51
C GLN B 337 50.14 -49.85 22.91
N LEU B 338 49.95 -48.83 23.74
CA LEU B 338 49.27 -47.63 23.27
C LEU B 338 50.22 -46.63 22.59
N LEU B 339 51.20 -46.10 23.32
CA LEU B 339 52.06 -45.03 22.82
C LEU B 339 53.54 -45.39 22.81
N ASN B 340 53.90 -46.65 22.62
CA ASN B 340 55.27 -47.11 22.71
C ASN B 340 55.89 -47.40 21.36
N THR B 341 55.58 -46.58 20.35
CA THR B 341 55.99 -46.89 18.98
C THR B 341 57.51 -46.85 18.81
N GLU B 342 58.21 -46.03 19.59
CA GLU B 342 59.61 -45.73 19.34
C GLU B 342 60.51 -46.16 20.49
N THR B 343 60.22 -47.31 21.08
CA THR B 343 61.04 -47.78 22.20
C THR B 343 62.43 -48.18 21.72
N LEU B 344 63.42 -47.99 22.59
CA LEU B 344 64.77 -48.45 22.31
C LEU B 344 64.95 -49.94 22.58
N SER B 345 64.02 -50.58 23.29
CA SER B 345 64.07 -52.01 23.50
C SER B 345 62.69 -52.57 23.19
N VAL B 346 62.65 -53.65 22.41
CA VAL B 346 61.38 -54.27 22.06
C VAL B 346 60.66 -54.79 23.29
N ARG B 347 61.38 -55.39 24.22
CA ARG B 347 60.83 -55.82 25.49
C ARG B 347 60.76 -54.64 26.45
N GLY B 348 59.67 -54.58 27.22
CA GLY B 348 59.52 -53.55 28.22
C GLY B 348 58.72 -52.36 27.74
N ALA B 349 58.21 -51.60 28.69
CA ALA B 349 57.27 -50.54 28.41
C ALA B 349 57.78 -49.23 28.99
N ASN B 350 57.27 -48.14 28.45
CA ASN B 350 57.66 -46.80 28.90
C ASN B 350 56.86 -46.45 30.13
N PRO B 351 57.50 -46.16 31.27
CA PRO B 351 56.73 -45.85 32.48
C PRO B 351 55.86 -44.62 32.38
N LEU B 352 56.19 -43.68 31.49
CA LEU B 352 55.42 -42.45 31.39
C LEU B 352 54.03 -42.69 30.81
N MET B 353 53.84 -43.78 30.08
CA MET B 353 52.56 -44.03 29.42
C MET B 353 51.67 -45.02 30.17
N PHE B 354 52.02 -45.37 31.41
CA PHE B 354 51.29 -46.41 32.11
C PHE B 354 49.85 -46.03 32.36
N ARG B 355 49.59 -44.79 32.75
CA ARG B 355 48.23 -44.40 33.06
C ARG B 355 47.35 -44.41 31.82
N ALA B 356 47.89 -43.94 30.68
CA ALA B 356 47.13 -43.99 29.45
C ALA B 356 46.82 -45.42 29.05
N ASN B 357 47.80 -46.32 29.16
CA ASN B 357 47.53 -47.72 28.82
C ASN B 357 46.50 -48.34 29.77
N VAL B 358 46.58 -48.04 31.06
CA VAL B 358 45.64 -48.58 32.02
C VAL B 358 44.22 -48.09 31.74
N LEU B 359 44.09 -46.80 31.41
CA LEU B 359 42.77 -46.27 31.10
C LEU B 359 42.18 -46.91 29.85
N HIS B 360 43.01 -47.11 28.82
CA HIS B 360 42.51 -47.80 27.64
C HIS B 360 42.08 -49.23 27.98
N MET B 361 42.84 -49.92 28.82
CA MET B 361 42.48 -51.27 29.21
C MET B 361 41.14 -51.30 29.94
N LEU B 362 40.92 -50.36 30.85
CA LEU B 362 39.63 -50.32 31.55
C LEU B 362 38.47 -50.04 30.60
N LEU B 363 38.67 -49.12 29.66
CA LEU B 363 37.62 -48.85 28.69
C LEU B 363 37.26 -50.11 27.91
N GLU B 364 38.28 -50.84 27.45
CA GLU B 364 38.02 -52.07 26.70
C GLU B 364 37.34 -53.13 27.56
N PHE B 365 37.70 -53.20 28.83
CA PHE B 365 37.00 -54.11 29.76
C PHE B 365 35.50 -53.81 29.78
N VAL B 366 35.14 -52.56 30.03
CA VAL B 366 33.73 -52.19 30.10
C VAL B 366 33.04 -52.48 28.77
N LEU B 367 33.69 -52.11 27.66
CA LEU B 367 33.07 -52.30 26.36
C LEU B 367 32.82 -53.77 26.06
N ASP B 368 33.77 -54.64 26.42
CA ASP B 368 33.56 -56.06 26.13
C ASP B 368 32.50 -56.67 27.01
N ASN B 369 32.20 -56.08 28.17
CA ASN B 369 31.13 -56.68 28.97
C ASN B 369 29.75 -56.06 28.70
N LEU B 370 29.54 -55.43 27.55
CA LEU B 370 28.20 -54.89 27.27
C LEU B 370 27.30 -55.89 26.57
N TYR B 371 26.48 -56.61 27.34
CA TYR B 371 25.62 -57.65 26.79
C TYR B 371 24.36 -57.75 27.65
N LEU B 372 23.39 -58.52 27.16
CA LEU B 372 22.22 -58.87 27.97
C LEU B 372 22.26 -60.35 28.32
N ASN B 373 21.82 -60.67 29.53
CA ASN B 373 21.84 -62.05 29.99
C ASN B 373 20.66 -62.80 29.39
N ARG B 374 20.92 -64.00 28.87
CA ARG B 374 19.90 -64.77 28.18
C ARG B 374 19.37 -65.88 29.07
N HIS B 375 18.06 -66.11 28.98
CA HIS B 375 17.41 -67.15 29.77
C HIS B 375 17.53 -68.49 29.05
N THR B 376 17.97 -69.51 29.76
CA THR B 376 18.06 -70.86 29.21
C THR B 376 17.34 -71.84 30.13
N GLY B 377 17.35 -73.11 29.75
CA GLY B 377 16.56 -74.11 30.44
C GLY B 377 17.16 -74.54 31.76
N PHE B 378 16.39 -75.37 32.46
CA PHE B 378 16.76 -75.86 33.79
C PHE B 378 16.63 -77.38 33.84
N SER B 379 17.25 -77.97 34.84
CA SER B 379 17.08 -79.38 35.16
C SER B 379 16.87 -79.55 36.66
N GLN B 380 16.01 -80.47 37.03
CA GLN B 380 15.71 -80.75 38.43
C GLN B 380 16.66 -81.82 38.93
N ASP B 381 17.47 -81.45 39.93
CA ASP B 381 18.54 -82.31 40.41
C ASP B 381 18.11 -83.01 41.69
N HIS B 382 18.56 -84.25 41.85
CA HIS B 382 18.26 -85.07 43.02
C HIS B 382 19.54 -85.71 43.53
N THR B 383 20.34 -84.94 44.26
CA THR B 383 21.62 -85.38 44.77
C THR B 383 21.57 -85.20 46.28
N PRO B 384 22.10 -86.16 47.04
CA PRO B 384 21.98 -86.06 48.51
C PRO B 384 22.50 -84.75 49.08
N PHE B 385 23.56 -84.22 48.49
CA PHE B 385 24.10 -82.95 48.95
C PHE B 385 23.21 -81.77 48.61
N THR B 386 22.60 -81.77 47.41
CA THR B 386 21.62 -80.74 47.07
C THR B 386 20.37 -81.42 46.51
N GLU B 387 19.50 -81.88 47.40
CA GLU B 387 18.17 -82.39 47.03
C GLU B 387 17.31 -81.17 46.76
N GLY B 388 17.80 -80.29 45.91
CA GLY B 388 17.32 -78.93 45.85
C GLY B 388 16.65 -78.56 44.54
N ALA B 389 16.60 -77.26 44.30
CA ALA B 389 15.83 -76.69 43.21
C ALA B 389 16.46 -77.00 41.87
N ASN B 390 15.85 -76.47 40.83
CA ASN B 390 16.32 -76.65 39.47
C ASN B 390 17.63 -75.90 39.27
N LEU B 391 18.55 -76.54 38.57
CA LEU B 391 19.83 -75.96 38.21
C LEU B 391 19.79 -75.55 36.75
N ARG B 392 20.61 -74.56 36.39
CA ARG B 392 20.62 -74.03 35.04
C ARG B 392 21.60 -74.80 34.17
N SER B 393 21.16 -75.13 32.96
CA SER B 393 21.96 -75.92 32.01
C SER B 393 22.45 -75.02 30.89
N LEU B 394 23.76 -75.04 30.66
CA LEU B 394 24.34 -74.26 29.58
C LEU B 394 24.10 -74.94 28.23
N PRO B 395 24.03 -74.16 27.16
CA PRO B 395 23.85 -74.76 25.83
C PRO B 395 25.10 -75.48 25.37
N GLY B 396 24.89 -76.43 24.44
CA GLY B 396 25.97 -77.21 23.90
C GLY B 396 26.24 -78.48 24.69
N PRO B 397 27.29 -79.20 24.33
CA PRO B 397 27.65 -80.43 25.04
C PRO B 397 28.40 -80.14 26.33
N ASP B 398 28.63 -81.21 27.10
CA ASP B 398 29.42 -81.17 28.33
C ASP B 398 28.86 -80.18 29.34
N ALA B 399 27.57 -80.31 29.64
CA ALA B 399 26.95 -79.42 30.62
C ALA B 399 27.26 -79.84 32.05
N GLU B 400 27.76 -81.06 32.24
CA GLU B 400 28.05 -81.51 33.59
C GLU B 400 29.32 -80.88 34.14
N LYS B 401 30.29 -80.60 33.27
CA LYS B 401 31.46 -79.84 33.69
C LYS B 401 31.05 -78.48 34.21
N TRP B 402 30.14 -77.82 33.50
CA TRP B 402 29.63 -76.55 33.98
C TRP B 402 28.79 -76.72 35.23
N TYR B 403 28.12 -77.87 35.40
CA TYR B 403 27.46 -78.11 36.68
C TYR B 403 28.45 -78.11 37.82
N SER B 404 29.62 -78.73 37.62
CA SER B 404 30.64 -78.72 38.67
C SER B 404 31.20 -77.32 38.90
N ILE B 405 31.41 -76.55 37.83
CA ILE B 405 32.01 -75.23 37.98
C ILE B 405 31.04 -74.25 38.62
N MET B 406 29.76 -74.30 38.25
CA MET B 406 28.81 -73.26 38.62
C MET B 406 28.39 -73.33 40.09
N TYR B 407 28.21 -74.53 40.64
CA TYR B 407 27.60 -74.71 41.96
C TYR B 407 28.59 -75.40 42.88
N PRO B 408 29.38 -74.62 43.63
CA PRO B 408 30.38 -75.24 44.52
C PRO B 408 29.79 -76.19 45.56
N THR B 409 28.59 -75.92 46.05
CA THR B 409 28.04 -76.71 47.14
C THR B 409 27.68 -78.13 46.69
N ARG B 410 27.53 -78.35 45.38
CA ARG B 410 27.08 -79.65 44.89
C ARG B 410 28.03 -80.77 45.27
N MET B 411 29.33 -80.49 45.31
CA MET B 411 30.28 -81.46 45.83
C MET B 411 30.11 -81.61 47.33
N GLY B 412 30.07 -82.85 47.80
CA GLY B 412 29.86 -83.08 49.22
C GLY B 412 31.07 -82.76 50.06
N THR B 413 31.21 -83.45 51.19
CA THR B 413 32.40 -83.35 52.05
C THR B 413 32.95 -84.74 52.30
N PRO B 414 33.50 -85.39 51.27
CA PRO B 414 33.98 -86.77 51.45
C PRO B 414 35.28 -86.86 52.24
N ASN B 415 36.22 -85.97 51.96
CA ASN B 415 37.58 -86.01 52.50
C ASN B 415 37.79 -84.87 53.48
N VAL B 416 39.04 -84.73 53.94
CA VAL B 416 39.47 -83.58 54.72
C VAL B 416 40.50 -82.81 53.90
N SER B 417 40.24 -81.53 53.68
CA SER B 417 41.11 -80.67 52.89
C SER B 417 40.60 -79.25 53.04
N LYS B 418 41.30 -78.30 52.41
CA LYS B 418 40.87 -76.91 52.45
C LYS B 418 39.52 -76.74 51.76
N ILE B 419 39.36 -77.39 50.61
CA ILE B 419 38.11 -77.28 49.85
C ILE B 419 36.95 -77.83 50.66
N CYS B 420 37.16 -78.96 51.34
CA CYS B 420 36.09 -79.53 52.16
C CYS B 420 35.70 -78.62 53.30
N ASN B 421 36.68 -77.95 53.93
CA ASN B 421 36.36 -76.96 54.96
C ASN B 421 35.54 -75.83 54.38
N PHE B 422 35.93 -75.33 53.21
CA PHE B 422 35.19 -74.23 52.59
C PHE B 422 33.75 -74.65 52.28
N VAL B 423 33.58 -75.86 51.76
CA VAL B 423 32.23 -76.34 51.46
C VAL B 423 31.40 -76.49 52.73
N ALA B 424 31.98 -77.05 53.79
CA ALA B 424 31.24 -77.21 55.02
C ALA B 424 30.90 -75.86 55.65
N SER B 425 31.62 -74.80 55.28
CA SER B 425 31.30 -73.48 55.80
C SER B 425 30.11 -72.83 55.08
N CYS B 426 29.65 -73.42 53.98
CA CYS B 426 28.59 -72.80 53.19
C CYS B 426 27.21 -73.24 53.64
N VAL B 427 26.21 -72.40 53.38
CA VAL B 427 24.81 -72.77 53.63
C VAL B 427 24.24 -73.49 52.42
N ARG B 428 23.25 -74.34 52.65
CA ARG B 428 22.80 -75.31 51.67
C ARG B 428 21.58 -74.87 50.87
N ASN B 429 20.95 -73.76 51.21
CA ASN B 429 19.63 -73.44 50.66
C ASN B 429 19.66 -72.37 49.57
N ARG B 430 20.84 -72.00 49.07
CA ARG B 430 20.96 -70.93 48.09
C ARG B 430 21.61 -71.38 46.78
N VAL B 431 21.35 -72.60 46.33
CA VAL B 431 21.94 -73.09 45.07
C VAL B 431 20.77 -73.29 44.10
N GLY B 432 20.78 -72.50 43.03
CA GLY B 432 19.82 -72.73 41.97
C GLY B 432 19.07 -71.47 41.61
N ARG B 433 17.82 -71.67 41.19
CA ARG B 433 16.87 -70.60 40.95
C ARG B 433 16.01 -70.40 42.19
N PHE B 434 15.66 -69.15 42.50
CA PHE B 434 14.77 -68.90 43.63
C PHE B 434 13.72 -67.84 43.32
N ASP B 435 13.62 -67.41 42.06
CA ASP B 435 12.66 -66.36 41.72
C ASP B 435 12.35 -66.41 40.24
N ARG B 436 11.06 -66.39 39.93
CA ARG B 436 10.62 -66.45 38.53
C ARG B 436 9.42 -65.54 38.35
N ALA B 437 9.15 -65.18 37.09
CA ALA B 437 8.08 -64.25 36.78
C ALA B 437 6.73 -64.93 36.81
N GLN B 438 5.70 -64.16 37.15
CA GLN B 438 4.33 -64.62 37.04
C GLN B 438 3.90 -64.76 35.59
N MET B 439 4.27 -63.79 34.75
CA MET B 439 3.97 -63.87 33.32
C MET B 439 4.84 -64.92 32.65
N MET B 440 4.25 -65.69 31.73
CA MET B 440 5.03 -66.70 31.05
C MET B 440 4.45 -66.95 29.66
N ASN B 441 5.35 -67.31 28.74
CA ASN B 441 4.99 -67.72 27.39
C ASN B 441 5.15 -69.23 27.27
N GLY B 442 4.11 -69.91 26.81
CA GLY B 442 4.11 -71.35 26.82
C GLY B 442 4.08 -71.86 28.24
N ALA B 443 5.21 -72.41 28.70
CA ALA B 443 5.35 -72.84 30.09
C ALA B 443 6.67 -72.37 30.71
N MET B 444 7.31 -71.37 30.13
CA MET B 444 8.55 -70.81 30.66
C MET B 444 8.36 -69.33 30.94
N SER B 445 8.99 -68.87 32.02
CA SER B 445 8.76 -67.51 32.52
C SER B 445 9.49 -66.48 31.66
N GLU B 446 9.17 -65.21 31.91
CA GLU B 446 9.81 -64.13 31.16
C GLU B 446 11.17 -63.78 31.73
N TRP B 447 11.32 -63.76 33.05
CA TRP B 447 12.60 -63.46 33.66
C TRP B 447 12.80 -64.36 34.88
N VAL B 448 14.07 -64.62 35.19
CA VAL B 448 14.43 -65.54 36.26
C VAL B 448 15.63 -65.00 37.02
N ASP B 449 15.65 -65.22 38.33
CA ASP B 449 16.79 -64.88 39.19
C ASP B 449 17.47 -66.16 39.64
N VAL B 450 18.79 -66.24 39.45
CA VAL B 450 19.52 -67.46 39.76
C VAL B 450 20.76 -67.15 40.59
N PHE B 451 21.20 -68.15 41.36
CA PHE B 451 22.47 -68.09 42.08
C PHE B 451 23.53 -68.78 41.26
N GLU B 452 24.56 -68.05 40.85
CA GLU B 452 25.57 -68.62 39.95
C GLU B 452 26.94 -68.05 40.30
N THR B 453 27.96 -68.70 39.75
CA THR B 453 29.33 -68.22 39.83
C THR B 453 29.50 -67.06 38.87
N SER B 454 29.26 -65.85 39.36
CA SER B 454 29.56 -64.63 38.62
C SER B 454 30.42 -63.73 39.49
N ASP B 455 30.68 -62.51 39.01
CA ASP B 455 31.39 -61.51 39.79
C ASP B 455 30.60 -60.21 39.82
N ALA B 456 30.79 -59.45 40.89
CA ALA B 456 29.93 -58.30 41.15
C ALA B 456 30.10 -57.19 40.12
N LEU B 457 31.34 -56.93 39.69
CA LEU B 457 31.61 -55.79 38.82
C LEU B 457 30.92 -55.94 37.47
N THR B 458 31.01 -57.13 36.86
CA THR B 458 30.35 -57.36 35.58
C THR B 458 28.84 -57.29 35.70
N VAL B 459 28.30 -57.82 36.80
CA VAL B 459 26.86 -57.76 37.02
C VAL B 459 26.40 -56.31 37.13
N SER B 460 27.17 -55.48 37.83
CA SER B 460 26.82 -54.07 37.93
C SER B 460 26.85 -53.38 36.57
N ILE B 461 27.89 -53.66 35.77
CA ILE B 461 27.99 -53.04 34.44
C ILE B 461 26.79 -53.42 33.59
N ARG B 462 26.44 -54.70 33.59
CA ARG B 462 25.36 -55.17 32.73
C ARG B 462 24.00 -54.69 33.22
N GLY B 463 23.82 -54.55 34.54
CA GLY B 463 22.59 -53.97 35.04
C GLY B 463 22.41 -52.52 34.62
N ARG B 464 23.48 -51.74 34.69
CA ARG B 464 23.39 -50.36 34.24
C ARG B 464 23.07 -50.27 32.75
N TRP B 465 23.69 -51.13 31.94
CA TRP B 465 23.40 -51.14 30.51
C TRP B 465 21.95 -51.54 30.24
N MET B 466 21.44 -52.53 30.97
CA MET B 466 20.04 -52.94 30.81
C MET B 466 19.09 -51.80 31.13
N ALA B 467 19.36 -51.07 32.21
CA ALA B 467 18.51 -49.93 32.55
C ALA B 467 18.57 -48.85 31.47
N ARG B 468 19.77 -48.58 30.96
CA ARG B 468 19.93 -47.59 29.90
C ARG B 468 19.07 -47.95 28.69
N LEU B 469 19.09 -49.22 28.30
CA LEU B 469 18.25 -49.65 27.18
C LEU B 469 16.77 -49.56 27.50
N ALA B 470 16.39 -49.89 28.75
CA ALA B 470 14.97 -49.89 29.10
C ALA B 470 14.38 -48.49 29.12
N ARG B 471 15.20 -47.47 29.38
CA ARG B 471 14.67 -46.10 29.38
C ARG B 471 14.36 -45.62 27.97
N MET B 472 14.71 -46.38 26.94
CA MET B 472 14.51 -45.92 25.57
C MET B 472 13.29 -46.55 24.92
N ASN B 473 12.57 -47.42 25.63
CA ASN B 473 11.49 -48.18 25.02
C ASN B 473 10.28 -47.30 24.71
N ILE B 474 9.64 -47.59 23.57
CA ILE B 474 8.38 -46.96 23.18
C ILE B 474 7.41 -48.05 22.73
N ASN B 475 6.22 -47.64 22.32
CA ASN B 475 5.16 -48.56 21.94
C ASN B 475 4.53 -48.12 20.62
N PRO B 476 3.91 -49.05 19.89
CA PRO B 476 3.48 -48.74 18.51
C PRO B 476 2.46 -47.62 18.38
N THR B 477 1.69 -47.31 19.43
CA THR B 477 0.77 -46.19 19.34
C THR B 477 1.51 -44.88 19.14
N GLU B 478 2.68 -44.73 19.79
CA GLU B 478 3.52 -43.57 19.54
C GLU B 478 4.03 -43.54 18.11
N ILE B 479 4.34 -44.71 17.52
CA ILE B 479 4.72 -44.76 16.12
C ILE B 479 3.58 -44.23 15.25
N GLU B 480 2.35 -44.66 15.55
CA GLU B 480 1.18 -44.14 14.83
C GLU B 480 1.11 -42.63 14.92
N TRP B 481 1.22 -42.09 16.14
CA TRP B 481 1.09 -40.65 16.33
C TRP B 481 2.17 -39.89 15.56
N ALA B 482 3.42 -40.36 15.65
CA ALA B 482 4.52 -39.69 14.99
C ALA B 482 4.34 -39.68 13.47
N LEU B 483 4.08 -40.85 12.89
CA LEU B 483 4.00 -40.92 11.44
C LEU B 483 2.73 -40.25 10.91
N THR B 484 1.69 -40.14 11.74
CA THR B 484 0.50 -39.41 11.33
C THR B 484 0.73 -37.91 11.36
N GLU B 485 1.45 -37.42 12.37
CA GLU B 485 1.70 -35.99 12.46
C GLU B 485 2.73 -35.53 11.43
N CYS B 486 3.71 -36.39 11.12
CA CYS B 486 4.74 -36.00 10.17
C CYS B 486 4.17 -35.82 8.77
N ALA B 487 3.11 -36.58 8.44
CA ALA B 487 2.59 -36.57 7.07
C ALA B 487 1.73 -35.35 6.79
N GLN B 488 1.47 -34.53 7.80
CA GLN B 488 0.68 -33.30 7.67
C GLN B 488 -0.76 -33.58 7.25
N GLY B 489 -1.29 -34.75 7.62
CA GLY B 489 -2.69 -35.03 7.43
C GLY B 489 -3.11 -35.52 6.07
N TYR B 490 -2.16 -35.80 5.18
CA TYR B 490 -2.50 -36.31 3.86
C TYR B 490 -2.74 -37.82 3.84
N VAL B 491 -2.17 -38.56 4.78
CA VAL B 491 -2.45 -39.97 4.98
C VAL B 491 -2.56 -40.23 6.47
N THR B 492 -3.08 -41.41 6.83
CA THR B 492 -3.11 -41.85 8.21
C THR B 492 -2.37 -43.17 8.35
N VAL B 493 -1.71 -43.36 9.49
CA VAL B 493 -0.91 -44.55 9.73
C VAL B 493 -1.46 -45.29 10.94
N THR B 494 -1.49 -46.62 10.85
CA THR B 494 -1.98 -47.49 11.91
C THR B 494 -0.98 -48.61 12.15
N SER B 495 -0.97 -49.15 13.36
CA SER B 495 -0.04 -50.21 13.72
C SER B 495 -0.65 -51.11 14.79
N PRO B 496 -1.33 -52.18 14.40
CA PRO B 496 -1.95 -53.08 15.37
C PRO B 496 -0.91 -53.82 16.19
N TYR B 497 -1.27 -54.15 17.43
CA TYR B 497 -0.45 -55.03 18.24
C TYR B 497 -1.28 -55.63 19.37
N ALA B 498 -0.77 -56.70 19.96
CA ALA B 498 -1.28 -57.43 21.11
C ALA B 498 -0.53 -57.01 22.38
N PRO B 499 -1.18 -57.07 23.54
CA PRO B 499 -0.56 -56.55 24.76
C PRO B 499 0.61 -57.42 25.21
N SER B 500 1.69 -56.77 25.64
CA SER B 500 2.86 -57.46 26.16
C SER B 500 3.73 -56.48 26.90
N VAL B 501 4.65 -57.02 27.71
CA VAL B 501 5.64 -56.20 28.42
C VAL B 501 7.06 -56.67 28.18
N ASN B 502 7.27 -57.79 27.50
CA ASN B 502 8.59 -58.24 27.12
C ASN B 502 9.00 -57.73 25.74
N ARG B 503 8.18 -56.90 25.13
CA ARG B 503 8.54 -56.25 23.88
C ARG B 503 9.54 -55.13 24.15
N LEU B 504 10.49 -54.95 23.24
CA LEU B 504 11.49 -53.89 23.37
C LEU B 504 11.71 -53.20 22.04
N MET B 505 11.48 -51.90 21.99
CA MET B 505 11.70 -51.08 20.78
C MET B 505 12.44 -49.82 21.16
N PRO B 506 13.77 -49.91 21.38
CA PRO B 506 14.49 -48.76 21.94
C PRO B 506 14.78 -47.65 20.95
N TYR B 507 14.00 -46.56 21.01
CA TYR B 507 14.16 -45.45 20.06
C TYR B 507 14.04 -44.06 20.65
N ARG B 508 13.68 -43.89 21.93
CA ARG B 508 13.49 -42.57 22.50
C ARG B 508 14.79 -41.98 23.00
N ILE B 509 15.06 -40.72 22.64
CA ILE B 509 16.22 -39.97 23.13
C ILE B 509 15.80 -38.54 23.45
N SER B 510 16.79 -37.73 23.85
CA SER B 510 16.56 -36.36 24.27
C SER B 510 16.95 -35.37 23.17
N ASN B 511 16.66 -34.09 23.41
CA ASN B 511 17.01 -33.05 22.44
C ASN B 511 18.48 -32.70 22.48
N ALA B 512 19.10 -32.78 23.66
CA ALA B 512 20.52 -32.45 23.78
C ALA B 512 21.38 -33.41 22.97
N GLU B 513 21.02 -34.68 22.94
CA GLU B 513 21.79 -35.66 22.18
C GLU B 513 21.72 -35.37 20.68
N ARG B 514 20.53 -35.03 20.18
CA ARG B 514 20.40 -34.65 18.78
C ARG B 514 21.17 -33.38 18.46
N GLN B 515 21.16 -32.40 19.37
CA GLN B 515 21.90 -31.17 19.13
C GLN B 515 23.40 -31.43 19.11
N ILE B 516 23.89 -32.29 19.99
CA ILE B 516 25.31 -32.63 19.99
C ILE B 516 25.70 -33.29 18.67
N SER B 517 24.88 -34.24 18.21
CA SER B 517 25.18 -34.89 16.94
C SER B 517 25.17 -33.90 15.79
N GLN B 518 24.22 -32.96 15.79
CA GLN B 518 24.17 -31.96 14.74
C GLN B 518 25.42 -31.08 14.75
N ILE B 519 25.91 -30.71 15.93
CA ILE B 519 27.12 -29.89 15.99
C ILE B 519 28.32 -30.67 15.45
N ILE B 520 28.41 -31.96 15.77
CA ILE B 520 29.47 -32.80 15.21
C ILE B 520 29.40 -32.79 13.68
N ARG B 521 28.19 -32.99 13.15
CA ARG B 521 28.02 -33.03 11.70
C ARG B 521 28.38 -31.70 11.06
N ILE B 522 28.12 -30.58 11.74
CA ILE B 522 28.49 -29.27 11.22
C ILE B 522 30.00 -29.13 11.16
N MET B 523 30.71 -29.54 12.22
CA MET B 523 32.17 -29.47 12.18
C MET B 523 32.75 -30.37 11.10
N ASN B 524 32.04 -31.43 10.74
CA ASN B 524 32.59 -32.39 9.78
C ASN B 524 32.80 -31.77 8.39
N ILE B 525 32.04 -30.74 8.02
CA ILE B 525 32.12 -30.21 6.67
C ILE B 525 33.48 -29.59 6.41
N GLY B 526 33.93 -28.69 7.29
CA GLY B 526 35.27 -28.12 7.17
C GLY B 526 35.54 -27.39 5.87
N ASN B 527 34.55 -26.68 5.34
CA ASN B 527 34.64 -25.90 4.11
C ASN B 527 34.97 -26.75 2.88
N ASN B 528 34.65 -28.04 2.93
CA ASN B 528 34.83 -28.93 1.78
C ASN B 528 33.52 -29.02 1.02
N ALA B 529 33.47 -28.48 -0.19
CA ALA B 529 32.22 -28.45 -0.94
C ALA B 529 31.81 -29.82 -1.44
N THR B 530 32.78 -30.73 -1.58
CA THR B 530 32.46 -32.07 -2.05
C THR B 530 31.59 -32.81 -1.04
N VAL B 531 31.60 -32.38 0.21
CA VAL B 531 30.74 -32.97 1.23
C VAL B 531 29.28 -32.55 1.00
N ILE B 532 29.05 -31.30 0.59
CA ILE B 532 27.70 -30.77 0.59
C ILE B 532 27.04 -30.87 -0.78
N GLN B 533 27.82 -30.99 -1.85
CA GLN B 533 27.23 -31.04 -3.18
C GLN B 533 26.23 -32.19 -3.36
N PRO B 534 26.52 -33.42 -2.94
CA PRO B 534 25.51 -34.48 -3.09
C PRO B 534 24.19 -34.20 -2.37
N VAL B 535 24.25 -33.59 -1.19
CA VAL B 535 23.03 -33.40 -0.42
C VAL B 535 22.05 -32.52 -1.19
N LEU B 536 22.53 -31.37 -1.65
CA LEU B 536 21.69 -30.44 -2.39
C LEU B 536 21.20 -31.07 -3.68
N GLN B 537 22.09 -31.76 -4.41
CA GLN B 537 21.70 -32.35 -5.69
C GLN B 537 20.58 -33.37 -5.51
N ASP B 538 20.73 -34.29 -4.56
CA ASP B 538 19.71 -35.33 -4.38
C ASP B 538 18.40 -34.74 -3.87
N ILE B 539 18.45 -33.77 -2.96
CA ILE B 539 17.19 -33.19 -2.48
C ILE B 539 16.45 -32.51 -3.62
N SER B 540 17.18 -31.80 -4.48
CA SER B 540 16.52 -31.16 -5.62
C SER B 540 15.90 -32.17 -6.57
N VAL B 541 16.57 -33.30 -6.83
CA VAL B 541 15.96 -34.31 -7.69
C VAL B 541 14.72 -34.90 -7.05
N LEU B 542 14.74 -35.15 -5.73
CA LEU B 542 13.56 -35.67 -5.06
C LEU B 542 12.39 -34.71 -5.15
N LEU B 543 12.66 -33.41 -4.97
CA LEU B 543 11.62 -32.41 -5.14
C LEU B 543 11.07 -32.41 -6.57
N GLN B 544 11.96 -32.57 -7.55
CA GLN B 544 11.49 -32.65 -8.94
C GLN B 544 10.56 -33.84 -9.15
N ARG B 545 10.83 -34.97 -8.50
CA ARG B 545 9.96 -36.12 -8.65
C ARG B 545 8.60 -35.88 -8.01
N ILE B 546 8.58 -35.40 -6.77
CA ILE B 546 7.33 -35.37 -6.01
C ILE B 546 6.36 -34.29 -6.49
N SER B 547 6.86 -33.10 -6.80
CA SER B 547 5.99 -31.95 -7.01
C SER B 547 5.13 -32.11 -8.26
N PRO B 548 3.86 -31.70 -8.22
CA PRO B 548 3.05 -31.72 -9.45
C PRO B 548 3.35 -30.60 -10.41
N LEU B 549 4.04 -29.55 -9.99
CA LEU B 549 4.37 -28.47 -10.91
C LEU B 549 5.32 -28.97 -11.99
N GLN B 550 5.08 -28.55 -13.23
CA GLN B 550 5.95 -28.90 -14.34
C GLN B 550 6.19 -27.67 -15.21
N ILE B 551 7.38 -27.58 -15.78
CA ILE B 551 7.83 -26.39 -16.47
C ILE B 551 7.73 -26.61 -17.97
N ASP B 552 6.96 -25.76 -18.65
CA ASP B 552 6.82 -25.79 -20.10
C ASP B 552 7.22 -24.44 -20.65
N PRO B 553 8.40 -24.32 -21.25
CA PRO B 553 8.83 -23.04 -21.82
C PRO B 553 7.94 -22.52 -22.94
N THR B 554 7.18 -23.40 -23.61
CA THR B 554 6.37 -22.97 -24.74
C THR B 554 5.34 -21.93 -24.34
N ILE B 555 4.93 -21.91 -23.07
CA ILE B 555 3.97 -20.90 -22.60
C ILE B 555 4.49 -19.51 -22.96
N ILE B 556 5.80 -19.31 -22.89
CA ILE B 556 6.36 -18.01 -23.26
C ILE B 556 6.23 -17.77 -24.76
N SER B 557 6.63 -18.77 -25.57
CA SER B 557 6.72 -18.53 -27.01
C SER B 557 5.37 -18.25 -27.62
N ASN B 558 4.31 -18.88 -27.10
CA ASN B 558 2.97 -18.59 -27.58
C ASN B 558 2.50 -17.21 -27.16
N THR B 559 2.90 -16.74 -25.98
CA THR B 559 2.46 -15.43 -25.54
C THR B 559 3.03 -14.34 -26.43
N MET B 560 4.29 -14.47 -26.83
CA MET B 560 4.89 -13.48 -27.72
C MET B 560 4.33 -13.60 -29.12
N SER B 561 4.55 -14.75 -29.77
CA SER B 561 4.11 -15.02 -31.14
C SER B 561 4.72 -14.03 -32.13
N THR B 562 6.05 -14.12 -32.23
CA THR B 562 6.82 -13.38 -33.23
C THR B 562 7.78 -14.32 -33.93
N VAL B 563 7.89 -14.14 -35.25
CA VAL B 563 8.85 -14.88 -36.07
C VAL B 563 9.61 -13.87 -36.93
N SER B 564 10.91 -14.09 -37.08
CA SER B 564 11.75 -13.25 -37.92
C SER B 564 11.84 -13.84 -39.32
N GLU B 565 11.60 -13.00 -40.33
CA GLU B 565 11.77 -13.43 -41.71
C GLU B 565 13.23 -13.75 -42.02
N SER B 566 14.14 -12.92 -41.52
CA SER B 566 15.56 -13.04 -41.83
C SER B 566 16.33 -12.19 -40.84
N THR B 567 17.64 -12.06 -41.09
CA THR B 567 18.46 -11.14 -40.31
C THR B 567 18.11 -9.68 -40.57
N THR B 568 17.35 -9.42 -41.63
CA THR B 568 16.97 -8.05 -42.00
C THR B 568 16.02 -7.41 -40.98
N GLN B 569 15.42 -8.20 -40.11
CA GLN B 569 14.67 -7.67 -38.97
C GLN B 569 15.69 -7.44 -37.85
N THR B 570 16.40 -6.31 -37.96
CA THR B 570 17.59 -6.09 -37.16
C THR B 570 17.30 -5.96 -35.67
N LEU B 571 16.30 -5.16 -35.29
CA LEU B 571 16.13 -4.76 -33.90
C LEU B 571 14.67 -4.88 -33.52
N SER B 572 14.38 -5.68 -32.48
CA SER B 572 13.01 -5.91 -32.04
C SER B 572 13.03 -6.35 -30.59
N PRO B 573 12.15 -5.82 -29.74
CA PRO B 573 12.20 -6.21 -28.32
C PRO B 573 11.72 -7.62 -28.06
N ALA B 574 10.64 -8.07 -28.70
CA ALA B 574 10.12 -9.40 -28.43
C ALA B 574 11.13 -10.47 -28.84
N SER B 575 11.73 -10.34 -30.01
CA SER B 575 12.73 -11.32 -30.43
C SER B 575 13.96 -11.25 -29.54
N SER B 576 14.35 -10.06 -29.10
CA SER B 576 15.50 -9.93 -28.22
C SER B 576 15.26 -10.67 -26.90
N ILE B 577 14.10 -10.46 -26.29
CA ILE B 577 13.83 -11.09 -25.00
C ILE B 577 13.69 -12.60 -25.17
N LEU B 578 13.08 -13.06 -26.26
CA LEU B 578 12.99 -14.49 -26.50
C LEU B 578 14.36 -15.10 -26.72
N GLY B 579 15.23 -14.40 -27.45
CA GLY B 579 16.57 -14.90 -27.67
C GLY B 579 17.39 -14.98 -26.39
N LYS B 580 17.20 -14.02 -25.49
CA LYS B 580 17.93 -14.07 -24.23
C LYS B 580 17.37 -15.13 -23.28
N LEU B 581 16.06 -15.35 -23.29
CA LEU B 581 15.48 -16.29 -22.34
C LEU B 581 15.75 -17.74 -22.73
N ARG B 582 15.92 -18.01 -24.01
CA ARG B 582 16.26 -19.34 -24.53
C ARG B 582 15.29 -20.42 -24.07
N PRO B 583 14.06 -20.44 -24.57
CA PRO B 583 13.12 -21.49 -24.19
C PRO B 583 13.56 -22.88 -24.63
N SER B 584 14.50 -22.95 -25.57
CA SER B 584 14.94 -24.23 -26.12
C SER B 584 15.75 -25.06 -25.14
N ASN B 585 16.20 -24.50 -24.03
CA ASN B 585 16.98 -25.21 -23.03
C ASN B 585 16.08 -25.70 -21.91
N SER B 586 16.26 -26.97 -21.52
CA SER B 586 15.39 -27.60 -20.53
C SER B 586 16.11 -28.08 -19.28
N ASP B 587 17.18 -27.41 -18.87
CA ASP B 587 17.86 -27.74 -17.62
C ASP B 587 17.42 -26.74 -16.55
N PHE B 588 16.61 -27.20 -15.59
CA PHE B 588 16.09 -26.33 -14.55
C PHE B 588 16.56 -26.75 -13.16
N SER B 589 17.84 -27.09 -13.03
CA SER B 589 18.36 -27.53 -11.74
C SER B 589 18.54 -26.38 -10.76
N SER B 590 18.78 -25.17 -11.28
CA SER B 590 18.99 -24.03 -10.39
C SER B 590 17.73 -23.70 -9.60
N PHE B 591 16.56 -23.80 -10.26
CA PHE B 591 15.31 -23.51 -9.59
C PHE B 591 15.05 -24.46 -8.43
N ARG B 592 15.33 -25.75 -8.62
CA ARG B 592 15.15 -26.71 -7.54
C ARG B 592 16.21 -26.55 -6.46
N VAL B 593 17.44 -26.22 -6.86
CA VAL B 593 18.52 -26.07 -5.90
C VAL B 593 18.26 -24.90 -4.96
N ALA B 594 17.64 -23.83 -5.46
CA ALA B 594 17.30 -22.73 -4.57
C ALA B 594 16.38 -23.18 -3.43
N LEU B 595 15.31 -23.90 -3.76
CA LEU B 595 14.41 -24.39 -2.72
C LEU B 595 15.14 -25.36 -1.80
N ALA B 596 15.99 -26.21 -2.35
CA ALA B 596 16.75 -27.13 -1.49
C ALA B 596 17.64 -26.38 -0.52
N GLY B 597 18.28 -25.30 -1.00
CA GLY B 597 19.19 -24.56 -0.16
C GLY B 597 18.48 -23.67 0.84
N TRP B 598 17.17 -23.50 0.70
CA TRP B 598 16.42 -22.83 1.77
C TRP B 598 16.64 -23.50 3.11
N LEU B 599 16.76 -24.84 3.13
CA LEU B 599 16.78 -25.58 4.39
C LEU B 599 18.11 -25.45 5.11
N TYR B 600 19.18 -25.15 4.39
CA TYR B 600 20.51 -25.17 4.98
C TYR B 600 21.16 -23.80 5.01
N ASN B 601 20.41 -22.78 5.38
CA ASN B 601 20.83 -21.39 5.40
C ASN B 601 22.12 -21.22 6.19
N GLY B 602 22.31 -22.01 7.23
CA GLY B 602 23.40 -21.82 8.16
C GLY B 602 24.76 -22.27 7.72
N VAL B 603 24.86 -23.04 6.64
CA VAL B 603 26.14 -23.52 6.16
C VAL B 603 26.42 -23.17 4.72
N VAL B 604 25.40 -22.89 3.91
CA VAL B 604 25.57 -22.59 2.50
C VAL B 604 24.80 -21.33 2.16
N THR B 605 25.43 -20.41 1.43
CA THR B 605 24.80 -19.17 0.99
C THR B 605 24.71 -19.18 -0.53
N THR B 606 23.49 -19.05 -1.06
CA THR B 606 23.25 -19.11 -2.49
C THR B 606 23.14 -17.71 -3.07
N VAL B 607 23.87 -17.46 -4.16
CA VAL B 607 23.91 -16.16 -4.82
C VAL B 607 23.71 -16.35 -6.32
N ILE B 608 23.49 -15.24 -7.00
CA ILE B 608 23.37 -15.20 -8.45
C ILE B 608 24.76 -15.05 -9.05
N ASP B 609 24.99 -15.74 -10.17
CA ASP B 609 26.32 -15.76 -10.79
C ASP B 609 26.73 -14.35 -11.20
N ASP B 610 28.03 -14.06 -11.09
CA ASP B 610 28.52 -12.72 -11.36
C ASP B 610 28.43 -12.35 -12.83
N SER B 611 28.30 -13.33 -13.72
CA SER B 611 28.18 -13.04 -15.14
C SER B 611 26.73 -12.72 -15.53
N SER B 612 25.79 -12.88 -14.60
CA SER B 612 24.40 -12.61 -14.92
C SER B 612 24.10 -11.12 -14.99
N TYR B 613 24.98 -10.30 -14.44
CA TYR B 613 24.84 -8.86 -14.51
C TYR B 613 25.28 -8.36 -15.89
N PRO B 614 24.92 -7.12 -16.25
CA PRO B 614 25.37 -6.57 -17.54
C PRO B 614 26.89 -6.51 -17.60
N LYS B 615 27.42 -6.44 -18.83
CA LYS B 615 28.79 -6.88 -19.04
C LYS B 615 29.81 -5.87 -18.53
N ASP B 616 29.89 -4.69 -19.15
CA ASP B 616 30.92 -3.74 -18.71
C ASP B 616 30.47 -2.94 -17.50
N GLY B 617 29.45 -2.10 -17.66
CA GLY B 617 28.70 -1.61 -16.53
C GLY B 617 27.21 -1.78 -16.71
N GLY B 618 26.78 -1.79 -17.96
CA GLY B 618 25.39 -1.60 -18.31
C GLY B 618 25.05 -0.14 -18.53
N SER B 619 24.04 0.10 -19.37
CA SER B 619 23.54 1.44 -19.60
C SER B 619 22.07 1.37 -19.97
N VAL B 620 21.31 2.39 -19.56
CA VAL B 620 19.88 2.42 -19.86
C VAL B 620 19.58 2.66 -21.33
N THR B 621 20.58 3.02 -22.13
CA THR B 621 20.36 3.24 -23.55
C THR B 621 20.29 1.93 -24.34
N SER B 622 20.66 0.81 -23.73
CA SER B 622 20.84 -0.45 -24.43
C SER B 622 19.65 -1.36 -24.15
N LEU B 623 19.09 -1.96 -25.20
CA LEU B 623 17.93 -2.82 -25.04
C LEU B 623 18.29 -4.13 -24.34
N GLU B 624 19.44 -4.71 -24.69
CA GLU B 624 19.87 -5.94 -24.06
C GLU B 624 20.09 -5.74 -22.56
N ASN B 625 20.65 -4.61 -22.17
CA ASN B 625 20.86 -4.34 -20.76
C ASN B 625 19.55 -4.20 -20.01
N LEU B 626 18.52 -3.66 -20.66
CA LEU B 626 17.20 -3.60 -20.05
C LEU B 626 16.64 -4.99 -19.81
N TRP B 627 16.79 -5.89 -20.79
CA TRP B 627 16.32 -7.26 -20.55
C TRP B 627 17.13 -7.95 -19.46
N ASP B 628 18.42 -7.66 -19.38
CA ASP B 628 19.24 -8.17 -18.28
C ASP B 628 18.71 -7.72 -16.94
N PHE B 629 18.34 -6.45 -16.84
CA PHE B 629 17.77 -5.94 -15.60
C PHE B 629 16.48 -6.66 -15.26
N PHE B 630 15.62 -6.88 -16.26
CA PHE B 630 14.37 -7.58 -16.02
C PHE B 630 14.62 -8.97 -15.43
N ILE B 631 15.49 -9.75 -16.09
CA ILE B 631 15.75 -11.12 -15.66
C ILE B 631 16.34 -11.13 -14.26
N LEU B 632 17.32 -10.25 -14.00
CA LEU B 632 17.95 -10.24 -12.69
C LEU B 632 16.97 -9.84 -11.59
N ALA B 633 16.11 -8.85 -11.87
CA ALA B 633 15.18 -8.36 -10.85
C ALA B 633 14.15 -9.41 -10.48
N LEU B 634 13.66 -10.19 -11.44
CA LEU B 634 12.75 -11.27 -11.05
C LEU B 634 13.48 -12.48 -10.49
N ALA B 635 14.78 -12.63 -10.75
CA ALA B 635 15.48 -13.79 -10.22
C ALA B 635 15.89 -13.59 -8.76
N LEU B 636 16.25 -12.37 -8.37
CA LEU B 636 16.92 -12.16 -7.09
C LEU B 636 16.14 -12.60 -5.85
N PRO B 637 14.84 -12.34 -5.71
CA PRO B 637 14.20 -12.58 -4.39
C PRO B 637 14.20 -14.02 -3.90
N LEU B 638 14.70 -14.99 -4.69
CA LEU B 638 14.61 -16.39 -4.27
C LEU B 638 15.86 -16.88 -3.57
N THR B 639 16.91 -16.06 -3.49
CA THR B 639 18.14 -16.53 -2.88
C THR B 639 18.15 -16.26 -1.37
N THR B 640 19.07 -16.95 -0.69
CA THR B 640 19.27 -16.75 0.75
C THR B 640 20.36 -15.74 1.04
N ASP B 641 20.89 -15.09 0.02
CA ASP B 641 21.84 -14.00 0.19
C ASP B 641 21.17 -12.86 0.93
N PRO B 642 21.72 -12.40 2.06
CA PRO B 642 21.08 -11.29 2.78
C PRO B 642 21.24 -9.94 2.10
N CYS B 643 22.05 -9.83 1.05
CA CYS B 643 22.27 -8.57 0.37
C CYS B 643 21.64 -8.53 -1.02
N ALA B 644 20.62 -9.35 -1.27
CA ALA B 644 19.92 -9.27 -2.54
C ALA B 644 19.24 -7.92 -2.78
N PRO B 645 18.50 -7.33 -1.83
CA PRO B 645 17.86 -6.03 -2.14
C PRO B 645 18.84 -4.91 -2.48
N VAL B 646 20.00 -4.88 -1.82
CA VAL B 646 20.99 -3.86 -2.12
C VAL B 646 21.52 -4.03 -3.54
N LYS B 647 21.76 -5.28 -3.95
CA LYS B 647 22.22 -5.52 -5.30
C LYS B 647 21.16 -5.20 -6.34
N ALA B 648 19.90 -5.48 -6.02
CA ALA B 648 18.79 -5.11 -6.90
C ALA B 648 18.72 -3.60 -7.10
N PHE B 649 18.94 -2.84 -6.02
CA PHE B 649 18.93 -1.38 -6.17
C PHE B 649 20.16 -0.90 -6.93
N MET B 650 21.34 -1.42 -6.57
CA MET B 650 22.57 -0.88 -7.12
C MET B 650 22.78 -1.28 -8.58
N THR B 651 22.09 -2.31 -9.06
CA THR B 651 22.15 -2.61 -10.48
C THR B 651 21.59 -1.48 -11.32
N LEU B 652 20.36 -1.06 -11.02
CA LEU B 652 19.79 0.08 -11.73
C LEU B 652 20.53 1.37 -11.40
N ALA B 653 21.12 1.46 -10.21
CA ALA B 653 21.93 2.64 -9.90
C ALA B 653 23.15 2.74 -10.81
N ASN B 654 23.85 1.64 -11.03
CA ASN B 654 24.99 1.65 -11.94
C ASN B 654 24.55 1.95 -13.37
N MET B 655 23.46 1.31 -13.83
CA MET B 655 23.06 1.49 -15.22
C MET B 655 22.62 2.91 -15.52
N MET B 656 22.25 3.69 -14.51
CA MET B 656 21.71 5.02 -14.76
C MET B 656 22.76 6.12 -14.67
N VAL B 657 24.04 5.78 -14.76
CA VAL B 657 25.09 6.78 -14.64
C VAL B 657 25.08 7.68 -15.87
N GLY B 658 25.12 8.99 -15.63
CA GLY B 658 25.07 9.96 -16.70
C GLY B 658 23.68 10.49 -16.98
N PHE B 659 22.66 9.99 -16.32
CA PHE B 659 21.30 10.46 -16.47
C PHE B 659 20.66 10.86 -15.15
N GLU B 660 20.97 10.16 -14.06
CA GLU B 660 20.46 10.52 -12.74
C GLU B 660 21.56 10.27 -11.72
N THR B 661 21.63 11.12 -10.71
CA THR B 661 22.70 11.08 -9.72
C THR B 661 22.15 11.04 -8.32
N ILE B 662 22.69 10.15 -7.49
CA ILE B 662 22.28 10.00 -6.10
C ILE B 662 23.43 10.46 -5.20
N PRO B 663 23.15 10.91 -3.98
CA PRO B 663 24.21 11.42 -3.10
C PRO B 663 25.05 10.29 -2.51
N MET B 664 26.36 10.35 -2.74
CA MET B 664 27.30 9.40 -2.16
C MET B 664 28.16 10.10 -1.12
N ASP B 665 28.36 9.46 0.03
CA ASP B 665 29.08 10.05 1.15
C ASP B 665 30.58 9.81 1.05
N ASN B 666 30.99 8.58 0.73
CA ASN B 666 32.40 8.29 0.56
C ASN B 666 32.91 8.92 -0.72
N GLN B 667 34.17 9.35 -0.68
CA GLN B 667 34.85 9.83 -1.88
C GLN B 667 35.56 8.71 -2.64
N ILE B 668 35.60 7.49 -2.09
CA ILE B 668 36.24 6.37 -2.76
C ILE B 668 35.22 5.52 -3.50
N TYR B 669 34.06 5.26 -2.90
CA TYR B 669 33.02 4.44 -3.48
C TYR B 669 31.97 5.34 -4.13
N THR B 670 31.78 5.18 -5.43
CA THR B 670 30.91 6.03 -6.21
C THR B 670 29.68 5.26 -6.68
N GLN B 671 28.89 5.92 -7.53
CA GLN B 671 27.74 5.28 -8.16
C GLN B 671 28.17 4.22 -9.17
N SER B 672 29.45 4.18 -9.53
CA SER B 672 29.94 3.25 -10.54
C SER B 672 30.55 1.99 -9.95
N ARG B 673 30.45 1.80 -8.63
CA ARG B 673 30.89 0.55 -8.03
C ARG B 673 29.96 -0.57 -8.45
N ARG B 674 30.53 -1.68 -8.90
CA ARG B 674 29.71 -2.74 -9.48
C ARG B 674 28.77 -3.33 -8.44
N ALA B 675 27.60 -3.76 -8.89
CA ALA B 675 26.56 -4.23 -7.97
C ALA B 675 26.94 -5.54 -7.30
N SER B 676 27.83 -6.33 -7.91
CA SER B 676 28.21 -7.60 -7.31
C SER B 676 29.00 -7.40 -6.04
N ALA B 677 29.75 -6.30 -5.93
CA ALA B 677 30.69 -6.13 -4.84
C ALA B 677 30.01 -5.91 -3.50
N PHE B 678 28.75 -5.50 -3.49
CA PHE B 678 28.02 -5.22 -2.25
C PHE B 678 27.56 -6.50 -1.57
N SER B 679 28.48 -7.30 -1.03
CA SER B 679 28.15 -8.64 -0.55
C SER B 679 28.13 -8.78 0.97
N THR B 680 28.31 -7.71 1.73
CA THR B 680 28.34 -7.77 3.19
C THR B 680 27.58 -6.58 3.74
N PRO B 681 27.07 -6.65 4.98
CA PRO B 681 26.19 -5.58 5.46
C PRO B 681 26.83 -4.22 5.53
N HIS B 682 28.15 -4.12 5.62
CA HIS B 682 28.78 -2.80 5.75
C HIS B 682 28.82 -2.07 4.42
N THR B 683 28.42 -2.72 3.33
CA THR B 683 28.49 -2.06 2.03
C THR B 683 27.21 -1.32 1.69
N TRP B 684 26.17 -1.44 2.51
CA TRP B 684 24.88 -0.83 2.20
C TRP B 684 25.01 0.69 2.25
N PRO B 685 24.56 1.40 1.21
CA PRO B 685 24.70 2.85 1.22
C PRO B 685 23.57 3.55 1.97
N ARG B 686 23.85 4.78 2.39
CA ARG B 686 22.88 5.55 3.16
C ARG B 686 21.70 5.97 2.31
N CYS B 687 21.93 6.20 1.02
CA CYS B 687 20.82 6.58 0.14
C CYS B 687 19.77 5.49 0.07
N PHE B 688 20.19 4.22 0.07
CA PHE B 688 19.23 3.12 0.07
C PHE B 688 18.53 2.98 1.42
N MET B 689 19.23 3.26 2.51
CA MET B 689 18.62 3.11 3.83
C MET B 689 17.64 4.24 4.12
N ASN B 690 18.00 5.47 3.81
CA ASN B 690 17.18 6.65 4.06
C ASN B 690 16.70 7.16 2.71
N ILE B 691 15.47 6.78 2.34
CA ILE B 691 14.95 7.09 1.01
C ILE B 691 14.75 8.59 0.84
N GLN B 692 14.61 9.32 1.94
CA GLN B 692 14.41 10.75 1.87
C GLN B 692 15.58 11.46 1.21
N LEU B 693 16.77 10.86 1.25
CA LEU B 693 17.94 11.50 0.65
C LEU B 693 17.85 11.53 -0.87
N ILE B 694 17.19 10.54 -1.47
CA ILE B 694 17.05 10.47 -2.92
C ILE B 694 16.04 11.52 -3.35
N SER B 695 16.48 12.52 -4.10
CA SER B 695 15.61 13.61 -4.51
C SER B 695 14.71 13.16 -5.66
N PRO B 696 13.42 13.51 -5.65
CA PRO B 696 12.54 13.13 -6.76
C PRO B 696 12.71 13.99 -8.00
N ILE B 697 13.65 14.94 -8.01
CA ILE B 697 13.87 15.81 -9.15
C ILE B 697 15.13 15.41 -9.91
N ASP B 698 16.24 15.19 -9.20
CA ASP B 698 17.44 14.73 -9.86
C ASP B 698 17.34 13.27 -10.28
N ALA B 699 16.81 12.41 -9.41
CA ALA B 699 16.70 10.97 -9.69
C ALA B 699 15.28 10.49 -9.38
N PRO B 700 14.34 10.70 -10.29
CA PRO B 700 12.97 10.22 -10.02
C PRO B 700 12.79 8.73 -10.16
N ILE B 701 13.34 8.10 -11.20
CA ILE B 701 13.16 6.67 -11.39
C ILE B 701 13.83 5.90 -10.25
N LEU B 702 15.01 6.33 -9.82
CA LEU B 702 15.70 5.63 -8.73
C LEU B 702 14.94 5.78 -7.43
N ARG B 703 14.33 6.94 -7.19
CA ARG B 703 13.47 7.13 -6.03
C ARG B 703 12.29 6.16 -6.05
N GLN B 704 11.63 6.02 -7.20
CA GLN B 704 10.53 5.06 -7.30
C GLN B 704 11.01 3.63 -7.09
N TRP B 705 12.16 3.28 -7.65
CA TRP B 705 12.69 1.92 -7.52
C TRP B 705 12.99 1.58 -6.07
N ALA B 706 13.62 2.51 -5.35
CA ALA B 706 13.91 2.29 -3.94
C ALA B 706 12.62 2.15 -3.14
N GLU B 707 11.61 2.97 -3.45
CA GLU B 707 10.33 2.83 -2.75
C GLU B 707 9.68 1.48 -3.01
N ILE B 708 9.72 0.99 -4.25
CA ILE B 708 9.15 -0.33 -4.54
C ILE B 708 9.88 -1.41 -3.76
N ILE B 709 11.21 -1.35 -3.73
CA ILE B 709 11.97 -2.37 -3.00
C ILE B 709 11.62 -2.33 -1.52
N HIS B 710 11.51 -1.13 -0.95
CA HIS B 710 11.23 -1.02 0.48
C HIS B 710 9.81 -1.43 0.82
N ARG B 711 8.89 -1.30 -0.13
CA ARG B 711 7.49 -1.59 0.19
C ARG B 711 7.12 -3.04 -0.08
N TYR B 712 7.46 -3.56 -1.28
CA TYR B 712 6.81 -4.79 -1.75
C TYR B 712 7.75 -5.99 -1.79
N TRP B 713 8.93 -5.92 -1.21
CA TRP B 713 9.80 -7.09 -1.15
C TRP B 713 9.16 -8.15 -0.25
N PRO B 714 9.29 -9.44 -0.57
CA PRO B 714 8.56 -10.47 0.17
C PRO B 714 8.92 -10.53 1.66
N ASN B 715 8.03 -11.14 2.44
CA ASN B 715 8.16 -11.23 3.88
C ASN B 715 8.34 -12.67 4.33
N PRO B 716 9.26 -12.95 5.25
CA PRO B 716 9.50 -14.33 5.69
C PRO B 716 8.43 -14.81 6.66
N SER B 717 8.42 -16.13 6.90
CA SER B 717 7.40 -16.76 7.72
C SER B 717 7.92 -18.05 8.33
N GLN B 718 7.04 -18.74 9.05
CA GLN B 718 7.37 -19.99 9.73
C GLN B 718 6.31 -21.04 9.41
N ILE B 719 6.72 -22.30 9.42
CA ILE B 719 5.80 -23.42 9.27
C ILE B 719 6.21 -24.52 10.24
N ARG B 720 5.27 -25.40 10.57
CA ARG B 720 5.52 -26.45 11.55
C ARG B 720 5.78 -27.77 10.85
N TYR B 721 6.70 -28.57 11.41
CA TYR B 721 7.08 -29.83 10.78
C TYR B 721 7.44 -30.83 11.86
N GLY B 722 7.40 -32.11 11.48
CA GLY B 722 7.93 -33.17 12.30
C GLY B 722 7.00 -33.59 13.43
N ALA B 723 7.53 -34.45 14.29
CA ALA B 723 6.85 -34.93 15.49
C ALA B 723 7.77 -34.71 16.69
N PRO B 724 7.85 -33.47 17.19
CA PRO B 724 8.84 -33.17 18.24
C PRO B 724 8.60 -33.87 19.56
N ASN B 725 7.40 -34.42 19.81
CA ASN B 725 7.15 -35.11 21.06
C ASN B 725 7.68 -36.53 21.08
N VAL B 726 8.06 -37.09 19.93
CA VAL B 726 8.50 -38.47 19.82
C VAL B 726 9.90 -38.56 19.22
N PHE B 727 10.11 -37.92 18.08
CA PHE B 727 11.40 -37.95 17.40
C PHE B 727 12.35 -36.89 17.90
N GLY B 728 11.89 -35.95 18.72
CA GLY B 728 12.77 -34.89 19.15
C GLY B 728 12.99 -33.85 18.04
N SER B 729 14.01 -33.03 18.26
CA SER B 729 14.33 -31.96 17.32
C SER B 729 15.79 -31.59 17.47
N ALA B 730 16.45 -31.35 16.34
CA ALA B 730 17.87 -30.98 16.33
C ALA B 730 18.08 -29.49 16.09
N ASN B 731 17.04 -28.67 16.21
CA ASN B 731 17.18 -27.25 15.98
C ASN B 731 18.14 -26.64 16.99
N LEU B 732 18.89 -25.64 16.55
CA LEU B 732 19.89 -24.98 17.37
C LEU B 732 19.59 -23.51 17.63
N PHE B 733 19.18 -22.76 16.62
CA PHE B 733 18.85 -21.35 16.79
C PHE B 733 17.36 -21.05 16.59
N THR B 734 16.53 -22.07 16.44
CA THR B 734 15.10 -21.91 16.23
C THR B 734 14.33 -22.77 17.22
N PRO B 735 13.07 -22.44 17.48
CA PRO B 735 12.24 -23.28 18.35
C PRO B 735 12.08 -24.69 17.78
N PRO B 736 11.92 -25.68 18.65
CA PRO B 736 12.10 -27.08 18.21
C PRO B 736 11.15 -27.56 17.11
N GLU B 737 10.01 -26.91 16.91
CA GLU B 737 9.06 -27.41 15.91
C GLU B 737 8.90 -26.49 14.70
N VAL B 738 9.84 -25.58 14.47
CA VAL B 738 9.67 -24.47 13.54
C VAL B 738 10.64 -24.60 12.38
N LEU B 739 10.15 -24.32 11.18
CA LEU B 739 10.96 -24.23 9.96
C LEU B 739 10.73 -22.88 9.31
N LEU B 740 11.83 -22.19 9.00
CA LEU B 740 11.78 -20.80 8.55
C LEU B 740 11.79 -20.71 7.02
N LEU B 741 11.00 -19.78 6.48
CA LEU B 741 10.91 -19.57 5.06
C LEU B 741 11.13 -18.09 4.72
N PRO B 742 11.71 -17.78 3.56
CA PRO B 742 11.83 -16.38 3.14
C PRO B 742 10.60 -15.85 2.41
N ILE B 743 9.56 -16.67 2.25
CA ILE B 743 8.36 -16.32 1.50
C ILE B 743 7.17 -16.58 2.41
N ASP B 744 6.07 -15.90 2.12
CA ASP B 744 4.84 -16.16 2.85
C ASP B 744 4.17 -17.44 2.35
N HIS B 745 3.29 -17.98 3.17
CA HIS B 745 2.57 -19.20 2.82
C HIS B 745 1.09 -19.02 3.12
N GLN B 746 0.26 -19.72 2.36
CA GLN B 746 -1.19 -19.69 2.48
C GLN B 746 -1.71 -21.11 2.35
N PRO B 747 -2.93 -21.36 2.82
CA PRO B 747 -3.52 -22.70 2.67
C PRO B 747 -3.67 -23.08 1.20
N ALA B 748 -3.50 -24.37 0.92
CA ALA B 748 -3.56 -24.86 -0.45
C ALA B 748 -4.97 -24.78 -1.00
N ASN B 749 -5.10 -24.30 -2.23
CA ASN B 749 -6.41 -24.14 -2.87
C ASN B 749 -6.18 -24.11 -4.38
N VAL B 750 -6.54 -25.19 -5.06
CA VAL B 750 -6.21 -25.37 -6.46
C VAL B 750 -6.95 -24.41 -7.37
N THR B 751 -7.96 -23.70 -6.88
CA THR B 751 -8.80 -22.86 -7.71
C THR B 751 -8.44 -21.38 -7.66
N THR B 752 -7.26 -21.05 -7.15
CA THR B 752 -6.90 -19.64 -6.98
C THR B 752 -6.74 -18.97 -8.34
N PRO B 753 -7.26 -17.75 -8.51
CA PRO B 753 -7.12 -17.07 -9.81
C PRO B 753 -5.66 -16.79 -10.17
N THR B 754 -5.39 -16.85 -11.48
CA THR B 754 -4.02 -16.65 -11.98
C THR B 754 -3.57 -15.20 -11.83
N LEU B 755 -4.38 -14.25 -12.25
CA LEU B 755 -4.05 -12.84 -12.07
C LEU B 755 -4.59 -12.41 -10.72
N ASP B 756 -3.76 -12.55 -9.69
CA ASP B 756 -4.12 -12.15 -8.34
C ASP B 756 -2.91 -11.48 -7.73
N PHE B 757 -3.06 -10.21 -7.36
CA PHE B 757 -1.96 -9.42 -6.83
C PHE B 757 -1.94 -9.40 -5.29
N THR B 758 -2.73 -10.26 -4.66
CA THR B 758 -2.57 -10.55 -3.24
C THR B 758 -1.44 -11.55 -2.98
N ASN B 759 -1.02 -12.27 -4.01
CA ASN B 759 0.18 -13.10 -3.96
C ASN B 759 1.39 -12.20 -4.13
N GLU B 760 2.40 -12.38 -3.28
CA GLU B 760 3.55 -11.45 -3.29
C GLU B 760 4.35 -11.54 -4.58
N LEU B 761 4.49 -12.74 -5.14
CA LEU B 761 5.41 -12.91 -6.27
C LEU B 761 4.82 -12.32 -7.56
N THR B 762 3.53 -12.57 -7.81
CA THR B 762 2.86 -11.97 -8.96
C THR B 762 2.82 -10.45 -8.83
N ASN B 763 2.57 -9.95 -7.62
CA ASN B 763 2.60 -8.52 -7.38
C ASN B 763 3.98 -7.94 -7.66
N TRP B 764 5.03 -8.65 -7.25
CA TRP B 764 6.38 -8.18 -7.51
C TRP B 764 6.66 -8.08 -9.01
N ARG B 765 6.25 -9.12 -9.75
CA ARG B 765 6.41 -9.08 -11.20
C ARG B 765 5.67 -7.88 -11.80
N ALA B 766 4.45 -7.61 -11.32
CA ALA B 766 3.67 -6.49 -11.84
C ALA B 766 4.35 -5.15 -11.55
N ARG B 767 4.87 -4.98 -10.34
CA ARG B 767 5.55 -3.74 -9.99
C ARG B 767 6.79 -3.51 -10.86
N VAL B 768 7.58 -4.57 -11.08
CA VAL B 768 8.76 -4.43 -11.92
C VAL B 768 8.37 -4.04 -13.35
N CYS B 769 7.34 -4.70 -13.90
CA CYS B 769 6.93 -4.38 -15.26
C CYS B 769 6.45 -2.93 -15.37
N GLU B 770 5.69 -2.46 -14.39
CA GLU B 770 5.24 -1.07 -14.43
C GLU B 770 6.40 -0.09 -14.29
N LEU B 771 7.40 -0.40 -13.46
CA LEU B 771 8.56 0.49 -13.39
C LEU B 771 9.28 0.58 -14.73
N MET B 772 9.42 -0.55 -15.42
CA MET B 772 10.06 -0.48 -16.72
C MET B 772 9.23 0.29 -17.74
N LYS B 773 7.91 0.19 -17.66
CA LYS B 773 7.07 1.03 -18.51
C LYS B 773 7.35 2.50 -18.25
N ASN B 774 7.50 2.88 -16.98
CA ASN B 774 7.87 4.25 -16.67
C ASN B 774 9.25 4.61 -17.24
N LEU B 775 10.18 3.67 -17.19
CA LEU B 775 11.54 3.93 -17.65
C LEU B 775 11.58 4.20 -19.15
N VAL B 776 10.80 3.46 -19.93
CA VAL B 776 10.91 3.57 -21.38
C VAL B 776 9.86 4.54 -21.95
N ASP B 777 8.94 5.02 -21.12
CA ASP B 777 7.74 5.69 -21.64
C ASP B 777 8.07 6.95 -22.42
N ASN B 778 8.99 7.78 -21.91
CA ASN B 778 9.20 9.11 -22.46
C ASN B 778 10.40 9.21 -23.39
N GLN B 779 11.18 8.15 -23.53
CA GLN B 779 12.34 8.09 -24.43
C GLN B 779 13.39 9.15 -24.10
N ARG B 780 13.46 9.58 -22.84
CA ARG B 780 14.47 10.57 -22.48
C ARG B 780 15.78 9.92 -22.04
N TYR B 781 15.75 8.66 -21.64
CA TYR B 781 16.98 7.92 -21.35
C TYR B 781 17.50 7.15 -22.53
N GLN B 782 16.86 7.27 -23.69
CA GLN B 782 17.29 6.60 -24.91
C GLN B 782 17.37 7.60 -26.06
N PRO B 783 18.38 8.47 -26.06
CA PRO B 783 18.78 9.10 -27.31
C PRO B 783 19.51 8.09 -28.18
N GLY B 784 19.61 8.41 -29.46
CA GLY B 784 20.22 7.50 -30.37
C GLY B 784 19.32 6.40 -30.89
N TRP B 785 18.06 6.38 -30.47
CA TRP B 785 17.07 5.51 -31.09
C TRP B 785 16.41 6.27 -32.24
N THR B 786 16.73 5.86 -33.47
CA THR B 786 16.28 6.56 -34.67
C THR B 786 14.77 6.54 -34.86
N GLN B 787 14.11 5.42 -34.61
CA GLN B 787 12.67 5.32 -34.76
C GLN B 787 12.06 4.93 -33.43
N SER B 788 10.80 5.29 -33.24
CA SER B 788 10.11 5.09 -31.97
C SER B 788 9.90 3.62 -31.69
N LEU B 789 10.12 3.21 -30.44
CA LEU B 789 9.96 1.84 -29.99
C LEU B 789 9.12 1.72 -28.74
N VAL B 790 8.38 2.76 -28.35
CA VAL B 790 7.68 2.73 -27.07
C VAL B 790 6.56 1.71 -27.10
N SER B 791 5.83 1.65 -28.23
CA SER B 791 4.70 0.74 -28.33
C SER B 791 5.14 -0.72 -28.25
N SER B 792 6.26 -1.06 -28.88
CA SER B 792 6.74 -2.43 -28.85
C SER B 792 7.22 -2.85 -27.47
N MET B 793 7.97 -1.97 -26.79
CA MET B 793 8.37 -2.28 -25.42
C MET B 793 7.18 -2.43 -24.50
N ARG B 794 6.19 -1.54 -24.64
CA ARG B 794 5.01 -1.62 -23.80
C ARG B 794 4.23 -2.90 -24.07
N GLY B 795 4.12 -3.29 -25.34
CA GLY B 795 3.44 -4.53 -25.66
C GLY B 795 4.13 -5.74 -25.07
N THR B 796 5.46 -5.81 -25.20
CA THR B 796 6.17 -6.95 -24.63
C THR B 796 6.07 -6.97 -23.11
N LEU B 797 6.18 -5.82 -22.47
CA LEU B 797 6.06 -5.76 -21.02
C LEU B 797 4.67 -6.16 -20.55
N ASP B 798 3.62 -5.76 -21.27
CA ASP B 798 2.27 -6.19 -20.92
C ASP B 798 2.09 -7.69 -21.11
N LYS B 799 2.67 -8.25 -22.16
CA LYS B 799 2.58 -9.69 -22.35
C LYS B 799 3.27 -10.45 -21.23
N LEU B 800 4.44 -9.96 -20.80
CA LEU B 800 5.13 -10.60 -19.69
C LEU B 800 4.45 -10.34 -18.35
N LYS B 801 3.66 -9.27 -18.26
CA LYS B 801 3.06 -8.89 -16.98
C LYS B 801 1.86 -9.76 -16.63
N LEU B 802 1.06 -10.15 -17.61
CA LEU B 802 -0.20 -10.83 -17.39
C LEU B 802 -0.11 -12.32 -17.69
N ILE B 803 1.10 -12.87 -17.77
CA ILE B 803 1.28 -14.25 -18.20
C ILE B 803 0.62 -15.19 -17.21
N LYS B 804 0.19 -16.36 -17.70
CA LYS B 804 -0.57 -17.31 -16.89
C LYS B 804 0.29 -18.42 -16.28
N SER B 805 1.27 -18.06 -15.46
CA SER B 805 2.12 -19.05 -14.82
C SER B 805 1.55 -19.46 -13.47
N MET B 806 1.69 -20.74 -13.14
CA MET B 806 1.26 -21.27 -11.85
C MET B 806 2.39 -21.34 -10.83
N THR B 807 3.60 -20.94 -11.20
CA THR B 807 4.74 -21.06 -10.30
C THR B 807 4.61 -20.23 -9.03
N PRO B 808 4.22 -18.94 -9.07
CA PRO B 808 3.99 -18.24 -7.80
C PRO B 808 2.94 -18.88 -6.91
N MET B 809 1.86 -19.41 -7.50
CA MET B 809 0.87 -20.14 -6.72
C MET B 809 1.47 -21.37 -6.07
N TYR B 810 2.27 -22.12 -6.83
CA TYR B 810 2.88 -23.33 -6.30
C TYR B 810 3.85 -23.02 -5.17
N LEU B 811 4.65 -21.97 -5.33
CA LEU B 811 5.59 -21.59 -4.28
C LEU B 811 4.89 -21.04 -3.05
N GLN B 812 3.70 -20.47 -3.21
CA GLN B 812 2.99 -19.95 -2.06
C GLN B 812 2.29 -21.04 -1.24
N GLN B 813 1.91 -22.15 -1.87
CA GLN B 813 1.00 -23.11 -1.24
C GLN B 813 1.58 -24.51 -1.10
N LEU B 814 2.14 -25.10 -2.16
CA LEU B 814 2.46 -26.53 -2.11
C LEU B 814 3.92 -26.81 -1.79
N ALA B 815 4.82 -25.93 -2.21
CA ALA B 815 6.24 -26.15 -1.91
C ALA B 815 6.53 -26.17 -0.41
N PRO B 816 6.00 -25.26 0.41
CA PRO B 816 6.22 -25.39 1.86
C PRO B 816 5.70 -26.70 2.42
N VAL B 817 4.57 -27.19 1.92
CA VAL B 817 4.03 -28.46 2.38
C VAL B 817 4.98 -29.59 2.04
N GLU B 818 5.52 -29.60 0.82
CA GLU B 818 6.46 -30.65 0.42
C GLU B 818 7.71 -30.59 1.27
N LEU B 819 8.23 -29.40 1.53
CA LEU B 819 9.43 -29.27 2.35
C LEU B 819 9.18 -29.77 3.76
N ALA B 820 8.03 -29.43 4.33
CA ALA B 820 7.71 -29.88 5.68
C ALA B 820 7.51 -31.38 5.74
N VAL B 821 7.00 -31.98 4.67
CA VAL B 821 6.82 -33.43 4.65
C VAL B 821 8.18 -34.12 4.56
N ILE B 822 9.08 -33.62 3.74
CA ILE B 822 10.38 -34.28 3.56
C ILE B 822 11.28 -34.06 4.78
N ALA B 823 11.19 -32.90 5.42
CA ALA B 823 12.20 -32.51 6.41
C ALA B 823 12.48 -33.51 7.52
N PRO B 824 11.49 -34.12 8.19
CA PRO B 824 11.84 -35.01 9.32
C PRO B 824 12.60 -36.25 8.92
N MET B 825 12.60 -36.62 7.63
CA MET B 825 13.14 -37.90 7.21
C MET B 825 14.56 -37.77 6.69
N LEU B 826 15.12 -36.57 6.66
CA LEU B 826 16.41 -36.34 6.03
C LEU B 826 17.54 -36.90 6.90
N PRO B 827 18.65 -37.33 6.30
CA PRO B 827 19.78 -37.82 7.09
C PRO B 827 20.59 -36.70 7.74
N PHE B 828 20.57 -35.52 7.15
CA PHE B 828 21.18 -34.33 7.72
C PHE B 828 20.10 -33.31 8.05
N PRO B 829 19.67 -33.19 9.30
CA PRO B 829 18.57 -32.30 9.65
C PRO B 829 18.93 -30.84 9.44
N PRO B 830 17.93 -29.98 9.21
CA PRO B 830 18.21 -28.61 8.76
C PRO B 830 18.97 -27.78 9.77
N PHE B 831 19.71 -26.78 9.25
CA PHE B 831 20.49 -25.85 10.07
C PHE B 831 20.27 -24.45 9.51
N GLN B 832 19.42 -23.67 10.18
CA GLN B 832 18.98 -22.37 9.67
C GLN B 832 19.31 -21.27 10.66
N VAL B 833 19.76 -20.12 10.14
CA VAL B 833 19.85 -18.88 10.89
C VAL B 833 18.71 -17.99 10.39
N PRO B 834 18.23 -17.01 11.18
CA PRO B 834 16.96 -16.35 10.87
C PRO B 834 17.00 -15.46 9.63
N TYR B 835 15.91 -15.48 8.88
CA TYR B 835 15.75 -14.64 7.71
C TYR B 835 15.26 -13.27 8.13
N VAL B 836 15.92 -12.21 7.65
CA VAL B 836 15.52 -10.85 7.96
C VAL B 836 15.51 -10.04 6.67
N ARG B 837 14.49 -9.21 6.50
CA ARG B 837 14.19 -8.61 5.20
C ARG B 837 15.09 -7.41 4.91
N LEU B 838 14.97 -6.35 5.71
CA LEU B 838 15.82 -5.18 5.51
C LEU B 838 16.33 -4.59 6.82
N ASP B 839 16.27 -5.33 7.92
CA ASP B 839 16.78 -4.85 9.21
C ASP B 839 18.28 -5.16 9.29
N ARG B 840 19.06 -4.16 8.90
CA ARG B 840 20.50 -4.36 8.70
C ARG B 840 21.22 -4.74 9.98
N ASP B 841 20.83 -4.14 11.11
CA ASP B 841 21.54 -4.39 12.37
C ASP B 841 21.43 -5.85 12.80
N ARG B 842 20.44 -6.57 12.30
CA ARG B 842 20.21 -7.96 12.69
C ARG B 842 20.69 -8.96 11.66
N VAL B 843 21.41 -8.53 10.63
CA VAL B 843 21.86 -9.47 9.60
C VAL B 843 22.98 -10.34 10.15
N PRO B 844 22.86 -11.67 10.14
CA PRO B 844 23.88 -12.50 10.77
C PRO B 844 25.05 -12.81 9.85
N THR B 845 26.27 -12.44 10.24
CA THR B 845 27.42 -12.86 9.43
C THR B 845 28.52 -13.42 10.34
N MET B 846 28.32 -14.65 10.79
CA MET B 846 29.36 -15.50 11.37
C MET B 846 28.68 -16.75 11.90
N VAL B 847 29.43 -17.85 11.94
CA VAL B 847 29.03 -19.07 12.65
C VAL B 847 30.28 -19.70 13.25
N GLY B 848 30.21 -20.07 14.53
CA GLY B 848 31.37 -20.63 15.19
C GLY B 848 31.07 -21.79 16.11
N VAL B 849 32.05 -22.69 16.27
CA VAL B 849 31.93 -23.86 17.12
C VAL B 849 32.99 -23.78 18.21
N THR B 850 32.59 -24.00 19.46
CA THR B 850 33.46 -23.79 20.61
C THR B 850 33.64 -25.10 21.37
N ARG B 851 34.88 -25.36 21.78
CA ARG B 851 35.25 -26.58 22.49
C ARG B 851 35.49 -26.37 23.98
N GLN B 852 35.56 -25.13 24.47
CA GLN B 852 35.98 -24.85 25.84
C GLN B 852 34.85 -24.24 26.65
N SER B 853 34.96 -24.37 27.97
CA SER B 853 33.91 -23.93 28.87
C SER B 853 33.89 -22.41 28.99
N ARG B 854 32.89 -21.91 29.72
CA ARG B 854 32.68 -20.47 29.83
C ARG B 854 33.36 -19.87 31.05
N ASP B 855 34.29 -20.57 31.70
CA ASP B 855 35.02 -20.02 32.84
C ASP B 855 36.52 -20.16 32.70
N THR B 856 37.03 -20.16 31.47
CA THR B 856 38.46 -20.32 31.25
C THR B 856 38.94 -19.34 30.19
N ILE B 857 40.22 -19.03 30.22
CA ILE B 857 40.87 -18.20 29.22
C ILE B 857 41.95 -19.02 28.56
N THR B 858 41.88 -19.16 27.23
CA THR B 858 42.77 -20.03 26.48
C THR B 858 43.19 -19.36 25.18
N GLN B 859 43.81 -20.13 24.31
CA GLN B 859 44.13 -19.64 22.98
C GLN B 859 42.85 -19.38 22.20
N PRO B 860 42.79 -18.35 21.38
CA PRO B 860 41.56 -18.04 20.65
C PRO B 860 41.35 -18.89 19.41
N ALA B 861 41.35 -20.21 19.57
CA ALA B 861 41.38 -21.12 18.42
C ALA B 861 40.00 -21.17 17.77
N LEU B 862 39.76 -20.23 16.85
CA LEU B 862 38.49 -20.18 16.14
C LEU B 862 38.38 -21.36 15.18
N SER B 863 37.15 -21.76 14.89
CA SER B 863 36.91 -22.87 13.98
C SER B 863 37.02 -22.41 12.53
N LEU B 864 36.99 -23.38 11.61
CA LEU B 864 37.23 -23.09 10.21
C LEU B 864 36.06 -22.33 9.56
N SER B 865 34.83 -22.60 10.01
CA SER B 865 33.66 -22.01 9.38
C SER B 865 33.67 -20.49 9.44
N THR B 866 34.47 -19.90 10.33
CA THR B 866 34.50 -18.46 10.47
C THR B 866 35.24 -17.79 9.31
N THR B 867 36.03 -18.55 8.56
CA THR B 867 36.91 -17.92 7.57
C THR B 867 36.17 -17.52 6.31
N ASN B 868 34.91 -17.91 6.17
CA ASN B 868 34.13 -17.50 5.01
C ASN B 868 33.78 -16.02 5.06
N THR B 869 33.84 -15.37 3.90
CA THR B 869 33.35 -14.00 3.79
C THR B 869 31.86 -13.93 4.09
N THR B 870 31.08 -14.85 3.53
CA THR B 870 29.66 -14.92 3.83
C THR B 870 29.44 -15.72 5.11
N VAL B 871 28.17 -15.97 5.42
CA VAL B 871 27.86 -16.80 6.58
C VAL B 871 28.18 -18.26 6.29
N GLY B 872 27.94 -18.71 5.04
CA GLY B 872 28.21 -20.06 4.64
C GLY B 872 29.05 -20.14 3.38
N VAL B 873 29.21 -21.37 2.89
CA VAL B 873 30.00 -21.65 1.69
C VAL B 873 29.26 -21.12 0.47
N PRO B 874 29.89 -20.29 -0.36
CA PRO B 874 29.16 -19.68 -1.47
C PRO B 874 28.76 -20.64 -2.56
N LEU B 875 27.63 -20.36 -3.23
CA LEU B 875 27.09 -21.19 -4.29
C LEU B 875 26.46 -20.29 -5.33
N ALA B 876 26.74 -20.53 -6.61
CA ALA B 876 26.27 -19.66 -7.68
C ALA B 876 25.12 -20.31 -8.46
N LEU B 877 24.15 -19.49 -8.84
CA LEU B 877 22.97 -19.94 -9.57
C LEU B 877 22.81 -19.11 -10.85
N ASP B 878 22.20 -19.72 -11.86
CA ASP B 878 21.89 -19.00 -13.09
C ASP B 878 20.56 -18.28 -12.93
N ALA B 879 20.54 -16.99 -13.23
CA ALA B 879 19.31 -16.21 -13.10
C ALA B 879 18.31 -16.56 -14.20
N ARG B 880 18.79 -16.84 -15.41
CA ARG B 880 17.91 -17.07 -16.54
C ARG B 880 17.00 -18.27 -16.31
N ALA B 881 17.56 -19.37 -15.79
CA ALA B 881 16.76 -20.56 -15.53
C ALA B 881 15.70 -20.29 -14.48
N ILE B 882 16.03 -19.56 -13.42
CA ILE B 882 15.05 -19.25 -12.40
C ILE B 882 13.92 -18.40 -12.97
N THR B 883 14.25 -17.38 -13.75
CA THR B 883 13.21 -16.51 -14.28
C THR B 883 12.32 -17.27 -15.28
N VAL B 884 12.92 -18.14 -16.11
CA VAL B 884 12.13 -18.95 -17.02
C VAL B 884 11.20 -19.88 -16.24
N ALA B 885 11.71 -20.49 -15.17
CA ALA B 885 10.87 -21.35 -14.35
C ALA B 885 9.75 -20.58 -13.66
N LEU B 886 9.96 -19.29 -13.39
CA LEU B 886 8.91 -18.48 -12.79
C LEU B 886 7.85 -18.09 -13.81
N LEU B 887 8.26 -17.77 -15.04
CA LEU B 887 7.28 -17.29 -16.01
C LEU B 887 6.49 -18.43 -16.65
N SER B 888 6.95 -19.66 -16.52
CA SER B 888 6.28 -20.83 -17.10
C SER B 888 6.12 -21.92 -16.04
N GLY B 889 4.98 -22.60 -16.08
CA GLY B 889 4.71 -23.61 -15.09
C GLY B 889 3.23 -23.90 -14.99
N LYS B 890 2.86 -25.16 -14.82
CA LYS B 890 1.46 -25.54 -14.89
C LYS B 890 1.21 -26.84 -14.13
N TYR B 891 -0.07 -27.10 -13.90
CA TYR B 891 -0.57 -28.29 -13.24
C TYR B 891 -1.24 -29.20 -14.26
N PRO B 892 -1.40 -30.48 -13.96
CA PRO B 892 -2.23 -31.32 -14.80
C PRO B 892 -3.68 -30.90 -14.72
N PRO B 893 -4.44 -31.03 -15.81
CA PRO B 893 -5.85 -30.64 -15.76
C PRO B 893 -6.72 -31.63 -15.01
N ASP B 894 -6.11 -32.60 -14.35
CA ASP B 894 -6.87 -33.56 -13.58
C ASP B 894 -6.22 -33.86 -12.23
N LEU B 895 -5.76 -32.84 -11.52
CA LEU B 895 -5.05 -33.02 -10.26
C LEU B 895 -6.04 -33.04 -9.10
N VAL B 896 -5.94 -34.07 -8.25
CA VAL B 896 -6.58 -34.08 -6.94
C VAL B 896 -5.46 -34.23 -5.92
N THR B 897 -5.30 -33.23 -5.06
CA THR B 897 -4.14 -33.17 -4.18
C THR B 897 -4.08 -34.34 -3.22
N ASN B 898 -5.23 -34.80 -2.72
CA ASN B 898 -5.22 -35.95 -1.82
C ASN B 898 -4.62 -37.18 -2.49
N VAL B 899 -5.08 -37.50 -3.69
CA VAL B 899 -4.59 -38.69 -4.38
C VAL B 899 -3.11 -38.56 -4.70
N TRP B 900 -2.71 -37.39 -5.23
CA TRP B 900 -1.32 -37.20 -5.59
C TRP B 900 -0.42 -37.35 -4.37
N TYR B 901 -0.82 -36.76 -3.25
CA TYR B 901 0.10 -36.75 -2.11
C TYR B 901 0.08 -38.06 -1.34
N ALA B 902 -1.03 -38.80 -1.35
CA ALA B 902 -0.98 -40.17 -0.86
C ALA B 902 -0.01 -41.02 -1.69
N ASP B 903 -0.13 -40.93 -3.02
CA ASP B 903 0.75 -41.70 -3.89
C ASP B 903 2.19 -41.23 -3.82
N ALA B 904 2.42 -40.00 -3.39
CA ALA B 904 3.79 -39.51 -3.26
C ALA B 904 4.40 -39.90 -1.93
N ILE B 905 3.60 -39.91 -0.85
CA ILE B 905 4.15 -40.07 0.48
C ILE B 905 4.32 -41.54 0.82
N TYR B 906 3.41 -42.41 0.37
CA TYR B 906 3.51 -43.81 0.79
C TYR B 906 4.85 -44.45 0.44
N PRO B 907 5.35 -44.40 -0.80
CA PRO B 907 6.63 -45.06 -1.08
C PRO B 907 7.83 -44.32 -0.56
N MET B 908 7.71 -43.02 -0.28
CA MET B 908 8.81 -42.28 0.33
C MET B 908 8.97 -42.64 1.80
N TYR B 909 7.85 -42.74 2.52
CA TYR B 909 7.92 -43.12 3.93
C TYR B 909 8.20 -44.60 4.10
N ALA B 910 7.83 -45.43 3.12
CA ALA B 910 8.08 -46.85 3.24
C ALA B 910 9.57 -47.17 3.30
N ASP B 911 10.41 -46.22 2.90
CA ASP B 911 11.86 -46.34 3.00
C ASP B 911 12.36 -45.23 3.92
N THR B 912 12.26 -45.45 5.22
CA THR B 912 12.63 -44.43 6.18
C THR B 912 13.70 -44.97 7.11
N GLU B 913 14.55 -44.07 7.58
CA GLU B 913 15.72 -44.44 8.37
C GLU B 913 15.87 -43.62 9.65
N VAL B 914 14.78 -43.09 10.19
CA VAL B 914 14.88 -42.19 11.33
C VAL B 914 15.25 -42.94 12.59
N PHE B 915 14.74 -44.16 12.76
CA PHE B 915 15.01 -44.91 13.98
C PHE B 915 16.50 -45.22 14.12
N SER B 916 17.13 -45.65 13.01
CA SER B 916 18.56 -45.88 13.01
C SER B 916 19.32 -44.59 13.31
N ASN B 917 18.87 -43.47 12.76
CA ASN B 917 19.51 -42.19 13.05
C ASN B 917 19.43 -41.85 14.53
N LEU B 918 18.29 -42.10 15.16
CA LEU B 918 18.15 -41.82 16.59
C LEU B 918 19.13 -42.65 17.41
N GLN B 919 19.24 -43.94 17.09
CA GLN B 919 20.21 -44.79 17.80
C GLN B 919 21.64 -44.29 17.57
N ARG B 920 21.96 -43.88 16.34
CA ARG B 920 23.29 -43.37 16.03
C ARG B 920 23.60 -42.11 16.83
N ASP B 921 22.62 -41.22 16.98
CA ASP B 921 22.85 -40.00 17.75
C ASP B 921 23.09 -40.32 19.21
N MET B 922 22.33 -41.26 19.77
CA MET B 922 22.57 -41.66 21.15
C MET B 922 24.01 -42.12 21.34
N ILE B 923 24.47 -43.00 20.44
CA ILE B 923 25.84 -43.51 20.57
C ILE B 923 26.87 -42.38 20.41
N THR B 924 26.63 -41.45 19.48
CA THR B 924 27.57 -40.36 19.28
C THR B 924 27.74 -39.53 20.55
N CYS B 925 26.62 -39.21 21.21
CA CYS B 925 26.71 -38.42 22.43
C CYS B 925 27.46 -39.18 23.53
N GLU B 926 27.15 -40.48 23.67
CA GLU B 926 27.89 -41.30 24.63
C GLU B 926 29.38 -41.22 24.40
N ALA B 927 29.79 -41.36 23.13
CA ALA B 927 31.21 -41.39 22.80
C ALA B 927 31.89 -40.07 23.11
N VAL B 928 31.23 -38.94 22.82
CA VAL B 928 31.83 -37.64 23.08
C VAL B 928 32.07 -37.48 24.58
N GLN B 929 31.07 -37.82 25.40
CA GLN B 929 31.25 -37.69 26.84
C GLN B 929 32.36 -38.58 27.37
N THR B 930 32.45 -39.81 26.87
CA THR B 930 33.54 -40.71 27.29
C THR B 930 34.89 -40.13 26.94
N LEU B 931 35.04 -39.57 25.75
CA LEU B 931 36.32 -38.98 25.36
C LEU B 931 36.69 -37.84 26.30
N VAL B 932 35.74 -36.96 26.62
CA VAL B 932 36.08 -35.85 27.51
C VAL B 932 36.53 -36.35 28.87
N THR B 933 35.80 -37.31 29.45
CA THR B 933 36.15 -37.79 30.78
C THR B 933 37.52 -38.46 30.79
N LEU B 934 37.83 -39.26 29.76
CA LEU B 934 39.11 -39.96 29.77
C LEU B 934 40.28 -39.04 29.44
N VAL B 935 40.06 -38.01 28.63
CA VAL B 935 41.19 -37.15 28.29
C VAL B 935 41.47 -36.18 29.44
N ALA B 936 40.50 -35.95 30.33
CA ALA B 936 40.76 -35.12 31.49
C ALA B 936 41.83 -35.70 32.40
N GLN B 937 42.03 -37.02 32.36
CA GLN B 937 42.86 -37.69 33.36
C GLN B 937 44.35 -37.52 33.11
N ILE B 938 44.74 -37.22 31.87
CA ILE B 938 46.16 -37.20 31.50
C ILE B 938 46.62 -35.82 31.02
N SER B 939 45.96 -34.74 31.45
CA SER B 939 46.29 -33.41 30.97
C SER B 939 45.96 -32.39 32.07
N GLU B 940 46.06 -31.12 31.72
CA GLU B 940 45.69 -30.01 32.60
C GLU B 940 44.30 -29.48 32.34
N THR B 941 43.39 -30.30 31.82
CA THR B 941 42.05 -29.83 31.53
C THR B 941 41.36 -29.36 32.80
N GLN B 942 40.68 -28.22 32.70
CA GLN B 942 39.96 -27.62 33.83
C GLN B 942 38.60 -28.27 34.03
N TYR B 943 38.58 -29.59 34.18
CA TYR B 943 37.34 -30.36 34.22
C TYR B 943 37.24 -31.13 35.53
N PRO B 944 36.11 -31.05 36.23
CA PRO B 944 35.98 -31.77 37.49
C PRO B 944 35.64 -33.24 37.31
N VAL B 945 36.62 -34.12 37.53
CA VAL B 945 36.43 -35.56 37.48
C VAL B 945 37.16 -36.16 38.67
N ASP B 946 36.54 -37.14 39.31
CA ASP B 946 37.14 -37.79 40.47
C ASP B 946 38.42 -38.52 40.04
N ARG B 947 39.56 -38.03 40.54
CA ARG B 947 40.87 -38.52 40.12
C ARG B 947 41.22 -39.76 40.94
N TYR B 948 41.10 -40.93 40.31
CA TYR B 948 41.36 -42.17 41.05
C TYR B 948 42.73 -42.77 40.73
N LEU B 949 43.14 -42.74 39.48
CA LEU B 949 44.39 -43.37 39.07
C LEU B 949 45.57 -42.41 39.09
N ASP B 950 45.59 -41.46 40.03
CA ASP B 950 46.70 -40.52 40.09
C ASP B 950 48.00 -41.17 40.55
N TRP B 951 47.93 -42.27 41.30
CA TRP B 951 49.14 -42.87 41.83
C TRP B 951 49.97 -43.61 40.78
N ILE B 952 49.44 -43.80 39.58
CA ILE B 952 50.17 -44.45 38.49
C ILE B 952 51.01 -43.40 37.77
N PRO B 953 52.31 -43.63 37.57
CA PRO B 953 53.16 -42.61 36.96
C PRO B 953 52.74 -42.26 35.55
N SER B 954 52.87 -40.97 35.22
CA SER B 954 52.44 -40.45 33.93
C SER B 954 53.17 -39.15 33.64
N LEU B 955 53.10 -38.73 32.39
CA LEU B 955 53.59 -37.41 32.02
C LEU B 955 52.40 -36.48 31.77
N ARG B 956 52.71 -35.26 31.32
CA ARG B 956 51.71 -34.24 31.07
C ARG B 956 51.59 -34.08 29.56
N ALA B 957 50.39 -34.33 29.03
CA ALA B 957 50.24 -34.59 27.61
C ALA B 957 49.97 -33.30 26.83
N SER B 958 50.61 -33.17 25.68
CA SER B 958 50.37 -32.08 24.75
C SER B 958 49.34 -32.49 23.72
N ALA B 959 49.16 -31.65 22.70
CA ALA B 959 48.13 -31.89 21.71
C ALA B 959 48.40 -33.14 20.88
N ALA B 960 49.66 -33.43 20.58
CA ALA B 960 49.96 -34.61 19.79
C ALA B 960 49.67 -35.89 20.56
N THR B 961 50.13 -35.97 21.81
CA THR B 961 49.89 -37.16 22.62
C THR B 961 48.41 -37.38 22.86
N ALA B 962 47.69 -36.32 23.21
CA ALA B 962 46.26 -36.43 23.42
C ALA B 962 45.53 -36.79 22.14
N ALA B 963 46.00 -36.30 20.99
CA ALA B 963 45.38 -36.67 19.72
C ALA B 963 45.56 -38.15 19.43
N THR B 964 46.74 -38.70 19.68
CA THR B 964 46.94 -40.14 19.50
C THR B 964 46.04 -40.95 20.43
N PHE B 965 45.98 -40.55 21.70
CA PHE B 965 45.16 -41.26 22.68
C PHE B 965 43.68 -41.22 22.29
N ALA B 966 43.20 -40.04 21.88
CA ALA B 966 41.81 -39.90 21.47
C ALA B 966 41.51 -40.72 20.23
N GLU B 967 42.44 -40.80 19.29
CA GLU B 967 42.22 -41.61 18.11
C GLU B 967 42.08 -43.09 18.48
N TRP B 968 42.91 -43.55 19.41
CA TRP B 968 42.79 -44.94 19.84
C TRP B 968 41.44 -45.20 20.50
N VAL B 969 40.97 -44.25 21.32
CA VAL B 969 39.66 -44.41 21.96
C VAL B 969 38.56 -44.49 20.92
N ASN B 970 38.60 -43.60 19.92
CA ASN B 970 37.59 -43.57 18.88
C ASN B 970 37.56 -44.88 18.11
N THR B 971 38.74 -45.39 17.74
CA THR B 971 38.80 -46.66 17.03
C THR B 971 38.25 -47.81 17.86
N SER B 972 38.56 -47.85 19.16
CA SER B 972 38.07 -48.93 20.00
C SER B 972 36.55 -48.91 20.08
N MET B 973 35.97 -47.72 20.24
CA MET B 973 34.51 -47.65 20.34
C MET B 973 33.84 -48.06 19.03
N LYS B 974 34.37 -47.61 17.90
CA LYS B 974 33.83 -48.03 16.61
C LYS B 974 33.91 -49.54 16.46
N THR B 975 35.03 -50.14 16.88
CA THR B 975 35.13 -51.60 16.81
C THR B 975 34.07 -52.28 17.67
N ALA B 976 33.83 -51.79 18.87
CA ALA B 976 32.86 -52.43 19.74
C ALA B 976 31.45 -52.35 19.16
N PHE B 977 31.09 -51.22 18.53
CA PHE B 977 29.72 -51.09 18.06
C PHE B 977 29.59 -51.36 16.58
N ASP B 978 30.64 -51.88 15.94
CA ASP B 978 30.59 -52.32 14.55
C ASP B 978 30.24 -51.19 13.58
N LEU B 979 30.89 -50.05 13.70
CA LEU B 979 30.64 -48.91 12.84
C LEU B 979 31.74 -48.77 11.79
N SER B 980 31.41 -48.10 10.69
CA SER B 980 32.37 -47.89 9.60
C SER B 980 32.39 -46.47 9.05
N ASP B 981 31.43 -45.63 9.35
CA ASP B 981 31.42 -44.25 8.88
C ASP B 981 32.06 -43.36 9.94
N MET B 982 31.83 -42.05 9.84
CA MET B 982 32.42 -41.07 10.73
C MET B 982 31.96 -41.26 12.16
N LEU B 983 32.88 -41.04 13.10
CA LEU B 983 32.57 -40.96 14.52
C LEU B 983 33.72 -40.23 15.21
N LEU B 984 33.44 -39.07 15.80
CA LEU B 984 34.43 -38.30 16.55
C LEU B 984 35.62 -37.86 15.71
N GLU B 985 35.54 -37.96 14.38
CA GLU B 985 36.67 -37.54 13.54
C GLU B 985 36.97 -36.05 13.60
N PRO B 986 36.01 -35.13 13.53
CA PRO B 986 36.37 -33.69 13.59
C PRO B 986 37.00 -33.28 14.90
N LEU B 987 36.80 -34.03 15.99
CA LEU B 987 37.40 -33.65 17.26
C LEU B 987 38.89 -33.93 17.29
N LEU B 988 39.39 -34.81 16.42
CA LEU B 988 40.79 -35.20 16.48
C LEU B 988 41.68 -34.24 15.69
N SER B 989 41.09 -33.25 15.02
CA SER B 989 41.84 -32.44 14.08
C SER B 989 42.35 -31.13 14.67
N GLY B 990 42.48 -31.06 15.99
CA GLY B 990 43.01 -29.87 16.62
C GLY B 990 43.60 -30.17 17.98
N ASP B 991 43.24 -29.36 18.97
CA ASP B 991 43.55 -29.66 20.36
C ASP B 991 42.42 -30.50 20.94
N PRO B 992 42.63 -31.80 21.16
CA PRO B 992 41.55 -32.66 21.67
C PRO B 992 41.34 -32.58 23.17
N ARG B 993 42.05 -31.71 23.88
CA ARG B 993 41.83 -31.48 25.31
C ARG B 993 40.70 -30.47 25.49
N MET B 994 39.48 -30.94 25.24
CA MET B 994 38.31 -30.08 25.25
C MET B 994 37.60 -30.14 26.60
N THR B 995 36.56 -29.33 26.74
CA THR B 995 35.71 -29.35 27.92
C THR B 995 34.24 -29.49 27.57
N GLN B 996 33.78 -28.80 26.53
CA GLN B 996 32.35 -28.69 26.28
C GLN B 996 32.08 -28.16 24.88
N LEU B 997 31.20 -28.84 24.14
CA LEU B 997 30.81 -28.40 22.80
C LEU B 997 29.72 -27.34 22.87
N ALA B 998 29.82 -26.34 22.00
CA ALA B 998 28.80 -25.30 21.93
C ALA B 998 28.86 -24.65 20.56
N ILE B 999 27.81 -23.92 20.20
CA ILE B 999 27.76 -23.24 18.92
C ILE B 999 27.29 -21.80 19.14
N GLN B 1000 27.65 -20.92 18.21
CA GLN B 1000 27.24 -19.52 18.33
C GLN B 1000 27.23 -18.84 16.97
N TYR B 1001 26.53 -17.71 16.90
CA TYR B 1001 26.56 -16.87 15.71
C TYR B 1001 26.44 -15.39 16.07
N GLN B 1002 26.84 -14.54 15.14
CA GLN B 1002 27.04 -13.12 15.38
C GLN B 1002 26.15 -12.27 14.49
N GLN B 1003 25.68 -11.16 15.04
CA GLN B 1003 24.91 -10.16 14.31
C GLN B 1003 25.84 -9.09 13.74
N TYR B 1004 25.26 -8.17 12.98
CA TYR B 1004 26.06 -7.08 12.42
C TYR B 1004 26.50 -6.09 13.48
N ASN B 1005 25.70 -5.90 14.52
CA ASN B 1005 26.01 -4.92 15.55
C ASN B 1005 26.80 -5.50 16.72
N GLY B 1006 27.40 -6.68 16.57
CA GLY B 1006 28.25 -7.26 17.58
C GLY B 1006 27.59 -8.21 18.53
N ARG B 1007 26.26 -8.23 18.60
CA ARG B 1007 25.55 -9.14 19.48
C ARG B 1007 25.78 -10.58 19.05
N THR B 1008 25.72 -11.50 20.02
CA THR B 1008 26.01 -12.90 19.78
C THR B 1008 24.92 -13.78 20.38
N PHE B 1009 24.76 -14.96 19.82
CA PHE B 1009 23.85 -15.97 20.34
C PHE B 1009 24.61 -17.27 20.53
N ASN B 1010 24.52 -17.82 21.74
CA ASN B 1010 25.34 -18.96 22.18
C ASN B 1010 24.42 -20.07 22.67
N ILE B 1011 24.60 -21.27 22.12
CA ILE B 1011 23.81 -22.44 22.48
C ILE B 1011 24.75 -23.51 23.01
N ILE B 1012 24.47 -23.98 24.22
CA ILE B 1012 25.27 -24.96 24.93
C ILE B 1012 24.36 -26.09 25.36
N PRO B 1013 24.41 -27.24 24.69
CA PRO B 1013 23.54 -28.37 25.07
C PRO B 1013 23.80 -28.85 26.48
N GLU B 1014 22.72 -29.20 27.18
CA GLU B 1014 22.81 -29.64 28.58
C GLU B 1014 22.93 -31.16 28.60
N MET B 1015 24.14 -31.62 28.88
CA MET B 1015 24.48 -33.04 28.80
C MET B 1015 23.71 -33.84 29.85
N PRO B 1016 23.01 -34.88 29.42
CA PRO B 1016 22.48 -35.86 30.38
C PRO B 1016 23.59 -36.77 30.87
N GLY B 1017 23.25 -37.88 31.52
CA GLY B 1017 24.26 -38.82 31.94
C GLY B 1017 25.00 -39.45 30.76
N SER B 1018 25.92 -40.34 31.10
CA SER B 1018 26.59 -41.18 30.11
C SER B 1018 26.95 -42.48 30.80
N VAL B 1019 26.31 -43.58 30.40
CA VAL B 1019 26.47 -44.82 31.15
C VAL B 1019 27.89 -45.37 31.01
N ILE B 1020 28.50 -45.20 29.84
CA ILE B 1020 29.85 -45.73 29.62
C ILE B 1020 30.85 -45.05 30.55
N ALA B 1021 30.76 -43.73 30.67
CA ALA B 1021 31.70 -42.98 31.51
C ALA B 1021 31.55 -43.37 32.98
N ASP B 1022 30.32 -43.48 33.46
CA ASP B 1022 30.11 -43.88 34.85
C ASP B 1022 30.60 -45.30 35.11
N CYS B 1023 30.38 -46.21 34.15
CA CYS B 1023 30.89 -47.57 34.30
C CYS B 1023 32.41 -47.59 34.34
N VAL B 1024 33.06 -46.76 33.53
CA VAL B 1024 34.52 -46.67 33.53
C VAL B 1024 35.03 -46.13 34.87
N GLN B 1025 34.35 -45.11 35.42
CA GLN B 1025 34.76 -44.59 36.71
C GLN B 1025 34.58 -45.63 37.82
N LEU B 1026 33.50 -46.41 37.75
CA LEU B 1026 33.32 -47.50 38.71
C LEU B 1026 34.44 -48.53 38.59
N THR B 1027 34.83 -48.85 37.36
CA THR B 1027 35.91 -49.79 37.13
C THR B 1027 37.23 -49.27 37.72
N ALA B 1028 37.48 -47.97 37.59
CA ALA B 1028 38.68 -47.41 38.22
C ALA B 1028 38.61 -47.49 39.74
N GLU B 1029 37.45 -47.22 40.33
CA GLU B 1029 37.32 -47.35 41.78
C GLU B 1029 37.63 -48.77 42.22
N VAL B 1030 37.17 -49.77 41.48
CA VAL B 1030 37.47 -51.16 41.84
C VAL B 1030 38.95 -51.46 41.61
N PHE B 1031 39.53 -50.88 40.57
CA PHE B 1031 40.94 -51.12 40.28
C PHE B 1031 41.83 -50.67 41.42
N ASN B 1032 41.51 -49.53 42.04
CA ASN B 1032 42.31 -49.02 43.16
C ASN B 1032 42.42 -50.03 44.29
N HIS B 1033 41.64 -51.11 44.23
CA HIS B 1033 41.78 -52.16 45.25
C HIS B 1033 42.23 -53.48 44.64
N GLU B 1034 41.88 -53.75 43.38
CA GLU B 1034 42.21 -55.04 42.77
C GLU B 1034 43.32 -54.95 41.71
N TYR B 1035 44.20 -53.96 41.80
CA TYR B 1035 45.32 -53.88 40.87
C TYR B 1035 46.12 -55.17 40.79
N ASN B 1036 46.29 -55.90 41.91
CA ASN B 1036 47.01 -57.16 41.84
C ASN B 1036 46.31 -58.19 40.98
N LEU B 1037 44.98 -58.29 41.11
CA LEU B 1037 44.24 -59.17 40.22
C LEU B 1037 44.41 -58.75 38.77
N PHE B 1038 44.62 -57.46 38.51
CA PHE B 1038 44.87 -57.05 37.14
C PHE B 1038 46.33 -57.19 36.71
N GLY B 1039 47.20 -57.66 37.59
CA GLY B 1039 48.59 -57.88 37.24
C GLY B 1039 49.54 -56.74 37.52
N ILE B 1040 49.17 -55.78 38.36
CA ILE B 1040 49.95 -54.60 38.65
C ILE B 1040 50.39 -54.64 40.11
N ALA B 1041 51.61 -54.18 40.38
CA ALA B 1041 52.09 -53.98 41.73
C ALA B 1041 52.15 -52.50 42.05
N ARG B 1042 52.05 -52.17 43.34
CA ARG B 1042 52.04 -50.79 43.80
C ARG B 1042 53.13 -50.59 44.85
N GLY B 1043 54.01 -49.62 44.63
CA GLY B 1043 54.99 -49.25 45.62
C GLY B 1043 56.38 -49.22 45.04
N ASP B 1044 57.37 -49.07 45.92
CA ASP B 1044 58.78 -49.06 45.56
C ASP B 1044 59.35 -50.46 45.69
N ILE B 1045 60.56 -50.66 45.16
CA ILE B 1045 61.24 -51.94 45.33
C ILE B 1045 62.60 -51.69 45.98
N ILE B 1046 63.14 -52.72 46.59
CA ILE B 1046 64.41 -52.65 47.31
C ILE B 1046 65.35 -53.70 46.74
N ILE B 1047 66.56 -53.29 46.38
CA ILE B 1047 67.58 -54.16 45.85
C ILE B 1047 68.70 -54.27 46.86
N GLY B 1048 69.07 -55.50 47.22
CA GLY B 1048 70.08 -55.78 48.21
C GLY B 1048 70.09 -57.24 48.60
N ARG B 1049 71.26 -57.76 48.95
CA ARG B 1049 71.42 -59.19 49.19
C ARG B 1049 70.82 -59.59 50.54
N VAL B 1050 70.04 -60.66 50.52
CA VAL B 1050 69.52 -61.31 51.73
C VAL B 1050 69.73 -62.80 51.58
N GLN B 1051 70.63 -63.38 52.36
CA GLN B 1051 70.87 -64.82 52.36
C GLN B 1051 70.24 -65.44 53.60
N SER B 1052 69.32 -66.37 53.39
CA SER B 1052 68.58 -66.93 54.52
C SER B 1052 67.93 -68.25 54.14
N THR B 1053 67.51 -68.99 55.17
CA THR B 1053 66.69 -70.17 55.02
C THR B 1053 65.22 -69.92 55.35
N HIS B 1054 64.85 -68.69 55.70
CA HIS B 1054 63.46 -68.39 56.03
C HIS B 1054 62.59 -68.44 54.78
N LEU B 1055 61.30 -68.70 54.98
CA LEU B 1055 60.39 -69.00 53.88
C LEU B 1055 59.30 -67.96 53.67
N TRP B 1056 59.49 -66.73 54.13
CA TRP B 1056 58.52 -65.69 53.81
C TRP B 1056 58.58 -65.36 52.33
N SER B 1057 57.43 -64.93 51.80
CA SER B 1057 57.36 -64.51 50.41
C SER B 1057 57.95 -63.11 50.25
N PRO B 1058 58.63 -62.84 49.13
CA PRO B 1058 59.12 -61.49 48.90
C PRO B 1058 58.04 -60.48 48.52
N LEU B 1059 56.83 -60.94 48.22
CA LEU B 1059 55.70 -60.03 48.03
C LEU B 1059 55.01 -59.68 49.34
N ALA B 1060 55.53 -60.17 50.47
CA ALA B 1060 55.04 -59.86 51.80
C ALA B 1060 56.22 -59.87 52.76
N PRO B 1061 57.11 -58.89 52.68
CA PRO B 1061 58.35 -58.96 53.44
C PRO B 1061 58.14 -58.53 54.88
N PRO B 1062 58.97 -59.00 55.81
CA PRO B 1062 58.90 -58.50 57.17
C PRO B 1062 59.39 -57.08 57.23
N PRO B 1063 58.93 -56.29 58.20
CA PRO B 1063 59.33 -54.88 58.26
C PRO B 1063 60.79 -54.68 58.60
N ASP B 1064 61.47 -55.74 59.04
CA ASP B 1064 62.85 -55.64 59.48
C ASP B 1064 63.79 -55.28 58.33
N LEU B 1065 63.34 -55.45 57.09
CA LEU B 1065 64.19 -55.32 55.92
C LEU B 1065 63.98 -54.02 55.16
N VAL B 1066 62.85 -53.36 55.32
CA VAL B 1066 62.51 -52.20 54.52
C VAL B 1066 62.89 -50.93 55.27
N PHE B 1067 62.95 -49.82 54.54
CA PHE B 1067 63.26 -48.53 55.12
C PHE B 1067 62.64 -47.45 54.25
N ASP B 1068 62.54 -46.25 54.81
CA ASP B 1068 61.89 -45.15 54.13
C ASP B 1068 62.60 -43.84 54.48
N ARG B 1069 62.04 -42.73 53.99
CA ARG B 1069 62.67 -41.43 54.13
C ARG B 1069 62.80 -41.01 55.59
N ASP B 1070 61.97 -41.54 56.47
CA ASP B 1070 62.00 -41.18 57.88
C ASP B 1070 62.89 -42.11 58.71
N THR B 1071 63.54 -43.06 58.08
CA THR B 1071 64.48 -43.92 58.79
C THR B 1071 65.82 -43.22 58.93
N PRO B 1072 66.38 -43.13 60.13
CA PRO B 1072 67.69 -42.47 60.29
C PRO B 1072 68.78 -43.24 59.59
N GLY B 1073 69.79 -42.51 59.11
CA GLY B 1073 70.88 -43.14 58.39
C GLY B 1073 70.59 -43.43 56.93
N VAL B 1074 69.64 -42.72 56.33
CA VAL B 1074 69.24 -42.93 54.95
C VAL B 1074 69.64 -41.70 54.14
N HIS B 1075 70.24 -41.93 52.99
CA HIS B 1075 70.60 -40.85 52.09
C HIS B 1075 69.59 -40.77 50.95
N ILE B 1076 69.30 -39.56 50.50
CA ILE B 1076 68.29 -39.31 49.49
C ILE B 1076 68.95 -38.57 48.33
N PHE B 1077 68.71 -39.04 47.10
CA PHE B 1077 69.39 -38.51 45.94
C PHE B 1077 68.42 -37.89 44.95
N GLY B 1078 68.95 -37.07 44.06
CA GLY B 1078 68.14 -36.38 43.08
C GLY B 1078 68.81 -36.25 41.73
N ARG B 1079 68.43 -35.23 40.96
CA ARG B 1079 68.91 -35.09 39.59
C ARG B 1079 70.42 -34.86 39.53
N ASP B 1080 71.01 -34.29 40.59
CA ASP B 1080 72.41 -33.88 40.57
C ASP B 1080 73.34 -34.90 41.22
N CYS B 1081 73.09 -36.19 41.02
CA CYS B 1081 73.94 -37.23 41.60
C CYS B 1081 75.20 -37.41 40.74
N ARG B 1082 76.28 -36.76 41.18
CA ARG B 1082 77.55 -36.89 40.49
C ARG B 1082 78.49 -37.79 41.27
N ILE B 1083 79.37 -38.50 40.55
CA ILE B 1083 80.22 -39.53 41.11
C ILE B 1083 81.68 -39.11 40.95
N SER B 1084 82.44 -39.22 42.04
CA SER B 1084 83.87 -38.91 42.03
C SER B 1084 84.67 -40.16 42.36
N PHE B 1085 85.64 -40.47 41.50
CA PHE B 1085 86.52 -41.61 41.72
C PHE B 1085 87.41 -41.37 42.93
N GLY B 1086 87.90 -42.47 43.51
CA GLY B 1086 88.89 -42.36 44.56
C GLY B 1086 90.29 -42.27 44.00
N MET B 1087 91.25 -42.06 44.90
CA MET B 1087 92.65 -41.97 44.53
C MET B 1087 93.51 -42.61 45.62
N ASN B 1088 94.39 -43.52 45.20
CA ASN B 1088 95.38 -44.13 46.08
C ASN B 1088 94.74 -44.83 47.28
N GLY B 1089 93.60 -45.48 47.05
CA GLY B 1089 92.91 -46.21 48.10
C GLY B 1089 91.72 -45.51 48.70
N ALA B 1090 91.56 -44.22 48.47
CA ALA B 1090 90.35 -43.53 48.92
C ALA B 1090 89.15 -44.03 48.14
N ALA B 1091 88.01 -44.12 48.83
CA ALA B 1091 86.81 -44.71 48.29
C ALA B 1091 86.06 -43.72 47.40
N PRO B 1092 85.36 -44.22 46.38
CA PRO B 1092 84.53 -43.34 45.55
C PRO B 1092 83.33 -42.82 46.33
N MET B 1093 82.83 -41.66 45.89
CA MET B 1093 81.73 -40.99 46.57
C MET B 1093 80.69 -40.50 45.58
N ILE B 1094 79.47 -40.36 46.08
CA ILE B 1094 78.31 -39.94 45.31
C ILE B 1094 77.68 -38.75 46.01
N ARG B 1095 77.11 -37.85 45.23
CA ARG B 1095 76.60 -36.56 45.72
C ARG B 1095 75.18 -36.75 46.26
N ASP B 1096 75.01 -36.38 47.53
CA ASP B 1096 73.75 -36.47 48.26
C ASP B 1096 72.86 -35.26 47.91
N GLU B 1097 71.58 -35.35 48.30
CA GLU B 1097 70.68 -34.23 48.03
C GLU B 1097 70.96 -33.01 48.89
N THR B 1098 71.31 -33.19 50.15
CA THR B 1098 71.62 -32.06 51.02
C THR B 1098 72.89 -31.33 50.61
N GLY B 1099 73.69 -31.92 49.72
CA GLY B 1099 74.92 -31.31 49.27
C GLY B 1099 76.20 -31.98 49.71
N LEU B 1100 76.11 -33.19 50.30
CA LEU B 1100 77.29 -33.87 50.77
C LEU B 1100 77.68 -35.00 49.82
N MET B 1101 78.88 -35.52 50.04
CA MET B 1101 79.40 -36.63 49.24
C MET B 1101 79.63 -37.82 50.15
N VAL B 1102 79.03 -38.95 49.81
CA VAL B 1102 79.01 -40.12 50.70
C VAL B 1102 79.56 -41.34 49.96
N PRO B 1103 80.16 -42.29 50.66
CA PRO B 1103 80.71 -43.48 49.98
C PRO B 1103 79.65 -44.51 49.61
N PHE B 1104 80.07 -45.53 48.84
CA PHE B 1104 79.15 -46.55 48.35
C PHE B 1104 78.77 -47.54 49.45
N GLU B 1105 77.91 -47.12 50.38
CA GLU B 1105 77.47 -47.97 51.47
C GLU B 1105 76.19 -47.37 52.05
N GLY B 1106 75.39 -48.24 52.66
CA GLY B 1106 74.24 -47.78 53.42
C GLY B 1106 72.92 -47.97 52.71
N ASN B 1107 71.97 -47.13 53.08
CA ASN B 1107 70.62 -47.13 52.51
C ASN B 1107 70.41 -45.86 51.71
N TRP B 1108 70.04 -46.02 50.45
CA TRP B 1108 69.84 -44.90 49.53
C TRP B 1108 68.39 -44.86 49.07
N ILE B 1109 67.96 -43.69 48.60
CA ILE B 1109 66.66 -43.53 47.96
C ILE B 1109 66.90 -43.02 46.54
N PHE B 1110 66.39 -43.75 45.55
CA PHE B 1110 66.45 -43.35 44.15
C PHE B 1110 65.07 -43.27 43.52
N PRO B 1111 64.81 -42.23 42.75
CA PRO B 1111 63.74 -42.30 41.74
C PRO B 1111 64.19 -43.10 40.53
N LEU B 1112 63.26 -43.66 39.77
CA LEU B 1112 63.63 -44.50 38.63
C LEU B 1112 64.29 -43.69 37.52
N ALA B 1113 63.99 -42.40 37.44
CA ALA B 1113 64.56 -41.57 36.38
C ALA B 1113 66.07 -41.52 36.46
N LEU B 1114 66.64 -41.62 37.65
CA LEU B 1114 68.09 -41.60 37.79
C LEU B 1114 68.73 -42.81 37.10
N TRP B 1115 68.23 -44.01 37.38
CA TRP B 1115 68.81 -45.17 36.73
C TRP B 1115 68.50 -45.18 35.24
N GLN B 1116 67.36 -44.62 34.83
CA GLN B 1116 67.08 -44.54 33.39
C GLN B 1116 68.04 -43.59 32.68
N MET B 1117 68.40 -42.48 33.31
CA MET B 1117 69.29 -41.52 32.66
C MET B 1117 70.73 -42.03 32.59
N ASN B 1118 71.19 -42.75 33.60
CA ASN B 1118 72.57 -43.19 33.72
C ASN B 1118 72.67 -44.71 33.81
N THR B 1119 72.05 -45.42 32.85
CA THR B 1119 72.01 -46.87 32.93
C THR B 1119 73.41 -47.48 32.93
N ARG B 1120 74.22 -47.15 31.91
CA ARG B 1120 75.50 -47.81 31.73
C ARG B 1120 76.49 -47.44 32.82
N TYR B 1121 76.59 -46.14 33.10
CA TYR B 1121 77.55 -45.67 34.08
C TYR B 1121 77.23 -46.23 35.46
N PHE B 1122 75.96 -46.17 35.85
CA PHE B 1122 75.57 -46.66 37.17
C PHE B 1122 75.76 -48.17 37.26
N ASN B 1123 75.44 -48.91 36.20
CA ASN B 1123 75.69 -50.34 36.20
C ASN B 1123 77.16 -50.64 36.48
N GLN B 1124 78.04 -50.03 35.69
CA GLN B 1124 79.48 -50.30 35.83
C GLN B 1124 79.98 -49.94 37.22
N GLN B 1125 79.50 -48.83 37.78
CA GLN B 1125 80.03 -48.39 39.07
C GLN B 1125 79.47 -49.21 40.23
N PHE B 1126 78.19 -49.62 40.16
CA PHE B 1126 77.52 -50.09 41.37
C PHE B 1126 77.46 -51.62 41.45
N ASP B 1127 77.33 -52.31 40.31
CA ASP B 1127 76.88 -53.71 40.35
C ASP B 1127 77.71 -54.56 41.30
N ALA B 1128 79.03 -54.37 41.31
CA ALA B 1128 79.87 -55.17 42.19
C ALA B 1128 79.56 -54.88 43.66
N TRP B 1129 79.37 -53.62 44.01
CA TRP B 1129 79.11 -53.27 45.41
C TRP B 1129 77.75 -53.78 45.86
N ILE B 1130 76.77 -53.75 44.95
CA ILE B 1130 75.46 -54.33 45.26
C ILE B 1130 75.59 -55.84 45.50
N LYS B 1131 76.32 -56.52 44.61
CA LYS B 1131 76.36 -57.98 44.66
C LYS B 1131 77.14 -58.49 45.87
N THR B 1132 78.32 -57.92 46.13
CA THR B 1132 79.21 -58.49 47.13
C THR B 1132 79.24 -57.65 48.39
N GLY B 1133 79.12 -56.33 48.26
CA GLY B 1133 79.21 -55.45 49.41
C GLY B 1133 77.95 -55.41 50.24
N GLU B 1134 77.61 -54.24 50.74
CA GLU B 1134 76.36 -54.03 51.48
C GLU B 1134 75.73 -52.69 51.09
N LEU B 1135 75.59 -52.47 49.79
CA LEU B 1135 74.88 -51.31 49.27
C LEU B 1135 73.45 -51.71 48.93
N ARG B 1136 72.48 -51.17 49.66
CA ARG B 1136 71.07 -51.45 49.45
C ARG B 1136 70.39 -50.20 48.89
N ILE B 1137 69.62 -50.36 47.81
CA ILE B 1137 69.04 -49.23 47.10
C ILE B 1137 67.53 -49.39 47.01
N ARG B 1138 66.80 -48.33 47.34
CA ARG B 1138 65.35 -48.28 47.19
C ARG B 1138 65.00 -47.53 45.92
N ILE B 1139 64.47 -48.25 44.94
CA ILE B 1139 64.04 -47.66 43.68
C ILE B 1139 62.58 -47.28 43.79
N GLU B 1140 62.29 -45.99 43.66
CA GLU B 1140 60.94 -45.45 43.81
C GLU B 1140 60.18 -45.61 42.51
N MET B 1141 59.12 -46.41 42.55
CA MET B 1141 58.26 -46.64 41.40
C MET B 1141 56.83 -46.55 41.89
N GLY B 1142 55.92 -46.26 40.98
CA GLY B 1142 54.51 -46.31 41.26
C GLY B 1142 53.96 -47.70 40.98
N ALA B 1143 53.17 -47.79 39.93
CA ALA B 1143 52.79 -49.08 39.38
C ALA B 1143 53.94 -49.69 38.61
N TYR B 1144 53.98 -51.02 38.60
CA TYR B 1144 54.92 -51.76 37.77
C TYR B 1144 54.44 -53.21 37.62
N PRO B 1145 54.65 -53.81 36.46
CA PRO B 1145 54.26 -55.22 36.27
C PRO B 1145 55.30 -56.17 36.83
N TYR B 1146 54.93 -57.41 37.12
CA TYR B 1146 55.84 -58.35 37.77
C TYR B 1146 55.75 -59.73 37.15
N MET B 1147 56.81 -60.51 37.35
CA MET B 1147 56.91 -61.88 36.89
C MET B 1147 57.36 -62.75 38.06
N LEU B 1148 56.79 -63.94 38.18
CA LEU B 1148 57.07 -64.82 39.30
C LEU B 1148 57.88 -66.02 38.86
N HIS B 1149 58.93 -66.34 39.61
CA HIS B 1149 59.72 -67.54 39.42
C HIS B 1149 59.60 -68.37 40.70
N TYR B 1150 59.18 -69.63 40.57
CA TYR B 1150 58.98 -70.50 41.71
C TYR B 1150 60.12 -71.49 41.81
N TYR B 1151 60.69 -71.62 43.00
CA TYR B 1151 61.87 -72.45 43.22
C TYR B 1151 61.65 -73.36 44.40
N ASP B 1152 62.24 -74.55 44.35
CA ASP B 1152 62.08 -75.54 45.41
C ASP B 1152 63.01 -75.22 46.56
N PRO B 1153 62.51 -74.98 47.78
CA PRO B 1153 63.38 -74.62 48.90
C PRO B 1153 64.35 -75.70 49.34
N ARG B 1154 64.14 -76.96 48.93
CA ARG B 1154 65.02 -78.03 49.38
C ARG B 1154 66.43 -77.92 48.82
N GLN B 1155 66.65 -77.09 47.81
CA GLN B 1155 67.94 -76.98 47.15
C GLN B 1155 68.44 -75.54 47.18
N TYR B 1156 69.70 -75.36 46.80
CA TYR B 1156 70.31 -74.03 46.78
C TYR B 1156 69.70 -73.19 45.67
N ALA B 1157 69.59 -71.88 45.91
CA ALA B 1157 69.09 -70.96 44.91
C ALA B 1157 69.81 -69.63 45.04
N ASN B 1158 70.03 -68.98 43.90
CA ASN B 1158 70.75 -67.71 43.87
C ASN B 1158 70.19 -66.90 42.71
N ALA B 1159 69.51 -65.80 43.01
CA ALA B 1159 68.79 -65.05 42.00
C ALA B 1159 69.57 -63.86 41.46
N TRP B 1160 70.89 -63.87 41.50
CA TRP B 1160 71.63 -62.71 41.00
C TRP B 1160 71.47 -62.57 39.50
N ASN B 1161 71.37 -63.69 38.78
CA ASN B 1161 71.29 -63.62 37.32
C ASN B 1161 70.05 -62.89 36.85
N LEU B 1162 68.90 -63.17 37.47
CA LEU B 1162 67.65 -62.49 37.12
C LEU B 1162 67.75 -60.99 37.36
N THR B 1163 68.24 -60.60 38.53
CA THR B 1163 68.28 -59.17 38.85
C THR B 1163 69.31 -58.46 37.99
N SER B 1164 70.44 -59.11 37.72
CA SER B 1164 71.45 -58.51 36.85
C SER B 1164 70.90 -58.31 35.45
N ALA B 1165 70.17 -59.29 34.92
CA ALA B 1165 69.52 -59.13 33.63
C ALA B 1165 68.55 -57.96 33.63
N TRP B 1166 67.71 -57.89 34.67
CA TRP B 1166 66.73 -56.81 34.73
C TRP B 1166 67.42 -55.44 34.80
N LEU B 1167 68.50 -55.35 35.55
CA LEU B 1167 69.24 -54.10 35.66
C LEU B 1167 69.92 -53.71 34.35
N GLU B 1168 70.41 -54.68 33.58
CA GLU B 1168 71.02 -54.32 32.30
C GLU B 1168 69.99 -53.94 31.24
N GLU B 1169 68.79 -54.53 31.26
CA GLU B 1169 67.85 -54.25 30.18
C GLU B 1169 67.16 -52.90 30.30
N ILE B 1170 67.36 -52.19 31.41
CA ILE B 1170 66.76 -50.86 31.60
C ILE B 1170 67.28 -49.90 30.55
N THR B 1171 66.38 -49.12 29.95
CA THR B 1171 66.73 -48.16 28.91
C THR B 1171 66.02 -46.84 29.19
N PRO B 1172 66.41 -45.73 28.55
CA PRO B 1172 65.67 -44.48 28.74
C PRO B 1172 64.18 -44.57 28.41
N THR B 1173 63.79 -45.37 27.43
CA THR B 1173 62.40 -45.40 27.00
C THR B 1173 61.61 -46.60 27.49
N SER B 1174 62.22 -47.51 28.26
CA SER B 1174 61.49 -48.70 28.64
C SER B 1174 62.11 -49.36 29.86
N ILE B 1175 61.30 -50.14 30.57
CA ILE B 1175 61.76 -51.08 31.59
C ILE B 1175 61.01 -52.38 31.39
N PRO B 1176 61.61 -53.54 31.65
CA PRO B 1176 60.88 -54.81 31.53
C PRO B 1176 60.14 -55.16 32.81
N SER B 1177 59.55 -56.34 32.80
CA SER B 1177 58.85 -56.87 33.97
C SER B 1177 59.85 -57.23 35.07
N VAL B 1178 59.52 -56.85 36.29
CA VAL B 1178 60.40 -57.05 37.45
C VAL B 1178 60.28 -58.49 37.91
N PRO B 1179 61.39 -59.21 38.11
CA PRO B 1179 61.30 -60.60 38.56
C PRO B 1179 61.25 -60.78 40.07
N PHE B 1180 60.42 -61.70 40.54
CA PHE B 1180 60.40 -62.12 41.93
C PHE B 1180 60.62 -63.62 42.03
N MET B 1181 61.22 -64.06 43.13
CA MET B 1181 61.48 -65.47 43.38
C MET B 1181 60.71 -65.88 44.63
N VAL B 1182 59.73 -66.77 44.47
CA VAL B 1182 58.85 -67.13 45.57
C VAL B 1182 58.80 -68.65 45.73
N PRO B 1183 58.90 -69.18 46.95
CA PRO B 1183 58.98 -70.64 47.13
C PRO B 1183 57.65 -71.38 47.01
N ILE B 1184 57.74 -72.68 46.73
CA ILE B 1184 56.56 -73.54 46.70
C ILE B 1184 56.25 -74.02 48.11
N SER B 1185 54.97 -73.93 48.50
CA SER B 1185 54.55 -74.36 49.82
C SER B 1185 54.40 -75.86 49.90
N SER B 1186 54.52 -76.41 51.12
CA SER B 1186 54.54 -77.85 51.33
C SER B 1186 53.61 -78.23 52.46
N ASP B 1187 52.94 -79.37 52.32
CA ASP B 1187 52.02 -79.89 53.33
C ASP B 1187 52.68 -80.91 54.25
N HIS B 1188 53.98 -81.13 54.11
CA HIS B 1188 54.71 -82.07 54.96
C HIS B 1188 56.05 -81.46 55.32
N ASP B 1189 56.81 -82.18 56.12
CA ASP B 1189 58.09 -81.67 56.60
C ASP B 1189 59.13 -81.73 55.49
N ILE B 1190 59.87 -80.62 55.32
CA ILE B 1190 60.92 -80.52 54.31
C ILE B 1190 62.16 -79.96 54.98
N SER B 1191 63.31 -80.28 54.41
CA SER B 1191 64.57 -79.72 54.91
C SER B 1191 64.79 -78.33 54.32
N SER B 1192 65.80 -77.64 54.84
CA SER B 1192 66.04 -76.25 54.51
C SER B 1192 67.42 -76.08 53.88
N ALA B 1193 67.47 -75.32 52.79
CA ALA B 1193 68.70 -74.99 52.08
C ALA B 1193 68.77 -73.49 51.86
N PRO B 1194 69.97 -72.92 51.86
CA PRO B 1194 70.10 -71.46 51.75
C PRO B 1194 69.54 -70.93 50.44
N ALA B 1195 68.94 -69.75 50.52
CA ALA B 1195 68.46 -69.01 49.35
C ALA B 1195 68.94 -67.56 49.42
N VAL B 1196 69.27 -67.00 48.27
CA VAL B 1196 69.83 -65.66 48.17
C VAL B 1196 68.88 -64.79 47.37
N GLN B 1197 68.23 -63.86 48.04
CA GLN B 1197 67.24 -62.96 47.45
C GLN B 1197 67.88 -61.61 47.20
N TYR B 1198 67.48 -60.95 46.10
CA TYR B 1198 68.03 -59.64 45.77
C TYR B 1198 67.01 -58.54 45.59
N ILE B 1199 65.78 -58.84 45.16
CA ILE B 1199 64.76 -57.83 44.93
C ILE B 1199 63.55 -58.14 45.79
N ILE B 1200 63.08 -57.16 46.55
CA ILE B 1200 61.85 -57.31 47.32
C ILE B 1200 60.97 -56.09 47.12
N SER B 1201 59.70 -56.21 47.49
CA SER B 1201 58.73 -55.14 47.35
C SER B 1201 58.43 -54.53 48.70
N THR B 1202 58.16 -53.22 48.71
CA THR B 1202 58.05 -52.48 49.96
C THR B 1202 56.73 -52.68 50.69
N GLU B 1203 55.73 -53.30 50.06
CA GLU B 1203 54.46 -53.51 50.75
C GLU B 1203 53.76 -54.74 50.18
N TYR B 1204 52.59 -55.04 50.73
CA TYR B 1204 51.86 -56.24 50.36
C TYR B 1204 51.31 -56.14 48.94
N ASN B 1205 51.66 -57.11 48.11
CA ASN B 1205 51.23 -57.14 46.71
C ASN B 1205 50.76 -58.54 46.32
N ASP B 1206 50.18 -59.26 47.28
CA ASP B 1206 49.92 -60.67 47.11
C ASP B 1206 48.43 -60.98 47.21
N ARG B 1207 47.59 -60.22 46.53
CA ARG B 1207 46.14 -60.43 46.61
C ARG B 1207 45.63 -61.46 45.61
N SER B 1208 46.43 -61.81 44.60
CA SER B 1208 45.99 -62.77 43.60
C SER B 1208 46.12 -64.22 44.07
N LEU B 1209 46.74 -64.46 45.22
CA LEU B 1209 46.87 -65.80 45.76
C LEU B 1209 45.70 -66.08 46.69
N PHE B 1210 44.89 -67.10 46.38
CA PHE B 1210 43.71 -67.30 47.19
C PHE B 1210 43.59 -68.75 47.67
N CYS B 1211 44.55 -69.59 47.32
CA CYS B 1211 44.59 -70.89 48.00
C CYS B 1211 45.95 -71.55 47.79
N THR B 1212 46.31 -72.42 48.72
CA THR B 1212 47.55 -73.18 48.66
C THR B 1212 47.34 -74.54 49.33
N ASN B 1213 47.89 -75.59 48.71
CA ASN B 1213 47.69 -76.97 49.14
C ASN B 1213 46.21 -77.27 49.32
N SER B 1214 45.44 -76.97 48.26
CA SER B 1214 43.99 -77.01 48.35
C SER B 1214 43.46 -78.41 48.63
N SER B 1215 44.22 -79.44 48.28
CA SER B 1215 43.81 -80.81 48.53
C SER B 1215 44.40 -81.41 49.80
N SER B 1216 45.08 -80.62 50.62
CA SER B 1216 45.72 -81.13 51.82
C SER B 1216 45.07 -80.51 53.06
N PRO B 1217 45.11 -81.17 54.21
CA PRO B 1217 44.50 -80.57 55.41
C PRO B 1217 45.14 -79.26 55.82
N GLN B 1218 46.47 -79.15 55.71
CA GLN B 1218 47.15 -77.92 56.12
C GLN B 1218 48.53 -77.89 55.48
N THR B 1219 49.07 -76.68 55.37
CA THR B 1219 50.40 -76.47 54.81
C THR B 1219 51.39 -76.15 55.93
N ILE B 1220 52.52 -76.84 55.93
CA ILE B 1220 53.42 -76.81 57.07
C ILE B 1220 54.55 -75.80 56.87
N ALA B 1221 54.90 -75.47 55.63
CA ALA B 1221 55.97 -74.53 55.37
C ALA B 1221 55.63 -73.70 54.15
N GLY B 1222 56.21 -72.50 54.09
CA GLY B 1222 55.97 -71.59 53.00
C GLY B 1222 54.78 -70.69 53.27
N PRO B 1223 54.48 -69.79 52.34
CA PRO B 1223 53.35 -68.88 52.53
C PRO B 1223 52.04 -69.64 52.62
N ASP B 1224 51.12 -69.11 53.43
CA ASP B 1224 49.87 -69.77 53.76
C ASP B 1224 48.67 -68.96 53.31
N LYS B 1225 47.64 -69.66 52.87
CA LYS B 1225 46.40 -69.03 52.42
C LYS B 1225 45.28 -70.05 52.31
N HIS B 1226 44.20 -69.84 53.05
CA HIS B 1226 43.00 -70.64 52.86
C HIS B 1226 42.07 -69.96 51.87
N ILE B 1227 40.96 -70.62 51.57
CA ILE B 1227 40.03 -70.03 50.61
C ILE B 1227 39.39 -68.78 51.21
N PRO B 1228 39.41 -67.65 50.53
CA PRO B 1228 38.90 -66.40 51.11
C PRO B 1228 37.38 -66.42 51.22
N VAL B 1229 36.88 -66.53 52.45
CA VAL B 1229 35.45 -66.58 52.68
C VAL B 1229 34.78 -65.25 52.34
N GLU B 1230 35.54 -64.18 52.24
CA GLU B 1230 34.95 -62.86 51.96
C GLU B 1230 34.41 -62.77 50.54
N ARG B 1231 35.05 -63.45 49.59
CA ARG B 1231 34.55 -63.42 48.21
C ARG B 1231 33.19 -64.11 48.11
N TYR B 1232 32.96 -65.12 48.95
CA TYR B 1232 31.73 -65.91 48.88
C TYR B 1232 30.75 -65.51 49.97
N ASN B 1233 30.64 -64.21 50.27
CA ASN B 1233 29.91 -63.71 51.42
C ASN B 1233 28.52 -64.33 51.57
N ILE B 1234 27.68 -64.23 50.53
CA ILE B 1234 26.27 -64.58 50.70
C ILE B 1234 26.12 -66.07 50.97
N LEU B 1235 27.20 -66.84 50.84
CA LEU B 1235 27.14 -68.25 51.21
C LEU B 1235 27.60 -68.45 52.65
N THR B 1236 28.67 -67.75 53.04
CA THR B 1236 29.29 -68.01 54.34
C THR B 1236 28.66 -67.21 55.46
N ASN B 1237 27.93 -66.14 55.13
CA ASN B 1237 27.31 -65.32 56.15
C ASN B 1237 25.84 -65.70 56.27
N PRO B 1238 25.40 -66.23 57.42
CA PRO B 1238 23.98 -66.56 57.60
C PRO B 1238 23.07 -65.36 57.79
N ASP B 1239 23.62 -64.15 57.90
CA ASP B 1239 22.80 -62.95 58.00
C ASP B 1239 22.69 -62.19 56.68
N ALA B 1240 23.56 -62.46 55.72
CA ALA B 1240 23.68 -61.60 54.54
C ALA B 1240 22.46 -61.74 53.63
N PRO B 1241 21.74 -60.67 53.33
CA PRO B 1241 20.65 -60.75 52.36
C PRO B 1241 21.19 -61.06 50.98
N PRO B 1242 20.42 -61.77 50.16
CA PRO B 1242 20.97 -62.28 48.89
C PRO B 1242 21.49 -61.23 47.93
N THR B 1243 20.93 -60.02 47.95
CA THR B 1243 21.30 -59.01 46.97
C THR B 1243 22.57 -58.26 47.33
N GLN B 1244 23.07 -58.41 48.55
CA GLN B 1244 24.15 -57.56 49.05
C GLN B 1244 25.44 -57.76 48.29
N ILE B 1245 26.14 -56.66 48.00
CA ILE B 1245 27.46 -56.69 47.40
C ILE B 1245 28.39 -55.76 48.18
N GLN B 1246 29.69 -55.94 47.99
CA GLN B 1246 30.69 -55.23 48.77
C GLN B 1246 31.61 -54.37 47.91
N LEU B 1247 31.15 -53.91 46.77
CA LEU B 1247 31.97 -53.04 45.94
C LEU B 1247 32.17 -51.69 46.63
N PRO B 1248 33.32 -51.03 46.38
CA PRO B 1248 34.42 -51.43 45.53
C PRO B 1248 35.51 -52.21 46.25
N GLU B 1249 35.31 -52.49 47.54
CA GLU B 1249 36.39 -53.09 48.32
C GLU B 1249 36.68 -54.51 47.87
N VAL B 1250 35.65 -55.36 47.78
CA VAL B 1250 35.83 -56.79 47.55
C VAL B 1250 34.92 -57.21 46.41
N VAL B 1251 35.49 -57.82 45.38
CA VAL B 1251 34.69 -58.38 44.28
C VAL B 1251 34.29 -59.79 44.67
N ASP B 1252 32.98 -60.05 44.70
CA ASP B 1252 32.50 -61.36 45.10
C ASP B 1252 32.51 -62.32 43.92
N LEU B 1253 32.55 -63.62 44.23
CA LEU B 1253 32.61 -64.65 43.21
C LEU B 1253 31.36 -65.53 43.19
N TYR B 1254 30.28 -65.08 43.82
CA TYR B 1254 29.02 -65.81 43.86
C TYR B 1254 27.92 -64.80 44.09
N ASN B 1255 26.94 -64.75 43.18
CA ASN B 1255 26.01 -63.64 43.16
C ASN B 1255 24.65 -64.11 42.67
N VAL B 1256 23.77 -63.15 42.47
CA VAL B 1256 22.44 -63.35 41.90
C VAL B 1256 22.38 -62.67 40.55
N VAL B 1257 21.93 -63.39 39.52
CA VAL B 1257 21.90 -62.88 38.16
C VAL B 1257 20.47 -62.98 37.63
N THR B 1258 20.04 -61.94 36.92
CA THR B 1258 18.68 -61.85 36.38
C THR B 1258 18.71 -62.00 34.86
N ARG B 1259 17.91 -62.93 34.34
CA ARG B 1259 17.96 -63.31 32.94
C ARG B 1259 16.59 -63.15 32.29
N TYR B 1260 16.59 -62.59 31.07
CA TYR B 1260 15.39 -62.21 30.34
C TYR B 1260 15.32 -62.93 29.00
N ALA B 1261 14.18 -62.79 28.33
CA ALA B 1261 13.89 -63.38 27.02
C ALA B 1261 13.12 -62.37 26.15
N TYR B 1262 13.66 -61.16 26.03
CA TYR B 1262 12.96 -60.05 25.40
C TYR B 1262 12.63 -60.35 23.94
N GLU B 1263 11.56 -59.72 23.44
CA GLU B 1263 11.22 -59.75 22.03
C GLU B 1263 11.57 -58.43 21.35
N THR B 1264 11.85 -58.50 20.05
CA THR B 1264 12.24 -57.33 19.26
C THR B 1264 11.63 -57.42 17.87
N PRO B 1265 10.42 -56.94 17.69
CA PRO B 1265 9.76 -57.03 16.40
C PRO B 1265 10.28 -56.02 15.42
N PRO B 1266 9.95 -56.14 14.13
CA PRO B 1266 10.21 -55.04 13.19
C PRO B 1266 9.24 -53.91 13.42
N ILE B 1267 9.22 -52.92 12.54
CA ILE B 1267 8.22 -51.86 12.58
C ILE B 1267 7.27 -52.06 11.41
N THR B 1268 6.01 -52.36 11.73
CA THR B 1268 4.96 -52.66 10.75
C THR B 1268 3.97 -51.51 10.72
N ALA B 1269 3.60 -51.07 9.51
CA ALA B 1269 2.70 -49.92 9.39
C ALA B 1269 1.70 -50.12 8.26
N VAL B 1270 0.48 -49.63 8.49
CA VAL B 1270 -0.60 -49.64 7.50
C VAL B 1270 -0.94 -48.20 7.14
N VAL B 1271 -0.90 -47.89 5.85
CA VAL B 1271 -1.14 -46.54 5.35
C VAL B 1271 -2.51 -46.47 4.71
N MET B 1272 -3.33 -45.51 5.15
CA MET B 1272 -4.68 -45.34 4.66
C MET B 1272 -4.89 -43.93 4.16
N GLY B 1273 -5.72 -43.78 3.13
CA GLY B 1273 -5.93 -42.52 2.46
C GLY B 1273 -7.00 -41.66 3.12
N VAL B 1274 -6.90 -40.36 2.88
CA VAL B 1274 -7.77 -39.37 3.49
C VAL B 1274 -8.70 -38.80 2.41
N PRO B 1275 -10.02 -39.04 2.48
CA PRO B 1275 -10.97 -38.53 1.50
C PRO B 1275 -11.20 -37.03 1.66
N ALA C 1 -18.26 35.46 -5.21
CA ALA C 1 -17.32 36.57 -5.27
C ALA C 1 -16.08 36.18 -6.06
N ASN C 2 -15.54 35.00 -5.79
CA ASN C 2 -14.33 34.53 -6.45
C ASN C 2 -14.65 33.32 -7.31
N VAL C 3 -14.11 33.30 -8.53
CA VAL C 3 -14.36 32.23 -9.49
C VAL C 3 -12.99 31.77 -9.99
N TRP C 4 -12.46 30.72 -9.38
CA TRP C 4 -11.06 30.35 -9.57
C TRP C 4 -10.17 31.54 -9.25
N GLY C 5 -9.67 32.22 -10.26
CA GLY C 5 -8.78 33.34 -10.06
C GLY C 5 -9.34 34.71 -10.31
N VAL C 6 -10.55 34.82 -10.86
CA VAL C 6 -11.12 36.12 -11.19
C VAL C 6 -12.09 36.56 -10.08
N ARG C 7 -12.14 37.85 -9.83
CA ARG C 7 -12.95 38.43 -8.76
C ARG C 7 -14.18 39.12 -9.33
N LEU C 8 -15.27 39.11 -8.57
CA LEU C 8 -16.55 39.65 -8.98
C LEU C 8 -16.98 40.75 -8.01
N ALA C 9 -17.79 41.69 -8.49
CA ALA C 9 -18.03 42.92 -7.76
C ALA C 9 -19.23 42.86 -6.82
N ASP C 10 -20.01 41.77 -6.83
CA ASP C 10 -21.18 41.60 -5.96
C ASP C 10 -22.28 42.61 -6.25
N SER C 11 -22.56 42.86 -7.52
CA SER C 11 -23.74 43.61 -7.95
C SER C 11 -23.98 43.33 -9.43
N LEU C 12 -25.25 43.43 -9.84
CA LEU C 12 -25.68 43.02 -11.17
C LEU C 12 -26.21 44.19 -12.00
N SER C 13 -26.03 44.08 -13.31
CA SER C 13 -26.49 45.11 -14.25
C SER C 13 -26.51 44.53 -15.66
N SER C 14 -27.66 44.61 -16.32
CA SER C 14 -27.82 44.05 -17.66
C SER C 14 -28.63 45.01 -18.53
N PRO C 15 -28.40 44.99 -19.84
CA PRO C 15 -29.19 45.85 -20.73
C PRO C 15 -30.65 45.43 -20.76
N THR C 16 -31.54 46.41 -20.94
CA THR C 16 -32.97 46.16 -20.89
C THR C 16 -33.71 46.50 -22.17
N ILE C 17 -33.13 47.28 -23.08
CA ILE C 17 -33.80 47.71 -24.29
C ILE C 17 -32.97 47.23 -25.48
N GLU C 18 -33.66 46.78 -26.53
CA GLU C 18 -33.02 46.19 -27.70
C GLU C 18 -33.52 46.89 -28.95
N THR C 19 -32.63 47.07 -29.92
CA THR C 19 -32.99 47.78 -31.15
C THR C 19 -33.78 46.87 -32.08
N ARG C 20 -33.94 47.33 -33.32
CA ARG C 20 -34.71 46.61 -34.32
C ARG C 20 -33.81 46.11 -35.46
N THR C 21 -34.40 45.31 -36.34
CA THR C 21 -33.68 44.79 -37.50
C THR C 21 -33.84 45.74 -38.68
N ARG C 22 -32.92 45.64 -39.63
CA ARG C 22 -32.93 46.46 -40.83
C ARG C 22 -32.45 45.61 -42.00
N GLN C 23 -33.26 45.51 -43.05
CA GLN C 23 -32.88 44.71 -44.20
C GLN C 23 -31.72 45.36 -44.95
N TYR C 24 -31.12 44.58 -45.85
CA TYR C 24 -30.00 45.04 -46.65
C TYR C 24 -30.46 45.13 -48.10
N THR C 25 -30.48 46.35 -48.63
CA THR C 25 -31.02 46.63 -49.96
C THR C 25 -29.92 46.98 -50.95
N LEU C 26 -30.32 47.13 -52.21
CA LEU C 26 -29.35 47.42 -53.26
C LEU C 26 -28.77 48.82 -53.12
N HIS C 27 -29.59 49.77 -52.69
CA HIS C 27 -29.09 51.13 -52.49
C HIS C 27 -27.98 51.17 -51.45
N ASP C 28 -28.16 50.44 -50.35
CA ASP C 28 -27.15 50.42 -49.30
C ASP C 28 -25.90 49.69 -49.77
N LEU C 29 -26.06 48.66 -50.59
CA LEU C 29 -24.90 48.01 -51.20
C LEU C 29 -24.11 49.00 -52.03
N CYS C 30 -24.79 49.77 -52.88
CA CYS C 30 -24.10 50.77 -53.68
C CYS C 30 -23.41 51.79 -52.81
N SER C 31 -24.10 52.25 -51.76
CA SER C 31 -23.54 53.28 -50.87
C SER C 31 -22.29 52.77 -50.16
N ASP C 32 -22.31 51.52 -49.69
CA ASP C 32 -21.12 50.94 -49.08
C ASP C 32 -19.99 50.78 -50.09
N LEU C 33 -20.33 50.43 -51.33
CA LEU C 33 -19.31 50.34 -52.37
C LEU C 33 -18.71 51.71 -52.70
N ASP C 34 -19.47 52.78 -52.47
CA ASP C 34 -18.97 54.12 -52.79
C ASP C 34 -17.78 54.50 -51.92
N ALA C 35 -17.92 54.41 -50.60
CA ALA C 35 -16.88 54.74 -49.63
C ALA C 35 -16.37 56.16 -49.78
N ASN C 36 -17.18 57.08 -50.33
CA ASN C 36 -16.69 58.44 -50.56
C ASN C 36 -16.43 59.18 -49.25
N PRO C 37 -17.38 59.31 -48.34
CA PRO C 37 -17.07 59.99 -47.08
C PRO C 37 -16.38 59.06 -46.10
N GLY C 38 -16.28 59.47 -44.85
CA GLY C 38 -15.86 58.56 -43.80
C GLY C 38 -16.97 57.59 -43.45
N ARG C 39 -17.59 57.01 -44.47
CA ARG C 39 -18.55 55.92 -44.34
C ARG C 39 -17.99 54.61 -44.85
N GLU C 40 -16.68 54.51 -44.96
CA GLU C 40 -15.99 53.34 -45.44
C GLU C 40 -16.30 52.11 -44.58
N PRO C 41 -16.48 50.94 -45.20
CA PRO C 41 -16.91 49.76 -44.44
C PRO C 41 -15.76 49.05 -43.77
N TRP C 42 -14.87 49.82 -43.14
CA TRP C 42 -13.78 49.28 -42.36
C TRP C 42 -13.26 50.38 -41.45
N LYS C 43 -12.60 49.96 -40.36
CA LYS C 43 -12.07 50.90 -39.37
C LYS C 43 -10.65 50.49 -39.01
N PRO C 44 -9.81 51.46 -38.64
CA PRO C 44 -8.41 51.14 -38.32
C PRO C 44 -8.17 50.82 -36.85
N LEU C 45 -7.12 50.06 -36.57
CA LEU C 45 -6.69 49.74 -35.22
C LEU C 45 -5.24 50.20 -35.01
N ARG C 46 -4.98 50.83 -33.88
CA ARG C 46 -3.70 51.45 -33.60
C ARG C 46 -2.97 50.76 -32.46
N ASN C 47 -1.64 50.85 -32.50
CA ASN C 47 -0.81 50.36 -31.41
C ASN C 47 -0.94 51.30 -30.22
N GLN C 48 -0.81 50.73 -29.01
CA GLN C 48 -0.97 51.52 -27.81
C GLN C 48 0.30 52.25 -27.40
N ARG C 49 1.47 51.78 -27.86
CA ARG C 49 2.74 52.39 -27.49
C ARG C 49 3.21 53.41 -28.53
N THR C 50 3.39 52.96 -29.77
CA THR C 50 3.93 53.78 -30.85
C THR C 50 2.84 54.51 -31.63
N ASN C 51 1.58 54.30 -31.28
CA ASN C 51 0.45 55.02 -31.87
C ASN C 51 0.36 54.86 -33.38
N ASN C 52 0.95 53.80 -33.92
CA ASN C 52 0.85 53.57 -35.35
C ASN C 52 -0.13 52.44 -35.64
N ILE C 53 -0.72 52.48 -36.85
CA ILE C 53 -1.80 51.58 -37.20
C ILE C 53 -1.23 50.22 -37.60
N VAL C 54 -1.84 49.14 -37.10
CA VAL C 54 -1.27 47.82 -37.29
C VAL C 54 -2.25 46.82 -37.91
N ALA C 55 -3.54 47.14 -37.90
CA ALA C 55 -4.54 46.21 -38.44
C ALA C 55 -5.79 46.97 -38.85
N VAL C 56 -6.71 46.26 -39.50
CA VAL C 56 -7.99 46.80 -39.92
C VAL C 56 -9.09 45.81 -39.54
N GLN C 57 -10.28 46.33 -39.27
CA GLN C 57 -11.48 45.52 -39.01
C GLN C 57 -12.46 45.72 -40.16
N LEU C 58 -13.13 44.64 -40.57
CA LEU C 58 -13.90 44.62 -41.81
C LEU C 58 -15.40 44.51 -41.54
N PHE C 59 -16.20 45.08 -42.45
CA PHE C 59 -17.64 45.19 -42.23
C PHE C 59 -18.46 44.73 -43.44
N ARG C 60 -19.76 45.04 -43.44
CA ARG C 60 -20.80 44.28 -44.16
C ARG C 60 -20.38 43.68 -45.49
N PRO C 61 -19.94 44.44 -46.50
CA PRO C 61 -19.60 43.76 -47.77
C PRO C 61 -18.20 43.18 -47.79
N LEU C 62 -17.36 43.50 -46.80
CA LEU C 62 -15.96 43.10 -46.87
C LEU C 62 -15.69 41.80 -46.13
N GLN C 63 -16.70 41.19 -45.51
CA GLN C 63 -16.47 40.00 -44.71
C GLN C 63 -16.47 38.73 -45.55
N GLY C 64 -15.52 38.60 -46.47
CA GLY C 64 -15.52 37.43 -47.34
C GLY C 64 -14.14 36.92 -47.73
N LEU C 65 -13.10 37.43 -47.10
CA LEU C 65 -11.74 37.07 -47.49
C LEU C 65 -11.36 35.76 -46.82
N VAL C 66 -11.47 34.66 -47.57
CA VAL C 66 -11.18 33.33 -47.04
C VAL C 66 -9.94 32.71 -47.67
N LEU C 67 -9.49 33.14 -48.84
CA LEU C 67 -8.28 32.64 -49.43
C LEU C 67 -7.07 33.29 -48.77
N ASP C 68 -5.89 32.72 -49.02
CA ASP C 68 -4.67 33.25 -48.42
C ASP C 68 -4.40 34.67 -48.90
N THR C 69 -3.60 35.40 -48.11
CA THR C 69 -3.48 36.83 -48.32
C THR C 69 -2.82 37.17 -49.66
N GLN C 70 -1.81 36.40 -50.07
CA GLN C 70 -1.03 36.78 -51.24
C GLN C 70 -1.89 36.83 -52.50
N LEU C 71 -2.96 36.05 -52.53
CA LEU C 71 -3.80 36.01 -53.73
C LEU C 71 -4.58 37.31 -53.91
N TYR C 72 -4.67 38.13 -52.88
CA TYR C 72 -5.42 39.38 -52.98
C TYR C 72 -4.57 40.55 -53.43
N GLY C 73 -3.25 40.44 -53.36
CA GLY C 73 -2.41 41.53 -53.82
C GLY C 73 -2.59 42.82 -53.06
N PHE C 74 -2.57 42.75 -51.73
CA PHE C 74 -2.66 43.95 -50.91
C PHE C 74 -1.29 44.58 -50.71
N PRO C 75 -1.22 45.91 -50.56
CA PRO C 75 0.02 46.56 -50.18
C PRO C 75 0.22 46.56 -48.67
N GLY C 76 1.49 46.71 -48.27
CA GLY C 76 1.83 46.59 -46.87
C GLY C 76 1.45 47.78 -46.01
N ALA C 77 1.31 48.95 -46.62
CA ALA C 77 1.01 50.17 -45.89
C ALA C 77 -0.50 50.30 -45.67
N PHE C 78 -0.89 51.32 -44.90
CA PHE C 78 -2.32 51.55 -44.69
C PHE C 78 -2.92 52.43 -45.79
N ASP C 79 -2.28 53.55 -46.09
CA ASP C 79 -2.84 54.47 -47.06
C ASP C 79 -2.94 53.84 -48.45
N ASP C 80 -1.92 53.08 -48.85
CA ASP C 80 -1.97 52.38 -50.13
C ASP C 80 -3.10 51.36 -50.14
N TRP C 81 -3.30 50.64 -49.04
CA TRP C 81 -4.39 49.67 -48.96
C TRP C 81 -5.74 50.36 -49.10
N GLU C 82 -5.88 51.51 -48.46
CA GLU C 82 -7.11 52.29 -48.57
C GLU C 82 -7.38 52.70 -50.01
N ARG C 83 -6.34 53.18 -50.70
CA ARG C 83 -6.49 53.56 -52.10
C ARG C 83 -6.91 52.37 -52.97
N PHE C 84 -6.25 51.24 -52.75
CA PHE C 84 -6.52 50.04 -53.54
C PHE C 84 -7.96 49.59 -53.36
N MET C 85 -8.44 49.56 -52.11
CA MET C 85 -9.83 49.19 -51.87
C MET C 85 -10.79 50.18 -52.53
N ARG C 86 -10.52 51.48 -52.42
CA ARG C 86 -11.44 52.43 -53.03
C ARG C 86 -11.53 52.22 -54.54
N GLU C 87 -10.38 52.00 -55.20
CA GLU C 87 -10.40 51.81 -56.65
C GLU C 87 -11.16 50.56 -57.05
N LYS C 88 -10.86 49.43 -56.41
CA LYS C 88 -11.50 48.18 -56.81
C LYS C 88 -12.99 48.21 -56.54
N LEU C 89 -13.40 48.77 -55.40
CA LEU C 89 -14.82 48.86 -55.12
C LEU C 89 -15.52 49.79 -56.10
N ARG C 90 -14.84 50.85 -56.54
CA ARG C 90 -15.44 51.75 -57.54
C ARG C 90 -15.72 50.99 -58.84
N VAL C 91 -14.75 50.18 -59.29
CA VAL C 91 -14.97 49.42 -60.53
C VAL C 91 -16.12 48.42 -60.35
N LEU C 92 -16.10 47.68 -59.23
CA LEU C 92 -17.14 46.68 -59.00
C LEU C 92 -18.53 47.29 -58.93
N LYS C 93 -18.64 48.51 -58.41
CA LYS C 93 -19.94 49.15 -58.29
C LYS C 93 -20.59 49.34 -59.66
N TYR C 94 -19.82 49.81 -60.65
CA TYR C 94 -20.37 49.96 -61.98
C TYR C 94 -20.61 48.62 -62.65
N GLU C 95 -19.75 47.62 -62.39
CA GLU C 95 -20.04 46.29 -62.92
C GLU C 95 -21.37 45.75 -62.40
N VAL C 96 -21.70 46.04 -61.14
CA VAL C 96 -22.99 45.63 -60.60
C VAL C 96 -24.13 46.44 -61.23
N LEU C 97 -23.96 47.76 -61.29
CA LEU C 97 -25.03 48.61 -61.81
C LEU C 97 -25.35 48.31 -63.27
N ARG C 98 -24.38 47.78 -64.02
CA ARG C 98 -24.64 47.36 -65.39
C ARG C 98 -25.79 46.36 -65.45
N ILE C 99 -25.74 45.35 -64.58
CA ILE C 99 -26.77 44.31 -64.61
C ILE C 99 -28.10 44.83 -64.09
N TYR C 100 -28.10 45.47 -62.92
CA TYR C 100 -29.33 45.84 -62.22
C TYR C 100 -29.61 47.32 -62.39
N PRO C 101 -30.60 47.72 -63.19
CA PRO C 101 -30.94 49.14 -63.31
C PRO C 101 -31.38 49.71 -61.97
N ILE C 102 -30.97 50.96 -61.70
CA ILE C 102 -31.17 51.52 -60.36
C ILE C 102 -32.63 51.90 -60.13
N SER C 103 -33.34 52.38 -61.16
CA SER C 103 -34.72 52.78 -60.98
C SER C 103 -35.65 51.58 -60.88
N ASN C 104 -35.21 50.43 -61.41
CA ASN C 104 -36.06 49.24 -61.36
C ASN C 104 -35.90 48.51 -60.02
N TYR C 105 -34.66 48.27 -59.60
CA TYR C 105 -34.39 47.38 -58.48
C TYR C 105 -34.06 48.11 -57.19
N SER C 106 -34.43 49.38 -57.08
CA SER C 106 -34.12 50.16 -55.89
C SER C 106 -34.78 49.63 -54.63
N ASN C 107 -36.01 49.13 -54.73
CA ASN C 107 -36.83 48.78 -53.58
C ASN C 107 -36.80 47.29 -53.26
N GLU C 108 -35.68 46.61 -53.48
CA GLU C 108 -35.60 45.18 -53.23
C GLU C 108 -34.40 44.84 -52.36
N HIS C 109 -34.42 43.63 -51.83
CA HIS C 109 -33.44 43.19 -50.83
C HIS C 109 -32.29 42.47 -51.52
N VAL C 110 -31.17 42.38 -50.82
CA VAL C 110 -29.97 41.74 -51.36
C VAL C 110 -29.66 40.49 -50.54
N ASN C 111 -29.07 39.50 -51.21
CA ASN C 111 -28.62 38.27 -50.55
C ASN C 111 -27.20 38.50 -50.01
N VAL C 112 -27.08 38.54 -48.68
CA VAL C 112 -25.84 39.02 -48.07
C VAL C 112 -24.68 38.08 -48.37
N PHE C 113 -24.92 36.77 -48.30
CA PHE C 113 -23.88 35.79 -48.63
C PHE C 113 -23.29 36.11 -50.00
N VAL C 114 -24.16 36.37 -50.97
CA VAL C 114 -23.72 36.61 -52.33
C VAL C 114 -22.92 37.89 -52.43
N ALA C 115 -23.30 38.92 -51.68
CA ALA C 115 -22.55 40.16 -51.68
C ALA C 115 -21.12 39.94 -51.17
N ASN C 116 -21.00 39.27 -50.02
CA ASN C 116 -19.66 39.01 -49.48
C ASN C 116 -18.82 38.16 -50.42
N ALA C 117 -19.43 37.10 -50.98
CA ALA C 117 -18.70 36.22 -51.90
C ALA C 117 -18.30 36.95 -53.16
N LEU C 118 -19.19 37.81 -53.68
CA LEU C 118 -18.91 38.54 -54.90
C LEU C 118 -17.77 39.52 -54.69
N VAL C 119 -17.77 40.23 -53.56
CA VAL C 119 -16.68 41.15 -53.27
C VAL C 119 -15.36 40.38 -53.17
N GLY C 120 -15.36 39.28 -52.43
CA GLY C 120 -14.12 38.51 -52.29
C GLY C 120 -13.60 37.98 -53.60
N ALA C 121 -14.51 37.43 -54.43
CA ALA C 121 -14.10 36.88 -55.72
C ALA C 121 -13.60 37.97 -56.65
N PHE C 122 -14.24 39.15 -56.62
CA PHE C 122 -13.77 40.26 -57.43
C PHE C 122 -12.35 40.67 -57.03
N LEU C 123 -12.09 40.73 -55.73
CA LEU C 123 -10.73 41.09 -55.29
C LEU C 123 -9.72 40.02 -55.69
N SER C 124 -10.11 38.75 -55.60
CA SER C 124 -9.15 37.68 -55.84
C SER C 124 -9.04 37.32 -57.32
N ASN C 125 -9.85 37.96 -58.18
CA ASN C 125 -9.89 37.67 -59.62
C ASN C 125 -10.35 36.23 -59.89
N GLN C 126 -11.48 35.86 -59.30
CA GLN C 126 -12.15 34.62 -59.67
C GLN C 126 -13.34 34.95 -60.57
N ALA C 127 -13.88 33.92 -61.20
CA ALA C 127 -15.05 34.14 -62.04
C ALA C 127 -16.22 34.55 -61.16
N PHE C 128 -16.56 35.84 -61.17
CA PHE C 128 -17.61 36.35 -60.31
C PHE C 128 -18.96 36.49 -61.02
N TYR C 129 -19.00 36.24 -62.32
CA TYR C 129 -20.23 36.47 -63.08
C TYR C 129 -21.33 35.50 -62.69
N ASP C 130 -20.96 34.36 -62.08
CA ASP C 130 -21.95 33.37 -61.67
C ASP C 130 -22.75 33.87 -60.47
N LEU C 131 -22.12 34.64 -59.58
CA LEU C 131 -22.80 35.09 -58.38
C LEU C 131 -23.81 36.21 -58.68
N LEU C 132 -23.62 36.94 -59.77
CA LEU C 132 -24.43 38.14 -60.01
C LEU C 132 -25.93 37.87 -60.10
N PRO C 133 -26.42 36.82 -60.78
CA PRO C 133 -27.87 36.58 -60.76
C PRO C 133 -28.41 36.29 -59.36
N LEU C 134 -27.56 35.96 -58.40
CA LEU C 134 -28.03 35.65 -57.06
C LEU C 134 -28.03 36.88 -56.16
N LEU C 135 -27.75 38.06 -56.71
CA LEU C 135 -27.57 39.23 -55.87
C LEU C 135 -28.89 39.83 -55.39
N ILE C 136 -30.02 39.39 -55.93
CA ILE C 136 -31.33 39.80 -55.44
C ILE C 136 -32.07 38.59 -54.90
N ILE C 137 -32.53 38.67 -53.64
CA ILE C 137 -33.33 37.60 -53.07
C ILE C 137 -34.67 37.52 -53.79
N ASN C 138 -35.10 36.29 -54.09
CA ASN C 138 -36.38 36.07 -54.73
C ASN C 138 -37.39 35.41 -53.80
N ASP C 139 -37.03 34.29 -53.17
CA ASP C 139 -37.97 33.57 -52.32
C ASP C 139 -37.56 33.66 -50.86
N THR C 140 -36.33 33.22 -50.56
CA THR C 140 -35.84 33.20 -49.19
C THR C 140 -34.32 33.24 -49.24
N MET C 141 -33.71 33.86 -48.23
CA MET C 141 -32.26 34.01 -48.22
C MET C 141 -31.57 32.65 -48.20
N ILE C 142 -32.07 31.72 -47.40
CA ILE C 142 -31.48 30.38 -47.34
C ILE C 142 -31.98 29.52 -48.49
N GLY C 143 -33.26 29.65 -48.82
CA GLY C 143 -33.86 28.76 -49.81
C GLY C 143 -33.25 28.90 -51.18
N ASP C 144 -32.88 30.13 -51.58
CA ASP C 144 -32.32 30.34 -52.90
C ASP C 144 -30.99 29.63 -53.05
N LEU C 145 -30.14 29.70 -52.03
CA LEU C 145 -28.88 28.97 -52.08
C LEU C 145 -29.10 27.47 -51.98
N LEU C 146 -30.12 27.04 -51.24
CA LEU C 146 -30.42 25.61 -51.18
C LEU C 146 -30.86 25.07 -52.55
N GLY C 147 -31.70 25.82 -53.25
CA GLY C 147 -32.27 25.32 -54.49
C GLY C 147 -31.32 25.38 -55.66
N THR C 148 -30.28 26.18 -55.56
CA THR C 148 -29.29 26.28 -56.62
C THR C 148 -28.25 25.19 -56.41
N GLY C 149 -28.31 24.15 -57.24
CA GLY C 149 -27.26 23.14 -57.22
C GLY C 149 -26.02 23.58 -57.98
N ALA C 150 -26.18 24.50 -58.92
CA ALA C 150 -25.07 24.98 -59.74
C ALA C 150 -24.45 26.22 -59.09
N SER C 151 -23.51 25.98 -58.19
CA SER C 151 -22.78 27.05 -57.53
C SER C 151 -21.30 26.67 -57.43
N LEU C 152 -20.56 27.51 -56.72
CA LEU C 152 -19.12 27.35 -56.57
C LEU C 152 -18.80 26.85 -55.16
N SER C 153 -17.99 25.80 -55.07
CA SER C 153 -17.61 25.27 -53.77
C SER C 153 -16.62 26.16 -53.04
N GLN C 154 -16.10 27.19 -53.69
CA GLN C 154 -15.16 28.09 -53.03
C GLN C 154 -15.80 28.82 -51.86
N PHE C 155 -17.12 29.00 -51.89
CA PHE C 155 -17.83 29.81 -50.91
C PHE C 155 -18.81 29.00 -50.08
N PHE C 156 -19.78 28.34 -50.71
CA PHE C 156 -20.80 27.63 -49.96
C PHE C 156 -21.20 26.36 -50.69
N GLN C 157 -21.74 25.41 -49.92
CA GLN C 157 -22.23 24.14 -50.47
C GLN C 157 -23.47 23.70 -49.70
N SER C 158 -24.09 22.63 -50.18
CA SER C 158 -25.34 22.14 -49.61
C SER C 158 -25.19 20.67 -49.22
N HIS C 159 -25.63 20.35 -48.01
CA HIS C 159 -25.75 18.98 -47.53
C HIS C 159 -27.24 18.79 -47.24
N GLY C 160 -27.97 18.27 -48.21
CA GLY C 160 -29.40 18.12 -48.09
C GLY C 160 -30.08 19.43 -47.79
N ASP C 161 -30.60 19.58 -46.57
CA ASP C 161 -31.25 20.80 -46.15
C ASP C 161 -30.40 21.57 -45.14
N VAL C 162 -29.08 21.58 -45.32
CA VAL C 162 -28.18 22.37 -44.49
C VAL C 162 -27.22 23.10 -45.43
N LEU C 163 -27.01 24.39 -45.20
CA LEU C 163 -26.14 25.19 -46.04
C LEU C 163 -24.83 25.43 -45.31
N GLU C 164 -23.73 24.95 -45.88
CA GLU C 164 -22.41 25.08 -45.27
C GLU C 164 -21.69 26.25 -45.92
N VAL C 165 -21.23 27.18 -45.09
CA VAL C 165 -20.63 28.42 -45.54
C VAL C 165 -19.28 28.57 -44.84
N ALA C 166 -18.32 29.14 -45.55
CA ALA C 166 -17.00 29.40 -45.00
C ALA C 166 -17.01 30.74 -44.29
N ALA C 167 -16.57 30.74 -43.03
CA ALA C 167 -16.54 31.97 -42.25
C ALA C 167 -15.39 32.85 -42.71
N GLY C 168 -15.70 34.12 -43.05
CA GLY C 168 -14.71 35.03 -43.57
C GLY C 168 -13.92 35.75 -42.49
N ARG C 169 -12.87 36.43 -42.93
CA ARG C 169 -11.98 37.12 -42.01
C ARG C 169 -12.67 38.33 -41.39
N LYS C 170 -12.39 38.56 -40.11
CA LYS C 170 -12.86 39.75 -39.42
C LYS C 170 -11.78 40.83 -39.35
N TYR C 171 -10.53 40.44 -39.13
CA TYR C 171 -9.42 41.37 -39.02
C TYR C 171 -8.40 41.08 -40.12
N LEU C 172 -7.80 42.16 -40.62
CA LEU C 172 -6.77 42.08 -41.65
C LEU C 172 -5.50 42.71 -41.12
N GLN C 173 -4.40 41.96 -41.17
CA GLN C 173 -3.17 42.31 -40.47
C GLN C 173 -2.24 43.07 -41.41
N MET C 174 -1.89 44.30 -41.02
CA MET C 174 -1.03 45.14 -41.83
C MET C 174 0.42 44.71 -41.70
N GLU C 175 1.34 45.58 -42.13
CA GLU C 175 2.75 45.23 -42.11
C GLU C 175 3.38 45.31 -40.73
N ASN C 176 2.82 46.12 -39.83
CA ASN C 176 3.50 46.47 -38.59
C ASN C 176 3.23 45.51 -37.44
N TYR C 177 2.41 44.49 -37.62
CA TYR C 177 2.06 43.59 -36.53
C TYR C 177 3.26 42.72 -36.19
N SER C 178 3.98 43.08 -35.13
CA SER C 178 5.16 42.35 -34.69
C SER C 178 4.88 41.42 -33.52
N ASN C 179 3.62 41.15 -33.22
CA ASN C 179 3.22 40.36 -32.06
C ASN C 179 3.70 41.05 -30.78
N ASP C 180 3.52 42.37 -30.73
CA ASP C 180 3.98 43.18 -29.61
C ASP C 180 3.07 43.00 -28.40
N ASP C 181 3.57 43.41 -27.24
CA ASP C 181 2.74 43.42 -26.03
C ASP C 181 1.69 44.52 -26.06
N ASP C 182 1.74 45.43 -27.03
CA ASP C 182 0.68 46.39 -27.25
C ASP C 182 -0.04 46.17 -28.57
N ASP C 183 0.41 45.22 -29.38
CA ASP C 183 -0.34 44.85 -30.57
C ASP C 183 -1.67 44.24 -30.16
N PRO C 184 -2.78 44.71 -30.75
CA PRO C 184 -4.09 44.25 -30.32
C PRO C 184 -4.28 42.77 -30.65
N PRO C 185 -5.00 42.04 -29.83
CA PRO C 185 -5.23 40.62 -30.12
C PRO C 185 -6.33 40.44 -31.15
N LEU C 186 -6.05 39.60 -32.14
CA LEU C 186 -6.96 39.36 -33.24
C LEU C 186 -7.83 38.12 -33.04
N PHE C 187 -7.60 37.37 -31.96
CA PHE C 187 -8.49 36.27 -31.56
C PHE C 187 -8.70 35.26 -32.68
N ALA C 188 -7.64 34.97 -33.43
CA ALA C 188 -7.61 33.91 -34.43
C ALA C 188 -8.65 34.11 -35.53
N LYS C 189 -9.14 35.33 -35.74
CA LYS C 189 -10.04 35.62 -36.85
C LYS C 189 -9.34 36.25 -38.04
N ASP C 190 -8.01 36.28 -38.05
CA ASP C 190 -7.24 36.74 -39.18
C ASP C 190 -6.69 35.60 -40.02
N LEU C 191 -7.13 34.38 -39.77
CA LEU C 191 -6.62 33.20 -40.44
C LEU C 191 -7.40 32.92 -41.72
N SER C 192 -6.99 31.89 -42.45
CA SER C 192 -7.66 31.54 -43.70
C SER C 192 -9.03 30.94 -43.44
N ASP C 193 -9.06 29.79 -42.75
CA ASP C 193 -10.31 29.08 -42.47
C ASP C 193 -10.29 28.69 -40.99
N TYR C 194 -10.78 29.61 -40.15
CA TYR C 194 -10.79 29.38 -38.71
C TYR C 194 -12.11 28.80 -38.22
N ALA C 195 -13.14 28.76 -39.06
CA ALA C 195 -14.43 28.27 -38.63
C ALA C 195 -15.24 27.82 -39.84
N LYS C 196 -16.38 27.18 -39.57
CA LYS C 196 -17.34 26.80 -40.59
C LYS C 196 -18.74 27.04 -40.05
N ALA C 197 -19.63 27.55 -40.90
CA ALA C 197 -20.97 27.91 -40.48
C ALA C 197 -21.98 27.00 -41.16
N PHE C 198 -23.01 26.59 -40.42
CA PHE C 198 -24.08 25.76 -40.95
C PHE C 198 -25.40 26.47 -40.72
N TYR C 199 -26.15 26.72 -41.79
CA TYR C 199 -27.39 27.49 -41.74
C TYR C 199 -28.57 26.61 -42.13
N SER C 200 -29.71 26.85 -41.49
CA SER C 200 -30.93 26.10 -41.76
C SER C 200 -32.10 26.89 -41.18
N ASP C 201 -33.27 26.24 -41.13
CA ASP C 201 -34.46 26.92 -40.62
C ASP C 201 -34.90 26.41 -39.25
N THR C 202 -34.59 25.15 -38.91
CA THR C 202 -34.98 24.64 -37.60
C THR C 202 -33.77 23.95 -36.98
N TYR C 203 -33.58 24.22 -35.68
CA TYR C 203 -32.43 23.66 -34.97
C TYR C 203 -32.48 22.14 -34.92
N GLU C 204 -33.68 21.56 -35.04
CA GLU C 204 -33.79 20.10 -35.06
C GLU C 204 -33.05 19.49 -36.24
N VAL C 205 -33.20 20.07 -37.43
CA VAL C 205 -32.46 19.57 -38.58
C VAL C 205 -30.97 19.77 -38.40
N LEU C 206 -30.57 20.87 -37.78
CA LEU C 206 -29.14 21.13 -37.59
C LEU C 206 -28.51 20.11 -36.66
N ASP C 207 -29.15 19.83 -35.53
CA ASP C 207 -28.55 18.84 -34.63
C ASP C 207 -28.66 17.43 -35.19
N ARG C 208 -29.75 17.11 -35.90
CA ARG C 208 -29.80 15.80 -36.56
C ARG C 208 -28.76 15.69 -37.66
N PHE C 209 -28.29 16.83 -38.19
CA PHE C 209 -27.15 16.78 -39.10
C PHE C 209 -25.87 16.48 -38.35
N PHE C 210 -25.66 17.14 -37.21
CA PHE C 210 -24.41 16.94 -36.47
C PHE C 210 -24.38 15.60 -35.75
N TRP C 211 -25.51 14.89 -35.71
CA TRP C 211 -25.49 13.47 -35.40
C TRP C 211 -24.41 12.75 -36.20
N THR C 212 -24.55 12.78 -37.53
CA THR C 212 -23.62 12.08 -38.41
C THR C 212 -22.25 12.74 -38.43
N HIS C 213 -22.23 14.07 -38.46
CA HIS C 213 -20.99 14.82 -38.58
C HIS C 213 -20.20 14.78 -37.26
N ASP C 214 -18.88 14.76 -37.38
CA ASP C 214 -18.03 14.66 -36.20
C ASP C 214 -17.87 16.02 -35.52
N SER C 215 -17.87 16.00 -34.19
CA SER C 215 -17.83 17.23 -33.40
C SER C 215 -16.79 17.17 -32.30
N SER C 216 -15.56 16.73 -32.64
CA SER C 216 -14.50 16.68 -31.64
C SER C 216 -14.20 18.08 -31.09
N ALA C 217 -14.15 19.08 -31.96
CA ALA C 217 -14.21 20.46 -31.53
C ALA C 217 -15.65 20.83 -31.23
N GLY C 218 -15.85 21.80 -30.36
CA GLY C 218 -17.19 22.16 -29.95
C GLY C 218 -17.99 22.82 -31.06
N VAL C 219 -19.29 22.96 -30.82
CA VAL C 219 -20.20 23.63 -31.73
C VAL C 219 -20.87 24.77 -30.97
N LEU C 220 -20.87 25.96 -31.56
CA LEU C 220 -21.34 27.17 -30.91
C LEU C 220 -22.64 27.63 -31.57
N VAL C 221 -23.41 28.45 -30.83
CA VAL C 221 -24.70 28.92 -31.31
C VAL C 221 -25.08 30.23 -30.62
N HIS C 222 -25.81 31.08 -31.34
CA HIS C 222 -26.50 32.24 -30.78
C HIS C 222 -27.99 31.97 -30.73
N TYR C 223 -28.61 32.24 -29.58
CA TYR C 223 -30.05 32.11 -29.45
C TYR C 223 -30.79 33.44 -29.50
N ASP C 224 -30.10 34.56 -29.28
CA ASP C 224 -30.78 35.84 -29.14
C ASP C 224 -31.22 36.39 -30.49
N LYS C 225 -30.26 36.71 -31.35
CA LYS C 225 -30.56 37.25 -32.67
C LYS C 225 -29.44 36.87 -33.62
N PRO C 226 -29.38 35.62 -34.07
CA PRO C 226 -28.31 35.21 -34.98
C PRO C 226 -28.36 36.01 -36.28
N THR C 227 -27.19 36.23 -36.86
CA THR C 227 -27.05 37.28 -37.87
C THR C 227 -27.98 37.07 -39.06
N ASN C 228 -27.96 35.88 -39.66
CA ASN C 228 -28.72 35.61 -40.87
C ASN C 228 -29.74 34.50 -40.69
N GLY C 229 -30.03 34.13 -39.45
CA GLY C 229 -30.93 33.03 -39.15
C GLY C 229 -30.25 32.00 -38.29
N HIS C 230 -30.99 30.94 -38.01
CA HIS C 230 -30.48 29.86 -37.18
C HIS C 230 -29.24 29.25 -37.82
N HIS C 231 -28.18 29.09 -37.03
CA HIS C 231 -26.94 28.54 -37.55
C HIS C 231 -26.06 28.04 -36.42
N TYR C 232 -25.09 27.20 -36.80
CA TYR C 232 -24.08 26.66 -35.90
C TYR C 232 -22.69 27.03 -36.41
N LEU C 233 -21.76 27.18 -35.47
CA LEU C 233 -20.37 27.46 -35.77
C LEU C 233 -19.49 26.31 -35.28
N LEU C 234 -18.67 25.77 -36.17
CA LEU C 234 -17.74 24.70 -35.84
C LEU C 234 -16.31 25.20 -36.01
N GLY C 235 -15.50 25.00 -34.99
CA GLY C 235 -14.15 25.55 -34.96
C GLY C 235 -13.14 24.62 -35.59
N THR C 236 -12.20 25.21 -36.32
CA THR C 236 -11.10 24.43 -36.89
C THR C 236 -9.96 24.30 -35.88
N LEU C 237 -9.02 23.43 -36.20
CA LEU C 237 -7.98 23.04 -35.25
C LEU C 237 -6.74 23.91 -35.38
N THR C 238 -6.91 25.16 -35.83
CA THR C 238 -5.83 26.12 -35.76
C THR C 238 -5.72 26.67 -34.34
N GLN C 239 -4.77 27.60 -34.14
CA GLN C 239 -4.54 28.11 -32.80
C GLN C 239 -4.15 29.59 -32.87
N MET C 240 -4.28 30.28 -31.73
CA MET C 240 -3.85 31.70 -31.66
C MET C 240 -2.61 31.76 -30.75
N VAL C 241 -1.47 32.19 -31.29
CA VAL C 241 -0.20 32.20 -30.50
C VAL C 241 0.21 33.63 -30.15
N SER C 242 -0.60 34.63 -30.54
CA SER C 242 -0.20 36.04 -30.32
C SER C 242 -0.05 36.31 -28.82
N ALA C 243 -0.93 35.73 -27.99
CA ALA C 243 -0.76 35.89 -26.53
C ALA C 243 0.64 35.36 -26.18
N PRO C 244 1.49 36.14 -25.49
CA PRO C 244 2.88 35.72 -25.24
C PRO C 244 3.04 34.40 -24.47
N PRO C 245 2.33 34.13 -23.35
CA PRO C 245 2.56 32.90 -22.59
C PRO C 245 1.51 31.79 -22.77
N TYR C 246 0.49 31.99 -23.61
CA TYR C 246 -0.60 30.98 -23.70
C TYR C 246 -1.00 30.69 -25.15
N ILE C 247 -1.40 29.44 -25.44
CA ILE C 247 -1.88 29.08 -26.80
C ILE C 247 -3.40 28.88 -26.72
N ILE C 248 -4.15 29.34 -27.73
CA ILE C 248 -5.60 29.32 -27.65
C ILE C 248 -6.16 28.66 -28.90
N ASN C 249 -7.03 27.67 -28.73
CA ASN C 249 -7.77 27.13 -29.85
C ASN C 249 -8.78 28.16 -30.36
N ALA C 250 -9.28 27.92 -31.58
CA ALA C 250 -10.22 28.88 -32.16
C ALA C 250 -11.49 28.99 -31.34
N THR C 251 -12.04 27.85 -30.90
CA THR C 251 -13.29 27.88 -30.13
C THR C 251 -13.10 28.61 -28.80
N ASP C 252 -11.98 28.39 -28.13
CA ASP C 252 -11.68 29.13 -26.92
C ASP C 252 -11.56 30.62 -27.20
N ALA C 253 -10.94 30.98 -28.32
CA ALA C 253 -10.79 32.40 -28.65
C ALA C 253 -12.14 33.06 -28.88
N MET C 254 -13.04 32.38 -29.59
CA MET C 254 -14.37 32.96 -29.82
C MET C 254 -15.12 33.13 -28.51
N LEU C 255 -15.12 32.10 -27.66
CA LEU C 255 -15.79 32.23 -26.37
C LEU C 255 -15.21 33.38 -25.56
N LEU C 256 -13.88 33.51 -25.56
CA LEU C 256 -13.24 34.55 -24.77
C LEU C 256 -13.61 35.93 -25.26
N GLU C 257 -13.55 36.16 -26.57
CA GLU C 257 -13.88 37.48 -27.09
C GLU C 257 -15.33 37.83 -26.80
N SER C 258 -16.24 36.88 -27.01
CA SER C 258 -17.66 37.19 -26.76
C SER C 258 -17.93 37.45 -25.29
N CYS C 259 -17.32 36.68 -24.39
CA CYS C 259 -17.58 36.90 -22.97
C CYS C 259 -17.04 38.26 -22.51
N LEU C 260 -15.87 38.65 -23.01
CA LEU C 260 -15.38 39.99 -22.69
C LEU C 260 -16.33 41.06 -23.19
N GLU C 261 -16.87 40.87 -24.40
CA GLU C 261 -17.82 41.83 -24.95
C GLU C 261 -19.04 41.96 -24.07
N GLN C 262 -19.60 40.84 -23.63
CA GLN C 262 -20.80 40.88 -22.80
C GLN C 262 -20.52 41.51 -21.44
N PHE C 263 -19.35 41.27 -20.86
CA PHE C 263 -19.00 41.93 -19.61
C PHE C 263 -18.96 43.44 -19.79
N SER C 264 -18.30 43.91 -20.86
CA SER C 264 -18.24 45.34 -21.09
C SER C 264 -19.65 45.92 -21.29
N ALA C 265 -20.48 45.23 -22.05
CA ALA C 265 -21.84 45.69 -22.30
C ALA C 265 -22.67 45.72 -21.03
N ASN C 266 -22.46 44.76 -20.12
CA ASN C 266 -23.15 44.79 -18.84
C ASN C 266 -22.77 46.02 -18.04
N VAL C 267 -21.46 46.28 -17.94
CA VAL C 267 -21.02 47.39 -17.08
C VAL C 267 -21.43 48.73 -17.68
N ARG C 268 -21.44 48.85 -19.01
CA ARG C 268 -21.73 50.15 -19.62
C ARG C 268 -23.22 50.40 -19.79
N ALA C 269 -24.08 49.49 -19.30
CA ALA C 269 -25.50 49.54 -19.61
C ALA C 269 -26.19 50.74 -18.96
N ARG C 270 -27.19 51.27 -19.67
CA ARG C 270 -28.01 52.38 -19.21
C ARG C 270 -29.47 52.06 -19.53
N PRO C 271 -30.40 52.39 -18.62
CA PRO C 271 -31.80 51.92 -18.79
C PRO C 271 -32.47 52.42 -20.05
N ALA C 272 -32.17 53.63 -20.49
CA ALA C 272 -32.81 54.20 -21.67
C ALA C 272 -31.99 54.01 -22.94
N GLN C 273 -30.89 53.27 -22.87
CA GLN C 273 -29.97 53.15 -23.99
C GLN C 273 -30.08 51.77 -24.62
N PRO C 274 -30.67 51.64 -25.80
CA PRO C 274 -30.82 50.32 -26.42
C PRO C 274 -29.48 49.77 -26.91
N VAL C 275 -29.47 48.45 -27.08
CA VAL C 275 -28.29 47.72 -27.55
C VAL C 275 -28.71 46.85 -28.72
N THR C 276 -27.75 46.56 -29.60
CA THR C 276 -28.04 45.72 -30.75
C THR C 276 -28.51 44.33 -30.34
N ARG C 277 -27.87 43.71 -29.36
CA ARG C 277 -28.28 42.40 -28.87
C ARG C 277 -28.26 42.39 -27.35
N LEU C 278 -29.26 41.74 -26.75
CA LEU C 278 -29.31 41.65 -25.30
C LEU C 278 -28.33 40.62 -24.75
N ASP C 279 -27.97 39.61 -25.54
CA ASP C 279 -26.97 38.62 -25.15
C ASP C 279 -25.94 38.51 -26.26
N GLN C 280 -24.66 38.54 -25.89
CA GLN C 280 -23.58 38.45 -26.85
C GLN C 280 -22.69 37.24 -26.65
N CYS C 281 -22.78 36.57 -25.51
CA CYS C 281 -21.94 35.42 -25.22
C CYS C 281 -22.37 34.21 -26.05
N TYR C 282 -21.39 33.39 -26.40
CA TYR C 282 -21.65 32.15 -27.10
C TYR C 282 -22.16 31.08 -26.13
N HIS C 283 -22.72 30.02 -26.69
CA HIS C 283 -23.13 28.84 -25.95
C HIS C 283 -22.52 27.61 -26.61
N LEU C 284 -22.06 26.66 -25.80
CA LEU C 284 -21.51 25.41 -26.29
C LEU C 284 -22.64 24.40 -26.40
N ARG C 285 -22.81 23.82 -27.58
CA ARG C 285 -23.97 22.98 -27.86
C ARG C 285 -23.56 21.51 -28.02
N TRP C 286 -22.34 21.26 -28.46
CA TRP C 286 -21.88 19.90 -28.70
C TRP C 286 -20.40 19.82 -28.35
N GLY C 287 -19.94 18.59 -28.09
CA GLY C 287 -18.52 18.34 -27.89
C GLY C 287 -18.00 18.59 -26.49
N ALA C 288 -18.86 18.51 -25.47
CA ALA C 288 -18.40 18.73 -24.10
C ALA C 288 -17.51 17.60 -23.60
N GLN C 289 -17.79 16.36 -24.01
CA GLN C 289 -17.08 15.20 -23.48
C GLN C 289 -15.61 15.19 -23.89
N TYR C 290 -15.21 16.01 -24.86
CA TYR C 290 -13.81 16.15 -25.22
C TYR C 290 -13.08 17.24 -24.44
N VAL C 291 -13.75 17.86 -23.46
CA VAL C 291 -13.20 19.01 -22.74
C VAL C 291 -13.14 18.67 -21.25
N GLY C 292 -11.94 18.78 -20.67
CA GLY C 292 -11.76 18.45 -19.26
C GLY C 292 -12.02 19.63 -18.34
N GLU C 293 -12.20 19.32 -17.06
CA GLU C 293 -12.58 20.34 -16.09
C GLU C 293 -11.42 21.25 -15.73
N ASP C 294 -10.18 20.86 -16.04
CA ASP C 294 -9.03 21.72 -15.83
C ASP C 294 -8.76 22.64 -17.02
N SER C 295 -9.57 22.55 -18.07
CA SER C 295 -9.22 23.16 -19.34
C SER C 295 -9.68 24.61 -19.42
N LEU C 296 -9.31 25.25 -20.54
CA LEU C 296 -9.69 26.64 -20.78
C LEU C 296 -11.12 26.75 -21.29
N THR C 297 -11.56 25.78 -22.10
CA THR C 297 -12.88 25.85 -22.71
C THR C 297 -13.99 25.76 -21.66
N TYR C 298 -13.85 24.82 -20.72
CA TYR C 298 -14.88 24.61 -19.70
C TYR C 298 -15.01 25.84 -18.80
N ARG C 299 -13.90 26.39 -18.36
CA ARG C 299 -13.93 27.59 -17.54
C ARG C 299 -14.49 28.78 -18.30
N LEU C 300 -14.14 28.92 -19.58
CA LEU C 300 -14.73 30.00 -20.37
C LEU C 300 -16.23 29.82 -20.53
N GLY C 301 -16.70 28.57 -20.59
CA GLY C 301 -18.14 28.35 -20.63
C GLY C 301 -18.82 28.78 -19.34
N VAL C 302 -18.21 28.47 -18.20
CA VAL C 302 -18.76 28.91 -16.92
C VAL C 302 -18.80 30.44 -16.88
N LEU C 303 -17.72 31.10 -17.31
CA LEU C 303 -17.67 32.55 -17.31
C LEU C 303 -18.71 33.15 -18.26
N SER C 304 -18.93 32.51 -19.41
CA SER C 304 -19.95 32.98 -20.33
C SER C 304 -21.33 32.92 -19.69
N LEU C 305 -21.63 31.82 -19.00
CA LEU C 305 -22.90 31.73 -18.29
C LEU C 305 -23.03 32.81 -17.23
N LEU C 306 -21.95 33.05 -16.47
CA LEU C 306 -21.98 34.10 -15.45
C LEU C 306 -22.26 35.47 -16.07
N ALA C 307 -21.56 35.79 -17.16
CA ALA C 307 -21.75 37.10 -17.79
C ALA C 307 -23.16 37.26 -18.31
N THR C 308 -23.72 36.20 -18.90
CA THR C 308 -25.09 36.29 -19.39
C THR C 308 -26.08 36.49 -18.25
N ASN C 309 -25.81 35.91 -17.09
CA ASN C 309 -26.71 36.10 -15.95
C ASN C 309 -26.68 37.53 -15.41
N GLY C 310 -25.61 38.28 -15.65
CA GLY C 310 -25.54 39.66 -15.22
C GLY C 310 -24.36 39.98 -14.33
N TYR C 311 -23.46 39.02 -14.15
CA TYR C 311 -22.28 39.21 -13.31
C TYR C 311 -21.32 40.22 -13.92
N GLN C 312 -20.50 40.83 -13.06
CA GLN C 312 -19.56 41.87 -13.49
C GLN C 312 -18.18 41.62 -12.89
N LEU C 313 -17.15 41.79 -13.71
CA LEU C 313 -15.77 41.62 -13.25
C LEU C 313 -15.36 42.79 -12.37
N ALA C 314 -14.62 42.49 -11.31
CA ALA C 314 -14.14 43.53 -10.40
C ALA C 314 -12.82 44.15 -10.86
N ARG C 315 -12.76 44.62 -12.11
CA ARG C 315 -11.58 45.24 -12.68
C ARG C 315 -11.92 45.86 -14.04
N PRO C 316 -11.45 47.07 -14.32
CA PRO C 316 -11.79 47.74 -15.58
C PRO C 316 -11.32 46.97 -16.81
N ILE C 317 -12.12 47.03 -17.86
CA ILE C 317 -11.80 46.45 -19.17
C ILE C 317 -11.51 47.60 -20.13
N PRO C 318 -10.27 47.73 -20.62
CA PRO C 318 -9.94 48.86 -21.49
C PRO C 318 -10.68 48.82 -22.82
N ARG C 319 -10.88 50.00 -23.40
CA ARG C 319 -11.61 50.14 -24.65
C ARG C 319 -10.74 49.83 -25.87
N GLN C 320 -9.54 49.30 -25.66
CA GLN C 320 -8.73 48.77 -26.76
C GLN C 320 -7.77 47.75 -26.15
N LEU C 321 -8.11 46.47 -26.29
CA LEU C 321 -7.38 45.41 -25.63
C LEU C 321 -5.98 45.24 -26.22
N THR C 322 -5.06 44.75 -25.39
CA THR C 322 -3.70 44.47 -25.80
C THR C 322 -3.37 43.01 -25.48
N ASN C 323 -2.23 42.56 -26.00
CA ASN C 323 -1.83 41.17 -25.79
C ASN C 323 -1.55 40.88 -24.32
N ARG C 324 -0.78 41.76 -23.67
CA ARG C 324 -0.38 41.49 -22.29
C ARG C 324 -1.59 41.45 -21.35
N TRP C 325 -2.56 42.33 -21.57
CA TRP C 325 -3.76 42.32 -20.75
C TRP C 325 -4.50 40.98 -20.89
N LEU C 326 -4.64 40.51 -22.12
CA LEU C 326 -5.30 39.23 -22.35
C LEU C 326 -4.53 38.09 -21.72
N SER C 327 -3.19 38.14 -21.79
CA SER C 327 -2.37 37.13 -21.14
C SER C 327 -2.62 37.08 -19.64
N SER C 328 -2.64 38.25 -19.00
CA SER C 328 -2.90 38.30 -17.56
C SER C 328 -4.29 37.78 -17.25
N PHE C 329 -5.28 38.15 -18.07
CA PHE C 329 -6.65 37.70 -17.82
C PHE C 329 -6.76 36.19 -17.91
N VAL C 330 -6.16 35.59 -18.94
CA VAL C 330 -6.21 34.14 -19.09
C VAL C 330 -5.47 33.47 -17.95
N SER C 331 -4.35 34.07 -17.50
CA SER C 331 -3.62 33.51 -16.37
C SER C 331 -4.47 33.53 -15.11
N GLN C 332 -5.25 34.61 -14.90
CA GLN C 332 -6.18 34.64 -13.78
C GLN C 332 -7.23 33.55 -13.91
N ILE C 333 -7.76 33.36 -15.11
CA ILE C 333 -8.78 32.32 -15.32
C ILE C 333 -8.22 30.95 -15.00
N MET C 334 -7.00 30.68 -15.44
CA MET C 334 -6.40 29.37 -15.22
C MET C 334 -5.65 29.29 -13.90
N SER C 335 -5.74 30.33 -13.07
CA SER C 335 -5.13 30.30 -11.75
C SER C 335 -5.84 29.31 -10.84
N ASP C 336 -5.17 28.87 -9.79
CA ASP C 336 -5.72 27.87 -8.89
C ASP C 336 -6.89 28.44 -8.09
N GLY C 337 -7.85 27.57 -7.79
CA GLY C 337 -9.04 27.90 -7.04
C GLY C 337 -10.19 27.02 -7.48
N VAL C 338 -11.39 27.36 -7.00
CA VAL C 338 -12.61 26.66 -7.36
C VAL C 338 -13.69 27.67 -7.68
N ASN C 339 -14.81 27.18 -8.21
CA ASN C 339 -15.94 28.03 -8.60
C ASN C 339 -16.97 28.08 -7.49
N GLU C 340 -17.30 29.29 -7.02
CA GLU C 340 -18.24 29.42 -5.92
C GLU C 340 -19.68 29.66 -6.36
N THR C 341 -19.90 30.27 -7.52
CA THR C 341 -21.25 30.62 -7.93
C THR C 341 -22.07 29.37 -8.21
N PRO C 342 -23.37 29.41 -7.94
CA PRO C 342 -24.23 28.24 -8.16
C PRO C 342 -24.65 28.01 -9.60
N LEU C 343 -23.94 28.54 -10.59
CA LEU C 343 -24.27 28.34 -12.00
C LEU C 343 -23.35 27.33 -12.63
N TRP C 344 -23.94 26.27 -13.20
CA TRP C 344 -23.21 25.16 -13.81
C TRP C 344 -23.60 25.01 -15.27
N PRO C 345 -22.63 24.77 -16.16
CA PRO C 345 -22.95 24.63 -17.59
C PRO C 345 -23.77 23.39 -17.89
N GLN C 346 -24.58 23.49 -18.93
CA GLN C 346 -25.31 22.38 -19.52
C GLN C 346 -25.45 22.65 -21.01
N GLU C 347 -25.10 21.66 -21.84
CA GLU C 347 -25.30 21.81 -23.27
C GLU C 347 -26.76 21.77 -23.65
N ARG C 348 -27.62 21.34 -22.73
CA ARG C 348 -29.04 21.20 -23.04
C ARG C 348 -29.70 22.55 -23.31
N TYR C 349 -29.50 23.52 -22.41
CA TYR C 349 -30.14 24.81 -22.56
C TYR C 349 -29.41 25.83 -21.71
N VAL C 350 -29.80 27.09 -21.87
CA VAL C 350 -29.19 28.21 -21.16
C VAL C 350 -30.10 28.58 -20.00
N GLN C 351 -29.57 28.46 -18.78
CA GLN C 351 -30.39 28.60 -17.59
C GLN C 351 -30.17 29.96 -16.95
N ILE C 352 -31.28 30.63 -16.60
CA ILE C 352 -31.26 31.96 -16.02
C ILE C 352 -31.77 31.87 -14.58
N ALA C 353 -31.25 32.72 -13.72
CA ALA C 353 -31.66 32.71 -12.32
C ALA C 353 -33.08 33.23 -12.17
N TYR C 354 -33.64 33.03 -10.97
CA TYR C 354 -35.01 33.48 -10.71
C TYR C 354 -35.10 35.00 -10.71
N ASP C 355 -34.11 35.68 -10.12
CA ASP C 355 -34.16 37.11 -9.92
C ASP C 355 -33.12 37.87 -10.74
N SER C 356 -32.62 37.28 -11.80
CA SER C 356 -31.58 37.96 -12.57
C SER C 356 -32.18 39.12 -13.37
N PRO C 357 -31.48 40.25 -13.45
CA PRO C 357 -32.02 41.41 -14.17
C PRO C 357 -31.99 41.30 -15.68
N SER C 358 -31.88 40.09 -16.23
CA SER C 358 -31.97 39.89 -17.67
C SER C 358 -33.42 39.99 -18.14
N VAL C 359 -33.60 40.24 -19.44
CA VAL C 359 -34.92 40.30 -20.04
C VAL C 359 -34.99 39.56 -21.37
N VAL C 360 -34.15 38.53 -21.54
CA VAL C 360 -34.26 37.73 -22.76
C VAL C 360 -35.53 36.89 -22.77
N ASP C 361 -35.99 36.42 -21.61
CA ASP C 361 -37.04 35.41 -21.55
C ASP C 361 -38.35 35.89 -22.16
N GLY C 362 -38.74 37.14 -21.91
CA GLY C 362 -39.97 37.65 -22.46
C GLY C 362 -39.91 37.81 -23.98
N ALA C 363 -38.78 38.28 -24.49
CA ALA C 363 -38.69 38.61 -25.91
C ALA C 363 -38.24 37.42 -26.75
N THR C 364 -37.52 36.47 -26.16
CA THR C 364 -36.95 35.35 -26.91
C THR C 364 -37.58 34.05 -26.46
N GLN C 365 -37.83 33.16 -27.42
CA GLN C 365 -38.60 31.94 -27.17
C GLN C 365 -37.76 30.68 -27.10
N TYR C 366 -36.60 30.66 -27.75
CA TYR C 366 -35.84 29.43 -27.90
C TYR C 366 -34.51 29.50 -27.19
N GLY C 367 -34.22 28.47 -26.39
CA GLY C 367 -32.89 28.28 -25.84
C GLY C 367 -32.70 28.72 -24.42
N TYR C 368 -33.57 29.57 -23.89
CA TYR C 368 -33.42 30.08 -22.54
C TYR C 368 -34.52 29.53 -21.63
N VAL C 369 -34.14 29.14 -20.42
CA VAL C 369 -35.09 28.63 -19.43
C VAL C 369 -34.79 29.28 -18.09
N ARG C 370 -35.81 29.83 -17.45
CA ARG C 370 -35.65 30.48 -16.16
C ARG C 370 -36.10 29.54 -15.05
N LYS C 371 -35.29 29.43 -14.01
CA LYS C 371 -35.53 28.53 -12.90
C LYS C 371 -35.97 29.32 -11.68
N ASN C 372 -37.09 28.91 -11.08
CA ASN C 372 -37.58 29.57 -9.89
C ASN C 372 -36.76 29.25 -8.64
N GLN C 373 -36.06 28.13 -8.63
CA GLN C 373 -35.28 27.72 -7.48
C GLN C 373 -33.81 28.09 -7.58
N LEU C 374 -33.31 28.39 -8.77
CA LEU C 374 -31.94 28.86 -8.94
C LEU C 374 -31.94 30.37 -8.79
N ARG C 375 -31.51 30.84 -7.63
CA ARG C 375 -31.59 32.25 -7.28
C ARG C 375 -30.23 32.75 -6.83
N LEU C 376 -30.02 34.06 -6.98
CA LEU C 376 -28.79 34.72 -6.56
C LEU C 376 -29.13 35.77 -5.50
N GLY C 377 -28.49 35.66 -4.34
CA GLY C 377 -28.68 36.67 -3.32
C GLY C 377 -27.90 37.93 -3.64
N MET C 378 -28.40 38.72 -4.60
CA MET C 378 -27.65 39.84 -5.13
C MET C 378 -28.55 41.06 -5.20
N ARG C 379 -27.96 42.18 -5.62
CA ARG C 379 -28.65 43.44 -5.80
C ARG C 379 -28.33 44.02 -7.16
N ILE C 380 -29.30 44.68 -7.76
CA ILE C 380 -29.17 45.23 -9.11
C ILE C 380 -28.54 46.61 -9.00
N SER C 381 -27.24 46.69 -9.33
CA SER C 381 -26.52 47.95 -9.24
C SER C 381 -25.27 47.94 -10.11
N ALA C 382 -25.17 48.93 -11.02
CA ALA C 382 -24.04 49.01 -11.98
C ALA C 382 -22.69 49.11 -11.26
N LEU C 383 -21.59 48.91 -11.99
CA LEU C 383 -20.26 49.05 -11.37
C LEU C 383 -19.78 50.49 -11.49
N GLN C 384 -20.26 51.37 -10.61
CA GLN C 384 -19.74 52.77 -10.61
C GLN C 384 -18.31 52.71 -10.07
N SER C 385 -17.47 53.71 -10.38
CA SER C 385 -16.07 53.57 -9.93
C SER C 385 -15.35 54.92 -9.89
N LEU C 386 -14.07 54.90 -9.53
CA LEU C 386 -13.26 56.15 -9.48
C LEU C 386 -12.04 56.01 -10.40
N SER C 387 -11.24 57.06 -10.57
CA SER C 387 -10.13 56.99 -11.51
C SER C 387 -8.79 57.02 -10.79
N ASP C 388 -7.73 56.80 -11.54
CA ASP C 388 -6.39 56.68 -10.98
C ASP C 388 -5.89 58.03 -10.49
N THR C 389 -5.37 58.06 -9.27
CA THR C 389 -4.86 59.28 -8.68
C THR C 389 -3.41 59.09 -8.25
N PRO C 390 -2.48 59.88 -8.76
CA PRO C 390 -1.06 59.64 -8.49
C PRO C 390 -0.56 60.32 -7.22
N SER C 391 -1.21 60.05 -6.08
CA SER C 391 -0.82 60.68 -4.83
C SER C 391 -1.34 59.85 -3.68
N PRO C 392 -0.61 59.76 -2.58
CA PRO C 392 -1.16 59.13 -1.38
C PRO C 392 -2.21 60.03 -0.73
N VAL C 393 -3.12 59.39 0.00
CA VAL C 393 -4.28 60.08 0.54
C VAL C 393 -4.32 59.93 2.06
N GLN C 394 -4.75 60.98 2.73
CA GLN C 394 -4.90 60.98 4.19
C GLN C 394 -5.95 59.96 4.63
N TRP C 395 -5.76 59.41 5.82
CA TRP C 395 -6.71 58.45 6.37
C TRP C 395 -6.72 58.52 7.88
N LEU C 396 -7.91 58.42 8.46
CA LEU C 396 -8.13 58.48 9.90
C LEU C 396 -9.06 57.35 10.32
N PRO C 397 -8.76 56.66 11.41
CA PRO C 397 -9.50 55.45 11.77
C PRO C 397 -10.63 55.69 12.74
N GLN C 398 -11.58 54.74 12.74
CA GLN C 398 -12.65 54.67 13.72
C GLN C 398 -12.57 53.34 14.44
N TYR C 399 -12.78 53.35 15.75
CA TYR C 399 -12.61 52.16 16.58
C TYR C 399 -13.95 51.51 16.90
N THR C 400 -13.89 50.38 17.60
CA THR C 400 -15.07 49.63 18.00
C THR C 400 -14.80 48.93 19.33
N ILE C 401 -15.86 48.38 19.93
CA ILE C 401 -15.78 47.85 21.28
C ILE C 401 -15.13 46.47 21.28
N ASP C 402 -14.71 45.99 20.12
CA ASP C 402 -14.07 44.69 20.04
C ASP C 402 -12.67 44.72 20.64
N GLN C 403 -12.29 43.62 21.29
CA GLN C 403 -11.13 43.58 22.17
C GLN C 403 -10.21 42.43 21.76
N ALA C 404 -8.91 42.68 21.80
CA ALA C 404 -7.91 41.69 21.42
C ALA C 404 -6.63 41.90 22.22
N ALA C 405 -5.84 40.83 22.32
CA ALA C 405 -4.59 40.86 23.09
C ALA C 405 -3.49 41.59 22.33
N MET C 406 -2.74 42.43 23.04
CA MET C 406 -1.73 43.26 22.39
C MET C 406 -0.58 42.42 21.84
N ASP C 407 -0.18 41.36 22.56
CA ASP C 407 0.91 40.52 22.06
C ASP C 407 0.51 39.83 20.76
N GLU C 408 -0.77 39.48 20.63
CA GLU C 408 -1.26 38.92 19.36
C GLU C 408 -1.19 39.95 18.24
N GLY C 409 -1.55 41.20 18.55
CA GLY C 409 -1.58 42.22 17.53
C GLY C 409 -0.20 42.52 16.95
N ASP C 410 0.81 42.53 17.82
CA ASP C 410 2.17 42.77 17.36
C ASP C 410 2.72 41.58 16.58
N LEU C 411 2.21 40.37 16.85
CA LEU C 411 2.66 39.19 16.12
C LEU C 411 2.26 39.27 14.65
N MET C 412 1.05 39.76 14.37
CA MET C 412 0.61 39.89 12.99
C MET C 412 1.40 40.97 12.27
N VAL C 413 1.65 42.10 12.94
CA VAL C 413 2.29 43.24 12.29
C VAL C 413 3.69 42.86 11.83
N SER C 414 4.46 42.19 12.70
CA SER C 414 5.79 41.75 12.32
C SER C 414 5.75 40.77 11.15
N ARG C 415 4.67 40.00 11.04
CA ARG C 415 4.51 39.10 9.90
C ARG C 415 4.20 39.88 8.63
N LEU C 416 3.46 40.97 8.73
CA LEU C 416 3.10 41.78 7.57
C LEU C 416 4.03 42.96 7.35
N THR C 417 5.03 43.14 8.22
CA THR C 417 5.91 44.29 8.15
C THR C 417 6.76 44.26 6.88
N GLN C 418 6.87 45.39 6.21
CA GLN C 418 7.67 45.52 4.99
C GLN C 418 9.12 45.89 5.25
N LEU C 419 9.48 46.14 6.51
CA LEU C 419 10.85 46.43 6.87
C LEU C 419 11.69 45.17 6.82
N PRO C 420 13.03 45.29 6.77
CA PRO C 420 13.88 46.49 6.77
C PRO C 420 14.03 47.19 5.42
N LEU C 421 14.35 48.49 5.48
CA LEU C 421 14.57 49.29 4.29
C LEU C 421 15.28 50.57 4.69
N ARG C 422 15.83 51.26 3.68
CA ARG C 422 16.52 52.51 3.91
C ARG C 422 15.64 53.67 3.44
N PRO C 423 15.21 54.55 4.32
CA PRO C 423 14.40 55.70 3.89
C PRO C 423 15.25 56.91 3.60
N ASP C 424 14.64 57.87 2.89
CA ASP C 424 15.22 59.20 2.79
C ASP C 424 15.11 59.90 4.14
N TYR C 425 16.05 60.80 4.41
CA TYR C 425 16.06 61.40 5.74
C TYR C 425 15.29 62.72 5.77
N GLY C 426 15.66 63.67 4.90
CA GLY C 426 15.04 64.98 4.94
C GLY C 426 15.90 65.99 5.67
N ASN C 427 15.24 66.95 6.32
CA ASN C 427 15.93 68.03 7.01
C ASN C 427 15.36 68.24 8.40
N ILE C 428 16.24 68.32 9.38
CA ILE C 428 15.80 68.68 10.73
C ILE C 428 15.37 70.13 10.77
N TRP C 429 16.14 71.01 10.16
CA TRP C 429 15.94 72.45 10.27
C TRP C 429 15.82 73.02 8.86
N VAL C 430 14.96 74.00 8.68
CA VAL C 430 14.87 74.71 7.42
C VAL C 430 14.90 76.21 7.72
N GLY C 431 15.46 76.96 6.78
CA GLY C 431 15.36 78.40 6.86
C GLY C 431 16.57 79.11 7.44
N ASP C 432 16.33 80.36 7.81
CA ASP C 432 17.35 81.28 8.27
C ASP C 432 17.87 80.86 9.64
N ALA C 433 18.92 81.56 10.10
CA ALA C 433 19.47 81.34 11.43
C ALA C 433 18.83 82.27 12.45
N LEU C 434 19.05 81.96 13.72
CA LEU C 434 18.58 82.79 14.82
C LEU C 434 19.77 83.49 15.48
N SER C 435 19.46 84.51 16.28
CA SER C 435 20.48 85.31 16.92
C SER C 435 20.12 85.56 18.39
N TYR C 436 21.14 85.49 19.24
CA TYR C 436 21.06 85.84 20.65
C TYR C 436 22.25 86.72 20.99
N TYR C 437 22.00 87.79 21.75
CA TYR C 437 23.04 88.78 22.00
C TYR C 437 22.72 89.53 23.28
N VAL C 438 23.76 90.09 23.90
CA VAL C 438 23.62 90.97 25.05
C VAL C 438 24.61 92.12 24.93
N ASP C 439 24.32 93.22 25.63
CA ASP C 439 25.18 94.39 25.62
C ASP C 439 25.49 94.81 27.05
N TYR C 440 26.55 95.59 27.20
CA TYR C 440 26.99 96.12 28.50
C TYR C 440 25.97 97.11 29.05
N ASN C 441 25.15 96.62 29.98
CA ASN C 441 24.33 97.51 30.78
C ASN C 441 25.18 98.09 31.90
N ARG C 442 25.26 99.43 31.96
CA ARG C 442 26.14 100.09 32.91
C ARG C 442 25.74 99.89 34.35
N SER C 443 24.46 99.63 34.62
CA SER C 443 23.98 99.55 36.00
C SER C 443 24.24 98.19 36.65
N HIS C 444 24.62 97.17 35.89
CA HIS C 444 24.76 95.85 36.46
C HIS C 444 25.96 95.79 37.42
N ARG C 445 26.02 94.70 38.17
CA ARG C 445 27.01 94.56 39.23
C ARG C 445 28.39 94.29 38.67
N VAL C 446 29.38 94.35 39.56
CA VAL C 446 30.74 93.94 39.22
C VAL C 446 30.87 92.43 39.42
N VAL C 447 31.37 91.73 38.41
CA VAL C 447 31.54 90.28 38.47
C VAL C 447 32.97 89.94 38.07
N LEU C 448 33.55 88.97 38.77
CA LEU C 448 34.91 88.51 38.52
C LEU C 448 34.89 87.33 37.55
N SER C 449 36.06 87.08 36.93
CA SER C 449 36.13 86.16 35.79
C SER C 449 35.79 84.73 36.16
N SER C 450 36.30 84.24 37.30
CA SER C 450 36.11 82.84 37.65
C SER C 450 34.65 82.50 37.94
N GLU C 451 33.79 83.50 38.13
CA GLU C 451 32.38 83.25 38.38
C GLU C 451 31.63 82.84 37.13
N LEU C 452 32.05 83.32 35.96
CA LEU C 452 31.42 82.94 34.71
C LEU C 452 31.74 81.48 34.35
N PRO C 453 30.78 80.76 33.79
CA PRO C 453 31.03 79.36 33.41
C PRO C 453 31.84 79.28 32.14
N GLN C 454 32.22 78.05 31.78
CA GLN C 454 33.04 77.80 30.61
C GLN C 454 32.73 76.42 30.05
N LEU C 455 33.54 75.99 29.09
CA LEU C 455 33.30 74.82 28.27
C LEU C 455 33.16 73.57 29.13
N PRO C 456 32.10 72.78 28.93
CA PRO C 456 31.86 71.62 29.80
C PRO C 456 32.97 70.59 29.71
N ASP C 457 33.17 69.85 30.80
CA ASP C 457 34.17 68.80 30.86
C ASP C 457 33.88 67.69 29.86
N THR C 458 32.62 67.40 29.58
CA THR C 458 32.25 66.29 28.70
C THR C 458 31.93 66.77 27.28
N TYR C 459 32.69 67.73 26.76
CA TYR C 459 32.39 68.28 25.44
C TYR C 459 32.95 67.39 24.32
N PHE C 460 34.25 67.15 24.33
CA PHE C 460 34.90 66.38 23.25
C PHE C 460 34.84 64.90 23.61
N ASP C 461 33.84 64.22 23.05
CA ASP C 461 33.65 62.80 23.33
C ASP C 461 32.94 62.14 22.16
N GLY C 462 33.03 60.81 22.13
CA GLY C 462 32.47 60.05 21.02
C GLY C 462 30.96 60.17 20.88
N ASP C 463 30.24 60.13 22.01
CA ASP C 463 28.79 60.28 21.94
C ASP C 463 28.39 61.74 21.76
N GLU C 464 29.25 62.67 22.17
CA GLU C 464 29.00 64.09 21.91
C GLU C 464 29.23 64.43 20.44
N GLN C 465 30.29 63.88 19.85
CA GLN C 465 30.60 64.18 18.45
C GLN C 465 29.56 63.58 17.51
N TYR C 466 28.82 62.58 17.97
CA TYR C 466 27.76 62.02 17.14
C TYR C 466 26.60 63.00 17.01
N GLY C 467 26.15 63.58 18.12
CA GLY C 467 24.98 64.42 18.09
C GLY C 467 25.17 65.69 17.28
N ARG C 468 26.33 66.34 17.46
CA ARG C 468 26.61 67.55 16.70
C ARG C 468 26.67 67.25 15.20
N SER C 469 27.35 66.16 14.84
CA SER C 469 27.53 65.82 13.44
C SER C 469 26.23 65.37 12.78
N LEU C 470 25.33 64.77 13.55
CA LEU C 470 24.01 64.45 13.01
C LEU C 470 23.23 65.71 12.68
N PHE C 471 23.35 66.73 13.54
CA PHE C 471 22.64 67.99 13.31
C PHE C 471 23.12 68.68 12.04
N SER C 472 24.43 68.64 11.77
CA SER C 472 24.99 69.36 10.63
C SER C 472 24.49 68.81 9.30
N LEU C 473 24.40 67.49 9.17
CA LEU C 473 23.97 66.90 7.92
C LEU C 473 22.49 67.18 7.65
N ALA C 474 21.68 67.24 8.71
CA ALA C 474 20.25 67.45 8.53
C ALA C 474 19.90 68.91 8.30
N ARG C 475 20.88 69.80 8.45
CA ARG C 475 20.64 71.23 8.29
C ARG C 475 20.43 71.58 6.82
N LYS C 476 19.38 72.34 6.53
CA LYS C 476 19.09 72.78 5.17
C LYS C 476 19.36 74.28 5.06
N ILE C 477 20.46 74.64 4.40
CA ILE C 477 20.90 76.03 4.35
C ILE C 477 21.83 76.19 3.16
N GLY C 478 21.97 77.43 2.70
CA GLY C 478 22.97 77.77 1.72
C GLY C 478 24.32 77.94 2.39
N ASP C 479 25.05 79.00 2.04
CA ASP C 479 26.36 79.20 2.66
C ASP C 479 26.19 79.61 4.12
N ARG C 480 26.85 78.89 5.02
CA ARG C 480 26.76 79.19 6.43
C ARG C 480 27.60 80.42 6.78
N SER C 481 28.66 80.68 6.01
CA SER C 481 29.52 81.81 6.30
C SER C 481 28.80 83.14 6.07
N LEU C 482 27.92 83.19 5.05
CA LEU C 482 27.25 84.44 4.73
C LEU C 482 26.17 84.78 5.75
N VAL C 483 25.38 83.77 6.14
CA VAL C 483 24.29 84.01 7.09
C VAL C 483 24.84 84.41 8.46
N LYS C 484 25.99 83.85 8.85
CA LYS C 484 26.60 84.23 10.12
C LYS C 484 27.18 85.64 10.05
N ASP C 485 27.80 86.00 8.93
CA ASP C 485 28.54 87.26 8.84
C ASP C 485 27.60 88.46 8.70
N THR C 486 26.60 88.36 7.83
CA THR C 486 25.70 89.50 7.65
C THR C 486 24.91 89.80 8.92
N ALA C 487 24.66 88.77 9.74
CA ALA C 487 23.93 88.97 10.97
C ALA C 487 24.76 89.71 12.01
N VAL C 488 26.01 89.28 12.20
CA VAL C 488 26.82 89.88 13.26
C VAL C 488 27.37 91.23 12.83
N LEU C 489 27.48 91.48 11.52
CA LEU C 489 27.89 92.80 11.06
C LEU C 489 26.81 93.83 11.33
N LYS C 490 25.53 93.43 11.23
CA LYS C 490 24.44 94.36 11.40
C LYS C 490 24.40 94.94 12.81
N HIS C 491 24.63 94.08 13.81
CA HIS C 491 24.67 94.56 15.18
C HIS C 491 25.84 95.52 15.41
N ALA C 492 26.97 95.26 14.74
CA ALA C 492 28.14 96.10 14.98
C ALA C 492 27.88 97.55 14.59
N TYR C 493 27.25 97.77 13.44
CA TYR C 493 27.09 99.15 12.96
C TYR C 493 26.14 99.95 13.84
N GLN C 494 25.00 99.36 14.22
CA GLN C 494 23.91 100.17 14.76
C GLN C 494 24.20 100.67 16.17
N ALA C 495 25.26 100.20 16.80
CA ALA C 495 25.53 100.57 18.18
C ALA C 495 25.89 102.05 18.29
N ILE C 496 25.52 102.66 19.42
CA ILE C 496 25.56 104.10 19.60
C ILE C 496 26.63 104.48 20.62
N ASP C 497 27.37 105.56 20.31
CA ASP C 497 28.46 106.03 21.14
C ASP C 497 27.97 107.11 22.09
N PRO C 498 28.04 106.92 23.41
CA PRO C 498 27.65 107.99 24.34
C PRO C 498 28.49 109.25 24.19
N ASN C 499 29.80 109.10 23.94
CA ASN C 499 30.67 110.26 23.79
C ASN C 499 30.45 110.98 22.48
N THR C 500 29.66 110.40 21.57
CA THR C 500 29.31 111.02 20.30
C THR C 500 27.83 111.32 20.18
N GLY C 501 26.96 110.47 20.74
CA GLY C 501 25.54 110.55 20.48
C GLY C 501 25.13 109.88 19.21
N LYS C 502 26.07 109.22 18.53
CA LYS C 502 25.82 108.61 17.24
C LYS C 502 26.67 107.34 17.12
N GLU C 503 26.95 106.96 15.89
CA GLU C 503 27.32 105.59 15.56
C GLU C 503 28.76 105.29 15.97
N TYR C 504 29.01 104.05 16.41
CA TYR C 504 30.40 103.60 16.57
C TYR C 504 31.14 103.57 15.26
N LEU C 505 30.59 102.88 14.26
CA LEU C 505 31.32 102.61 13.03
C LEU C 505 30.85 103.54 11.92
N ARG C 506 31.80 104.16 11.24
CA ARG C 506 31.52 105.25 10.31
C ARG C 506 31.52 104.72 8.88
N SER C 507 30.75 105.40 8.01
CA SER C 507 30.71 105.00 6.61
C SER C 507 32.08 105.19 5.96
N ARG C 508 32.40 104.29 5.04
CA ARG C 508 33.68 104.31 4.32
C ARG C 508 34.86 104.37 5.28
N GLN C 509 34.83 103.50 6.28
CA GLN C 509 35.98 103.30 7.14
C GLN C 509 36.92 102.28 6.50
N SER C 510 38.08 102.10 7.11
CA SER C 510 39.04 101.09 6.67
C SER C 510 38.78 99.79 7.42
N VAL C 511 38.91 98.68 6.70
CA VAL C 511 38.60 97.36 7.23
C VAL C 511 39.77 96.43 7.01
N ALA C 512 40.03 95.55 7.97
CA ALA C 512 40.93 94.41 7.81
C ALA C 512 40.14 93.13 8.07
N TYR C 513 40.29 92.15 7.17
CA TYR C 513 39.69 90.84 7.31
C TYR C 513 40.77 89.84 7.68
N PHE C 514 40.55 89.10 8.76
CA PHE C 514 41.48 88.09 9.23
C PHE C 514 40.88 86.70 9.04
N GLY C 515 41.71 85.74 8.68
CA GLY C 515 41.22 84.43 8.31
C GLY C 515 40.42 84.39 7.03
N ALA C 516 40.83 85.13 6.01
CA ALA C 516 40.06 85.23 4.78
C ALA C 516 39.96 83.89 4.09
N SER C 517 38.76 83.56 3.61
CA SER C 517 38.49 82.26 3.00
C SER C 517 38.42 82.38 1.48
N ALA C 518 39.40 81.79 0.79
CA ALA C 518 39.21 81.44 -0.61
C ALA C 518 38.27 80.26 -0.77
N GLY C 519 38.33 79.31 0.17
CA GLY C 519 37.38 78.25 0.32
C GLY C 519 37.35 77.31 -0.88
N HIS C 520 36.17 76.72 -1.09
CA HIS C 520 35.94 75.79 -2.18
C HIS C 520 34.64 76.07 -2.91
N SER C 521 34.07 77.26 -2.77
CA SER C 521 32.84 77.60 -3.44
C SER C 521 33.05 78.10 -4.87
N GLY C 522 34.30 78.27 -5.30
CA GLY C 522 34.57 78.90 -6.56
C GLY C 522 34.53 80.42 -6.52
N ALA C 523 34.25 81.00 -5.35
CA ALA C 523 34.16 82.44 -5.18
C ALA C 523 35.51 83.13 -5.15
N ASP C 524 36.58 82.40 -4.80
CA ASP C 524 37.95 82.91 -4.78
C ASP C 524 38.17 83.96 -3.70
N GLN C 525 37.12 84.29 -2.95
CA GLN C 525 37.21 85.27 -1.86
C GLN C 525 35.94 85.18 -1.04
N PRO C 526 35.92 85.73 0.17
CA PRO C 526 34.72 85.63 1.02
C PRO C 526 33.49 86.21 0.34
N LEU C 527 32.35 85.54 0.54
CA LEU C 527 31.12 85.88 -0.17
C LEU C 527 30.57 87.23 0.23
N VAL C 528 30.52 87.52 1.53
CA VAL C 528 29.87 88.74 2.03
C VAL C 528 30.56 89.98 1.49
N ILE C 529 31.82 89.86 1.11
CA ILE C 529 32.62 91.03 0.78
C ILE C 529 32.06 91.76 -0.44
N GLU C 530 31.75 91.04 -1.51
CA GLU C 530 31.36 91.71 -2.75
C GLU C 530 30.02 92.45 -2.63
N PRO C 531 29.04 92.03 -1.81
CA PRO C 531 27.93 92.97 -1.53
C PRO C 531 28.33 94.06 -0.55
N TRP C 532 29.33 93.78 0.29
CA TRP C 532 29.68 94.71 1.35
C TRP C 532 30.43 95.92 0.78
N ILE C 533 31.17 95.73 -0.31
CA ILE C 533 31.76 96.84 -1.04
C ILE C 533 30.69 97.61 -1.81
N GLN C 534 29.75 96.89 -2.42
CA GLN C 534 28.68 97.52 -3.19
C GLN C 534 27.62 98.16 -2.30
N GLY C 535 27.64 97.90 -1.00
CA GLY C 535 26.58 98.37 -0.14
C GLY C 535 25.24 97.75 -0.44
N LYS C 536 25.24 96.50 -0.92
CA LYS C 536 23.98 95.82 -1.21
C LYS C 536 23.23 95.45 0.05
N ILE C 537 23.95 95.27 1.16
CA ILE C 537 23.32 94.90 2.42
C ILE C 537 22.48 96.06 2.92
N SER C 538 21.28 95.75 3.43
CA SER C 538 20.46 96.79 4.04
C SER C 538 21.07 97.23 5.36
N GLY C 539 21.24 98.54 5.52
CA GLY C 539 21.77 99.10 6.75
C GLY C 539 23.28 99.12 6.86
N VAL C 540 24.00 98.75 5.81
CA VAL C 540 25.46 98.74 5.87
C VAL C 540 26.07 99.54 4.71
N PRO C 541 26.61 100.72 4.97
CA PRO C 541 27.26 101.51 3.91
C PRO C 541 28.60 100.92 3.51
N PRO C 542 29.08 101.23 2.31
CA PRO C 542 30.34 100.64 1.84
C PRO C 542 31.53 101.14 2.64
N PRO C 543 32.49 100.28 2.94
CA PRO C 543 33.74 100.75 3.54
C PRO C 543 34.72 101.26 2.48
N SER C 544 35.77 101.93 2.97
CA SER C 544 36.71 102.58 2.07
C SER C 544 37.50 101.56 1.27
N SER C 545 38.03 100.54 1.92
CA SER C 545 38.76 99.47 1.27
C SER C 545 38.84 98.32 2.25
N VAL C 546 39.10 97.13 1.72
CA VAL C 546 39.15 95.90 2.50
C VAL C 546 40.45 95.20 2.20
N ARG C 547 41.06 94.63 3.24
CA ARG C 547 42.26 93.82 3.12
C ARG C 547 41.92 92.38 3.48
N GLN C 548 42.78 91.46 3.05
CA GLN C 548 42.61 90.05 3.34
C GLN C 548 43.93 89.47 3.83
N PHE C 549 43.87 88.79 4.98
CA PHE C 549 44.99 88.03 5.51
C PHE C 549 44.48 86.67 5.93
N GLY C 550 45.37 85.69 5.99
CA GLY C 550 44.98 84.37 6.44
C GLY C 550 46.05 83.35 6.09
N TYR C 551 45.77 82.10 6.46
CA TYR C 551 46.66 81.00 6.13
C TYR C 551 46.43 80.46 4.72
N ASP C 552 45.21 80.61 4.19
CA ASP C 552 44.88 80.07 2.88
C ASP C 552 44.05 81.05 2.05
N VAL C 553 44.29 82.35 2.21
CA VAL C 553 43.63 83.35 1.38
C VAL C 553 44.24 83.33 -0.01
N ALA C 554 43.39 83.48 -1.03
CA ALA C 554 43.86 83.51 -2.41
C ALA C 554 44.27 84.92 -2.85
N ARG C 555 43.49 85.92 -2.49
CA ARG C 555 43.69 87.29 -2.95
C ARG C 555 44.38 88.17 -1.91
N GLY C 556 45.06 87.58 -0.93
CA GLY C 556 45.66 88.36 0.13
C GLY C 556 47.00 87.80 0.57
N ALA C 557 47.64 88.51 1.47
CA ALA C 557 48.95 88.11 1.98
C ALA C 557 48.79 87.00 3.01
N ILE C 558 49.58 85.94 2.86
CA ILE C 558 49.55 84.82 3.78
C ILE C 558 50.56 85.05 4.89
N VAL C 559 50.06 85.37 6.08
CA VAL C 559 50.90 85.60 7.26
C VAL C 559 50.32 84.84 8.43
N ASP C 560 51.15 84.64 9.45
CA ASP C 560 50.68 84.05 10.71
C ASP C 560 50.17 85.18 11.60
N LEU C 561 48.86 85.17 11.87
CA LEU C 561 48.21 86.28 12.53
C LEU C 561 48.56 86.41 14.01
N ALA C 562 49.30 85.45 14.57
CA ALA C 562 49.74 85.56 15.97
C ALA C 562 51.08 86.25 16.11
N ARG C 563 51.67 86.73 15.02
CA ARG C 563 52.96 87.40 15.03
C ARG C 563 52.83 88.69 14.24
N PRO C 564 53.71 89.66 14.46
CA PRO C 564 53.62 90.93 13.73
C PRO C 564 53.89 90.75 12.24
N PHE C 565 53.35 91.67 11.45
CA PHE C 565 53.46 91.61 10.01
C PHE C 565 53.43 93.03 9.45
N PRO C 566 54.03 93.25 8.28
CA PRO C 566 54.03 94.60 7.70
C PRO C 566 52.65 95.02 7.21
N SER C 567 52.01 95.93 7.93
CA SER C 567 50.67 96.38 7.58
C SER C 567 50.39 97.71 8.25
N GLY C 568 49.28 98.33 7.84
CA GLY C 568 48.87 99.61 8.38
C GLY C 568 47.94 99.46 9.55
N ASP C 569 47.14 100.50 9.77
CA ASP C 569 46.21 100.59 10.89
C ASP C 569 44.80 100.75 10.34
N TYR C 570 43.83 100.07 10.96
CA TYR C 570 42.49 99.96 10.41
C TYR C 570 41.43 100.42 11.40
N GLN C 571 40.33 100.94 10.85
CA GLN C 571 39.20 101.38 11.65
C GLN C 571 38.30 100.22 12.06
N PHE C 572 38.51 99.04 11.48
CA PHE C 572 37.75 97.85 11.84
C PHE C 572 38.58 96.63 11.52
N VAL C 573 38.54 95.64 12.41
CA VAL C 573 39.21 94.36 12.19
C VAL C 573 38.20 93.24 12.40
N TYR C 574 38.13 92.34 11.43
CA TYR C 574 37.21 91.19 11.46
C TYR C 574 38.05 89.92 11.44
N SER C 575 37.83 89.04 12.40
CA SER C 575 38.59 87.81 12.54
C SER C 575 37.66 86.62 12.62
N ASP C 576 37.95 85.58 11.83
CA ASP C 576 37.23 84.32 11.90
C ASP C 576 38.18 83.13 12.05
N VAL C 577 39.24 83.29 12.84
CA VAL C 577 40.15 82.18 13.10
C VAL C 577 39.39 81.06 13.80
N ASP C 578 39.66 79.82 13.40
CA ASP C 578 39.13 78.64 14.08
C ASP C 578 40.27 77.88 14.75
N GLN C 579 40.04 77.48 16.00
CA GLN C 579 41.02 76.69 16.73
C GLN C 579 40.94 75.23 16.32
N VAL C 580 41.99 74.47 16.62
CA VAL C 580 42.05 73.05 16.31
C VAL C 580 42.33 72.26 17.59
N VAL C 581 41.58 71.19 17.81
CA VAL C 581 41.68 70.38 19.01
C VAL C 581 41.50 68.91 18.65
N ASP C 582 42.39 68.06 19.14
CA ASP C 582 42.19 66.61 19.02
C ASP C 582 42.09 65.91 20.37
N GLY C 583 42.16 66.64 21.48
CA GLY C 583 42.03 66.05 22.80
C GLY C 583 41.57 67.08 23.80
N HIS C 584 40.97 66.58 24.88
CA HIS C 584 40.44 67.48 25.90
C HIS C 584 41.55 68.23 26.64
N ASP C 585 42.80 67.75 26.55
CA ASP C 585 43.90 68.45 27.20
C ASP C 585 44.42 69.61 26.35
N ASP C 586 43.92 69.74 25.12
CA ASP C 586 44.41 70.75 24.19
C ASP C 586 43.90 72.14 24.53
N LEU C 587 43.06 72.27 25.56
CA LEU C 587 42.45 73.56 25.89
C LEU C 587 43.50 74.61 26.24
N SER C 588 44.64 74.18 26.78
CA SER C 588 45.74 75.12 27.00
C SER C 588 46.28 75.63 25.67
N ILE C 589 46.40 74.75 24.68
CA ILE C 589 46.93 75.16 23.38
C ILE C 589 45.93 76.03 22.63
N SER C 590 44.65 75.66 22.67
CA SER C 590 43.64 76.41 21.93
C SER C 590 43.40 77.79 22.54
N SER C 591 43.22 77.86 23.86
CA SER C 591 43.03 79.15 24.51
C SER C 591 44.26 80.02 24.38
N GLY C 592 45.44 79.39 24.23
CA GLY C 592 46.65 80.15 23.95
C GLY C 592 46.58 80.92 22.65
N LEU C 593 45.96 80.32 21.62
CA LEU C 593 45.80 81.00 20.34
C LEU C 593 44.89 82.22 20.47
N VAL C 594 43.79 82.09 21.21
CA VAL C 594 42.84 83.18 21.34
C VAL C 594 43.49 84.38 22.01
N GLU C 595 44.26 84.13 23.07
CA GLU C 595 44.97 85.21 23.74
C GLU C 595 46.00 85.85 22.82
N SER C 596 46.70 85.04 22.02
CA SER C 596 47.70 85.57 21.12
C SER C 596 47.07 86.46 20.06
N LEU C 597 45.95 86.03 19.49
CA LEU C 597 45.29 86.80 18.45
C LEU C 597 44.75 88.12 19.01
N LEU C 598 44.29 88.11 20.26
CA LEU C 598 43.73 89.31 20.86
C LEU C 598 44.75 90.43 20.95
N SER C 599 46.00 90.08 21.29
CA SER C 599 47.04 91.11 21.39
C SER C 599 47.43 91.66 20.03
N SER C 600 47.36 90.83 18.98
CA SER C 600 47.72 91.31 17.65
C SER C 600 46.64 92.20 17.06
N CYS C 601 45.37 91.85 17.28
CA CYS C 601 44.29 92.73 16.86
C CYS C 601 44.31 94.03 17.66
N MET C 602 44.93 94.01 18.85
CA MET C 602 45.11 95.24 19.61
C MET C 602 46.01 96.21 18.88
N HIS C 603 47.19 95.76 18.46
CA HIS C 603 48.11 96.65 17.76
C HIS C 603 47.61 96.99 16.37
N ALA C 604 46.87 96.06 15.74
CA ALA C 604 46.38 96.32 14.40
C ALA C 604 45.42 97.49 14.36
N THR C 605 44.49 97.56 15.31
CA THR C 605 43.49 98.62 15.30
C THR C 605 44.13 99.95 15.67
N ALA C 606 43.84 100.97 14.89
CA ALA C 606 44.21 102.32 15.27
C ALA C 606 43.38 102.75 16.49
N PRO C 607 43.89 103.68 17.30
CA PRO C 607 43.13 104.11 18.48
C PRO C 607 41.76 104.68 18.09
N GLY C 608 40.76 104.40 18.91
CA GLY C 608 39.40 104.80 18.63
C GLY C 608 38.64 103.87 17.73
N GLY C 609 39.25 102.78 17.27
CA GLY C 609 38.60 101.85 16.36
C GLY C 609 37.91 100.71 17.09
N SER C 610 37.64 99.65 16.34
CA SER C 610 36.90 98.50 16.84
C SER C 610 37.46 97.22 16.24
N PHE C 611 37.31 96.11 16.96
CA PHE C 611 37.62 94.81 16.41
C PHE C 611 36.71 93.74 17.01
N VAL C 612 36.54 92.65 16.27
CA VAL C 612 35.74 91.50 16.67
C VAL C 612 36.60 90.25 16.56
N VAL C 613 36.46 89.34 17.51
CA VAL C 613 37.22 88.09 17.53
C VAL C 613 36.25 86.94 17.82
N LYS C 614 36.38 85.86 17.07
CA LYS C 614 35.56 84.67 17.22
C LYS C 614 36.28 83.65 18.09
N ILE C 615 35.55 83.05 19.04
CA ILE C 615 36.12 82.08 19.96
C ILE C 615 35.34 80.78 19.86
N ASN C 616 36.02 79.70 19.48
CA ASN C 616 35.37 78.41 19.35
C ASN C 616 35.02 77.81 20.71
N PHE C 617 35.95 77.87 21.66
CA PHE C 617 35.83 77.17 22.93
C PHE C 617 35.99 78.16 24.07
N PRO C 618 34.91 78.52 24.76
CA PRO C 618 35.03 79.45 25.89
C PRO C 618 35.58 78.73 27.12
N THR C 619 36.66 79.28 27.67
CA THR C 619 37.30 78.70 28.85
C THR C 619 37.53 79.79 29.88
N ARG C 620 37.66 79.37 31.14
CA ARG C 620 37.89 80.34 32.22
C ARG C 620 39.20 81.11 32.07
N PRO C 621 40.34 80.50 31.74
CA PRO C 621 41.55 81.32 31.48
C PRO C 621 41.36 82.35 30.39
N VAL C 622 40.48 82.09 29.42
CA VAL C 622 40.12 83.13 28.45
C VAL C 622 39.42 84.28 29.16
N TRP C 623 38.50 83.96 30.07
CA TRP C 623 37.84 85.03 30.83
C TRP C 623 38.84 85.84 31.63
N HIS C 624 39.85 85.17 32.21
CA HIS C 624 40.84 85.88 33.00
C HIS C 624 41.69 86.79 32.12
N TYR C 625 41.97 86.37 30.88
CA TYR C 625 42.79 87.19 30.00
C TYR C 625 42.04 88.44 29.56
N ILE C 626 40.73 88.34 29.35
CA ILE C 626 39.97 89.43 28.76
C ILE C 626 39.83 90.57 29.76
N GLU C 627 39.53 90.24 31.01
CA GLU C 627 39.20 91.29 31.98
C GLU C 627 40.43 92.12 32.31
N GLN C 628 41.59 91.48 32.43
CA GLN C 628 42.77 92.15 32.97
C GLN C 628 43.42 93.08 31.96
N LYS C 629 43.41 92.69 30.68
CA LYS C 629 44.22 93.41 29.70
C LYS C 629 43.35 94.22 28.72
N ILE C 630 42.44 93.56 28.02
CA ILE C 630 41.78 94.21 26.88
C ILE C 630 40.64 95.10 27.36
N LEU C 631 39.89 94.67 28.36
CA LEU C 631 38.76 95.46 28.85
C LEU C 631 39.13 96.85 29.38
N PRO C 632 40.17 96.99 30.21
CA PRO C 632 40.51 98.34 30.69
C PRO C 632 40.93 99.27 29.57
N ASN C 633 41.32 98.73 28.41
CA ASN C 633 41.76 99.56 27.31
C ASN C 633 40.62 100.00 26.42
N ILE C 634 39.52 99.25 26.42
CA ILE C 634 38.41 99.53 25.53
C ILE C 634 37.30 100.25 26.29
N THR C 635 36.32 100.77 25.53
CA THR C 635 35.21 101.50 26.12
C THR C 635 33.94 100.69 26.24
N SER C 636 33.58 99.92 25.23
CA SER C 636 32.33 99.17 25.26
C SER C 636 32.49 97.88 24.49
N TYR C 637 31.69 96.88 24.86
CA TYR C 637 31.79 95.56 24.27
C TYR C 637 30.40 94.93 24.19
N MET C 638 30.28 93.94 23.33
CA MET C 638 29.02 93.25 23.07
C MET C 638 29.35 91.86 22.53
N LEU C 639 28.50 90.90 22.86
CA LEU C 639 28.64 89.52 22.41
C LEU C 639 27.48 89.16 21.49
N ILE C 640 27.80 88.47 20.39
CA ILE C 640 26.80 88.10 19.39
C ILE C 640 26.90 86.60 19.15
N LYS C 641 25.76 85.93 19.09
CA LYS C 641 25.71 84.50 18.87
C LYS C 641 24.67 84.17 17.81
N PRO C 642 25.07 83.78 16.60
CA PRO C 642 24.10 83.22 15.65
C PRO C 642 23.88 81.73 15.89
N PHE C 643 22.70 81.22 15.58
CA PHE C 643 22.37 79.82 15.82
C PHE C 643 22.20 79.13 14.47
N VAL C 644 23.24 78.40 14.05
CA VAL C 644 23.21 77.69 12.77
C VAL C 644 23.43 76.21 13.02
N THR C 645 24.61 75.86 13.53
CA THR C 645 24.93 74.49 13.89
C THR C 645 25.00 74.38 15.40
N ASN C 646 24.59 73.22 15.92
CA ASN C 646 24.48 73.01 17.36
C ASN C 646 25.84 72.94 18.02
N ASN C 647 26.31 74.08 18.54
CA ASN C 647 27.65 74.17 19.12
C ASN C 647 27.70 75.38 20.04
N VAL C 648 28.87 75.60 20.63
CA VAL C 648 29.06 76.66 21.60
C VAL C 648 29.93 77.79 21.05
N GLU C 649 29.99 77.94 19.73
CA GLU C 649 30.76 79.00 19.11
C GLU C 649 30.19 80.37 19.49
N LEU C 650 31.09 81.34 19.68
CA LEU C 650 30.71 82.68 20.09
C LEU C 650 31.59 83.71 19.40
N PHE C 651 31.09 84.95 19.34
CA PHE C 651 31.83 86.10 18.86
C PHE C 651 31.94 87.12 19.98
N PHE C 652 33.00 87.92 19.94
CA PHE C 652 33.21 88.98 20.91
C PHE C 652 33.72 90.22 20.21
N VAL C 653 33.23 91.39 20.61
CA VAL C 653 33.56 92.65 19.97
C VAL C 653 34.11 93.61 21.01
N ALA C 654 35.11 94.39 20.63
CA ALA C 654 35.66 95.45 21.46
C ALA C 654 35.59 96.77 20.70
N PHE C 655 35.28 97.85 21.40
CA PHE C 655 35.12 99.16 20.78
C PHE C 655 36.04 100.18 21.44
N GLY C 656 36.36 101.24 20.69
CA GLY C 656 37.13 102.35 21.22
C GLY C 656 38.47 101.93 21.77
N VAL C 657 39.33 101.42 20.90
CA VAL C 657 40.58 100.80 21.32
C VAL C 657 41.61 101.87 21.63
N HIS C 658 42.49 101.56 22.60
CA HIS C 658 43.55 102.46 23.05
C HIS C 658 43.01 103.73 23.71
N GLN C 659 41.83 103.65 24.31
CA GLN C 659 41.24 104.78 25.04
C GLN C 659 40.80 104.23 26.39
N HIS C 660 41.67 104.37 27.39
CA HIS C 660 41.53 103.63 28.63
C HIS C 660 40.25 103.99 29.37
N SER C 661 39.72 103.00 30.09
CA SER C 661 38.42 103.08 30.73
C SER C 661 38.39 102.19 31.96
N SER C 662 37.18 101.84 32.44
CA SER C 662 37.02 101.06 33.66
C SER C 662 35.98 99.95 33.52
N LEU C 663 36.04 99.14 32.47
CA LEU C 663 35.01 98.14 32.21
C LEU C 663 35.31 96.83 32.93
N THR C 664 34.25 96.20 33.43
CA THR C 664 34.34 94.92 34.13
C THR C 664 33.23 94.00 33.64
N TRP C 665 33.26 92.75 34.10
CA TRP C 665 32.19 91.81 33.80
C TRP C 665 30.95 92.16 34.60
N THR C 666 29.79 91.73 34.08
CA THR C 666 28.50 92.11 34.63
C THR C 666 27.63 90.87 34.81
N SER C 667 26.50 91.06 35.49
CA SER C 667 25.54 89.97 35.64
C SER C 667 24.78 89.73 34.34
N GLY C 668 24.59 90.78 33.53
CA GLY C 668 23.95 90.59 32.24
C GLY C 668 24.74 89.67 31.34
N VAL C 669 26.06 89.68 31.49
CA VAL C 669 26.91 88.70 30.80
C VAL C 669 26.60 87.30 31.31
N TYR C 670 26.43 87.16 32.62
CA TYR C 670 26.12 85.86 33.20
C TYR C 670 24.81 85.31 32.66
N PHE C 671 23.80 86.16 32.53
CA PHE C 671 22.53 85.72 31.95
C PHE C 671 22.74 85.20 30.54
N PHE C 672 23.61 85.87 29.76
CA PHE C 672 23.85 85.46 28.39
C PHE C 672 24.47 84.07 28.33
N LEU C 673 25.46 83.80 29.18
CA LEU C 673 26.14 82.51 29.14
C LEU C 673 25.23 81.37 29.55
N VAL C 674 24.49 81.55 30.65
CA VAL C 674 23.74 80.44 31.23
C VAL C 674 22.66 79.94 30.27
N ASP C 675 22.07 80.85 29.50
CA ASP C 675 21.16 80.41 28.45
C ASP C 675 21.92 79.83 27.27
N HIS C 676 23.07 80.43 26.93
CA HIS C 676 23.81 80.01 25.75
C HIS C 676 24.33 78.59 25.89
N PHE C 677 24.80 78.22 27.09
CA PHE C 677 25.28 76.86 27.30
C PHE C 677 24.12 75.89 27.44
N TYR C 678 23.02 76.32 28.05
CA TYR C 678 21.89 75.41 28.31
C TYR C 678 21.24 74.96 27.01
N ARG C 679 21.14 75.84 26.02
CA ARG C 679 20.54 75.44 24.76
C ARG C 679 21.33 74.32 24.10
N TYR C 680 22.65 74.32 24.26
CA TYR C 680 23.44 73.19 23.78
C TYR C 680 23.15 71.94 24.60
N GLU C 681 22.98 72.09 25.91
CA GLU C 681 22.74 70.95 26.77
C GLU C 681 21.42 70.26 26.42
N THR C 682 20.38 71.05 26.15
CA THR C 682 19.10 70.45 25.80
C THR C 682 19.11 69.87 24.40
N LEU C 683 19.77 70.55 23.46
CA LEU C 683 19.75 70.10 22.07
C LEU C 683 20.64 68.89 21.85
N SER C 684 21.69 68.73 22.64
CA SER C 684 22.56 67.57 22.49
C SER C 684 21.81 66.29 22.80
N THR C 685 20.91 66.34 23.78
CA THR C 685 20.10 65.15 24.09
C THR C 685 19.03 64.92 23.03
N ILE C 686 18.52 65.98 22.42
CA ILE C 686 17.49 65.81 21.39
C ILE C 686 18.07 65.07 20.19
N SER C 687 19.27 65.46 19.76
CA SER C 687 19.88 64.87 18.58
C SER C 687 20.47 63.49 18.87
N ARG C 688 20.88 63.24 20.11
CA ARG C 688 21.41 61.93 20.45
C ARG C 688 20.35 60.84 20.34
N GLN C 689 19.09 61.20 20.53
CA GLN C 689 18.01 60.24 20.46
C GLN C 689 17.49 60.03 19.04
N LEU C 690 18.07 60.70 18.04
CA LEU C 690 17.69 60.54 16.65
C LEU C 690 18.57 59.50 15.96
N PRO C 691 18.09 58.90 14.86
CA PRO C 691 18.89 57.87 14.19
C PRO C 691 20.02 58.47 13.36
N SER C 692 20.91 57.58 12.90
CA SER C 692 22.02 58.00 12.07
C SER C 692 21.56 58.33 10.65
N PHE C 693 22.35 59.17 9.99
CA PHE C 693 22.01 59.65 8.65
C PHE C 693 22.08 58.52 7.63
N GLY C 694 20.99 58.33 6.89
CA GLY C 694 20.92 57.24 5.93
C GLY C 694 20.89 55.86 6.53
N TYR C 695 20.19 55.67 7.65
CA TYR C 695 20.22 54.41 8.35
C TYR C 695 19.26 53.41 7.67
N VAL C 696 19.16 52.21 8.25
CA VAL C 696 18.21 51.21 7.79
C VAL C 696 17.20 50.95 8.91
N ASP C 697 15.92 50.98 8.57
CA ASP C 697 14.86 50.85 9.57
C ASP C 697 14.36 49.42 9.67
N ASP C 698 14.19 48.94 10.91
CA ASP C 698 13.52 47.66 11.13
C ASP C 698 12.51 47.72 12.27
N GLY C 699 12.21 48.91 12.80
CA GLY C 699 11.35 49.06 13.94
C GLY C 699 12.07 49.25 15.25
N SER C 700 13.40 49.17 15.26
CA SER C 700 14.14 49.26 16.52
C SER C 700 14.18 50.70 17.04
N SER C 701 14.49 51.65 16.16
CA SER C 701 14.71 53.02 16.59
C SER C 701 13.43 53.63 17.16
N VAL C 702 13.59 54.45 18.20
CA VAL C 702 12.43 55.02 18.88
C VAL C 702 11.62 55.90 17.94
N THR C 703 12.29 56.70 17.11
CA THR C 703 11.63 57.40 16.02
C THR C 703 12.06 56.75 14.71
N GLY C 704 11.09 56.48 13.85
CA GLY C 704 11.39 55.80 12.61
C GLY C 704 10.15 55.56 11.79
N ILE C 705 10.30 54.67 10.81
CA ILE C 705 9.27 54.33 9.83
C ILE C 705 8.76 52.94 10.15
N GLU C 706 7.47 52.71 9.91
CA GLU C 706 6.94 51.36 9.91
C GLU C 706 5.74 51.29 8.98
N THR C 707 5.56 50.13 8.36
CA THR C 707 4.52 49.93 7.36
C THR C 707 4.17 48.46 7.29
N ILE C 708 2.98 48.19 6.72
CA ILE C 708 2.51 46.83 6.47
C ILE C 708 1.85 46.80 5.10
N SER C 709 1.61 45.60 4.59
CA SER C 709 0.97 45.43 3.29
C SER C 709 -0.13 44.37 3.34
N ILE C 710 -1.17 44.58 2.53
CA ILE C 710 -2.30 43.65 2.47
C ILE C 710 -2.40 43.03 1.08
N GLU C 711 -3.09 41.89 0.97
CA GLU C 711 -3.25 41.24 -0.33
C GLU C 711 -4.71 41.05 -0.73
N ASN C 712 -5.03 41.39 -1.99
CA ASN C 712 -6.37 41.25 -2.55
C ASN C 712 -7.53 41.93 -1.81
N PRO C 713 -7.33 43.19 -1.38
CA PRO C 713 -8.37 43.91 -0.65
C PRO C 713 -9.37 44.68 -1.53
N GLY C 714 -10.55 44.95 -0.98
CA GLY C 714 -11.61 45.68 -1.66
C GLY C 714 -12.68 44.95 -2.45
N PHE C 715 -12.66 43.62 -2.44
CA PHE C 715 -13.68 42.85 -3.15
C PHE C 715 -14.30 41.82 -2.23
N SER C 716 -14.12 42.04 -0.93
CA SER C 716 -14.59 41.16 0.13
C SER C 716 -14.55 41.83 1.50
N ASN C 717 -14.30 41.03 2.53
CA ASN C 717 -14.23 41.53 3.91
C ASN C 717 -12.88 41.24 4.56
N MET C 718 -12.30 42.25 5.20
CA MET C 718 -11.04 42.07 5.89
C MET C 718 -11.35 41.65 7.31
N THR C 719 -10.96 40.43 7.64
CA THR C 719 -11.14 39.88 8.98
C THR C 719 -9.83 39.22 9.41
N GLN C 720 -9.72 38.87 10.68
CA GLN C 720 -8.52 38.24 11.22
C GLN C 720 -7.27 39.09 11.01
N ALA C 721 -6.29 38.54 10.31
CA ALA C 721 -5.02 39.24 10.11
C ALA C 721 -5.16 40.61 9.47
N ALA C 722 -6.06 40.76 8.50
CA ALA C 722 -6.25 42.08 7.90
C ALA C 722 -6.74 43.08 8.94
N ARG C 723 -7.63 42.67 9.84
CA ARG C 723 -8.14 43.53 10.88
C ARG C 723 -7.16 43.67 12.04
N ILE C 724 -6.57 42.57 12.47
CA ILE C 724 -5.63 42.61 13.60
C ILE C 724 -4.37 43.39 13.24
N GLY C 725 -3.81 43.10 12.06
CA GLY C 725 -2.57 43.76 11.67
C GLY C 725 -2.73 45.24 11.48
N ILE C 726 -3.83 45.65 10.85
CA ILE C 726 -4.07 47.06 10.59
C ILE C 726 -4.34 47.81 11.89
N SER C 727 -5.15 47.23 12.78
CA SER C 727 -5.40 47.86 14.07
C SER C 727 -4.16 47.86 14.95
N GLY C 728 -3.42 46.75 14.95
CA GLY C 728 -2.24 46.67 15.80
C GLY C 728 -1.18 47.68 15.42
N LEU C 729 -1.07 47.99 14.12
CA LEU C 729 -0.18 49.06 13.68
C LEU C 729 -0.60 50.39 14.30
N CYS C 730 -1.90 50.68 14.29
CA CYS C 730 -2.38 51.97 14.77
C CYS C 730 -2.12 52.14 16.26
N ALA C 731 -2.09 51.04 17.01
CA ALA C 731 -1.78 51.12 18.43
C ALA C 731 -0.33 51.53 18.66
N ASN C 732 0.57 51.11 17.77
CA ASN C 732 1.99 51.42 17.93
C ASN C 732 2.30 52.85 17.48
N VAL C 733 1.61 53.33 16.45
CA VAL C 733 1.91 54.67 15.94
C VAL C 733 1.13 55.73 16.71
N GLY C 734 -0.14 55.47 17.03
CA GLY C 734 -0.88 56.37 17.89
C GLY C 734 -1.65 57.43 17.12
N ASN C 735 -1.55 58.67 17.57
CA ASN C 735 -2.33 59.78 17.05
C ASN C 735 -1.63 60.53 15.92
N ALA C 736 -0.51 60.01 15.41
CA ALA C 736 0.22 60.69 14.35
C ALA C 736 -0.51 60.57 13.03
N ARG C 737 0.12 61.12 11.99
CA ARG C 737 -0.45 61.09 10.65
C ARG C 737 -0.44 59.67 10.10
N LYS C 738 -1.49 59.31 9.37
CA LYS C 738 -1.61 58.01 8.74
C LYS C 738 -2.06 58.19 7.30
N SER C 739 -1.53 57.35 6.40
CA SER C 739 -1.84 57.44 4.99
C SER C 739 -1.83 56.04 4.38
N ILE C 740 -2.47 55.90 3.22
CA ILE C 740 -2.60 54.62 2.55
C ILE C 740 -2.13 54.72 1.11
N ALA C 741 -1.86 53.56 0.51
CA ALA C 741 -1.63 53.42 -0.92
C ALA C 741 -2.27 52.12 -1.37
N ILE C 742 -2.81 52.13 -2.59
CA ILE C 742 -3.45 50.95 -3.18
C ILE C 742 -2.98 50.81 -4.62
N TYR C 743 -2.35 49.68 -4.95
CA TYR C 743 -1.74 49.56 -6.27
C TYR C 743 -1.57 48.10 -6.64
N GLU C 744 -1.17 47.88 -7.90
CA GLU C 744 -0.97 46.55 -8.47
C GLU C 744 0.50 46.37 -8.87
N SER C 745 1.08 45.23 -8.50
CA SER C 745 2.45 44.95 -8.89
C SER C 745 2.68 43.44 -8.90
N HIS C 746 3.29 42.96 -9.99
CA HIS C 746 3.66 41.55 -10.15
C HIS C 746 2.45 40.63 -10.01
N GLY C 747 1.28 41.11 -10.43
CA GLY C 747 0.07 40.32 -10.35
C GLY C 747 -0.60 40.31 -8.99
N ALA C 748 -0.12 41.09 -8.03
CA ALA C 748 -0.69 41.13 -6.69
C ALA C 748 -1.33 42.48 -6.40
N ARG C 749 -2.51 42.45 -5.79
CA ARG C 749 -3.27 43.63 -5.41
C ARG C 749 -3.01 43.89 -3.93
N VAL C 750 -2.47 45.06 -3.62
CA VAL C 750 -1.97 45.35 -2.28
C VAL C 750 -2.56 46.65 -1.75
N LEU C 751 -2.80 46.68 -0.44
CA LEU C 751 -3.16 47.90 0.28
C LEU C 751 -2.09 48.19 1.31
N THR C 752 -1.53 49.40 1.25
CA THR C 752 -0.33 49.74 2.02
C THR C 752 -0.64 50.87 2.99
N ILE C 753 -0.07 50.80 4.20
CA ILE C 753 -0.21 51.84 5.22
C ILE C 753 1.19 52.23 5.67
N THR C 754 1.45 53.53 5.75
CA THR C 754 2.74 54.02 6.21
C THR C 754 2.55 55.13 7.23
N SER C 755 3.35 55.09 8.29
CA SER C 755 3.22 56.07 9.38
C SER C 755 4.55 56.17 10.11
N ARG C 756 4.64 57.16 10.99
CA ARG C 756 5.87 57.46 11.70
C ARG C 756 5.64 57.37 13.20
N ARG C 757 6.42 56.52 13.88
CA ARG C 757 6.28 56.38 15.31
C ARG C 757 7.10 57.44 16.04
N SER C 758 6.95 57.48 17.35
CA SER C 758 7.60 58.49 18.18
C SER C 758 7.67 57.97 19.59
N PRO C 759 8.54 58.55 20.43
CA PRO C 759 8.49 58.22 21.86
C PRO C 759 7.16 58.53 22.49
N ALA C 760 6.46 59.56 22.00
CA ALA C 760 5.14 59.88 22.52
C ALA C 760 4.16 58.74 22.28
N SER C 761 4.26 58.09 21.11
CA SER C 761 3.42 56.95 20.82
C SER C 761 3.68 55.79 21.79
N ALA C 762 4.91 55.70 22.29
CA ALA C 762 5.24 54.59 23.19
C ALA C 762 4.52 54.69 24.52
N ARG C 763 4.30 55.92 25.01
CA ARG C 763 3.60 56.08 26.28
C ARG C 763 2.10 55.82 26.13
N ARG C 764 1.55 56.03 24.94
CA ARG C 764 0.18 55.60 24.66
C ARG C 764 0.10 54.07 24.61
N LYS C 765 1.17 53.43 24.13
CA LYS C 765 1.14 51.98 23.94
C LYS C 765 0.94 51.24 25.25
N SER C 766 1.64 51.68 26.31
CA SER C 766 1.58 50.97 27.58
C SER C 766 0.27 51.24 28.33
N ARG C 767 -0.37 52.39 28.09
CA ARG C 767 -1.58 52.72 28.81
C ARG C 767 -2.74 51.79 28.45
N LEU C 768 -2.67 51.16 27.28
CA LEU C 768 -3.70 50.22 26.86
C LEU C 768 -3.65 48.97 27.73
N ARG C 769 -4.83 48.52 28.18
CA ARG C 769 -4.94 47.20 28.80
C ARG C 769 -4.95 46.08 27.78
N TYR C 770 -5.56 46.31 26.61
CA TYR C 770 -5.40 45.41 25.48
C TYR C 770 -5.83 46.14 24.22
N LEU C 771 -5.46 45.57 23.08
CA LEU C 771 -5.60 46.25 21.80
C LEU C 771 -7.06 46.36 21.36
N PRO C 772 -7.54 47.56 21.01
CA PRO C 772 -8.89 47.68 20.44
C PRO C 772 -8.88 47.49 18.94
N LEU C 773 -10.01 47.01 18.42
CA LEU C 773 -10.16 46.81 16.99
C LEU C 773 -10.81 48.02 16.34
N ILE C 774 -10.71 48.09 15.01
CA ILE C 774 -11.13 49.26 14.27
C ILE C 774 -12.36 48.93 13.42
N ASP C 775 -12.93 49.97 12.81
CA ASP C 775 -14.00 49.86 11.83
C ASP C 775 -13.38 49.77 10.44
N PRO C 776 -13.47 48.62 9.77
CA PRO C 776 -12.78 48.45 8.49
C PRO C 776 -13.58 48.91 7.28
N ARG C 777 -14.75 49.53 7.48
CA ARG C 777 -15.61 49.88 6.35
C ARG C 777 -14.97 50.93 5.46
N SER C 778 -14.38 51.97 6.04
CA SER C 778 -13.87 53.08 5.24
C SER C 778 -12.75 52.66 4.31
N LEU C 779 -11.99 51.62 4.68
CA LEU C 779 -10.88 51.17 3.86
C LEU C 779 -11.32 50.20 2.77
N GLU C 780 -12.59 49.82 2.75
CA GLU C 780 -13.06 48.81 1.79
C GLU C 780 -13.63 49.46 0.54
N VAL C 781 -14.19 50.65 0.67
CA VAL C 781 -15.07 51.21 -0.36
C VAL C 781 -14.28 51.72 -1.56
N GLN C 782 -12.96 51.63 -1.51
CA GLN C 782 -12.14 52.10 -2.62
C GLN C 782 -12.18 51.16 -3.81
N ALA C 783 -12.14 51.75 -5.02
CA ALA C 783 -12.07 50.99 -6.26
C ALA C 783 -11.10 51.63 -7.25
N ARG C 784 -10.16 52.45 -6.77
CA ARG C 784 -9.23 53.16 -7.62
C ARG C 784 -7.81 52.91 -7.13
N THR C 785 -6.84 53.03 -8.03
CA THR C 785 -5.45 52.78 -7.66
C THR C 785 -4.82 54.06 -7.10
N ILE C 786 -4.22 53.94 -5.92
CA ILE C 786 -3.52 55.03 -5.27
C ILE C 786 -2.04 54.71 -5.37
N LEU C 787 -1.35 55.38 -6.28
CA LEU C 787 0.04 55.04 -6.58
C LEU C 787 0.93 55.38 -5.39
N PRO C 788 1.78 54.46 -4.95
CA PRO C 788 2.61 54.72 -3.77
C PRO C 788 3.80 55.62 -4.09
N ALA C 789 4.53 55.96 -3.03
CA ALA C 789 5.74 56.78 -3.14
C ALA C 789 6.72 56.35 -2.04
N ASP C 790 7.93 56.87 -2.15
CA ASP C 790 8.97 56.52 -1.18
C ASP C 790 8.68 57.18 0.17
N PRO C 791 8.66 56.39 1.24
CA PRO C 791 8.57 56.98 2.58
C PRO C 791 9.74 57.90 2.89
N VAL C 792 9.46 58.97 3.62
CA VAL C 792 10.47 59.91 4.10
C VAL C 792 10.27 60.12 5.59
N LEU C 793 11.38 60.23 6.32
CA LEU C 793 11.33 60.38 7.78
C LEU C 793 10.92 61.79 8.18
N PHE C 794 11.66 62.81 7.74
CA PHE C 794 11.28 64.21 7.95
C PHE C 794 10.54 64.70 6.71
N GLU C 795 9.22 64.51 6.74
CA GLU C 795 8.43 64.72 5.52
C GLU C 795 8.22 66.20 5.22
N ASN C 796 7.59 66.92 6.14
CA ASN C 796 7.10 68.28 5.84
C ASN C 796 8.25 69.29 5.89
N VAL C 797 8.90 69.45 4.73
CA VAL C 797 9.92 70.48 4.56
C VAL C 797 9.33 71.89 4.59
N SER C 798 8.01 72.01 4.73
CA SER C 798 7.39 73.33 4.88
C SER C 798 7.64 73.93 6.25
N GLY C 799 8.00 73.13 7.23
CA GLY C 799 8.16 73.59 8.59
C GLY C 799 6.85 73.65 9.35
N ALA C 800 6.96 73.63 10.68
CA ALA C 800 5.79 73.81 11.51
C ALA C 800 5.31 75.25 11.44
N SER C 801 3.99 75.42 11.48
CA SER C 801 3.40 76.76 11.50
C SER C 801 3.58 77.36 12.89
N PRO C 802 3.44 78.69 13.01
CA PRO C 802 3.52 79.28 14.36
C PRO C 802 2.54 78.69 15.35
N HIS C 803 1.32 78.36 14.92
CA HIS C 803 0.37 77.79 15.86
C HIS C 803 0.74 76.36 16.23
N VAL C 804 1.27 75.58 15.28
CA VAL C 804 1.72 74.23 15.60
C VAL C 804 2.88 74.27 16.57
N CYS C 805 3.79 75.24 16.41
CA CYS C 805 4.81 75.49 17.42
C CYS C 805 4.18 75.98 18.72
N LEU C 806 3.12 76.79 18.62
CA LEU C 806 2.51 77.36 19.80
C LEU C 806 1.92 76.28 20.71
N THR C 807 1.23 75.30 20.12
CA THR C 807 0.61 74.26 20.93
C THR C 807 1.65 73.39 21.61
N MET C 808 2.80 73.19 20.97
CA MET C 808 3.84 72.36 21.57
C MET C 808 4.34 72.94 22.89
N MET C 809 4.57 74.25 22.93
CA MET C 809 5.01 74.87 24.18
C MET C 809 3.95 74.73 25.26
N TYR C 810 2.68 74.91 24.89
CA TYR C 810 1.61 74.71 25.85
C TYR C 810 1.51 73.25 26.27
N ASN C 811 1.67 72.32 25.32
CA ASN C 811 1.57 70.91 25.65
C ASN C 811 2.65 70.51 26.64
N PHE C 812 3.90 70.91 26.39
CA PHE C 812 5.02 70.44 27.20
C PHE C 812 4.86 70.86 28.65
N GLU C 813 4.50 72.12 28.88
CA GLU C 813 4.44 72.63 30.25
C GLU C 813 3.36 71.93 31.05
N VAL C 814 2.46 71.22 30.39
CA VAL C 814 1.47 70.43 31.10
C VAL C 814 2.04 69.06 31.45
N SER C 815 2.67 68.39 30.47
CA SER C 815 3.23 67.07 30.70
C SER C 815 4.32 67.09 31.76
N SER C 816 5.19 68.10 31.72
CA SER C 816 6.24 68.21 32.71
C SER C 816 5.70 68.60 34.08
N ALA C 817 4.51 69.20 34.13
CA ALA C 817 3.92 69.59 35.42
C ALA C 817 3.33 68.41 36.17
N VAL C 818 2.79 67.42 35.44
CA VAL C 818 2.13 66.30 36.09
C VAL C 818 3.16 65.34 36.68
N TYR C 819 2.80 64.72 37.81
CA TYR C 819 3.60 63.69 38.45
C TYR C 819 2.74 62.45 38.65
N ASP C 820 3.40 61.30 38.85
CA ASP C 820 2.71 60.02 38.96
C ASP C 820 1.67 60.03 40.07
N GLY C 821 0.63 59.23 39.89
CA GLY C 821 -0.42 59.13 40.87
C GLY C 821 -1.39 60.29 40.89
N ASP C 822 -0.95 61.48 40.50
CA ASP C 822 -1.82 62.65 40.53
C ASP C 822 -2.92 62.52 39.49
N VAL C 823 -4.18 62.64 39.92
CA VAL C 823 -5.36 62.56 38.99
C VAL C 823 -5.54 63.92 38.32
N VAL C 824 -6.14 63.96 37.12
CA VAL C 824 -6.20 65.26 36.38
C VAL C 824 -7.63 65.57 35.91
N LEU C 825 -8.13 66.78 36.22
CA LEU C 825 -9.45 67.23 35.70
C LEU C 825 -9.25 67.95 34.36
N ASP C 826 -8.96 67.21 33.28
CA ASP C 826 -8.66 67.85 31.96
C ASP C 826 -9.90 68.61 31.48
N LEU C 827 -9.72 69.78 30.88
CA LEU C 827 -10.88 70.61 30.46
C LEU C 827 -10.71 71.15 29.04
N GLY C 828 -11.72 70.97 28.18
CA GLY C 828 -11.70 71.60 26.84
C GLY C 828 -10.95 70.84 25.75
N THR C 829 -10.40 69.66 26.05
CA THR C 829 -9.57 68.92 25.06
C THR C 829 -10.37 68.52 23.82
N GLY C 830 -9.77 68.63 22.63
CA GLY C 830 -10.42 68.23 21.36
C GLY C 830 -10.63 66.74 21.24
N PRO C 831 -11.32 66.23 20.20
CA PRO C 831 -11.68 64.81 20.11
C PRO C 831 -10.49 63.87 20.01
N GLU C 832 -9.38 64.33 19.43
CA GLU C 832 -8.24 63.45 19.20
C GLU C 832 -7.60 62.98 20.49
N ALA C 833 -7.78 63.73 21.59
CA ALA C 833 -7.30 63.33 22.91
C ALA C 833 -5.78 63.15 22.92
N LYS C 834 -5.06 64.26 22.76
CA LYS C 834 -3.57 64.20 22.79
C LYS C 834 -3.03 63.97 24.21
N ILE C 835 -3.80 64.32 25.25
CA ILE C 835 -3.25 64.24 26.65
C ILE C 835 -2.85 62.79 26.97
N LEU C 836 -3.64 61.81 26.55
CA LEU C 836 -3.33 60.40 26.91
C LEU C 836 -1.85 60.14 26.61
N GLU C 837 -1.25 60.90 25.68
CA GLU C 837 0.19 60.77 25.49
C GLU C 837 0.96 61.66 26.46
N LEU C 838 0.42 62.83 26.80
CA LEU C 838 1.15 63.76 27.65
C LEU C 838 1.33 63.22 29.06
N ILE C 839 0.25 62.71 29.66
CA ILE C 839 0.24 62.31 31.06
C ILE C 839 0.92 60.96 31.26
N PRO C 840 1.36 60.64 32.48
CA PRO C 840 1.98 59.33 32.71
C PRO C 840 0.96 58.20 32.65
N ALA C 841 1.50 56.98 32.52
CA ALA C 841 0.66 55.80 32.29
C ALA C 841 -0.13 55.37 33.51
N THR C 842 0.29 55.76 34.71
CA THR C 842 -0.40 55.38 35.94
C THR C 842 -1.46 56.39 36.38
N SER C 843 -1.65 57.47 35.64
CA SER C 843 -2.51 58.55 36.10
C SER C 843 -3.86 58.49 35.40
N PRO C 844 -4.94 58.16 36.10
CA PRO C 844 -6.27 58.20 35.49
C PRO C 844 -6.78 59.63 35.35
N VAL C 845 -7.47 59.89 34.24
CA VAL C 845 -7.99 61.26 33.99
C VAL C 845 -9.29 61.13 33.18
N THR C 846 -9.95 62.25 32.89
CA THR C 846 -11.13 62.20 32.00
C THR C 846 -11.09 63.40 31.04
N CYS C 847 -11.37 63.18 29.74
CA CYS C 847 -11.47 64.30 28.76
C CYS C 847 -12.95 64.61 28.54
N VAL C 848 -13.38 65.84 28.84
CA VAL C 848 -14.83 66.18 28.76
C VAL C 848 -15.02 67.37 27.82
N ASP C 849 -16.21 67.51 27.18
CA ASP C 849 -16.40 68.59 26.18
C ASP C 849 -17.84 68.63 25.65
N ILE C 850 -18.03 69.11 24.42
CA ILE C 850 -19.36 69.26 23.84
C ILE C 850 -19.47 68.46 22.53
N ARG C 851 -18.40 67.76 22.18
CA ARG C 851 -18.37 66.94 20.98
C ARG C 851 -17.95 65.52 21.34
N PRO C 852 -18.65 64.52 20.80
CA PRO C 852 -18.30 63.12 21.09
C PRO C 852 -16.90 62.81 20.57
N THR C 853 -16.14 62.04 21.34
CA THR C 853 -14.76 61.70 20.96
C THR C 853 -14.65 60.55 19.95
N ALA C 854 -13.42 60.13 19.71
CA ALA C 854 -13.12 59.06 18.78
C ALA C 854 -12.27 57.95 19.39
N GLN C 855 -11.67 58.19 20.56
CA GLN C 855 -10.84 57.17 21.18
C GLN C 855 -11.72 56.06 21.76
N PRO C 856 -11.23 54.81 21.74
CA PRO C 856 -12.03 53.71 22.29
C PRO C 856 -12.12 53.79 23.81
N SER C 857 -13.28 53.36 24.33
CA SER C 857 -13.68 53.69 25.69
C SER C 857 -13.92 52.45 26.56
N GLY C 858 -13.20 51.36 26.32
CA GLY C 858 -13.34 50.23 27.21
C GLY C 858 -12.07 49.42 27.45
N CYS C 859 -10.97 49.81 26.81
CA CYS C 859 -9.81 48.94 26.70
C CYS C 859 -8.55 49.50 27.36
N TRP C 860 -8.62 50.65 28.03
CA TRP C 860 -7.45 51.16 28.73
C TRP C 860 -7.23 50.41 30.04
N ASN C 861 -6.04 50.61 30.62
CA ASN C 861 -5.66 49.89 31.82
C ASN C 861 -6.10 50.59 33.10
N VAL C 862 -6.09 51.93 33.12
CA VAL C 862 -6.49 52.70 34.29
C VAL C 862 -7.80 53.40 33.97
N ARG C 863 -8.34 54.11 34.97
CA ARG C 863 -9.61 54.78 34.80
C ARG C 863 -9.51 55.90 33.76
N THR C 864 -10.18 55.73 32.62
CA THR C 864 -10.20 56.73 31.57
C THR C 864 -11.61 56.85 31.02
N THR C 865 -12.21 58.03 31.17
CA THR C 865 -13.59 58.24 30.74
C THR C 865 -13.68 59.52 29.93
N PHE C 866 -14.75 59.60 29.14
CA PHE C 866 -15.12 60.81 28.43
C PHE C 866 -16.56 61.15 28.76
N LEU C 867 -16.83 62.44 29.00
CA LEU C 867 -18.17 62.92 29.29
C LEU C 867 -18.45 64.14 28.45
N GLU C 868 -19.69 64.27 27.98
CA GLU C 868 -20.09 65.40 27.16
C GLU C 868 -21.02 66.29 27.97
N LEU C 869 -20.52 67.46 28.35
CA LEU C 869 -21.30 68.47 29.05
C LEU C 869 -20.59 69.80 28.93
N ASP C 870 -21.39 70.87 28.89
CA ASP C 870 -20.84 72.22 28.83
C ASP C 870 -20.04 72.49 30.10
N TYR C 871 -18.74 72.78 29.94
CA TYR C 871 -17.87 72.98 31.09
C TYR C 871 -18.18 74.28 31.84
N LEU C 872 -18.94 75.19 31.25
CA LEU C 872 -19.38 76.38 31.95
C LEU C 872 -20.78 76.23 32.55
N SER C 873 -21.38 75.03 32.46
CA SER C 873 -22.67 74.80 33.08
C SER C 873 -22.53 74.71 34.59
N ASP C 874 -23.66 74.75 35.28
CA ASP C 874 -23.65 74.78 36.73
C ASP C 874 -23.98 73.40 37.30
N GLY C 875 -23.20 72.99 38.30
CA GLY C 875 -23.49 71.79 39.05
C GLY C 875 -23.22 70.47 38.35
N TRP C 876 -21.96 70.25 37.96
CA TRP C 876 -21.55 68.96 37.41
C TRP C 876 -20.29 68.43 38.08
N ILE C 877 -19.38 69.34 38.45
CA ILE C 877 -18.06 68.96 38.94
C ILE C 877 -18.14 68.28 40.30
N THR C 878 -19.20 68.55 41.06
CA THR C 878 -19.28 68.06 42.44
C THR C 878 -19.12 66.55 42.53
N GLY C 879 -19.53 65.82 41.48
CA GLY C 879 -19.35 64.38 41.48
C GLY C 879 -18.04 63.93 40.88
N VAL C 880 -17.36 64.82 40.14
CA VAL C 880 -16.14 64.45 39.44
C VAL C 880 -14.96 64.51 40.40
N ARG C 881 -14.04 63.54 40.27
CA ARG C 881 -12.86 63.44 41.12
C ARG C 881 -11.63 63.85 40.30
N GLY C 882 -10.85 64.77 40.86
CA GLY C 882 -9.64 65.23 40.20
C GLY C 882 -8.69 65.93 41.17
N ASP C 883 -7.43 66.01 40.79
CA ASP C 883 -6.42 66.68 41.60
C ASP C 883 -5.77 67.87 40.89
N ILE C 884 -5.49 67.73 39.60
CA ILE C 884 -4.92 68.81 38.80
C ILE C 884 -5.92 69.17 37.70
N VAL C 885 -6.10 70.48 37.48
CA VAL C 885 -7.04 70.96 36.43
C VAL C 885 -6.24 71.67 35.34
N THR C 886 -6.64 71.50 34.07
CA THR C 886 -5.95 72.22 32.96
C THR C 886 -6.98 72.78 31.97
N CYS C 887 -6.92 74.08 31.69
CA CYS C 887 -7.84 74.74 30.74
C CYS C 887 -6.99 75.27 29.59
N MET C 888 -6.86 74.50 28.50
CA MET C 888 -5.96 74.84 27.40
C MET C 888 -6.77 75.27 26.19
N LEU C 889 -6.65 76.53 25.81
CA LEU C 889 -7.34 77.13 24.67
C LEU C 889 -8.85 76.94 24.74
N SER C 890 -9.39 76.63 25.92
CA SER C 890 -10.80 76.30 26.04
C SER C 890 -11.63 77.54 26.35
N LEU C 891 -11.11 78.41 27.23
CA LEU C 891 -11.86 79.57 27.65
C LEU C 891 -11.98 80.60 26.54
N GLY C 892 -10.98 80.69 25.68
CA GLY C 892 -10.90 81.79 24.73
C GLY C 892 -12.02 81.81 23.71
N ALA C 893 -12.30 80.66 23.09
CA ALA C 893 -13.30 80.64 22.02
C ALA C 893 -14.72 80.78 22.57
N ALA C 894 -15.03 80.06 23.65
CA ALA C 894 -16.35 80.17 24.26
C ALA C 894 -16.56 81.54 24.90
N ALA C 895 -15.47 82.27 25.16
CA ALA C 895 -15.63 83.67 25.57
C ALA C 895 -16.28 84.50 24.48
N ALA C 896 -15.87 84.30 23.24
CA ALA C 896 -16.55 84.94 22.11
C ALA C 896 -17.86 84.24 21.80
N GLY C 897 -17.98 82.97 22.21
CA GLY C 897 -19.16 82.20 21.87
C GLY C 897 -20.43 82.74 22.52
N LYS C 898 -20.33 83.16 23.79
CA LYS C 898 -21.49 83.66 24.53
C LYS C 898 -21.53 85.18 24.66
N SER C 899 -20.77 85.89 23.83
CA SER C 899 -20.81 87.36 23.75
C SER C 899 -20.41 88.01 25.07
N MET C 900 -19.60 87.33 25.86
CA MET C 900 -19.12 87.83 27.13
C MET C 900 -17.76 88.51 26.97
N THR C 901 -17.33 89.20 28.02
CA THR C 901 -15.93 89.58 28.10
C THR C 901 -15.10 88.43 28.66
N PHE C 902 -13.78 88.60 28.65
CA PHE C 902 -12.92 87.55 29.18
C PHE C 902 -13.10 87.39 30.68
N ASP C 903 -13.20 88.49 31.43
CA ASP C 903 -13.31 88.39 32.88
C ASP C 903 -14.58 87.64 33.28
N ALA C 904 -15.70 87.97 32.63
CA ALA C 904 -16.96 87.31 32.96
C ALA C 904 -16.89 85.82 32.67
N ALA C 905 -16.33 85.44 31.53
CA ALA C 905 -16.15 84.03 31.22
C ALA C 905 -15.18 83.37 32.20
N PHE C 906 -14.12 84.09 32.56
CA PHE C 906 -13.18 83.58 33.56
C PHE C 906 -13.85 83.48 34.93
N GLN C 907 -14.76 84.40 35.25
CA GLN C 907 -15.42 84.37 36.55
C GLN C 907 -16.28 83.12 36.70
N GLN C 908 -16.95 82.70 35.63
CA GLN C 908 -17.77 81.49 35.69
C GLN C 908 -16.92 80.26 35.97
N LEU C 909 -15.75 80.17 35.34
CA LEU C 909 -14.86 79.03 35.57
C LEU C 909 -14.39 79.00 37.01
N ILE C 910 -14.08 80.18 37.57
CA ILE C 910 -13.57 80.23 38.94
C ILE C 910 -14.61 79.73 39.93
N LYS C 911 -15.88 80.10 39.73
CA LYS C 911 -16.94 79.68 40.64
C LYS C 911 -17.04 78.16 40.70
N VAL C 912 -16.87 77.50 39.55
CA VAL C 912 -17.02 76.05 39.47
C VAL C 912 -15.88 75.34 40.20
N LEU C 913 -14.64 75.74 39.92
CA LEU C 913 -13.50 75.04 40.52
C LEU C 913 -13.39 75.28 42.02
N SER C 914 -14.04 76.34 42.52
CA SER C 914 -14.09 76.54 43.97
C SER C 914 -14.89 75.43 44.64
N LYS C 915 -15.81 74.81 43.90
CA LYS C 915 -16.50 73.63 44.39
C LYS C 915 -15.66 72.37 44.25
N SER C 916 -14.67 72.39 43.35
CA SER C 916 -13.97 71.17 42.98
C SER C 916 -13.08 70.69 44.12
N THR C 917 -12.84 69.37 44.12
CA THR C 917 -12.00 68.69 45.08
C THR C 917 -10.50 68.85 44.76
N ALA C 918 -10.18 69.33 43.57
CA ALA C 918 -8.80 69.47 43.11
C ALA C 918 -8.12 70.68 43.76
N ASN C 919 -6.78 70.72 43.63
CA ASN C 919 -5.99 71.76 44.28
C ASN C 919 -4.97 72.44 43.37
N VAL C 920 -4.75 71.96 42.14
CA VAL C 920 -3.78 72.56 41.23
C VAL C 920 -4.44 72.85 39.90
N VAL C 921 -4.38 74.10 39.45
CA VAL C 921 -5.06 74.54 38.23
C VAL C 921 -4.07 75.28 37.34
N LEU C 922 -4.01 74.85 36.08
CA LEU C 922 -3.16 75.47 35.05
C LEU C 922 -4.06 75.99 33.94
N VAL C 923 -3.96 77.29 33.64
CA VAL C 923 -4.85 77.94 32.69
C VAL C 923 -4.03 78.71 31.67
N GLN C 924 -4.43 78.63 30.40
CA GLN C 924 -3.90 79.46 29.33
C GLN C 924 -4.85 80.63 29.10
N VAL C 925 -4.33 81.84 29.24
CA VAL C 925 -5.17 83.03 29.42
C VAL C 925 -4.81 84.08 28.37
N ASN C 926 -5.84 84.71 27.81
CA ASN C 926 -5.68 85.82 26.86
C ASN C 926 -5.39 87.08 27.67
N CYS C 927 -4.11 87.37 27.88
CA CYS C 927 -3.74 88.51 28.71
C CYS C 927 -2.35 89.02 28.37
N PRO C 928 -2.22 90.08 27.58
CA PRO C 928 -0.89 90.57 27.18
C PRO C 928 -0.08 91.01 28.40
N THR C 929 1.22 90.76 28.34
CA THR C 929 2.17 91.19 29.36
C THR C 929 2.99 92.39 28.93
N ASP C 930 2.60 93.06 27.84
CA ASP C 930 3.32 94.21 27.33
C ASP C 930 2.33 95.06 26.54
N VAL C 931 2.80 96.22 26.07
CA VAL C 931 1.95 97.12 25.31
C VAL C 931 1.36 96.40 24.10
N VAL C 932 0.16 96.80 23.72
CA VAL C 932 -0.55 96.12 22.64
C VAL C 932 0.15 96.44 21.32
N ARG C 933 0.66 95.40 20.65
CA ARG C 933 1.21 95.52 19.32
C ARG C 933 0.61 94.46 18.43
N SER C 934 0.29 94.82 17.19
CA SER C 934 -0.29 93.88 16.25
C SER C 934 0.81 93.14 15.50
N ILE C 935 0.84 91.82 15.65
CA ILE C 935 1.69 90.98 14.82
C ILE C 935 1.18 91.07 13.40
N LYS C 936 1.95 91.73 12.53
CA LYS C 936 1.48 92.06 11.20
C LYS C 936 1.18 90.79 10.41
N GLY C 937 -0.10 90.58 10.11
CA GLY C 937 -0.52 89.45 9.31
C GLY C 937 -0.75 88.16 10.07
N TYR C 938 -0.45 88.12 11.36
CA TYR C 938 -0.59 86.90 12.17
C TYR C 938 -1.53 87.12 13.35
N LEU C 939 -1.51 88.32 13.91
CA LEU C 939 -2.38 88.64 15.05
C LEU C 939 -2.64 90.14 15.04
N GLU C 940 -3.89 90.53 14.79
CA GLU C 940 -4.29 91.93 14.77
C GLU C 940 -5.27 92.18 15.91
N ILE C 941 -5.01 93.23 16.69
CA ILE C 941 -5.67 93.46 17.96
C ILE C 941 -6.27 94.86 17.98
N ASP C 942 -7.49 94.96 18.51
CA ASP C 942 -8.12 96.23 18.83
C ASP C 942 -7.77 96.58 20.27
N SER C 943 -7.24 97.78 20.50
CA SER C 943 -6.82 98.15 21.84
C SER C 943 -8.00 98.46 22.76
N THR C 944 -9.01 99.18 22.26
CA THR C 944 -10.10 99.66 23.10
C THR C 944 -11.10 98.56 23.41
N ASN C 945 -11.76 98.02 22.39
CA ASN C 945 -12.53 96.80 22.57
C ASN C 945 -11.55 95.64 22.73
N LYS C 946 -11.59 94.98 23.87
CA LYS C 946 -10.57 94.00 24.24
C LYS C 946 -10.79 92.73 23.41
N ARG C 947 -10.39 92.81 22.13
CA ARG C 947 -10.68 91.78 21.15
C ARG C 947 -9.44 91.39 20.37
N TYR C 948 -9.37 90.11 20.01
CA TYR C 948 -8.30 89.55 19.19
C TYR C 948 -8.86 89.15 17.83
N ARG C 949 -7.99 89.12 16.82
CA ARG C 949 -8.37 88.68 15.48
C ARG C 949 -7.21 87.94 14.84
N PHE C 950 -7.38 86.62 14.64
CA PHE C 950 -6.34 85.82 14.01
C PHE C 950 -6.69 85.68 12.55
N PRO C 951 -5.93 86.27 11.63
CA PRO C 951 -6.30 86.19 10.20
C PRO C 951 -6.06 84.82 9.57
N LYS C 952 -5.16 84.01 10.11
CA LYS C 952 -4.91 82.70 9.52
C LYS C 952 -6.03 81.71 9.78
N PHE C 953 -6.86 81.95 10.80
CA PHE C 953 -7.96 81.06 11.13
C PHE C 953 -9.31 81.75 11.17
N GLY C 954 -9.36 83.08 11.09
CA GLY C 954 -10.61 83.78 11.27
C GLY C 954 -11.20 83.63 12.65
N ARG C 955 -10.36 83.50 13.67
CA ARG C 955 -10.81 83.32 15.04
C ARG C 955 -10.75 84.65 15.78
N ASP C 956 -11.86 85.02 16.41
CA ASP C 956 -12.03 86.29 17.11
C ASP C 956 -12.20 85.98 18.59
N GLU C 957 -11.43 86.66 19.44
CA GLU C 957 -11.48 86.36 20.86
C GLU C 957 -11.34 87.62 21.69
N PRO C 958 -11.93 87.65 22.90
CA PRO C 958 -11.68 88.76 23.83
C PRO C 958 -10.55 88.47 24.81
N TYR C 959 -10.07 89.50 25.50
CA TYR C 959 -8.99 89.36 26.47
C TYR C 959 -9.25 90.25 27.69
N SER C 960 -8.44 90.05 28.73
CA SER C 960 -8.60 90.73 30.00
C SER C 960 -7.25 91.23 30.52
N ASP C 961 -7.26 91.73 31.76
CA ASP C 961 -6.12 92.43 32.32
C ASP C 961 -5.35 91.54 33.29
N MET C 962 -4.05 91.83 33.45
CA MET C 962 -3.21 90.99 34.29
C MET C 962 -3.42 91.28 35.77
N ASP C 963 -3.60 92.56 36.13
CA ASP C 963 -3.83 92.91 37.52
C ASP C 963 -5.17 92.39 38.02
N ALA C 964 -6.21 92.50 37.18
CA ALA C 964 -7.56 92.13 37.61
C ALA C 964 -7.68 90.63 37.89
N LEU C 965 -7.04 89.80 37.07
CA LEU C 965 -7.16 88.35 37.26
C LEU C 965 -6.53 87.91 38.57
N GLU C 966 -5.54 88.66 39.06
CA GLU C 966 -5.04 88.43 40.41
C GLU C 966 -6.14 88.64 41.44
N LYS C 967 -6.93 89.71 41.26
CA LYS C 967 -8.02 90.01 42.17
C LYS C 967 -9.07 88.92 42.17
N ILE C 968 -9.40 88.39 40.99
CA ILE C 968 -10.44 87.37 40.89
C ILE C 968 -10.05 86.14 41.71
N CYS C 969 -8.77 85.76 41.66
CA CYS C 969 -8.31 84.60 42.39
C CYS C 969 -8.41 84.80 43.90
N ARG C 970 -8.12 86.00 44.37
CA ARG C 970 -8.05 86.24 45.81
C ARG C 970 -9.40 86.10 46.48
N THR C 971 -10.48 86.39 45.76
CA THR C 971 -11.81 86.21 46.34
C THR C 971 -12.13 84.72 46.54
N ALA C 972 -11.72 83.88 45.58
CA ALA C 972 -12.07 82.47 45.64
C ALA C 972 -11.26 81.72 46.69
N TRP C 973 -9.97 82.02 46.80
CA TRP C 973 -9.13 81.37 47.78
C TRP C 973 -8.34 82.40 48.59
N PRO C 974 -8.54 82.46 49.91
CA PRO C 974 -7.70 83.33 50.74
C PRO C 974 -6.24 82.94 50.74
N ASN C 975 -5.92 81.71 50.33
CA ASN C 975 -4.55 81.22 50.33
C ASN C 975 -4.06 80.85 48.94
N CYS C 976 -4.45 81.60 47.91
CA CYS C 976 -4.08 81.24 46.54
C CYS C 976 -2.82 82.00 46.12
N SER C 977 -1.92 81.28 45.45
CA SER C 977 -0.70 81.86 44.90
C SER C 977 -0.77 81.86 43.39
N ILE C 978 0.00 82.73 42.76
CA ILE C 978 0.02 82.88 41.31
C ILE C 978 1.47 82.92 40.84
N THR C 979 1.78 82.26 39.74
CA THR C 979 3.14 82.28 39.19
C THR C 979 3.15 82.41 37.67
N TRP C 980 2.94 83.63 37.16
CA TRP C 980 3.03 83.82 35.69
C TRP C 980 4.44 83.43 35.22
N VAL C 981 4.57 82.29 34.55
CA VAL C 981 5.93 81.79 34.15
C VAL C 981 6.18 82.10 32.66
N PRO C 982 7.30 82.73 32.26
CA PRO C 982 7.60 82.92 30.83
C PRO C 982 8.30 81.68 30.27
N LEU C 983 7.54 80.73 29.72
CA LEU C 983 8.13 79.45 29.22
C LEU C 983 9.08 79.74 28.05
N SER C 984 8.94 80.89 27.39
CA SER C 984 9.78 81.23 26.21
C SER C 984 11.27 81.12 26.57
N TYR C 985 12.12 80.86 25.57
CA TYR C 985 13.60 80.73 25.78
C TYR C 985 13.92 79.37 26.42
N ASP C 986 13.02 78.38 26.27
CA ASP C 986 13.29 77.02 26.79
C ASP C 986 13.11 76.03 25.64
N LEU C 987 14.18 75.37 25.18
CA LEU C 987 14.05 74.53 23.96
C LEU C 987 13.63 73.10 24.34
N ARG C 988 13.04 72.92 25.51
CA ARG C 988 12.53 71.58 25.92
C ARG C 988 11.37 71.19 25.00
N TRP C 989 10.55 72.17 24.60
CA TRP C 989 9.37 71.88 23.73
C TRP C 989 9.88 71.30 22.40
N THR C 990 11.02 71.77 21.91
CA THR C 990 11.59 71.29 20.62
C THR C 990 11.84 69.79 20.72
N ARG C 991 12.06 69.28 21.94
CA ARG C 991 12.26 67.82 22.13
C ARG C 991 11.03 67.10 21.58
N LEU C 992 9.84 67.63 21.84
CA LEU C 992 8.62 67.03 21.25
C LEU C 992 8.66 67.16 19.72
N ALA C 993 9.04 68.34 19.20
CA ALA C 993 9.00 68.57 17.73
C ALA C 993 10.01 67.69 16.98
N LEU C 994 11.27 67.69 17.41
CA LEU C 994 12.31 66.95 16.66
C LEU C 994 12.08 65.44 16.76
N LEU C 995 11.71 64.96 17.95
CA LEU C 995 11.49 63.51 18.16
C LEU C 995 10.24 63.06 17.40
N GLU C 996 9.32 63.98 17.12
CA GLU C 996 8.09 63.64 16.33
C GLU C 996 8.36 63.87 14.84
N SER C 997 9.60 64.24 14.46
CA SER C 997 9.98 64.40 13.03
C SER C 997 9.20 65.55 12.38
N THR C 998 8.68 66.49 13.18
CA THR C 998 7.99 67.65 12.63
C THR C 998 9.03 68.76 12.42
N THR C 999 9.32 69.06 11.16
CA THR C 999 10.42 69.96 10.83
C THR C 999 10.16 71.35 11.40
N LEU C 1000 11.17 71.91 12.06
CA LEU C 1000 11.06 73.25 12.61
C LEU C 1000 11.66 74.27 11.65
N SER C 1001 11.22 75.51 11.77
CA SER C 1001 11.73 76.61 10.98
C SER C 1001 12.02 77.79 11.88
N SER C 1002 13.00 78.61 11.49
CA SER C 1002 13.39 79.76 12.30
C SER C 1002 12.26 80.78 12.39
N ALA C 1003 11.58 81.03 11.27
CA ALA C 1003 10.53 82.06 11.25
C ALA C 1003 9.38 81.69 12.17
N SER C 1004 8.99 80.42 12.18
CA SER C 1004 7.85 80.01 12.99
C SER C 1004 8.12 80.20 14.48
N ILE C 1005 9.34 79.88 14.92
CA ILE C 1005 9.67 80.06 16.34
C ILE C 1005 9.60 81.53 16.72
N ARG C 1006 10.17 82.41 15.90
CA ARG C 1006 10.17 83.83 16.22
C ARG C 1006 8.75 84.36 16.35
N ILE C 1007 7.83 83.85 15.53
CA ILE C 1007 6.42 84.20 15.72
C ILE C 1007 5.88 83.55 16.98
N ALA C 1008 6.25 82.30 17.23
CA ALA C 1008 5.72 81.59 18.39
C ALA C 1008 6.17 82.24 19.70
N GLU C 1009 7.44 82.66 19.78
CA GLU C 1009 7.94 83.25 21.00
C GLU C 1009 7.20 84.53 21.35
N LEU C 1010 6.82 85.32 20.33
CA LEU C 1010 6.06 86.53 20.59
C LEU C 1010 4.60 86.20 20.93
N MET C 1011 4.04 85.19 20.29
CA MET C 1011 2.64 84.86 20.48
C MET C 1011 2.38 84.28 21.86
N TYR C 1012 3.43 83.78 22.52
CA TYR C 1012 3.30 83.39 23.93
C TYR C 1012 3.08 84.60 24.83
N LYS C 1013 3.75 85.72 24.53
CA LYS C 1013 3.67 86.88 25.41
C LYS C 1013 2.25 87.43 25.48
N TYR C 1014 1.49 87.30 24.39
CA TYR C 1014 0.13 87.78 24.40
C TYR C 1014 -0.84 86.77 25.01
N MET C 1015 -0.46 85.49 25.03
CA MET C 1015 -1.32 84.43 25.53
C MET C 1015 -0.54 83.53 26.49
N PRO C 1016 -0.18 84.04 27.66
CA PRO C 1016 0.65 83.25 28.59
C PRO C 1016 -0.15 82.19 29.31
N ILE C 1017 0.55 81.43 30.15
CA ILE C 1017 -0.06 80.40 30.98
C ILE C 1017 0.08 80.78 32.45
N MET C 1018 -1.04 80.70 33.18
CA MET C 1018 -1.08 81.03 34.59
C MET C 1018 -1.19 79.75 35.42
N ARG C 1019 -0.33 79.63 36.43
CA ARG C 1019 -0.38 78.53 37.38
C ARG C 1019 -0.92 79.03 38.71
N ILE C 1020 -1.87 78.29 39.28
CA ILE C 1020 -2.49 78.65 40.56
C ILE C 1020 -2.25 77.52 41.55
N ASP C 1021 -1.75 77.88 42.73
CA ASP C 1021 -1.62 76.97 43.86
C ASP C 1021 -2.73 77.31 44.85
N ILE C 1022 -3.74 76.44 44.94
CA ILE C 1022 -4.92 76.75 45.74
C ILE C 1022 -4.58 76.81 47.22
N HIS C 1023 -3.87 75.81 47.72
CA HIS C 1023 -3.45 75.76 49.13
C HIS C 1023 -2.04 76.31 49.33
N GLY C 1024 -1.85 77.55 48.89
CA GLY C 1024 -0.60 78.26 49.05
C GLY C 1024 -0.79 79.34 50.10
N LEU C 1025 0.28 80.07 50.38
CA LEU C 1025 0.26 81.14 51.37
C LEU C 1025 0.44 82.45 50.64
N PRO C 1026 -0.37 83.46 50.98
CA PRO C 1026 -0.32 84.78 50.35
C PRO C 1026 1.00 85.50 50.62
N MET C 1027 1.39 86.33 49.65
CA MET C 1027 2.62 87.11 49.73
C MET C 1027 2.25 88.60 49.70
N GLU C 1028 3.08 89.44 50.31
CA GLU C 1028 2.78 90.87 50.35
C GLU C 1028 3.92 91.79 49.92
N LYS C 1029 3.57 92.82 49.15
CA LYS C 1029 4.51 93.84 48.70
C LYS C 1029 4.19 95.14 49.43
N ARG C 1030 5.19 95.72 50.07
CA ARG C 1030 5.00 96.92 50.87
C ARG C 1030 5.73 98.14 50.33
N GLY C 1031 6.92 97.96 49.77
CA GLY C 1031 7.66 99.04 49.17
C GLY C 1031 7.23 99.32 47.74
N ASN C 1032 8.00 100.18 47.09
CA ASN C 1032 7.71 100.63 45.73
C ASN C 1032 8.54 99.83 44.73
N PHE C 1033 7.86 99.08 43.87
CA PHE C 1033 8.52 98.21 42.91
C PHE C 1033 8.63 98.91 41.55
N ILE C 1034 9.57 99.85 41.50
CA ILE C 1034 9.93 100.57 40.29
C ILE C 1034 11.44 100.49 40.13
N VAL C 1035 11.91 100.26 38.90
CA VAL C 1035 13.33 100.00 38.68
C VAL C 1035 14.15 101.14 39.22
N GLY C 1036 15.17 100.79 40.03
CA GLY C 1036 16.02 101.75 40.69
C GLY C 1036 15.61 102.14 42.09
N GLN C 1037 14.35 101.89 42.48
CA GLN C 1037 13.87 102.27 43.79
C GLN C 1037 14.18 101.18 44.81
N ASN C 1038 13.83 101.47 46.06
CA ASN C 1038 13.96 100.50 47.14
C ASN C 1038 12.67 99.70 47.25
N CYS C 1039 12.76 98.40 47.03
CA CYS C 1039 11.63 97.49 47.15
C CYS C 1039 11.87 96.58 48.34
N SER C 1040 10.79 96.21 49.04
CA SER C 1040 10.91 95.31 50.18
C SER C 1040 9.80 94.27 50.15
N LEU C 1041 10.10 93.09 50.70
CA LEU C 1041 9.15 91.98 50.75
C LEU C 1041 9.02 91.49 52.18
N VAL C 1042 7.84 90.98 52.51
CA VAL C 1042 7.53 90.49 53.86
C VAL C 1042 7.20 89.02 53.75
N ILE C 1043 7.91 88.20 54.52
CA ILE C 1043 7.72 86.75 54.48
C ILE C 1043 7.57 86.20 55.90
N PRO C 1044 6.36 85.99 56.38
CA PRO C 1044 6.19 85.44 57.74
C PRO C 1044 6.20 83.92 57.78
N GLY C 1045 6.41 83.37 58.99
CA GLY C 1045 6.11 81.99 59.27
C GLY C 1045 7.26 81.01 59.09
N PHE C 1046 8.32 81.38 58.38
CA PHE C 1046 9.39 80.43 58.10
C PHE C 1046 10.35 80.32 59.28
N ASN C 1047 10.88 79.12 59.46
CA ASN C 1047 11.79 78.82 60.56
C ASN C 1047 13.19 79.38 60.27
N ALA C 1048 14.00 79.48 61.32
CA ALA C 1048 15.33 80.03 61.20
C ALA C 1048 16.21 79.18 60.29
N GLN C 1049 15.91 77.89 60.16
CA GLN C 1049 16.67 77.00 59.28
C GLN C 1049 16.15 76.99 57.85
N ASP C 1050 15.04 77.66 57.58
CA ASP C 1050 14.48 77.65 56.23
C ASP C 1050 15.20 78.65 55.33
N VAL C 1051 15.29 78.30 54.04
CA VAL C 1051 16.05 79.04 53.05
C VAL C 1051 15.14 79.41 51.88
N PHE C 1052 15.28 80.65 51.41
CA PHE C 1052 14.49 81.16 50.31
C PHE C 1052 15.31 81.15 49.03
N ASN C 1053 14.64 80.93 47.90
CA ASN C 1053 15.29 80.90 46.61
C ASN C 1053 14.48 81.72 45.61
N CYS C 1054 15.17 82.47 44.77
CA CYS C 1054 14.56 83.27 43.73
C CYS C 1054 14.97 82.74 42.37
N TYR C 1055 14.03 82.75 41.42
CA TYR C 1055 14.29 82.34 40.05
C TYR C 1055 14.03 83.51 39.12
N PHE C 1056 14.81 83.59 38.06
CA PHE C 1056 14.52 84.45 36.92
C PHE C 1056 14.85 83.66 35.66
N ASN C 1057 13.80 83.25 34.93
CA ASN C 1057 13.93 82.38 33.76
C ASN C 1057 14.55 81.03 34.14
N SER C 1058 14.02 80.44 35.21
CA SER C 1058 14.31 79.07 35.62
C SER C 1058 15.75 78.87 36.09
N ALA C 1059 16.54 79.94 36.04
CA ALA C 1059 17.88 79.90 36.61
C ALA C 1059 17.84 80.30 38.08
N LEU C 1060 19.01 80.33 38.71
CA LEU C 1060 19.15 80.82 40.07
C LEU C 1060 20.54 81.37 40.30
N ALA C 1061 20.63 82.69 40.52
CA ALA C 1061 21.76 83.22 41.30
C ALA C 1061 21.15 84.18 42.34
N PHE C 1062 20.59 83.59 43.39
CA PHE C 1062 20.07 84.34 44.53
C PHE C 1062 19.77 83.33 45.62
N SER C 1063 20.44 83.44 46.76
CA SER C 1063 20.19 82.51 47.85
C SER C 1063 20.46 83.18 49.19
N THR C 1064 19.58 82.92 50.16
CA THR C 1064 19.87 83.38 51.52
C THR C 1064 21.05 82.62 52.12
N GLU C 1065 21.40 81.48 51.52
CA GLU C 1065 22.59 80.76 51.95
C GLU C 1065 23.85 81.54 51.61
N ASP C 1066 23.96 82.03 50.37
CA ASP C 1066 25.13 82.80 49.97
C ASP C 1066 24.90 84.30 50.10
N VAL C 1067 23.74 84.79 49.61
CA VAL C 1067 23.38 86.20 49.59
C VAL C 1067 24.41 87.00 48.80
N ASN C 1068 25.67 86.96 49.24
CA ASN C 1068 26.72 87.76 48.63
C ASN C 1068 26.97 87.37 47.18
N ALA C 1069 26.52 86.18 46.75
CA ALA C 1069 26.65 85.79 45.36
C ALA C 1069 25.52 86.33 44.50
N ALA C 1070 24.54 87.01 45.10
CA ALA C 1070 23.40 87.50 44.35
C ALA C 1070 23.82 88.54 43.32
N MET C 1071 23.25 88.43 42.12
CA MET C 1071 23.66 89.30 41.02
C MET C 1071 23.19 90.73 41.20
N ILE C 1072 22.00 90.92 41.76
CA ILE C 1072 21.51 92.29 41.99
C ILE C 1072 22.33 92.93 43.11
N PRO C 1073 22.58 94.24 43.05
CA PRO C 1073 23.59 94.84 43.95
C PRO C 1073 23.21 94.80 45.42
N GLN C 1074 22.01 95.24 45.78
CA GLN C 1074 21.63 95.40 47.18
C GLN C 1074 20.61 94.34 47.57
N VAL C 1075 20.99 93.48 48.51
CA VAL C 1075 20.12 92.45 49.08
C VAL C 1075 20.34 92.43 50.59
N SER C 1076 19.24 92.35 51.34
CA SER C 1076 19.31 92.16 52.78
C SER C 1076 18.13 91.31 53.23
N ALA C 1077 18.44 90.17 53.85
CA ALA C 1077 17.42 89.26 54.37
C ALA C 1077 17.69 89.05 55.85
N GLN C 1078 16.69 89.33 56.68
CA GLN C 1078 16.84 89.34 58.13
C GLN C 1078 15.80 88.43 58.74
N PHE C 1079 16.20 87.63 59.73
CA PHE C 1079 15.28 86.77 60.46
C PHE C 1079 14.91 87.42 61.78
N ASP C 1080 13.63 87.37 62.12
CA ASP C 1080 13.12 88.00 63.33
C ASP C 1080 12.29 86.97 64.09
N ALA C 1081 12.87 86.40 65.14
CA ALA C 1081 12.21 85.38 65.94
C ALA C 1081 11.19 85.94 66.92
N THR C 1082 11.13 87.27 67.10
CA THR C 1082 10.17 87.85 68.04
C THR C 1082 8.74 87.64 67.57
N LYS C 1083 8.51 87.61 66.26
CA LYS C 1083 7.18 87.49 65.68
C LYS C 1083 7.03 86.26 64.80
N GLY C 1084 8.05 85.91 64.03
CA GLY C 1084 7.94 84.88 63.02
C GLY C 1084 7.84 85.47 61.63
N GLU C 1085 8.73 86.41 61.33
CA GLU C 1085 8.70 87.14 60.07
C GLU C 1085 10.10 87.19 59.46
N TRP C 1086 10.14 87.20 58.13
CA TRP C 1086 11.35 87.45 57.36
C TRP C 1086 11.11 88.67 56.48
N THR C 1087 12.14 89.51 56.34
CA THR C 1087 12.08 90.68 55.48
C THR C 1087 13.21 90.63 54.48
N LEU C 1088 12.97 91.20 53.29
CA LEU C 1088 13.95 91.24 52.22
C LEU C 1088 14.00 92.65 51.64
N ASP C 1089 15.20 93.15 51.41
CA ASP C 1089 15.40 94.45 50.78
C ASP C 1089 16.10 94.26 49.43
N MET C 1090 15.47 94.75 48.37
CA MET C 1090 16.00 94.62 47.02
C MET C 1090 16.15 96.00 46.38
N VAL C 1091 17.17 96.12 45.53
CA VAL C 1091 17.29 97.23 44.60
C VAL C 1091 17.59 96.62 43.24
N PHE C 1092 16.54 96.42 42.44
CA PHE C 1092 16.68 95.75 41.16
C PHE C 1092 17.23 96.69 40.10
N SER C 1093 18.30 96.26 39.42
CA SER C 1093 18.87 97.03 38.32
C SER C 1093 18.41 96.54 36.95
N ASP C 1094 17.50 95.57 36.91
CA ASP C 1094 16.93 95.07 35.67
C ASP C 1094 15.42 95.12 35.78
N ALA C 1095 14.76 95.33 34.64
CA ALA C 1095 13.30 95.36 34.60
C ALA C 1095 12.73 93.97 34.38
N GLY C 1096 13.09 93.02 35.25
CA GLY C 1096 12.70 91.64 35.10
C GLY C 1096 11.60 91.23 36.06
N ILE C 1097 10.92 90.14 35.72
CA ILE C 1097 9.91 89.53 36.57
C ILE C 1097 10.54 88.37 37.32
N TYR C 1098 10.53 88.44 38.65
CA TYR C 1098 11.19 87.45 39.49
C TYR C 1098 10.14 86.61 40.21
N THR C 1099 10.46 85.34 40.42
CA THR C 1099 9.57 84.44 41.13
C THR C 1099 10.30 83.84 42.32
N MET C 1100 9.53 83.48 43.35
CA MET C 1100 10.05 83.04 44.63
C MET C 1100 9.85 81.54 44.80
N GLN C 1101 10.75 80.93 45.58
CA GLN C 1101 10.61 79.57 46.07
C GLN C 1101 11.05 79.54 47.52
N ALA C 1102 10.44 78.65 48.29
CA ALA C 1102 10.76 78.48 49.69
C ALA C 1102 11.07 77.03 50.01
N LEU C 1103 12.05 76.82 50.88
CA LEU C 1103 12.50 75.50 51.29
C LEU C 1103 12.17 75.29 52.77
N VAL C 1104 11.49 74.19 53.08
CA VAL C 1104 11.08 73.87 54.43
C VAL C 1104 11.67 72.51 54.81
N GLY C 1105 12.40 72.49 55.93
CA GLY C 1105 13.00 71.27 56.42
C GLY C 1105 14.37 71.00 55.82
N SER C 1106 15.13 70.16 56.52
CA SER C 1106 16.47 69.78 56.07
C SER C 1106 16.44 68.90 54.83
N ASN C 1107 15.27 68.36 54.46
CA ASN C 1107 15.11 67.70 53.18
C ASN C 1107 14.61 68.63 52.09
N ALA C 1108 14.31 69.90 52.42
CA ALA C 1108 14.04 70.95 51.45
C ALA C 1108 12.87 70.64 50.53
N ASN C 1109 11.65 70.61 51.07
CA ASN C 1109 10.48 70.39 50.23
C ASN C 1109 9.97 71.71 49.67
N PRO C 1110 9.94 71.87 48.33
CA PRO C 1110 9.68 73.19 47.75
C PRO C 1110 8.22 73.50 47.46
N VAL C 1111 7.81 74.75 47.70
CA VAL C 1111 6.47 75.22 47.37
C VAL C 1111 6.59 76.55 46.62
N SER C 1112 5.56 76.86 45.84
CA SER C 1112 5.58 77.99 44.92
C SER C 1112 4.96 79.21 45.58
N LEU C 1113 5.65 80.35 45.47
CA LEU C 1113 5.19 81.60 46.05
C LEU C 1113 4.71 82.53 44.93
N GLY C 1114 4.53 83.81 45.25
CA GLY C 1114 3.97 84.74 44.29
C GLY C 1114 4.99 85.22 43.27
N SER C 1115 4.51 86.08 42.37
CA SER C 1115 5.36 86.75 41.39
C SER C 1115 5.02 88.24 41.37
N PHE C 1116 6.03 89.07 41.11
CA PHE C 1116 5.87 90.51 41.07
C PHE C 1116 6.58 91.10 39.86
N VAL C 1117 6.06 92.21 39.35
CA VAL C 1117 6.58 92.88 38.17
C VAL C 1117 7.02 94.28 38.56
N VAL C 1118 8.21 94.67 38.11
CA VAL C 1118 8.81 95.95 38.46
C VAL C 1118 8.85 96.79 37.19
N ASP C 1119 8.28 97.99 37.25
CA ASP C 1119 8.18 98.84 36.07
C ASP C 1119 9.48 99.61 35.83
N SER C 1120 9.52 100.30 34.69
CA SER C 1120 10.70 101.06 34.31
C SER C 1120 10.90 102.23 35.26
N PRO C 1121 12.12 102.72 35.41
CA PRO C 1121 12.37 103.78 36.40
C PRO C 1121 11.59 105.05 36.08
N ASP C 1122 11.36 105.85 37.12
CA ASP C 1122 10.52 107.03 36.99
C ASP C 1122 11.09 107.97 35.93
N VAL C 1123 10.20 108.43 35.04
CA VAL C 1123 10.59 109.36 33.99
C VAL C 1123 10.85 110.75 34.55
N ASP C 1124 10.36 111.02 35.76
CA ASP C 1124 10.33 112.38 36.29
C ASP C 1124 11.74 112.91 36.57
N ILE C 1125 11.88 114.23 36.44
CA ILE C 1125 13.12 114.94 36.72
C ILE C 1125 12.79 116.23 37.46
N THR C 1126 13.62 116.57 38.44
CA THR C 1126 13.47 117.82 39.18
C THR C 1126 14.86 118.30 39.60
N ASP C 1127 15.14 119.58 39.36
CA ASP C 1127 16.42 120.17 39.68
C ASP C 1127 16.24 121.61 40.14
N ALA C 1128 17.23 122.11 40.87
CA ALA C 1128 17.20 123.45 41.46
C ALA C 1128 18.24 124.33 40.78
N TRP C 1129 17.86 125.56 40.45
CA TRP C 1129 18.78 126.54 39.91
C TRP C 1129 19.00 127.68 40.88
N PRO C 1130 20.25 128.05 41.17
CA PRO C 1130 20.53 128.97 42.28
C PRO C 1130 19.88 130.34 42.08
N ALA C 1131 19.45 130.93 43.20
CA ALA C 1131 18.84 132.26 43.17
C ALA C 1131 19.83 133.31 42.68
N GLN C 1132 21.07 133.23 43.13
CA GLN C 1132 22.16 134.07 42.62
C GLN C 1132 23.17 133.16 41.93
N LEU C 1133 23.41 133.43 40.65
CA LEU C 1133 24.33 132.61 39.86
C LEU C 1133 25.78 133.00 40.13
N ASP C 1134 26.68 132.41 39.35
CA ASP C 1134 28.12 132.62 39.55
C ASP C 1134 28.80 132.43 38.20
N PHE C 1135 29.00 133.55 37.48
CA PHE C 1135 29.57 133.52 36.14
C PHE C 1135 31.09 133.55 36.15
N THR C 1136 31.72 133.24 37.28
CA THR C 1136 33.16 133.32 37.39
C THR C 1136 33.82 132.11 36.74
N ILE C 1137 35.14 132.01 36.94
CA ILE C 1137 35.92 130.92 36.36
C ILE C 1137 35.53 129.58 36.99
N ALA C 1138 35.35 129.54 38.31
CA ALA C 1138 35.00 128.30 39.00
C ALA C 1138 33.53 127.91 38.82
N GLY C 1139 32.69 128.79 38.29
CA GLY C 1139 31.33 128.43 37.98
C GLY C 1139 30.45 128.23 39.21
N THR C 1140 29.25 127.71 38.95
CA THR C 1140 28.25 127.49 39.98
C THR C 1140 27.80 126.04 39.97
N ASP C 1141 27.15 125.63 41.05
CA ASP C 1141 26.71 124.25 41.24
C ASP C 1141 25.22 124.13 40.94
N VAL C 1142 24.82 122.95 40.49
CA VAL C 1142 23.42 122.62 40.21
C VAL C 1142 23.12 121.25 40.81
N ASP C 1143 21.98 121.15 41.50
CA ASP C 1143 21.59 119.93 42.18
C ASP C 1143 20.44 119.26 41.44
N ILE C 1144 20.58 117.96 41.19
CA ILE C 1144 19.61 117.19 40.41
C ILE C 1144 19.33 115.89 41.15
N THR C 1145 18.05 115.49 41.19
CA THR C 1145 17.62 114.24 41.81
C THR C 1145 17.04 113.33 40.73
N VAL C 1146 17.73 112.22 40.46
CA VAL C 1146 17.29 111.26 39.44
C VAL C 1146 17.59 109.85 39.96
N ASN C 1147 16.73 108.90 39.58
CA ASN C 1147 17.04 107.49 39.83
C ASN C 1147 18.36 107.15 39.14
N PRO C 1148 19.23 106.36 39.78
CA PRO C 1148 20.61 106.22 39.28
C PRO C 1148 20.76 105.42 37.98
N TYR C 1149 19.66 104.94 37.41
CA TYR C 1149 19.77 104.21 36.15
C TYR C 1149 20.15 105.14 35.01
N TYR C 1150 19.46 106.28 34.90
CA TYR C 1150 19.75 107.23 33.84
C TYR C 1150 20.98 108.06 34.18
N ARG C 1151 21.63 108.58 33.13
CA ARG C 1151 22.79 109.47 33.26
C ARG C 1151 22.63 110.63 32.31
N LEU C 1152 22.82 111.85 32.79
CA LEU C 1152 22.55 113.05 32.03
C LEU C 1152 23.78 113.53 31.26
N MET C 1153 23.58 113.79 29.97
CA MET C 1153 24.59 114.40 29.10
C MET C 1153 24.02 115.69 28.53
N THR C 1154 24.90 116.63 28.21
CA THR C 1154 24.48 117.91 27.62
C THR C 1154 24.61 117.86 26.10
N PHE C 1155 23.59 118.37 25.42
CA PHE C 1155 23.51 118.34 23.97
C PHE C 1155 22.96 119.65 23.44
N VAL C 1156 23.25 119.93 22.17
CA VAL C 1156 22.76 121.11 21.47
C VAL C 1156 22.14 120.68 20.15
N ARG C 1157 20.96 121.22 19.86
CA ARG C 1157 20.26 120.91 18.63
C ARG C 1157 20.34 122.11 17.69
N ILE C 1158 21.21 122.01 16.69
CA ILE C 1158 21.36 123.05 15.67
C ILE C 1158 21.30 122.43 14.29
N ASP C 1159 20.40 122.95 13.47
CA ASP C 1159 20.34 122.66 12.04
C ASP C 1159 20.15 121.16 11.79
N GLY C 1160 19.17 120.60 12.51
CA GLY C 1160 18.71 119.25 12.28
C GLY C 1160 19.57 118.14 12.82
N GLN C 1161 20.56 118.45 13.67
CA GLN C 1161 21.46 117.44 14.20
C GLN C 1161 21.79 117.77 15.66
N TRP C 1162 22.19 116.74 16.40
CA TRP C 1162 22.51 116.86 17.82
C TRP C 1162 24.01 116.86 18.04
N GLN C 1163 24.50 117.78 18.86
CA GLN C 1163 25.93 117.96 19.06
C GLN C 1163 26.27 117.92 20.54
N ILE C 1164 27.50 117.55 20.85
CA ILE C 1164 27.99 117.38 22.23
C ILE C 1164 28.97 118.50 22.55
N ALA C 1165 28.84 119.07 23.74
CA ALA C 1165 29.61 120.24 24.16
C ALA C 1165 30.99 119.84 24.70
N ASN C 1166 31.63 120.80 25.35
CA ASN C 1166 32.95 120.59 25.92
C ASN C 1166 32.85 119.60 27.09
N PRO C 1167 33.88 118.76 27.31
CA PRO C 1167 33.81 117.77 28.39
C PRO C 1167 34.01 118.35 29.79
N ASP C 1168 34.55 119.55 29.91
CA ASP C 1168 34.90 120.11 31.21
C ASP C 1168 33.97 121.21 31.68
N LYS C 1169 33.17 121.79 30.79
CA LYS C 1169 32.26 122.85 31.20
C LYS C 1169 31.08 122.32 32.01
N PHE C 1170 30.52 121.19 31.59
CA PHE C 1170 29.44 120.51 32.31
C PHE C 1170 29.98 119.23 32.93
N GLN C 1171 29.86 119.13 34.25
CA GLN C 1171 30.46 118.02 34.99
C GLN C 1171 29.40 117.40 35.88
N PHE C 1172 29.17 116.09 35.71
CA PHE C 1172 28.19 115.35 36.49
C PHE C 1172 28.91 114.40 37.44
N PHE C 1173 28.51 114.41 38.70
CA PHE C 1173 29.01 113.45 39.68
C PHE C 1173 27.95 113.22 40.74
N SER C 1174 28.27 112.36 41.71
CA SER C 1174 27.37 112.07 42.81
C SER C 1174 27.18 113.29 43.72
N THR C 1179 22.55 112.30 45.67
CA THR C 1179 21.99 113.23 44.69
C THR C 1179 22.99 113.53 43.58
N LEU C 1180 22.48 113.76 42.37
CA LEU C 1180 23.32 113.98 41.19
C LEU C 1180 23.72 115.45 41.17
N VAL C 1181 24.96 115.73 41.53
CA VAL C 1181 25.43 117.10 41.76
C VAL C 1181 26.25 117.56 40.55
N MET C 1182 25.97 118.79 40.09
CA MET C 1182 26.53 119.33 38.87
C MET C 1182 27.57 120.41 39.18
N ASN C 1183 28.58 120.46 38.33
CA ASN C 1183 29.39 121.67 38.14
C ASN C 1183 29.15 122.19 36.73
N VAL C 1184 28.65 123.42 36.64
CA VAL C 1184 28.31 124.02 35.35
C VAL C 1184 28.97 125.40 35.27
N LYS C 1185 29.70 125.65 34.19
CA LYS C 1185 30.30 126.94 33.94
C LYS C 1185 29.34 127.81 33.13
N LEU C 1186 29.27 129.09 33.48
CA LEU C 1186 28.27 129.98 32.88
C LEU C 1186 28.88 130.79 31.74
N ASP C 1187 28.19 130.81 30.61
CA ASP C 1187 28.62 131.50 29.41
C ASP C 1187 27.44 132.24 28.81
N ILE C 1188 27.73 133.36 28.13
CA ILE C 1188 26.68 134.10 27.44
C ILE C 1188 26.19 133.33 26.22
N ALA C 1189 27.07 132.52 25.63
CA ALA C 1189 26.65 131.66 24.52
C ALA C 1189 25.53 130.72 24.93
N ASP C 1190 25.51 130.33 26.21
CA ASP C 1190 24.40 129.54 26.72
C ASP C 1190 23.08 130.29 26.58
N LYS C 1191 23.11 131.61 26.72
CA LYS C 1191 21.89 132.40 26.58
C LYS C 1191 21.33 132.31 25.16
N TYR C 1192 22.21 132.28 24.16
CA TYR C 1192 21.76 132.29 22.77
C TYR C 1192 21.64 130.90 22.17
N LEU C 1193 22.31 129.91 22.75
CA LEU C 1193 22.13 128.53 22.35
C LEU C 1193 20.97 127.89 23.12
N LEU C 1194 20.62 126.67 22.71
CA LEU C 1194 19.67 125.85 23.46
C LEU C 1194 20.36 124.55 23.85
N TYR C 1195 20.28 124.20 25.13
CA TYR C 1195 20.94 123.04 25.70
C TYR C 1195 19.92 122.02 26.16
N TYR C 1196 20.15 120.76 25.82
CA TYR C 1196 19.25 119.68 26.20
C TYR C 1196 19.98 118.66 27.07
N ILE C 1197 19.21 117.78 27.68
CA ILE C 1197 19.71 116.67 28.49
C ILE C 1197 19.12 115.36 27.97
N ARG C 1198 19.96 114.34 27.85
CA ARG C 1198 19.54 113.04 27.33
C ARG C 1198 20.22 111.92 28.10
N ASP C 1199 19.61 110.74 28.03
CA ASP C 1199 20.20 109.53 28.60
C ASP C 1199 20.94 108.76 27.52
N VAL C 1200 22.12 108.25 27.87
CA VAL C 1200 23.01 107.64 26.89
C VAL C 1200 23.51 106.27 27.35
N GLN C 1201 22.98 105.78 28.47
CA GLN C 1201 23.56 104.60 29.13
C GLN C 1201 23.39 103.31 28.32
N SER C 1202 22.82 103.34 27.12
CA SER C 1202 22.41 102.15 26.40
C SER C 1202 22.87 102.25 24.96
N ARG C 1203 22.35 101.37 24.11
CA ARG C 1203 22.56 101.46 22.67
C ARG C 1203 21.60 102.47 22.06
N ASP C 1204 21.01 103.31 22.91
CA ASP C 1204 20.15 104.40 22.48
C ASP C 1204 20.50 105.65 23.25
N VAL C 1205 20.20 106.80 22.65
CA VAL C 1205 20.42 108.11 23.28
C VAL C 1205 19.15 108.93 23.09
N GLY C 1206 18.59 109.42 24.20
CA GLY C 1206 17.45 110.29 24.15
C GLY C 1206 16.14 109.65 23.75
N PHE C 1207 15.55 108.83 24.62
CA PHE C 1207 14.20 108.36 24.36
C PHE C 1207 13.33 108.29 25.63
N TYR C 1208 13.93 108.36 26.80
CA TYR C 1208 13.17 108.23 28.04
C TYR C 1208 13.21 109.47 28.93
N ILE C 1209 14.36 110.13 29.07
CA ILE C 1209 14.45 111.43 29.71
C ILE C 1209 14.98 112.41 28.69
N GLN C 1210 14.25 113.50 28.48
CA GLN C 1210 14.61 114.49 27.48
C GLN C 1210 14.08 115.84 27.96
N HIS C 1211 14.93 116.60 28.65
CA HIS C 1211 14.53 117.79 29.38
C HIS C 1211 15.26 119.01 28.84
N PRO C 1212 14.54 120.04 28.40
CA PRO C 1212 15.21 121.27 27.95
C PRO C 1212 15.54 122.19 29.12
N LEU C 1213 16.57 123.01 28.95
CA LEU C 1213 16.93 124.02 29.95
C LEU C 1213 16.55 125.39 29.39
N GLN C 1214 15.29 125.78 29.59
CA GLN C 1214 14.88 127.14 29.23
C GLN C 1214 15.48 128.16 30.19
N LEU C 1215 15.88 127.72 31.38
CA LEU C 1215 16.56 128.61 32.31
C LEU C 1215 17.93 128.99 31.79
N LEU C 1216 18.60 128.09 31.08
CA LEU C 1216 19.87 128.42 30.46
C LEU C 1216 19.68 129.26 29.19
N ASN C 1217 18.46 129.31 28.66
CA ASN C 1217 18.18 130.16 27.50
C ASN C 1217 18.07 131.63 27.89
N THR C 1218 17.69 131.90 29.14
CA THR C 1218 17.44 133.27 29.59
C THR C 1218 18.22 133.61 30.85
N ILE C 1219 19.50 133.25 30.92
CA ILE C 1219 20.28 133.55 32.12
C ILE C 1219 20.49 135.06 32.26
N THR C 1220 20.13 135.58 33.43
CA THR C 1220 20.29 137.00 33.70
C THR C 1220 21.76 137.32 33.90
N LEU C 1221 22.25 138.33 33.18
CA LEU C 1221 23.65 138.69 33.21
C LEU C 1221 23.84 139.91 34.09
N PRO C 1222 24.43 139.77 35.28
CA PRO C 1222 24.67 140.94 36.14
C PRO C 1222 25.55 141.96 35.44
N THR C 1223 25.23 143.23 35.62
CA THR C 1223 25.97 144.30 34.96
C THR C 1223 27.31 144.59 35.62
N ASN C 1224 27.51 144.15 36.86
CA ASN C 1224 28.74 144.40 37.59
C ASN C 1224 29.67 143.19 37.61
N GLU C 1225 29.25 142.08 37.02
CA GLU C 1225 30.00 140.83 37.06
C GLU C 1225 30.64 140.54 35.71
N ASP C 1226 31.90 140.11 35.76
CA ASP C 1226 32.63 139.75 34.56
C ASP C 1226 32.00 138.52 33.90
N LEU C 1227 32.15 138.42 32.58
CA LEU C 1227 31.46 137.40 31.81
C LEU C 1227 32.39 136.79 30.78
N PHE C 1228 32.06 135.56 30.37
CA PHE C 1228 32.74 134.88 29.26
C PHE C 1228 31.95 135.08 27.98
N LEU C 1229 32.52 134.64 26.86
CA LEU C 1229 31.83 134.65 25.58
C LEU C 1229 32.46 133.64 24.63
N SER C 1230 31.66 133.07 23.74
CA SER C 1230 32.17 132.12 22.70
C SER C 1230 31.12 132.00 21.58
N ALA C 1231 31.51 132.21 20.32
CA ALA C 1231 30.51 132.27 19.22
C ALA C 1231 29.79 130.92 19.04
N PRO C 1232 28.45 130.93 18.89
CA PRO C 1232 27.68 129.71 18.67
C PRO C 1232 28.12 129.04 17.36
N ASP C 1233 28.38 129.83 16.33
CA ASP C 1233 28.79 129.29 15.01
C ASP C 1233 29.44 130.40 14.19
N MET C 1234 29.94 130.08 13.00
CA MET C 1234 30.54 131.12 12.12
C MET C 1234 29.42 131.78 11.30
N ARG C 1235 28.63 132.66 11.93
CA ARG C 1235 27.58 133.43 11.21
C ARG C 1235 27.97 134.90 11.30
N GLU C 1236 27.19 135.82 10.70
CA GLU C 1236 27.57 137.23 10.90
C GLU C 1236 27.05 137.64 12.28
N TRP C 1237 27.73 137.19 13.34
CA TRP C 1237 27.31 137.51 14.74
C TRP C 1237 27.59 138.98 15.04
N ALA C 1238 26.73 139.64 15.81
CA ALA C 1238 26.88 141.09 16.03
C ALA C 1238 26.56 141.42 17.47
N VAL C 1239 27.44 142.13 18.16
CA VAL C 1239 27.19 142.34 19.58
C VAL C 1239 27.02 143.84 19.82
N LYS C 1240 26.00 144.16 20.61
CA LYS C 1240 25.68 145.53 20.99
C LYS C 1240 25.79 145.64 22.51
N GLU C 1241 26.51 146.66 22.96
CA GLU C 1241 26.76 146.87 24.38
C GLU C 1241 25.77 147.89 24.92
N SER C 1242 24.84 147.41 25.75
CA SER C 1242 23.77 148.24 26.33
C SER C 1242 22.95 148.94 25.26
N GLY C 1243 22.87 148.34 24.07
CA GLY C 1243 22.18 148.92 22.95
C GLY C 1243 23.07 149.64 21.96
N ASN C 1244 24.38 149.60 22.14
CA ASN C 1244 25.33 150.31 21.29
C ASN C 1244 26.28 149.32 20.63
N THR C 1245 26.50 149.52 19.33
CA THR C 1245 27.22 148.60 18.47
C THR C 1245 28.71 148.61 18.75
N ILE C 1246 29.31 147.40 18.79
CA ILE C 1246 30.75 147.22 18.70
C ILE C 1246 31.04 146.11 17.70
N CYS C 1247 32.34 145.76 17.63
CA CYS C 1247 32.89 144.77 16.65
C CYS C 1247 31.97 143.62 16.25
N ILE C 1248 31.95 143.31 14.95
CA ILE C 1248 31.15 142.17 14.43
C ILE C 1248 31.92 140.88 14.72
N LEU C 1249 31.25 139.73 14.63
CA LEU C 1249 31.89 138.42 14.94
C LEU C 1249 31.80 137.53 13.71
N ASN C 1250 32.72 136.58 13.59
CA ASN C 1250 32.67 135.59 12.46
C ASN C 1250 32.52 136.36 11.15
N SER C 1251 33.29 137.44 10.98
CA SER C 1251 33.33 138.17 9.69
C SER C 1251 34.81 138.40 9.38
N GLN C 1252 35.27 138.07 8.16
CA GLN C 1252 36.71 138.18 7.79
C GLN C 1252 37.41 139.36 8.48
N GLY C 1253 38.41 139.10 9.32
CA GLY C 1253 39.18 140.13 9.96
C GLY C 1253 38.71 140.60 11.33
N PHE C 1254 38.28 139.67 12.18
CA PHE C 1254 37.92 140.03 13.55
C PHE C 1254 39.15 140.39 14.35
N VAL C 1255 39.03 141.42 15.19
CA VAL C 1255 40.11 141.85 16.07
C VAL C 1255 39.57 141.93 17.49
N LEU C 1256 40.33 141.41 18.44
CA LEU C 1256 39.96 141.43 19.84
C LEU C 1256 39.86 142.87 20.33
N PRO C 1257 38.78 143.24 21.03
CA PRO C 1257 38.63 144.63 21.48
C PRO C 1257 39.80 145.06 22.36
N GLN C 1258 39.86 146.37 22.61
CA GLN C 1258 40.92 146.93 23.44
C GLN C 1258 40.68 146.69 24.95
N ASP C 1259 39.71 145.89 25.38
CA ASP C 1259 39.55 145.58 26.80
C ASP C 1259 39.24 144.13 27.08
N TRP C 1260 39.25 143.25 26.08
CA TRP C 1260 38.90 141.86 26.29
C TRP C 1260 40.15 141.01 26.55
N ASP C 1261 39.97 139.70 26.54
CA ASP C 1261 41.04 138.75 26.77
C ASP C 1261 40.68 137.44 26.09
N VAL C 1262 41.69 136.61 25.85
CA VAL C 1262 41.50 135.28 25.29
C VAL C 1262 41.69 134.25 26.39
N LEU C 1263 40.66 133.43 26.61
CA LEU C 1263 40.71 132.40 27.63
C LEU C 1263 41.65 131.28 27.21
N THR C 1264 42.15 130.53 28.21
CA THR C 1264 43.11 129.48 27.94
C THR C 1264 42.55 128.41 27.00
N ASP C 1265 41.30 128.00 27.21
CA ASP C 1265 40.74 126.88 26.44
C ASP C 1265 39.38 127.27 25.88
N THR C 1266 39.02 126.62 24.77
CA THR C 1266 37.74 126.82 24.10
C THR C 1266 36.63 126.12 24.86
N ILE C 1267 35.43 126.67 24.78
CA ILE C 1267 34.33 126.29 25.66
C ILE C 1267 33.17 125.68 24.87
N SER C 1268 32.89 126.23 23.70
CA SER C 1268 31.66 125.94 22.98
C SER C 1268 31.66 124.51 22.43
N TRP C 1269 30.62 124.19 21.66
CA TRP C 1269 30.42 122.87 21.08
C TRP C 1269 31.23 122.62 19.82
N SER C 1270 32.35 123.31 19.67
CA SER C 1270 33.29 123.08 18.59
C SER C 1270 34.68 123.51 19.04
N PRO C 1271 35.73 122.76 18.67
CA PRO C 1271 37.09 123.27 18.87
C PRO C 1271 37.44 124.45 17.97
N SER C 1272 36.77 124.57 16.83
CA SER C 1272 36.99 125.65 15.88
C SER C 1272 36.26 126.94 16.25
N ILE C 1273 35.85 127.08 17.50
CA ILE C 1273 35.26 128.31 18.01
C ILE C 1273 36.17 128.86 19.11
N PRO C 1274 36.65 130.09 19.00
CA PRO C 1274 37.44 130.68 20.07
C PRO C 1274 36.56 131.22 21.20
N THR C 1275 37.21 131.51 22.33
CA THR C 1275 36.53 131.94 23.54
C THR C 1275 37.14 133.24 24.05
N TYR C 1276 36.28 134.16 24.49
CA TYR C 1276 36.70 135.50 24.89
C TYR C 1276 36.22 135.79 26.31
N ILE C 1277 36.97 136.63 27.01
CA ILE C 1277 36.62 137.09 28.35
C ILE C 1277 36.31 138.57 28.26
N VAL C 1278 35.11 138.96 28.70
CA VAL C 1278 34.63 140.31 28.45
C VAL C 1278 34.48 141.10 29.75
N PRO C 1279 34.70 142.40 29.73
CA PRO C 1279 34.37 143.23 30.91
C PRO C 1279 32.87 143.31 31.12
N PRO C 1280 32.42 143.62 32.33
CA PRO C 1280 30.98 143.61 32.60
C PRO C 1280 30.23 144.67 31.79
N GLY C 1281 29.01 144.31 31.39
CA GLY C 1281 28.22 145.20 30.57
C GLY C 1281 26.90 144.55 30.20
N ASP C 1282 26.22 145.14 29.21
CA ASP C 1282 24.94 144.63 28.73
C ASP C 1282 25.11 144.29 27.24
N TYR C 1283 25.30 143.00 26.96
CA TYR C 1283 25.65 142.53 25.63
C TYR C 1283 24.43 141.90 24.96
N THR C 1284 24.28 142.15 23.66
CA THR C 1284 23.21 141.56 22.86
C THR C 1284 23.79 141.03 21.56
N LEU C 1285 23.55 139.74 21.28
CA LEU C 1285 24.09 139.08 20.10
C LEU C 1285 23.02 138.96 19.01
N THR C 1286 23.47 138.91 17.76
CA THR C 1286 22.59 138.92 16.60
C THR C 1286 23.17 138.07 15.48
N PRO C 1287 22.41 137.12 14.93
CA PRO C 1287 22.87 136.42 13.72
C PRO C 1287 22.47 137.14 12.44
N LEU C 1288 23.35 137.17 11.46
CA LEU C 1288 23.04 137.80 10.18
C LEU C 1288 23.16 136.83 9.00
N ALA D 1 -41.01 15.74 -35.59
CA ALA D 1 -39.89 15.32 -34.75
C ALA D 1 -40.25 15.45 -33.27
N ARG D 2 -39.43 14.86 -32.41
CA ARG D 2 -39.71 14.76 -30.98
C ARG D 2 -38.70 15.60 -30.21
N ALA D 3 -39.19 16.27 -29.16
CA ALA D 3 -38.35 17.17 -28.38
C ALA D 3 -38.15 16.72 -26.94
N ALA D 4 -38.99 15.83 -26.43
CA ALA D 4 -38.91 15.40 -25.03
C ALA D 4 -38.75 13.88 -24.97
N PHE D 5 -37.98 13.42 -23.97
CA PHE D 5 -37.58 12.02 -23.88
C PHE D 5 -37.89 11.45 -22.49
N LEU D 6 -39.15 11.54 -22.10
CA LEU D 6 -39.63 11.03 -20.82
C LEU D 6 -40.11 9.60 -20.94
N PHE D 7 -39.97 8.83 -19.86
CA PHE D 7 -40.47 7.47 -19.81
C PHE D 7 -40.96 7.13 -18.41
N LYS D 8 -41.76 6.07 -18.31
CA LYS D 8 -42.43 5.69 -17.07
C LYS D 8 -42.08 4.24 -16.71
N THR D 9 -41.89 3.99 -15.41
CA THR D 9 -41.47 2.67 -14.95
C THR D 9 -42.67 1.85 -14.47
N VAL D 10 -42.41 0.58 -14.14
CA VAL D 10 -43.48 -0.32 -13.76
C VAL D 10 -43.93 -0.01 -12.33
N GLY D 11 -45.13 -0.43 -11.99
CA GLY D 11 -45.68 -0.18 -10.69
C GLY D 11 -45.92 -1.47 -9.93
N PHE D 12 -45.81 -1.38 -8.60
CA PHE D 12 -45.92 -2.56 -7.77
C PHE D 12 -47.33 -3.12 -7.84
N GLY D 13 -47.47 -4.43 -7.70
CA GLY D 13 -48.77 -5.05 -7.75
C GLY D 13 -49.33 -5.36 -6.39
N GLY D 14 -49.16 -4.44 -5.45
CA GLY D 14 -49.46 -4.69 -4.06
C GLY D 14 -48.31 -5.26 -3.26
N LEU D 15 -47.20 -5.57 -3.91
CA LEU D 15 -46.01 -6.08 -3.24
C LEU D 15 -45.21 -4.93 -2.63
N GLN D 16 -44.12 -5.29 -1.96
CA GLN D 16 -43.26 -4.32 -1.31
C GLN D 16 -42.07 -3.91 -2.18
N ASN D 17 -42.06 -4.32 -3.45
CA ASN D 17 -40.88 -4.13 -4.28
C ASN D 17 -41.27 -4.31 -5.73
N VAL D 18 -40.28 -4.16 -6.61
CA VAL D 18 -40.48 -4.52 -8.01
C VAL D 18 -40.71 -6.02 -8.09
N PRO D 19 -41.66 -6.50 -8.88
CA PRO D 19 -42.02 -7.92 -8.81
C PRO D 19 -41.01 -8.88 -9.42
N ILE D 20 -39.76 -8.47 -9.60
CA ILE D 20 -38.73 -9.37 -10.09
C ILE D 20 -37.73 -9.64 -8.97
N ASN D 21 -37.15 -10.84 -8.98
CA ASN D 21 -36.18 -11.26 -7.99
C ASN D 21 -34.91 -11.79 -8.69
N ASP D 22 -34.06 -12.46 -7.91
CA ASP D 22 -32.79 -12.95 -8.44
C ASP D 22 -32.99 -14.07 -9.44
N GLU D 23 -33.91 -15.00 -9.15
CA GLU D 23 -34.10 -16.16 -10.01
C GLU D 23 -34.52 -15.76 -11.41
N LEU D 24 -35.53 -14.90 -11.52
CA LEU D 24 -35.99 -14.45 -12.82
C LEU D 24 -34.91 -13.67 -13.55
N SER D 25 -34.16 -12.83 -12.83
CA SER D 25 -33.09 -12.06 -13.46
C SER D 25 -32.03 -12.97 -14.06
N SER D 26 -31.61 -13.99 -13.31
CA SER D 26 -30.63 -14.92 -13.84
C SER D 26 -31.20 -15.71 -15.00
N HIS D 27 -32.51 -15.97 -15.00
CA HIS D 27 -33.10 -16.62 -16.16
C HIS D 27 -33.03 -15.73 -17.39
N LEU D 28 -33.30 -14.42 -17.25
CA LEU D 28 -33.23 -13.53 -18.40
C LEU D 28 -31.82 -13.44 -18.96
N LEU D 29 -30.83 -13.33 -18.10
CA LEU D 29 -29.46 -13.04 -18.52
C LEU D 29 -28.62 -14.30 -18.68
N ARG D 30 -29.23 -15.43 -19.02
CA ARG D 30 -28.50 -16.69 -19.11
C ARG D 30 -27.63 -16.75 -20.36
N ALA D 31 -28.03 -16.05 -21.42
CA ALA D 31 -27.30 -16.08 -22.69
C ALA D 31 -26.77 -14.71 -23.10
N GLY D 32 -26.99 -13.68 -22.29
CA GLY D 32 -26.47 -12.36 -22.59
C GLY D 32 -26.79 -11.40 -21.47
N ASN D 33 -25.77 -10.68 -20.99
CA ASN D 33 -25.90 -9.86 -19.80
C ASN D 33 -26.33 -8.44 -20.09
N SER D 34 -26.89 -8.19 -21.25
CA SER D 34 -27.39 -6.87 -21.59
C SER D 34 -28.84 -6.73 -21.12
N PRO D 35 -29.18 -5.67 -20.38
CA PRO D 35 -30.59 -5.44 -20.02
C PRO D 35 -31.47 -5.12 -21.21
N TRP D 36 -30.90 -4.69 -22.34
CA TRP D 36 -31.66 -4.39 -23.55
C TRP D 36 -31.94 -5.68 -24.32
N GLN D 37 -33.06 -6.33 -23.95
CA GLN D 37 -33.35 -7.69 -24.36
C GLN D 37 -34.15 -7.80 -25.66
N LEU D 38 -34.43 -6.70 -26.36
CA LEU D 38 -35.45 -6.74 -27.40
C LEU D 38 -35.10 -7.67 -28.55
N THR D 39 -33.82 -7.87 -28.83
CA THR D 39 -33.44 -8.85 -29.84
C THR D 39 -33.61 -10.28 -29.33
N GLN D 40 -33.16 -10.55 -28.10
CA GLN D 40 -33.29 -11.90 -27.55
C GLN D 40 -34.75 -12.30 -27.42
N PHE D 41 -35.61 -11.36 -27.07
CA PHE D 41 -37.05 -11.60 -27.09
C PHE D 41 -37.49 -12.17 -28.43
N LEU D 42 -37.01 -11.57 -29.52
CA LEU D 42 -37.42 -12.02 -30.85
C LEU D 42 -36.98 -13.44 -31.13
N ASP D 43 -35.90 -13.91 -30.48
CA ASP D 43 -35.44 -15.27 -30.73
C ASP D 43 -36.23 -16.28 -29.92
N TRP D 44 -36.95 -15.82 -28.89
CA TRP D 44 -37.65 -16.75 -28.02
C TRP D 44 -39.04 -17.09 -28.55
N ILE D 45 -39.71 -16.11 -29.15
CA ILE D 45 -41.09 -16.33 -29.59
C ILE D 45 -41.14 -17.08 -30.90
N SER D 46 -39.98 -17.29 -31.54
CA SER D 46 -39.85 -18.21 -32.67
C SER D 46 -40.80 -17.90 -33.81
N LEU D 47 -40.85 -16.62 -34.21
CA LEU D 47 -41.67 -16.13 -35.30
C LEU D 47 -43.15 -16.41 -35.10
N GLY D 48 -43.57 -16.78 -33.89
CA GLY D 48 -44.97 -16.96 -33.62
C GLY D 48 -45.58 -18.19 -34.22
N ARG D 49 -44.79 -19.23 -34.49
CA ARG D 49 -45.31 -20.43 -35.12
C ARG D 49 -46.00 -21.37 -34.14
N GLY D 50 -45.79 -21.21 -32.84
CA GLY D 50 -46.41 -22.08 -31.86
C GLY D 50 -46.55 -21.33 -30.55
N LEU D 51 -47.06 -22.04 -29.54
CA LEU D 51 -47.24 -21.48 -28.21
C LEU D 51 -45.96 -21.70 -27.40
N ALA D 52 -45.15 -20.64 -27.31
CA ALA D 52 -43.94 -20.68 -26.50
C ALA D 52 -44.27 -20.82 -25.03
N THR D 53 -43.45 -21.58 -24.31
CA THR D 53 -43.73 -21.85 -22.90
C THR D 53 -42.44 -22.23 -22.20
N SER D 54 -42.26 -21.68 -21.00
CA SER D 54 -41.14 -22.03 -20.13
C SER D 54 -41.66 -22.21 -18.72
N ALA D 55 -40.84 -22.83 -17.87
CA ALA D 55 -41.22 -22.96 -16.47
C ALA D 55 -41.33 -21.61 -15.78
N LEU D 56 -40.34 -20.74 -16.00
CA LEU D 56 -40.34 -19.42 -15.41
C LEU D 56 -40.93 -18.35 -16.32
N VAL D 57 -41.06 -18.63 -17.61
CA VAL D 57 -41.69 -17.71 -18.56
C VAL D 57 -42.81 -18.46 -19.27
N PRO D 58 -43.98 -18.59 -18.66
CA PRO D 58 -45.05 -19.40 -19.27
C PRO D 58 -45.56 -18.89 -20.61
N THR D 59 -45.46 -17.59 -20.90
CA THR D 59 -46.04 -17.01 -22.11
C THR D 59 -45.05 -16.05 -22.74
N ALA D 60 -45.50 -15.37 -23.81
CA ALA D 60 -44.71 -14.28 -24.37
C ALA D 60 -44.92 -12.99 -23.59
N GLY D 61 -46.16 -12.71 -23.20
CA GLY D 61 -46.43 -11.55 -22.39
C GLY D 61 -45.70 -11.58 -21.07
N SER D 62 -45.47 -12.78 -20.54
CA SER D 62 -44.70 -12.91 -19.31
C SER D 62 -43.29 -12.38 -19.50
N ARG D 63 -42.63 -12.77 -20.58
CA ARG D 63 -41.27 -12.29 -20.83
C ARG D 63 -41.26 -10.79 -21.08
N TYR D 64 -42.27 -10.28 -21.79
CA TYR D 64 -42.32 -8.84 -22.05
C TYR D 64 -42.45 -8.05 -20.75
N TYR D 65 -43.33 -8.51 -19.86
CA TYR D 65 -43.50 -7.89 -18.55
C TYR D 65 -42.26 -8.02 -17.69
N GLN D 66 -41.57 -9.16 -17.73
CA GLN D 66 -40.38 -9.32 -16.91
C GLN D 66 -39.23 -8.45 -17.39
N MET D 67 -39.11 -8.26 -18.71
CA MET D 67 -38.13 -7.30 -19.23
C MET D 67 -38.44 -5.89 -18.76
N SER D 68 -39.73 -5.52 -18.79
CA SER D 68 -40.13 -4.22 -18.25
C SER D 68 -39.75 -4.08 -16.78
N CYS D 69 -40.03 -5.11 -15.98
CA CYS D 69 -39.74 -5.05 -14.55
C CYS D 69 -38.24 -4.91 -14.29
N LEU D 70 -37.42 -5.66 -15.02
CA LEU D 70 -35.98 -5.57 -14.81
C LEU D 70 -35.46 -4.18 -15.17
N LEU D 71 -35.88 -3.63 -16.30
CA LEU D 71 -35.41 -2.28 -16.64
C LEU D 71 -35.88 -1.25 -15.62
N SER D 72 -37.14 -1.34 -15.20
CA SER D 72 -37.66 -0.35 -14.25
C SER D 72 -36.93 -0.43 -12.92
N GLY D 73 -36.63 -1.64 -12.45
CA GLY D 73 -35.89 -1.77 -11.22
C GLY D 73 -34.45 -1.27 -11.32
N THR D 74 -33.79 -1.57 -12.44
CA THR D 74 -32.34 -1.39 -12.50
C THR D 74 -31.94 0.01 -12.96
N LEU D 75 -32.81 0.71 -13.71
CA LEU D 75 -32.41 2.02 -14.23
C LEU D 75 -32.53 3.11 -13.18
N GLN D 76 -32.96 2.77 -11.96
CA GLN D 76 -33.14 3.77 -10.93
C GLN D 76 -31.84 4.09 -10.19
N ILE D 77 -30.80 3.29 -10.39
CA ILE D 77 -29.50 3.55 -9.78
C ILE D 77 -28.82 4.73 -10.46
N PRO D 78 -28.64 4.73 -11.80
CA PRO D 78 -27.95 5.86 -12.40
C PRO D 78 -28.79 7.12 -12.52
N PHE D 79 -30.08 7.04 -12.26
CA PHE D 79 -30.96 8.20 -12.38
C PHE D 79 -31.25 8.87 -11.05
N ARG D 80 -30.53 8.51 -10.00
CA ARG D 80 -30.60 9.26 -8.76
C ARG D 80 -29.98 10.64 -8.99
N PRO D 81 -30.35 11.64 -8.17
CA PRO D 81 -29.86 13.00 -8.44
C PRO D 81 -28.35 13.14 -8.42
N ASN D 82 -27.64 12.22 -7.76
CA ASN D 82 -26.18 12.27 -7.77
C ASN D 82 -25.56 11.67 -9.02
N HIS D 83 -26.33 10.85 -9.76
CA HIS D 83 -25.92 10.31 -11.06
C HIS D 83 -24.66 9.46 -10.98
N ARG D 84 -24.57 8.60 -9.97
CA ARG D 84 -23.47 7.64 -9.88
C ARG D 84 -23.96 6.26 -10.27
N TRP D 85 -23.09 5.47 -10.89
CA TRP D 85 -23.49 4.20 -11.49
C TRP D 85 -22.93 2.97 -10.79
N GLY D 86 -21.67 2.96 -10.39
CA GLY D 86 -21.04 1.77 -9.89
C GLY D 86 -20.94 1.66 -8.39
N ASP D 87 -21.74 2.39 -7.64
CA ASP D 87 -21.56 2.47 -6.20
C ASP D 87 -22.47 1.51 -5.42
N ILE D 88 -23.66 1.16 -5.93
CA ILE D 88 -24.58 0.29 -5.21
C ILE D 88 -25.17 -0.75 -6.16
N ARG D 89 -25.88 -1.71 -5.57
CA ARG D 89 -26.40 -2.87 -6.27
C ARG D 89 -27.91 -2.96 -6.17
N PHE D 90 -28.51 -3.56 -7.20
CA PHE D 90 -29.93 -3.89 -7.21
C PHE D 90 -30.06 -5.40 -7.42
N LEU D 91 -30.41 -6.13 -6.37
CA LEU D 91 -30.57 -7.57 -6.43
C LEU D 91 -29.31 -8.27 -6.97
N ARG D 92 -28.20 -8.07 -6.28
CA ARG D 92 -26.90 -8.65 -6.59
C ARG D 92 -26.31 -8.17 -7.91
N LEU D 93 -26.92 -7.21 -8.59
CA LEU D 93 -26.47 -6.80 -9.90
C LEU D 93 -25.90 -5.39 -9.87
N VAL D 94 -24.86 -5.16 -10.66
CA VAL D 94 -24.27 -3.84 -10.82
C VAL D 94 -24.06 -3.57 -12.30
N TRP D 95 -23.89 -2.30 -12.62
CA TRP D 95 -23.68 -1.85 -13.99
C TRP D 95 -22.21 -1.99 -14.38
N SER D 96 -21.96 -2.35 -15.63
CA SER D 96 -20.60 -2.56 -16.10
C SER D 96 -19.88 -1.25 -16.38
N ALA D 97 -20.56 -0.28 -16.97
CA ALA D 97 -19.89 0.90 -17.49
C ALA D 97 -20.79 2.11 -17.28
N PRO D 98 -20.25 3.33 -17.38
CA PRO D 98 -21.13 4.50 -17.34
C PRO D 98 -22.10 4.55 -18.50
N THR D 99 -21.84 3.83 -19.59
CA THR D 99 -22.70 3.80 -20.76
C THR D 99 -23.70 2.67 -20.73
N LEU D 100 -23.82 1.96 -19.61
CA LEU D 100 -24.92 1.03 -19.37
C LEU D 100 -24.97 -0.07 -20.42
N ASP D 101 -23.86 -0.78 -20.60
CA ASP D 101 -23.80 -1.83 -21.62
C ASP D 101 -24.40 -3.14 -21.12
N GLY D 102 -24.12 -3.52 -19.89
CA GLY D 102 -24.59 -4.80 -19.38
C GLY D 102 -24.50 -4.82 -17.88
N LEU D 103 -24.91 -5.95 -17.31
CA LEU D 103 -24.97 -6.13 -15.87
C LEU D 103 -24.07 -7.26 -15.44
N VAL D 104 -23.41 -7.10 -14.29
CA VAL D 104 -22.52 -8.13 -13.75
C VAL D 104 -22.87 -8.33 -12.27
N VAL D 105 -22.27 -9.35 -11.68
CA VAL D 105 -22.49 -9.67 -10.27
C VAL D 105 -21.62 -8.75 -9.42
N ALA D 106 -22.18 -8.25 -8.33
CA ALA D 106 -21.52 -7.22 -7.54
C ALA D 106 -20.25 -7.77 -6.90
N PRO D 107 -19.23 -6.94 -6.71
CA PRO D 107 -18.03 -7.36 -5.98
C PRO D 107 -18.34 -7.58 -4.51
N PRO D 108 -17.47 -8.28 -3.77
CA PRO D 108 -17.81 -8.62 -2.37
C PRO D 108 -18.07 -7.43 -1.47
N GLN D 109 -17.33 -6.33 -1.63
CA GLN D 109 -17.56 -5.19 -0.75
C GLN D 109 -18.94 -4.59 -0.96
N VAL D 110 -19.40 -4.51 -2.21
CA VAL D 110 -20.75 -4.03 -2.47
C VAL D 110 -21.79 -5.05 -2.05
N LEU D 111 -21.48 -6.34 -2.16
CA LEU D 111 -22.43 -7.35 -1.67
C LEU D 111 -22.63 -7.24 -0.17
N ALA D 112 -21.59 -6.88 0.58
CA ALA D 112 -21.76 -6.69 2.02
C ALA D 112 -22.71 -5.55 2.33
N GLN D 113 -22.63 -4.46 1.59
CA GLN D 113 -23.49 -3.31 1.80
C GLN D 113 -24.90 -3.57 1.27
N PRO D 114 -25.91 -2.85 1.79
CA PRO D 114 -27.29 -3.10 1.37
C PRO D 114 -27.57 -2.68 -0.07
N ALA D 115 -28.80 -2.92 -0.48
CA ALA D 115 -29.22 -2.70 -1.86
C ALA D 115 -30.15 -1.50 -1.97
N LEU D 116 -30.25 -0.97 -3.19
CA LEU D 116 -31.16 0.13 -3.46
C LEU D 116 -32.61 -0.34 -3.31
N GLN D 117 -33.44 0.53 -2.74
CA GLN D 117 -34.86 0.24 -2.59
C GLN D 117 -35.61 1.08 -3.60
N ALA D 118 -36.12 0.44 -4.65
CA ALA D 118 -36.78 1.14 -5.72
C ALA D 118 -38.21 1.53 -5.32
N GLN D 119 -38.83 2.35 -6.16
CA GLN D 119 -40.15 2.90 -5.90
C GLN D 119 -41.04 2.70 -7.12
N ALA D 120 -42.34 2.74 -6.90
CA ALA D 120 -43.29 2.40 -7.96
C ALA D 120 -43.70 3.63 -8.76
N ASP D 121 -43.93 3.41 -10.06
CA ASP D 121 -44.55 4.39 -10.95
C ASP D 121 -43.71 5.65 -11.12
N ARG D 122 -42.41 5.50 -11.34
CA ARG D 122 -41.57 6.69 -11.49
C ARG D 122 -41.55 7.16 -12.93
N VAL D 123 -41.32 8.46 -13.11
CA VAL D 123 -41.21 9.07 -14.44
C VAL D 123 -39.87 9.75 -14.53
N TYR D 124 -39.10 9.41 -15.56
CA TYR D 124 -37.73 9.88 -15.69
C TYR D 124 -37.54 10.55 -17.04
N ASP D 125 -36.49 11.36 -17.12
CA ASP D 125 -36.14 12.10 -18.32
C ASP D 125 -34.73 11.70 -18.75
N CYS D 126 -34.57 11.38 -20.04
CA CYS D 126 -33.30 10.87 -20.52
C CYS D 126 -32.22 11.93 -20.53
N ASP D 127 -32.59 13.21 -20.57
CA ASP D 127 -31.58 14.26 -20.67
C ASP D 127 -30.92 14.55 -19.32
N ASP D 128 -31.51 14.07 -18.23
CA ASP D 128 -30.93 14.31 -16.91
C ASP D 128 -29.57 13.65 -16.76
N TYR D 129 -29.44 12.42 -17.26
CA TYR D 129 -28.19 11.67 -17.13
C TYR D 129 -27.18 12.20 -18.14
N PRO D 130 -26.01 12.67 -17.70
CA PRO D 130 -25.06 13.31 -18.64
C PRO D 130 -24.57 12.42 -19.76
N PHE D 131 -24.29 11.14 -19.51
CA PHE D 131 -23.74 10.30 -20.56
C PHE D 131 -24.76 10.03 -21.66
N LEU D 132 -26.05 10.08 -21.35
CA LEU D 132 -27.06 9.99 -22.40
C LEU D 132 -27.14 11.28 -23.20
N ALA D 133 -27.12 12.43 -22.51
CA ALA D 133 -27.25 13.70 -23.20
C ALA D 133 -26.08 13.93 -24.13
N ARG D 134 -24.88 13.48 -23.75
CA ARG D 134 -23.69 13.74 -24.55
C ARG D 134 -23.78 13.08 -25.92
N ASP D 135 -24.21 11.83 -25.98
CA ASP D 135 -24.21 11.05 -27.22
C ASP D 135 -25.63 10.88 -27.74
N PRO D 136 -26.00 11.55 -28.83
CA PRO D 136 -27.39 11.44 -29.32
C PRO D 136 -27.76 10.06 -29.85
N ARG D 137 -26.84 9.44 -30.60
CA ARG D 137 -27.12 8.13 -31.19
C ARG D 137 -27.41 7.08 -30.11
N PHE D 138 -26.63 7.09 -29.04
CA PHE D 138 -26.88 6.20 -27.91
C PHE D 138 -28.25 6.46 -27.30
N LYS D 139 -28.61 7.73 -27.14
CA LYS D 139 -29.90 8.09 -26.54
C LYS D 139 -31.05 7.55 -27.36
N HIS D 140 -30.98 7.70 -28.69
CA HIS D 140 -32.08 7.21 -29.52
C HIS D 140 -32.12 5.69 -29.53
N ARG D 141 -30.95 5.04 -29.58
CA ARG D 141 -30.91 3.59 -29.61
C ARG D 141 -31.56 2.99 -28.36
N VAL D 142 -31.39 3.64 -27.21
CA VAL D 142 -32.00 3.10 -25.99
C VAL D 142 -33.43 3.61 -25.81
N TYR D 143 -33.73 4.79 -26.37
CA TYR D 143 -35.07 5.34 -26.18
C TYR D 143 -36.11 4.60 -27.02
N GLN D 144 -35.69 3.92 -28.09
CA GLN D 144 -36.64 3.05 -28.77
C GLN D 144 -37.23 2.02 -27.81
N GLN D 145 -36.35 1.34 -27.07
CA GLN D 145 -36.77 0.30 -26.15
C GLN D 145 -37.48 0.87 -24.93
N LEU D 146 -37.04 2.05 -24.48
CA LEU D 146 -37.76 2.72 -23.39
C LEU D 146 -39.16 3.13 -23.82
N SER D 147 -39.35 3.52 -25.08
CA SER D 147 -40.69 3.85 -25.57
C SER D 147 -41.58 2.62 -25.57
N ALA D 148 -41.03 1.47 -25.97
CA ALA D 148 -41.82 0.24 -25.89
C ALA D 148 -42.22 -0.08 -24.45
N VAL D 149 -41.28 0.09 -23.51
CA VAL D 149 -41.58 -0.17 -22.10
C VAL D 149 -42.66 0.77 -21.59
N THR D 150 -42.59 2.05 -21.95
CA THR D 150 -43.62 3.00 -21.53
C THR D 150 -44.97 2.62 -22.11
N LEU D 151 -44.99 2.17 -23.37
CA LEU D 151 -46.26 1.77 -23.98
C LEU D 151 -46.88 0.60 -23.25
N LEU D 152 -46.08 -0.36 -22.78
CA LEU D 152 -46.66 -1.41 -21.96
C LEU D 152 -47.14 -0.87 -20.61
N ASN D 153 -46.38 0.03 -20.00
CA ASN D 153 -46.59 0.38 -18.59
C ASN D 153 -47.49 1.59 -18.40
N LEU D 154 -48.08 2.12 -19.47
CA LEU D 154 -48.85 3.35 -19.35
C LEU D 154 -50.17 3.11 -18.61
N THR D 155 -50.86 2.01 -18.90
CA THR D 155 -52.14 1.71 -18.28
C THR D 155 -52.10 0.29 -17.72
N GLY D 156 -53.26 -0.17 -17.24
CA GLY D 156 -53.34 -1.49 -16.64
C GLY D 156 -53.64 -2.62 -17.60
N PHE D 157 -53.94 -2.31 -18.85
CA PHE D 157 -54.32 -3.30 -19.85
C PHE D 157 -53.10 -3.70 -20.67
N GLY D 158 -53.33 -4.29 -21.85
CA GLY D 158 -52.25 -4.73 -22.70
C GLY D 158 -51.59 -3.60 -23.46
N PRO D 159 -50.75 -3.97 -24.42
CA PRO D 159 -49.93 -2.96 -25.12
C PRO D 159 -50.77 -2.07 -26.02
N ILE D 160 -50.23 -0.90 -26.34
CA ILE D 160 -50.93 0.11 -27.13
C ILE D 160 -50.33 0.19 -28.52
N SER D 161 -51.20 0.20 -29.54
CA SER D 161 -50.79 0.27 -30.95
C SER D 161 -51.41 1.50 -31.59
N TYR D 162 -50.80 1.95 -32.68
CA TYR D 162 -51.19 3.18 -33.35
C TYR D 162 -51.48 2.90 -34.82
N VAL D 163 -52.61 3.40 -35.31
CA VAL D 163 -53.07 3.11 -36.67
C VAL D 163 -53.31 4.43 -37.37
N ARG D 164 -52.79 4.55 -38.60
CA ARG D 164 -52.87 5.79 -39.37
C ARG D 164 -53.19 5.50 -40.84
N VAL D 165 -54.10 6.29 -41.40
CA VAL D 165 -54.48 6.22 -42.82
C VAL D 165 -54.23 7.58 -43.45
N ASP D 166 -53.48 7.59 -44.56
CA ASP D 166 -53.17 8.82 -45.28
C ASP D 166 -52.75 8.44 -46.69
N GLU D 167 -53.23 9.18 -47.68
CA GLU D 167 -52.91 8.86 -49.08
C GLU D 167 -51.53 9.37 -49.48
N ASP D 168 -51.09 10.51 -48.94
CA ASP D 168 -49.82 11.09 -49.36
C ASP D 168 -48.62 10.34 -48.80
N MET D 169 -48.86 9.36 -47.93
CA MET D 169 -47.74 8.53 -47.49
C MET D 169 -47.13 7.76 -48.65
N TRP D 170 -47.96 7.24 -49.55
CA TRP D 170 -47.47 6.41 -50.64
C TRP D 170 -46.60 7.22 -51.59
N SER D 171 -45.54 6.58 -52.10
CA SER D 171 -44.67 7.20 -53.09
C SER D 171 -44.02 6.09 -53.90
N GLY D 172 -43.11 6.48 -54.80
CA GLY D 172 -42.48 5.49 -55.65
C GLY D 172 -41.62 4.52 -54.88
N ASP D 173 -40.77 5.03 -53.99
CA ASP D 173 -39.88 4.17 -53.23
C ASP D 173 -40.65 3.27 -52.27
N VAL D 174 -41.74 3.77 -51.70
CA VAL D 174 -42.57 2.95 -50.84
C VAL D 174 -43.19 1.79 -51.61
N ASN D 175 -43.67 2.05 -52.83
CA ASN D 175 -44.19 0.98 -53.67
C ASN D 175 -43.10 -0.04 -53.97
N GLN D 176 -41.92 0.44 -54.33
CA GLN D 176 -40.82 -0.47 -54.67
C GLN D 176 -40.45 -1.37 -53.50
N LEU D 177 -40.39 -0.81 -52.28
CA LEU D 177 -40.04 -1.64 -51.14
C LEU D 177 -41.18 -2.56 -50.74
N LEU D 178 -42.42 -2.10 -50.85
CA LEU D 178 -43.56 -2.93 -50.44
C LEU D 178 -43.74 -4.14 -51.33
N MET D 179 -43.36 -4.04 -52.61
CA MET D 179 -43.56 -5.21 -53.47
C MET D 179 -42.70 -6.40 -53.03
N ASN D 180 -41.61 -6.14 -52.31
CA ASN D 180 -40.70 -7.21 -51.92
C ASN D 180 -41.27 -8.06 -50.79
N TYR D 181 -42.25 -7.55 -50.07
CA TYR D 181 -42.74 -8.25 -48.89
C TYR D 181 -43.93 -9.12 -49.19
N PHE D 182 -44.30 -9.25 -50.47
CA PHE D 182 -45.39 -10.13 -50.87
C PHE D 182 -45.08 -11.57 -50.50
N GLY D 183 -46.04 -12.24 -49.89
CA GLY D 183 -45.87 -13.62 -49.49
C GLY D 183 -45.24 -13.86 -48.14
N HIS D 184 -44.93 -12.81 -47.39
CA HIS D 184 -44.32 -12.93 -46.08
C HIS D 184 -45.35 -12.76 -44.98
N THR D 185 -45.09 -13.39 -43.85
CA THR D 185 -45.94 -13.25 -42.68
C THR D 185 -45.67 -11.93 -41.98
N PHE D 186 -46.60 -11.54 -41.10
CA PHE D 186 -46.45 -10.29 -40.36
C PHE D 186 -45.25 -10.33 -39.44
N ALA D 187 -44.99 -11.48 -38.82
CA ALA D 187 -43.87 -11.59 -37.89
C ALA D 187 -42.54 -11.40 -38.59
N GLU D 188 -42.37 -11.95 -39.79
CA GLU D 188 -41.11 -11.81 -40.51
C GLU D 188 -40.84 -10.35 -40.85
N ILE D 189 -41.86 -9.63 -41.32
CA ILE D 189 -41.71 -8.22 -41.63
C ILE D 189 -41.36 -7.44 -40.37
N ALA D 190 -42.03 -7.78 -39.25
CA ALA D 190 -41.72 -7.10 -37.99
C ALA D 190 -40.28 -7.32 -37.58
N TYR D 191 -39.78 -8.55 -37.72
CA TYR D 191 -38.39 -8.84 -37.38
C TYR D 191 -37.44 -7.98 -38.20
N THR D 192 -37.62 -7.96 -39.52
CA THR D 192 -36.68 -7.23 -40.36
C THR D 192 -36.75 -5.74 -40.10
N LEU D 193 -37.95 -5.19 -39.90
CA LEU D 193 -38.06 -3.77 -39.61
C LEU D 193 -37.40 -3.42 -38.27
N CYS D 194 -37.55 -4.29 -37.27
CA CYS D 194 -36.90 -4.03 -35.98
C CYS D 194 -35.39 -4.04 -36.11
N GLN D 195 -34.82 -4.99 -36.87
CA GLN D 195 -33.37 -5.00 -37.04
C GLN D 195 -32.88 -3.76 -37.78
N ALA D 196 -33.58 -3.37 -38.86
CA ALA D 196 -33.19 -2.17 -39.59
C ALA D 196 -33.27 -0.94 -38.69
N SER D 197 -34.29 -0.84 -37.85
CA SER D 197 -34.38 0.26 -36.90
C SER D 197 -33.22 0.23 -35.92
N ALA D 198 -32.82 -0.96 -35.47
CA ALA D 198 -31.70 -1.05 -34.54
C ALA D 198 -30.42 -0.51 -35.15
N ASN D 199 -30.16 -0.83 -36.42
CA ASN D 199 -28.89 -0.40 -37.02
C ASN D 199 -28.83 1.11 -37.20
N ARG D 200 -29.87 1.72 -37.77
CA ARG D 200 -29.82 3.14 -38.07
C ARG D 200 -31.16 3.82 -37.78
N PRO D 201 -31.16 4.88 -36.96
CA PRO D 201 -32.43 5.55 -36.65
C PRO D 201 -33.03 6.21 -37.88
N TRP D 202 -34.36 6.27 -37.90
CA TRP D 202 -35.07 6.69 -39.11
C TRP D 202 -35.32 8.19 -39.13
N GLU D 203 -35.30 8.74 -40.35
CA GLU D 203 -35.69 10.12 -40.59
C GLU D 203 -37.12 10.35 -40.16
N TYR D 204 -37.52 11.62 -40.13
CA TYR D 204 -38.90 11.95 -39.77
C TYR D 204 -39.87 11.37 -40.78
N ASP D 205 -39.65 11.66 -42.07
CA ASP D 205 -40.50 11.16 -43.15
C ASP D 205 -39.73 10.25 -44.10
N GLY D 206 -38.95 9.31 -43.57
CA GLY D 206 -38.19 8.43 -44.41
C GLY D 206 -39.05 7.36 -45.05
N THR D 207 -38.41 6.55 -45.89
CA THR D 207 -39.10 5.42 -46.50
C THR D 207 -39.54 4.40 -45.47
N TYR D 208 -38.67 4.09 -44.50
CA TYR D 208 -38.99 3.04 -43.55
C TYR D 208 -40.11 3.45 -42.60
N ALA D 209 -40.16 4.72 -42.20
CA ALA D 209 -41.22 5.18 -41.31
C ALA D 209 -42.59 5.05 -41.98
N ARG D 210 -42.71 5.55 -43.20
CA ARG D 210 -43.97 5.44 -43.92
C ARG D 210 -44.31 3.98 -44.22
N MET D 211 -43.29 3.18 -44.53
CA MET D 211 -43.49 1.76 -44.75
C MET D 211 -44.12 1.08 -43.54
N THR D 212 -43.55 1.30 -42.36
CA THR D 212 -44.06 0.62 -41.17
C THR D 212 -45.43 1.14 -40.75
N GLN D 213 -45.71 2.42 -40.98
CA GLN D 213 -47.05 2.92 -40.73
C GLN D 213 -48.08 2.27 -41.66
N ILE D 214 -47.73 2.11 -42.93
CA ILE D 214 -48.63 1.48 -43.89
C ILE D 214 -48.86 0.02 -43.50
N VAL D 215 -47.80 -0.67 -43.07
CA VAL D 215 -47.93 -2.07 -42.67
C VAL D 215 -48.87 -2.21 -41.49
N LEU D 216 -48.74 -1.34 -40.49
CA LEU D 216 -49.65 -1.39 -39.35
C LEU D 216 -51.09 -1.13 -39.76
N SER D 217 -51.31 -0.15 -40.64
CA SER D 217 -52.67 0.12 -41.07
C SER D 217 -53.27 -1.06 -41.81
N LEU D 218 -52.49 -1.70 -42.69
CA LEU D 218 -52.97 -2.87 -43.41
C LEU D 218 -53.34 -3.99 -42.46
N PHE D 219 -52.49 -4.26 -41.47
CA PHE D 219 -52.79 -5.36 -40.55
C PHE D 219 -54.06 -5.11 -39.77
N TRP D 220 -54.24 -3.88 -39.26
CA TRP D 220 -55.41 -3.65 -38.42
C TRP D 220 -56.69 -3.61 -39.24
N LEU D 221 -56.65 -3.03 -40.44
CA LEU D 221 -57.82 -3.04 -41.30
C LEU D 221 -58.20 -4.45 -41.73
N SER D 222 -57.22 -5.33 -41.97
CA SER D 222 -57.56 -6.72 -42.26
C SER D 222 -58.09 -7.44 -41.03
N TYR D 223 -57.53 -7.11 -39.86
CA TYR D 223 -57.93 -7.76 -38.62
C TYR D 223 -59.40 -7.49 -38.30
N VAL D 224 -59.85 -6.26 -38.52
CA VAL D 224 -61.26 -5.93 -38.25
C VAL D 224 -62.20 -6.60 -39.26
N GLY D 225 -61.80 -6.70 -40.52
CA GLY D 225 -62.64 -7.30 -41.54
C GLY D 225 -63.09 -6.36 -42.65
N VAL D 226 -62.59 -5.12 -42.66
CA VAL D 226 -62.96 -4.18 -43.70
C VAL D 226 -62.36 -4.60 -45.03
N ILE D 227 -61.12 -5.07 -45.01
CA ILE D 227 -60.35 -5.36 -46.22
C ILE D 227 -60.08 -6.84 -46.32
N HIS D 228 -60.33 -7.40 -47.49
CA HIS D 228 -60.09 -8.82 -47.74
C HIS D 228 -59.67 -8.99 -49.19
N GLN D 229 -59.74 -10.23 -49.68
CA GLN D 229 -59.34 -10.54 -51.04
C GLN D 229 -60.22 -9.81 -52.06
N GLN D 230 -61.52 -9.76 -51.81
CA GLN D 230 -62.47 -9.18 -52.74
C GLN D 230 -62.65 -7.67 -52.56
N ASN D 231 -61.97 -7.08 -51.59
CA ASN D 231 -62.06 -5.64 -51.36
C ASN D 231 -60.69 -5.21 -50.81
N THR D 232 -59.84 -4.73 -51.69
CA THR D 232 -58.44 -4.51 -51.37
C THR D 232 -58.15 -3.03 -51.17
N TYR D 233 -56.98 -2.76 -50.60
CA TYR D 233 -56.48 -1.40 -50.42
C TYR D 233 -55.26 -1.25 -51.32
N ARG D 234 -55.49 -0.78 -52.55
CA ARG D 234 -54.46 -0.76 -53.59
C ARG D 234 -53.85 -2.14 -53.77
N THR D 235 -54.73 -3.15 -53.83
CA THR D 235 -54.42 -4.55 -54.12
C THR D 235 -53.74 -5.30 -52.98
N PHE D 236 -53.45 -4.65 -51.85
CA PHE D 236 -52.71 -5.28 -50.77
C PHE D 236 -53.62 -5.61 -49.60
N TYR D 237 -53.41 -6.79 -49.00
CA TYR D 237 -54.21 -7.18 -47.85
C TYR D 237 -53.48 -8.27 -47.06
N PHE D 238 -54.06 -8.64 -45.92
CA PHE D 238 -53.52 -9.69 -45.05
C PHE D 238 -54.53 -10.83 -44.94
N GLN D 239 -54.04 -12.06 -44.99
CA GLN D 239 -54.88 -13.25 -45.09
C GLN D 239 -54.56 -14.23 -43.97
N CYS D 240 -55.60 -14.71 -43.29
CA CYS D 240 -55.50 -15.75 -42.28
C CYS D 240 -56.45 -16.88 -42.64
N ASN D 241 -55.92 -18.11 -42.72
CA ASN D 241 -56.74 -19.26 -43.05
C ASN D 241 -57.43 -19.85 -41.83
N ARG D 242 -56.89 -19.61 -40.65
CA ARG D 242 -57.31 -20.32 -39.45
C ARG D 242 -57.71 -19.34 -38.36
N ARG D 243 -58.60 -18.42 -38.69
CA ARG D 243 -59.03 -17.39 -37.76
C ARG D 243 -59.60 -18.01 -36.49
N GLY D 244 -59.15 -17.49 -35.34
CA GLY D 244 -59.59 -17.98 -34.06
C GLY D 244 -58.62 -18.91 -33.35
N ASP D 245 -57.57 -19.37 -34.02
CA ASP D 245 -56.72 -20.37 -33.41
C ASP D 245 -55.76 -19.73 -32.40
N ALA D 246 -55.05 -20.60 -31.67
CA ALA D 246 -54.17 -20.14 -30.61
C ALA D 246 -52.96 -19.41 -31.15
N ALA D 247 -52.47 -19.76 -32.34
CA ALA D 247 -51.33 -19.05 -32.91
C ALA D 247 -51.66 -18.78 -34.39
N GLU D 248 -52.28 -17.63 -34.62
CA GLU D 248 -52.70 -17.26 -35.97
C GLU D 248 -51.51 -16.77 -36.79
N VAL D 249 -51.59 -17.00 -38.10
CA VAL D 249 -50.58 -16.54 -39.04
C VAL D 249 -51.27 -15.66 -40.08
N TRP D 250 -50.74 -14.48 -40.31
CA TRP D 250 -51.27 -13.54 -41.29
C TRP D 250 -50.25 -13.34 -42.40
N ILE D 251 -50.69 -13.45 -43.65
CA ILE D 251 -49.80 -13.42 -44.80
C ILE D 251 -50.17 -12.25 -45.69
N LEU D 252 -49.17 -11.47 -46.10
CA LEU D 252 -49.40 -10.34 -46.99
C LEU D 252 -49.59 -10.83 -48.41
N SER D 253 -50.67 -10.39 -49.04
CA SER D 253 -51.05 -10.87 -50.36
C SER D 253 -51.47 -9.70 -51.24
N CYS D 254 -51.39 -9.95 -52.55
CA CYS D 254 -51.79 -9.01 -53.59
C CYS D 254 -52.90 -9.63 -54.43
N SER D 255 -53.88 -8.81 -54.79
CA SER D 255 -55.05 -9.29 -55.54
C SER D 255 -55.60 -8.17 -56.40
N LEU D 256 -56.12 -8.52 -57.57
CA LEU D 256 -56.60 -7.55 -58.54
C LEU D 256 -58.11 -7.54 -58.69
N ASN D 257 -58.85 -8.14 -57.75
CA ASN D 257 -60.29 -8.25 -57.87
C ASN D 257 -60.98 -6.90 -57.73
N HIS D 258 -60.56 -6.09 -56.77
CA HIS D 258 -61.22 -4.82 -56.52
C HIS D 258 -60.24 -3.91 -55.79
N SER D 259 -60.60 -2.63 -55.74
CA SER D 259 -59.87 -1.65 -54.94
C SER D 259 -60.88 -0.76 -54.23
N ALA D 260 -60.83 -0.72 -52.91
CA ALA D 260 -61.78 0.06 -52.14
C ALA D 260 -61.55 1.55 -52.34
N GLN D 261 -62.65 2.30 -52.45
CA GLN D 261 -62.56 3.75 -52.56
C GLN D 261 -62.14 4.33 -51.23
N ILE D 262 -61.17 5.26 -51.25
CA ILE D 262 -60.58 5.81 -50.04
C ILE D 262 -60.81 7.32 -50.03
N ARG D 263 -61.35 7.83 -48.93
CA ARG D 263 -61.52 9.27 -48.79
C ARG D 263 -60.16 9.94 -48.58
N PRO D 264 -59.97 11.14 -49.12
CA PRO D 264 -58.69 11.84 -48.92
C PRO D 264 -58.54 12.31 -47.48
N GLY D 265 -57.30 12.60 -47.10
CA GLY D 265 -57.04 13.17 -45.79
C GLY D 265 -56.27 12.24 -44.88
N ASN D 266 -56.00 12.75 -43.68
CA ASN D 266 -55.14 12.10 -42.70
C ASN D 266 -55.97 11.74 -41.46
N ARG D 267 -55.89 10.48 -41.04
CA ARG D 267 -56.64 9.99 -39.90
C ARG D 267 -55.80 9.03 -39.09
N SER D 268 -56.12 8.87 -37.80
CA SER D 268 -55.34 8.02 -36.92
C SER D 268 -56.09 7.74 -35.63
N LEU D 269 -55.64 6.70 -34.92
CA LEU D 269 -56.18 6.37 -33.61
C LEU D 269 -55.24 5.44 -32.84
N PHE D 270 -55.49 5.31 -31.54
CA PHE D 270 -54.77 4.40 -30.65
C PHE D 270 -55.71 3.27 -30.22
N VAL D 271 -55.25 2.04 -30.37
CA VAL D 271 -56.05 0.86 -30.05
C VAL D 271 -55.27 -0.06 -29.12
N MET D 272 -55.98 -0.88 -28.35
CA MET D 272 -55.34 -1.76 -27.38
C MET D 272 -56.30 -2.87 -26.97
N PRO D 273 -55.78 -4.04 -26.60
CA PRO D 273 -56.64 -5.10 -26.07
C PRO D 273 -56.73 -5.04 -24.55
N THR D 274 -57.87 -5.42 -23.99
CA THR D 274 -58.05 -5.36 -22.55
C THR D 274 -58.09 -6.73 -21.89
N SER D 275 -58.52 -7.75 -22.61
CA SER D 275 -58.57 -9.09 -22.03
C SER D 275 -57.16 -9.67 -21.91
N PRO D 276 -56.93 -10.56 -20.93
CA PRO D 276 -55.58 -11.12 -20.74
C PRO D 276 -55.11 -12.00 -21.89
N ASP D 277 -55.97 -12.24 -22.87
CA ASP D 277 -55.63 -13.09 -24.01
C ASP D 277 -54.40 -12.57 -24.75
N TRP D 278 -54.13 -11.27 -24.66
CA TRP D 278 -52.98 -10.69 -25.33
C TRP D 278 -51.67 -11.33 -24.87
N ASN D 279 -51.68 -11.97 -23.70
CA ASN D 279 -50.46 -12.61 -23.22
C ASN D 279 -50.01 -13.71 -24.17
N MET D 280 -50.93 -14.29 -24.92
CA MET D 280 -50.55 -15.39 -25.82
C MET D 280 -50.65 -15.01 -27.30
N ASP D 281 -50.93 -13.76 -27.63
CA ASP D 281 -51.06 -13.31 -29.01
C ASP D 281 -49.83 -12.49 -29.39
N VAL D 282 -49.04 -12.99 -30.34
CA VAL D 282 -47.74 -12.41 -30.63
C VAL D 282 -47.86 -11.26 -31.62
N ASN D 283 -48.85 -11.28 -32.50
CA ASN D 283 -49.00 -10.22 -33.49
C ASN D 283 -49.27 -8.88 -32.83
N LEU D 284 -50.12 -8.86 -31.79
CA LEU D 284 -50.42 -7.60 -31.12
C LEU D 284 -49.21 -7.05 -30.39
N ILE D 285 -48.44 -7.93 -29.73
CA ILE D 285 -47.22 -7.51 -29.05
C ILE D 285 -46.24 -6.93 -30.06
N LEU D 286 -46.09 -7.59 -31.21
CA LEU D 286 -45.16 -7.08 -32.22
C LEU D 286 -45.65 -5.76 -32.81
N SER D 287 -46.95 -5.57 -32.94
CA SER D 287 -47.47 -4.29 -33.42
C SER D 287 -47.11 -3.17 -32.45
N SER D 288 -47.27 -3.42 -31.15
CA SER D 288 -46.86 -2.43 -30.16
C SER D 288 -45.36 -2.18 -30.21
N THR D 289 -44.56 -3.22 -30.40
CA THR D 289 -43.12 -3.06 -30.50
C THR D 289 -42.73 -2.20 -31.70
N LEU D 290 -43.41 -2.40 -32.84
CA LEU D 290 -43.14 -1.57 -34.01
C LEU D 290 -43.50 -0.12 -33.74
N THR D 291 -44.63 0.12 -33.08
CA THR D 291 -44.94 1.50 -32.71
C THR D 291 -43.88 2.09 -31.80
N GLY D 292 -43.37 1.31 -30.85
CA GLY D 292 -42.33 1.81 -29.98
C GLY D 292 -41.06 2.18 -30.74
N CYS D 293 -40.64 1.30 -31.66
CA CYS D 293 -39.43 1.58 -32.44
C CYS D 293 -39.62 2.77 -33.36
N LEU D 294 -40.86 3.01 -33.78
CA LEU D 294 -41.14 4.22 -34.57
C LEU D 294 -41.06 5.47 -33.71
N CYS D 295 -41.52 5.39 -32.46
CA CYS D 295 -41.70 6.59 -31.65
C CYS D 295 -40.42 7.38 -31.44
N SER D 296 -39.26 6.74 -31.59
CA SER D 296 -38.01 7.47 -31.39
C SER D 296 -37.83 8.57 -32.42
N GLY D 297 -38.14 8.30 -33.68
CA GLY D 297 -37.82 9.25 -34.74
C GLY D 297 -38.94 10.26 -35.00
N SER D 298 -40.16 9.95 -34.55
CA SER D 298 -41.32 10.78 -34.84
C SER D 298 -41.99 11.22 -33.55
N GLN D 299 -43.01 12.06 -33.69
CA GLN D 299 -43.82 12.51 -32.58
C GLN D 299 -45.28 12.15 -32.82
N LEU D 300 -45.87 11.43 -31.87
CA LEU D 300 -47.25 10.98 -31.98
C LEU D 300 -48.18 11.94 -31.27
N PRO D 301 -49.47 11.93 -31.62
CA PRO D 301 -50.43 12.79 -30.91
C PRO D 301 -50.59 12.38 -29.45
N LEU D 302 -50.93 13.36 -28.62
CA LEU D 302 -51.02 13.11 -27.19
C LEU D 302 -52.26 12.28 -26.86
N ILE D 303 -52.15 11.50 -25.79
CA ILE D 303 -53.26 10.69 -25.32
C ILE D 303 -53.97 11.45 -24.20
N ASP D 304 -55.29 11.34 -24.15
CA ASP D 304 -56.07 12.09 -23.17
C ASP D 304 -55.82 11.58 -21.76
N ASN D 305 -55.87 12.49 -20.78
CA ASN D 305 -55.65 12.12 -19.39
C ASN D 305 -56.82 11.32 -18.82
N ASN D 306 -57.97 11.36 -19.47
CA ASN D 306 -59.14 10.67 -18.96
C ASN D 306 -59.15 9.18 -19.30
N SER D 307 -58.31 8.74 -20.24
CA SER D 307 -58.23 7.33 -20.57
C SER D 307 -57.12 6.60 -19.84
N VAL D 308 -56.38 7.29 -18.97
CA VAL D 308 -55.23 6.68 -18.31
C VAL D 308 -55.40 6.82 -16.80
N PRO D 309 -54.79 5.94 -16.01
CA PRO D 309 -54.90 6.07 -14.54
C PRO D 309 -54.23 7.34 -14.04
N ALA D 310 -54.52 7.66 -12.78
CA ALA D 310 -54.17 8.97 -12.23
C ALA D 310 -52.68 9.22 -12.26
N VAL D 311 -51.89 8.22 -11.87
CA VAL D 311 -50.43 8.40 -11.76
C VAL D 311 -49.79 8.61 -13.12
N SER D 312 -50.44 8.19 -14.19
CA SER D 312 -49.88 8.27 -15.54
C SER D 312 -50.37 9.48 -16.31
N ARG D 313 -50.72 10.57 -15.62
CA ARG D 313 -51.29 11.73 -16.28
C ARG D 313 -50.28 12.88 -16.37
N ASN D 314 -50.48 13.71 -17.38
CA ASN D 314 -49.69 14.93 -17.58
C ASN D 314 -48.20 14.62 -17.76
N ILE D 315 -47.88 13.48 -18.36
CA ILE D 315 -46.52 13.23 -18.79
C ILE D 315 -46.24 14.14 -19.99
N HIS D 316 -45.05 14.73 -20.03
CA HIS D 316 -44.82 15.92 -20.85
C HIS D 316 -45.12 15.67 -22.32
N GLY D 317 -44.61 14.58 -22.88
CA GLY D 317 -44.81 14.28 -24.28
C GLY D 317 -45.71 13.10 -24.60
N TRP D 318 -46.42 12.56 -23.61
CA TRP D 318 -47.21 11.34 -23.81
C TRP D 318 -48.70 11.58 -23.60
N THR D 319 -49.09 12.25 -22.52
CA THR D 319 -50.48 12.46 -22.18
C THR D 319 -50.74 13.94 -21.98
N GLY D 320 -51.95 14.38 -22.33
CA GLY D 320 -52.25 15.80 -22.37
C GLY D 320 -53.69 16.08 -22.02
N ARG D 321 -54.06 17.37 -22.15
CA ARG D 321 -55.35 17.84 -21.63
C ARG D 321 -56.53 17.28 -22.42
N ALA D 322 -56.48 17.36 -23.75
CA ALA D 322 -57.61 16.95 -24.57
C ALA D 322 -57.19 16.09 -25.75
N GLY D 323 -56.22 15.20 -25.56
CA GLY D 323 -55.71 14.40 -26.64
C GLY D 323 -56.68 13.32 -27.09
N ASN D 324 -56.17 12.35 -27.85
CA ASN D 324 -56.99 11.29 -28.38
C ASN D 324 -57.31 10.28 -27.28
N GLN D 325 -58.45 9.60 -27.42
CA GLN D 325 -58.74 8.56 -26.45
C GLN D 325 -58.19 7.22 -26.91
N LEU D 326 -58.20 6.25 -25.99
CA LEU D 326 -57.77 4.89 -26.27
C LEU D 326 -58.97 4.03 -26.60
N HIS D 327 -58.86 3.24 -27.65
CA HIS D 327 -59.93 2.35 -28.07
C HIS D 327 -59.56 0.94 -27.64
N GLY D 328 -60.33 0.39 -26.70
CA GLY D 328 -60.03 -0.90 -26.10
C GLY D 328 -60.98 -1.98 -26.56
N PHE D 329 -60.44 -3.15 -26.88
CA PHE D 329 -61.24 -4.28 -27.33
C PHE D 329 -60.77 -5.54 -26.62
N GLN D 330 -61.58 -6.59 -26.66
CA GLN D 330 -61.17 -7.89 -26.18
C GLN D 330 -61.39 -8.94 -27.27
N VAL D 331 -60.54 -9.97 -27.28
CA VAL D 331 -60.26 -10.73 -28.49
C VAL D 331 -61.49 -11.50 -28.99
N ARG D 332 -62.20 -12.18 -28.09
CA ARG D 332 -63.23 -13.11 -28.52
C ARG D 332 -64.35 -12.43 -29.30
N ARG D 333 -64.79 -11.25 -28.85
CA ARG D 333 -65.87 -10.55 -29.55
C ARG D 333 -65.43 -10.03 -30.91
N MET D 334 -64.14 -9.71 -31.07
CA MET D 334 -63.67 -9.19 -32.34
C MET D 334 -63.75 -10.23 -33.44
N VAL D 335 -63.69 -11.52 -33.08
CA VAL D 335 -63.87 -12.58 -34.08
C VAL D 335 -65.29 -12.56 -34.62
N THR D 336 -66.28 -12.36 -33.75
CA THR D 336 -67.65 -12.19 -34.22
C THR D 336 -67.78 -10.96 -35.10
N GLU D 337 -67.10 -9.87 -34.75
CA GLU D 337 -67.13 -8.67 -35.59
C GLU D 337 -66.57 -8.97 -36.98
N PHE D 338 -65.44 -9.67 -37.04
CA PHE D 338 -64.82 -10.05 -38.30
C PHE D 338 -65.76 -10.89 -39.16
N CYS D 339 -66.33 -11.95 -38.56
CA CYS D 339 -67.23 -12.83 -39.30
C CYS D 339 -68.47 -12.09 -39.77
N ASP D 340 -69.03 -11.22 -38.93
CA ASP D 340 -70.22 -10.47 -39.33
C ASP D 340 -69.93 -9.55 -40.49
N ARG D 341 -68.81 -8.83 -40.45
CA ARG D 341 -68.50 -7.92 -41.55
C ARG D 341 -68.31 -8.70 -42.85
N LEU D 342 -67.61 -9.83 -42.78
CA LEU D 342 -67.44 -10.64 -43.99
C LEU D 342 -68.77 -11.16 -44.51
N ARG D 343 -69.62 -11.68 -43.63
CA ARG D 343 -70.90 -12.23 -44.06
C ARG D 343 -71.80 -11.15 -44.67
N ARG D 344 -71.80 -9.96 -44.09
CA ARG D 344 -72.56 -8.87 -44.68
C ARG D 344 -72.01 -8.48 -46.05
N ASP D 345 -70.68 -8.48 -46.20
CA ASP D 345 -70.11 -8.17 -47.51
C ASP D 345 -70.48 -9.22 -48.55
N GLY D 346 -70.82 -10.44 -48.10
CA GLY D 346 -71.28 -11.48 -48.99
C GLY D 346 -70.27 -12.55 -49.34
N VAL D 347 -69.08 -12.54 -48.74
CA VAL D 347 -68.03 -13.49 -49.11
C VAL D 347 -67.93 -14.68 -48.19
N MET D 348 -68.88 -14.86 -47.28
CA MET D 348 -68.78 -15.90 -46.26
C MET D 348 -70.17 -16.40 -45.88
N THR D 349 -70.29 -17.69 -45.61
CA THR D 349 -71.57 -18.31 -45.29
C THR D 349 -71.77 -18.43 -43.78
N GLN D 350 -72.94 -18.96 -43.41
CA GLN D 350 -73.26 -19.13 -42.00
C GLN D 350 -72.55 -20.32 -41.37
N ALA D 351 -72.40 -21.42 -42.12
CA ALA D 351 -71.73 -22.60 -41.57
C ALA D 351 -70.26 -22.32 -41.28
N GLN D 352 -69.60 -21.60 -42.17
CA GLN D 352 -68.22 -21.22 -41.93
C GLN D 352 -68.10 -20.37 -40.67
N GLN D 353 -69.04 -19.44 -40.48
CA GLN D 353 -69.04 -18.64 -39.27
C GLN D 353 -69.21 -19.53 -38.05
N ASN D 354 -70.10 -20.51 -38.13
CA ASN D 354 -70.30 -21.41 -37.00
C ASN D 354 -69.00 -22.11 -36.62
N GLN D 355 -68.28 -22.64 -37.62
CA GLN D 355 -67.04 -23.34 -37.33
C GLN D 355 -66.00 -22.41 -36.72
N VAL D 356 -65.88 -21.19 -37.25
CA VAL D 356 -64.90 -20.25 -36.71
C VAL D 356 -65.22 -19.93 -35.25
N GLU D 357 -66.49 -19.68 -34.94
CA GLU D 357 -66.84 -19.33 -33.57
C GLU D 357 -66.57 -20.49 -32.62
N ALA D 358 -66.87 -21.73 -33.05
CA ALA D 358 -66.60 -22.88 -32.18
C ALA D 358 -65.11 -23.00 -31.88
N LEU D 359 -64.26 -22.86 -32.90
CA LEU D 359 -62.83 -22.96 -32.68
C LEU D 359 -62.34 -21.86 -31.73
N ALA D 360 -62.84 -20.63 -31.92
CA ALA D 360 -62.43 -19.53 -31.05
C ALA D 360 -62.88 -19.75 -29.61
N ASP D 361 -64.06 -20.32 -29.41
CA ASP D 361 -64.51 -20.61 -28.04
C ASP D 361 -63.60 -21.62 -27.36
N GLN D 362 -63.21 -22.67 -28.08
CA GLN D 362 -62.27 -23.63 -27.50
C GLN D 362 -60.96 -22.95 -27.11
N THR D 363 -60.44 -22.11 -28.01
CA THR D 363 -59.17 -21.44 -27.72
C THR D 363 -59.26 -20.57 -26.48
N GLN D 364 -60.34 -19.80 -26.35
CA GLN D 364 -60.49 -18.92 -25.20
C GLN D 364 -60.61 -19.73 -23.91
N GLN D 365 -61.33 -20.85 -23.94
CA GLN D 365 -61.41 -21.70 -22.76
C GLN D 365 -60.04 -22.13 -22.30
N PHE D 366 -59.23 -22.66 -23.22
CA PHE D 366 -57.89 -23.11 -22.84
C PHE D 366 -57.07 -21.98 -22.24
N LYS D 367 -57.08 -20.81 -22.89
CA LYS D 367 -56.24 -19.71 -22.44
C LYS D 367 -56.65 -19.23 -21.05
N ARG D 368 -57.96 -19.10 -20.80
CA ARG D 368 -58.41 -18.63 -19.51
C ARG D 368 -58.00 -19.60 -18.40
N ASP D 369 -58.18 -20.90 -18.64
CA ASP D 369 -57.80 -21.86 -17.61
C ASP D 369 -56.32 -21.79 -17.29
N LYS D 370 -55.47 -21.70 -18.31
CA LYS D 370 -54.03 -21.66 -18.06
C LYS D 370 -53.64 -20.42 -17.27
N LEU D 371 -54.18 -19.26 -17.66
CA LEU D 371 -53.79 -18.04 -16.96
C LEU D 371 -54.23 -18.06 -15.50
N GLU D 372 -55.45 -18.54 -15.24
CA GLU D 372 -55.88 -18.60 -13.84
C GLU D 372 -55.02 -19.55 -13.01
N THR D 373 -54.65 -20.70 -13.57
CA THR D 373 -53.80 -21.63 -12.83
C THR D 373 -52.45 -21.00 -12.51
N TRP D 374 -51.85 -20.31 -13.47
CA TRP D 374 -50.57 -19.67 -13.21
C TRP D 374 -50.69 -18.58 -12.15
N ALA D 375 -51.79 -17.83 -12.16
CA ALA D 375 -52.01 -16.83 -11.12
C ALA D 375 -52.07 -17.48 -9.74
N ARG D 376 -52.77 -18.61 -9.62
CA ARG D 376 -52.84 -19.30 -8.34
C ARG D 376 -51.46 -19.74 -7.87
N GLU D 377 -50.64 -20.26 -8.79
CA GLU D 377 -49.29 -20.69 -8.40
C GLU D 377 -48.46 -19.51 -7.91
N ASP D 378 -48.56 -18.36 -8.57
CA ASP D 378 -47.81 -17.19 -8.13
C ASP D 378 -48.25 -16.73 -6.74
N ASP D 379 -49.56 -16.74 -6.47
CA ASP D 379 -50.03 -16.39 -5.14
C ASP D 379 -49.45 -17.31 -4.08
N GLN D 380 -49.46 -18.63 -4.35
CA GLN D 380 -48.91 -19.58 -3.39
C GLN D 380 -47.44 -19.32 -3.14
N TYR D 381 -46.67 -19.10 -4.21
CA TYR D 381 -45.25 -18.83 -4.04
C TYR D 381 -45.01 -17.55 -3.24
N ASN D 382 -45.77 -16.49 -3.52
CA ASN D 382 -45.60 -15.26 -2.78
C ASN D 382 -45.85 -15.46 -1.29
N GLN D 383 -46.81 -16.33 -0.96
CA GLN D 383 -47.05 -16.59 0.46
C GLN D 383 -45.91 -17.39 1.08
N ALA D 384 -45.36 -18.36 0.34
CA ALA D 384 -44.35 -19.23 0.94
C ALA D 384 -43.03 -18.51 1.17
N HIS D 385 -42.61 -17.63 0.26
CA HIS D 385 -41.29 -17.00 0.29
C HIS D 385 -41.44 -15.49 0.37
N PRO D 386 -41.56 -14.93 1.57
CA PRO D 386 -41.78 -13.48 1.68
C PRO D 386 -40.56 -12.65 1.29
N ASN D 387 -39.41 -13.28 1.12
CA ASN D 387 -38.21 -12.52 0.77
C ASN D 387 -38.02 -12.44 -0.74
N SER D 388 -38.83 -13.18 -1.51
CA SER D 388 -38.73 -13.11 -2.97
C SER D 388 -39.82 -12.21 -3.55
N THR D 389 -41.10 -12.57 -3.35
CA THR D 389 -42.24 -11.77 -3.79
C THR D 389 -42.16 -11.35 -5.25
N MET D 390 -42.40 -12.28 -6.17
CA MET D 390 -42.28 -12.01 -7.59
C MET D 390 -43.62 -12.21 -8.29
N PHE D 391 -43.68 -11.74 -9.54
CA PHE D 391 -44.80 -11.97 -10.44
C PHE D 391 -44.27 -12.46 -11.78
N ARG D 392 -44.87 -13.53 -12.31
CA ARG D 392 -44.45 -14.05 -13.60
C ARG D 392 -45.16 -13.35 -14.77
N THR D 393 -46.37 -12.86 -14.56
CA THR D 393 -47.13 -12.19 -15.60
C THR D 393 -47.79 -10.96 -14.99
N LYS D 394 -48.10 -9.99 -15.84
CA LYS D 394 -48.76 -8.78 -15.40
C LYS D 394 -50.10 -9.12 -14.73
N PRO D 395 -50.42 -8.49 -13.61
CA PRO D 395 -51.67 -8.85 -12.90
C PRO D 395 -52.90 -8.42 -13.67
N PHE D 396 -54.01 -9.13 -13.41
CA PHE D 396 -55.28 -8.82 -14.01
C PHE D 396 -56.39 -9.12 -13.01
N THR D 397 -57.60 -8.63 -13.32
CA THR D 397 -58.78 -8.87 -12.50
C THR D 397 -59.84 -9.54 -13.35
N ASN D 398 -60.83 -10.14 -12.67
CA ASN D 398 -61.88 -10.87 -13.36
C ASN D 398 -62.70 -9.97 -14.26
N ALA D 399 -62.92 -8.72 -13.87
CA ALA D 399 -63.77 -7.83 -14.66
C ALA D 399 -63.19 -7.56 -16.03
N GLN D 400 -61.89 -7.83 -16.22
CA GLN D 400 -61.27 -7.62 -17.53
C GLN D 400 -61.66 -8.69 -18.53
N TRP D 401 -62.34 -9.75 -18.07
CA TRP D 401 -62.73 -10.81 -19.00
C TRP D 401 -63.94 -10.42 -19.84
N GLY D 402 -64.80 -9.55 -19.33
CA GLY D 402 -65.97 -9.14 -20.10
C GLY D 402 -65.61 -8.23 -21.25
N ARG D 403 -66.54 -8.13 -22.20
CA ARG D 403 -66.35 -7.25 -23.34
C ARG D 403 -66.57 -5.80 -22.94
N GLY D 404 -65.93 -4.89 -23.65
CA GLY D 404 -66.16 -3.49 -23.40
C GLY D 404 -65.60 -2.60 -24.49
N ASN D 405 -66.47 -1.76 -25.06
CA ASN D 405 -66.10 -0.83 -26.12
C ASN D 405 -65.64 -1.56 -27.38
N THR D 406 -65.84 -2.87 -27.45
CA THR D 406 -65.40 -3.61 -28.63
C THR D 406 -66.12 -3.11 -29.88
N GLY D 407 -67.45 -2.97 -29.80
CA GLY D 407 -68.20 -2.47 -30.92
C GLY D 407 -67.77 -1.08 -31.34
N ALA D 408 -67.45 -0.22 -30.37
CA ALA D 408 -67.04 1.13 -30.69
C ALA D 408 -65.72 1.15 -31.44
N THR D 409 -64.71 0.41 -30.97
CA THR D 409 -63.43 0.39 -31.67
C THR D 409 -63.57 -0.23 -33.04
N SER D 410 -64.36 -1.29 -33.15
CA SER D 410 -64.59 -1.90 -34.46
C SER D 410 -65.19 -0.90 -35.43
N ALA D 411 -66.21 -0.16 -34.99
CA ALA D 411 -66.83 0.83 -35.84
C ALA D 411 -65.85 1.93 -36.22
N ALA D 412 -65.01 2.36 -35.27
CA ALA D 412 -64.06 3.42 -35.57
C ALA D 412 -63.02 2.98 -36.59
N ILE D 413 -62.50 1.76 -36.45
CA ILE D 413 -61.49 1.28 -37.41
C ILE D 413 -62.11 1.10 -38.78
N ALA D 414 -63.36 0.62 -38.84
CA ALA D 414 -64.04 0.58 -40.12
C ALA D 414 -64.29 1.98 -40.68
N ALA D 415 -64.44 2.98 -39.81
CA ALA D 415 -64.69 4.34 -40.28
C ALA D 415 -63.41 5.06 -40.67
N LEU D 416 -62.25 4.48 -40.35
CA LEU D 416 -61.00 5.05 -40.84
C LEU D 416 -60.95 5.09 -42.36
N ILE D 417 -61.39 4.03 -43.02
CA ILE D 417 -61.51 4.00 -44.46
C ILE D 417 -62.50 5.07 -44.93
N ALA E 1 -1.66 -63.63 54.26
CA ALA E 1 -2.30 -64.61 53.40
C ALA E 1 -3.79 -64.70 53.70
N ARG E 2 -4.60 -64.68 52.64
CA ARG E 2 -6.04 -64.80 52.79
C ARG E 2 -6.43 -66.23 53.16
N ALA E 3 -7.32 -66.37 54.13
CA ALA E 3 -7.81 -67.68 54.53
C ALA E 3 -9.33 -67.80 54.56
N ALA E 4 -10.06 -66.70 54.44
CA ALA E 4 -11.52 -66.71 54.30
C ALA E 4 -11.88 -66.34 52.87
N PHE E 5 -12.75 -67.13 52.25
CA PHE E 5 -13.13 -66.95 50.85
C PHE E 5 -14.66 -66.80 50.77
N LEU E 6 -15.15 -65.58 50.96
CA LEU E 6 -16.56 -65.29 50.86
C LEU E 6 -16.82 -64.34 49.70
N PHE E 7 -17.98 -64.50 49.07
CA PHE E 7 -18.37 -63.61 47.99
C PHE E 7 -19.86 -63.32 48.08
N LYS E 8 -20.26 -62.16 47.56
CA LYS E 8 -21.65 -61.71 47.62
C LYS E 8 -22.20 -61.47 46.23
N THR E 9 -23.45 -61.89 46.01
CA THR E 9 -24.09 -61.77 44.71
C THR E 9 -24.80 -60.42 44.56
N VAL E 10 -25.22 -60.13 43.34
CA VAL E 10 -25.85 -58.83 43.04
C VAL E 10 -27.28 -58.82 43.55
N GLY E 11 -27.81 -57.62 43.78
CA GLY E 11 -29.19 -57.45 44.15
C GLY E 11 -30.03 -56.93 43.00
N PHE E 12 -31.35 -56.99 43.15
CA PHE E 12 -32.25 -56.58 42.08
C PHE E 12 -32.30 -55.06 41.98
N GLY E 13 -32.55 -54.57 40.77
CA GLY E 13 -32.70 -53.15 40.57
C GLY E 13 -34.14 -52.69 40.56
N GLY E 14 -34.92 -53.13 41.56
CA GLY E 14 -36.34 -52.85 41.58
C GLY E 14 -37.18 -53.89 40.87
N LEU E 15 -36.56 -54.84 40.18
CA LEU E 15 -37.28 -55.87 39.45
C LEU E 15 -37.63 -57.03 40.39
N GLN E 16 -38.35 -58.01 39.84
CA GLN E 16 -38.77 -59.17 40.61
C GLN E 16 -37.79 -60.33 40.53
N ASN E 17 -36.74 -60.22 39.72
CA ASN E 17 -35.82 -61.32 39.49
C ASN E 17 -34.45 -60.77 39.15
N VAL E 18 -33.55 -61.67 38.79
CA VAL E 18 -32.20 -61.29 38.36
C VAL E 18 -32.33 -60.43 37.11
N PRO E 19 -31.55 -59.37 36.99
CA PRO E 19 -31.73 -58.42 35.88
C PRO E 19 -31.26 -58.91 34.51
N ILE E 20 -31.12 -60.22 34.32
CA ILE E 20 -30.65 -60.78 33.05
C ILE E 20 -31.71 -61.72 32.49
N ASN E 21 -31.67 -61.92 31.16
CA ASN E 21 -32.56 -62.86 30.51
C ASN E 21 -31.77 -63.76 29.56
N ASP E 22 -32.50 -64.59 28.81
CA ASP E 22 -31.86 -65.63 28.01
C ASP E 22 -31.01 -65.06 26.89
N GLU E 23 -31.53 -64.06 26.17
CA GLU E 23 -30.80 -63.50 25.05
C GLU E 23 -29.48 -62.89 25.48
N LEU E 24 -29.51 -62.09 26.55
CA LEU E 24 -28.29 -61.48 27.07
C LEU E 24 -27.32 -62.55 27.56
N SER E 25 -27.82 -63.56 28.28
CA SER E 25 -26.92 -64.55 28.84
C SER E 25 -26.22 -65.36 27.75
N SER E 26 -26.95 -65.71 26.69
CA SER E 26 -26.30 -66.46 25.61
C SER E 26 -25.40 -65.56 24.78
N HIS E 27 -25.67 -64.25 24.72
CA HIS E 27 -24.85 -63.36 23.91
C HIS E 27 -23.47 -63.13 24.55
N LEU E 28 -23.32 -63.44 25.84
CA LEU E 28 -22.07 -63.14 26.53
C LEU E 28 -20.96 -64.12 26.18
N LEU E 29 -21.31 -65.38 25.91
CA LEU E 29 -20.32 -66.45 25.77
C LEU E 29 -19.60 -66.35 24.43
N ARG E 30 -18.70 -65.38 24.32
CA ARG E 30 -18.02 -65.14 23.06
C ARG E 30 -16.72 -65.91 22.95
N ALA E 31 -15.99 -66.07 24.05
CA ALA E 31 -14.70 -66.74 24.02
C ALA E 31 -14.80 -68.23 24.36
N GLY E 32 -15.99 -68.73 24.60
CA GLY E 32 -16.19 -70.13 24.93
C GLY E 32 -17.31 -70.28 25.93
N ASN E 33 -17.49 -71.51 26.42
CA ASN E 33 -18.51 -71.79 27.40
C ASN E 33 -18.10 -71.39 28.82
N SER E 34 -16.83 -71.09 29.05
CA SER E 34 -16.44 -70.82 30.43
C SER E 34 -16.65 -69.36 30.77
N PRO E 35 -17.34 -69.05 31.86
CA PRO E 35 -17.42 -67.67 32.34
C PRO E 35 -16.20 -67.21 33.10
N TRP E 36 -15.11 -67.99 33.10
CA TRP E 36 -13.93 -67.67 33.88
C TRP E 36 -12.83 -67.01 33.09
N GLN E 37 -12.88 -67.06 31.76
CA GLN E 37 -11.83 -66.45 30.96
C GLN E 37 -11.94 -64.94 31.03
N LEU E 38 -10.78 -64.27 31.02
CA LEU E 38 -10.77 -62.81 31.22
C LEU E 38 -11.48 -62.09 30.09
N THR E 39 -11.35 -62.57 28.86
CA THR E 39 -11.94 -61.88 27.71
C THR E 39 -13.46 -61.77 27.85
N GLN E 40 -14.07 -62.64 28.66
CA GLN E 40 -15.49 -62.52 28.93
C GLN E 40 -15.82 -61.22 29.64
N PHE E 41 -14.86 -60.65 30.38
CA PHE E 41 -15.08 -59.43 31.16
C PHE E 41 -14.54 -58.17 30.48
N LEU E 42 -13.32 -58.22 29.94
CA LEU E 42 -12.63 -57.05 29.42
C LEU E 42 -12.53 -57.12 27.91
N ASP E 43 -12.38 -55.95 27.29
CA ASP E 43 -12.32 -55.82 25.84
C ASP E 43 -11.04 -55.07 25.48
N TRP E 44 -10.28 -55.59 24.51
CA TRP E 44 -9.00 -54.99 24.12
C TRP E 44 -9.19 -54.14 22.88
N ILE E 45 -9.45 -52.85 23.07
CA ILE E 45 -9.64 -51.94 21.95
C ILE E 45 -8.32 -51.66 21.23
N SER E 46 -7.21 -51.57 21.97
CA SER E 46 -5.87 -51.41 21.42
C SER E 46 -5.62 -50.04 20.83
N LEU E 47 -6.58 -49.13 20.97
CA LEU E 47 -6.41 -47.76 20.51
C LEU E 47 -6.92 -46.81 21.59
N GLY E 48 -6.37 -45.60 21.58
CA GLY E 48 -6.90 -44.53 22.40
C GLY E 48 -8.13 -43.87 21.83
N ARG E 49 -8.58 -44.34 20.67
CA ARG E 49 -9.81 -43.84 20.05
C ARG E 49 -11.05 -44.26 20.83
N GLY E 50 -11.14 -45.54 21.19
CA GLY E 50 -11.96 -46.00 22.29
C GLY E 50 -13.46 -45.89 22.07
N LEU E 51 -14.17 -46.13 23.16
CA LEU E 51 -15.62 -46.00 23.26
C LEU E 51 -16.34 -47.04 22.40
N ALA E 52 -16.11 -48.30 22.76
CA ALA E 52 -16.78 -49.41 22.11
C ALA E 52 -18.25 -49.46 22.51
N THR E 53 -19.10 -49.87 21.57
CA THR E 53 -20.54 -49.92 21.80
C THR E 53 -21.13 -51.08 21.04
N SER E 54 -22.36 -51.45 21.42
CA SER E 54 -23.07 -52.54 20.78
C SER E 54 -24.56 -52.36 21.05
N ALA E 55 -25.37 -53.17 20.37
CA ALA E 55 -26.81 -53.12 20.61
C ALA E 55 -27.16 -53.60 22.02
N LEU E 56 -26.62 -54.75 22.42
CA LEU E 56 -26.94 -55.32 23.72
C LEU E 56 -25.92 -54.98 24.79
N VAL E 57 -24.74 -54.47 24.42
CA VAL E 57 -23.72 -54.09 25.38
C VAL E 57 -23.26 -52.68 25.07
N PRO E 58 -23.97 -51.64 25.54
CA PRO E 58 -23.60 -50.27 25.14
C PRO E 58 -22.22 -49.82 25.60
N THR E 59 -21.75 -50.28 26.75
CA THR E 59 -20.49 -49.80 27.32
C THR E 59 -19.70 -50.96 27.91
N ALA E 60 -18.47 -50.65 28.34
CA ALA E 60 -17.68 -51.63 29.07
C ALA E 60 -18.31 -51.99 30.41
N GLY E 61 -18.80 -50.98 31.14
CA GLY E 61 -19.48 -51.26 32.39
C GLY E 61 -20.70 -52.13 32.20
N SER E 62 -21.36 -52.00 31.05
CA SER E 62 -22.50 -52.87 30.76
C SER E 62 -22.06 -54.33 30.72
N ARG E 63 -20.97 -54.62 30.02
CA ARG E 63 -20.49 -56.00 29.95
C ARG E 63 -20.09 -56.51 31.32
N TYR E 64 -19.42 -55.66 32.10
CA TYR E 64 -18.98 -56.09 33.43
C TYR E 64 -20.17 -56.41 34.32
N TYR E 65 -21.20 -55.55 34.29
CA TYR E 65 -22.39 -55.77 35.11
C TYR E 65 -23.19 -56.99 34.63
N GLN E 66 -23.30 -57.19 33.32
CA GLN E 66 -24.03 -58.34 32.82
C GLN E 66 -23.33 -59.64 33.21
N MET E 67 -21.99 -59.68 33.14
CA MET E 67 -21.27 -60.85 33.60
C MET E 67 -21.50 -61.07 35.09
N SER E 68 -21.51 -59.99 35.86
CA SER E 68 -21.79 -60.12 37.29
C SER E 68 -23.16 -60.73 37.53
N CYS E 69 -24.17 -60.28 36.78
CA CYS E 69 -25.51 -60.83 36.94
C CYS E 69 -25.58 -62.30 36.55
N LEU E 70 -24.89 -62.67 35.46
CA LEU E 70 -24.89 -64.07 35.02
C LEU E 70 -24.27 -64.97 36.08
N LEU E 71 -23.14 -64.56 36.64
CA LEU E 71 -22.52 -65.38 37.69
C LEU E 71 -23.39 -65.44 38.94
N SER E 72 -24.00 -64.31 39.32
CA SER E 72 -24.85 -64.29 40.51
C SER E 72 -26.03 -65.23 40.34
N GLY E 73 -26.61 -65.27 39.15
CA GLY E 73 -27.70 -66.20 38.92
C GLY E 73 -27.26 -67.64 38.89
N THR E 74 -26.18 -67.94 38.15
CA THR E 74 -25.82 -69.34 37.91
C THR E 74 -25.22 -70.01 39.13
N LEU E 75 -24.45 -69.29 39.95
CA LEU E 75 -23.74 -69.94 41.05
C LEU E 75 -24.67 -70.38 42.16
N GLN E 76 -25.93 -69.94 42.17
CA GLN E 76 -26.82 -70.33 43.26
C GLN E 76 -27.29 -71.76 43.13
N ILE E 77 -26.97 -72.42 42.02
CA ILE E 77 -27.41 -73.80 41.79
C ILE E 77 -26.56 -74.78 42.59
N PRO E 78 -25.22 -74.82 42.44
CA PRO E 78 -24.45 -75.83 43.18
C PRO E 78 -24.39 -75.57 44.68
N PHE E 79 -24.73 -74.35 45.10
CA PHE E 79 -24.64 -73.96 46.51
C PHE E 79 -25.83 -74.30 47.41
N ARG E 80 -26.67 -75.23 46.97
CA ARG E 80 -27.79 -75.70 47.76
C ARG E 80 -27.28 -76.77 48.72
N PRO E 81 -28.08 -77.14 49.72
CA PRO E 81 -27.65 -78.15 50.69
C PRO E 81 -27.32 -79.49 50.02
N ASN E 82 -28.10 -79.89 49.02
CA ASN E 82 -27.84 -81.14 48.31
C ASN E 82 -26.48 -81.15 47.59
N HIS E 83 -26.09 -79.98 47.07
CA HIS E 83 -24.83 -79.71 46.34
C HIS E 83 -24.72 -80.36 44.97
N ARG E 84 -25.82 -80.44 44.23
CA ARG E 84 -25.76 -81.02 42.89
C ARG E 84 -25.57 -79.92 41.85
N TRP E 85 -24.88 -80.26 40.77
CA TRP E 85 -24.37 -79.26 39.84
C TRP E 85 -25.21 -79.04 38.60
N GLY E 86 -26.02 -80.01 38.17
CA GLY E 86 -26.75 -79.83 36.93
C GLY E 86 -28.16 -80.38 36.94
N ASP E 87 -28.78 -80.45 38.12
CA ASP E 87 -30.13 -80.98 38.25
C ASP E 87 -31.23 -79.93 38.11
N ILE E 88 -30.89 -78.65 38.18
CA ILE E 88 -31.86 -77.58 38.03
C ILE E 88 -31.27 -76.56 37.07
N ARG E 89 -32.14 -75.71 36.52
CA ARG E 89 -31.73 -74.72 35.55
C ARG E 89 -32.01 -73.31 36.04
N PHE E 90 -31.14 -72.38 35.67
CA PHE E 90 -31.39 -70.96 35.82
C PHE E 90 -31.44 -70.34 34.43
N LEU E 91 -32.63 -69.96 33.98
CA LEU E 91 -32.83 -69.40 32.64
C LEU E 91 -32.33 -70.36 31.57
N ARG E 92 -32.73 -71.62 31.68
CA ARG E 92 -32.41 -72.66 30.70
C ARG E 92 -30.91 -72.88 30.53
N LEU E 93 -30.12 -72.63 31.57
CA LEU E 93 -28.68 -72.87 31.58
C LEU E 93 -28.32 -73.85 32.68
N VAL E 94 -27.33 -74.69 32.39
CA VAL E 94 -26.92 -75.78 33.27
C VAL E 94 -25.40 -75.82 33.32
N TRP E 95 -24.86 -76.18 34.49
CA TRP E 95 -23.44 -76.43 34.65
C TRP E 95 -23.09 -77.76 33.99
N SER E 96 -22.06 -77.77 33.16
CA SER E 96 -21.74 -78.92 32.33
C SER E 96 -20.73 -79.88 32.97
N ALA E 97 -20.12 -79.52 34.09
CA ALA E 97 -19.12 -80.39 34.72
C ALA E 97 -19.02 -80.01 36.19
N PRO E 98 -18.67 -80.96 37.06
CA PRO E 98 -18.59 -80.64 38.50
C PRO E 98 -17.58 -79.56 38.83
N THR E 99 -16.50 -79.44 38.07
CA THR E 99 -15.53 -78.37 38.29
C THR E 99 -15.90 -77.10 37.54
N LEU E 100 -17.18 -76.92 37.20
CA LEU E 100 -17.67 -75.69 36.60
C LEU E 100 -16.89 -75.32 35.34
N ASP E 101 -16.79 -76.28 34.41
CA ASP E 101 -16.02 -76.05 33.20
C ASP E 101 -16.73 -75.16 32.20
N GLY E 102 -18.06 -75.11 32.22
CA GLY E 102 -18.77 -74.26 31.29
C GLY E 102 -20.26 -74.32 31.54
N LEU E 103 -20.98 -73.50 30.78
CA LEU E 103 -22.43 -73.42 30.84
C LEU E 103 -23.01 -73.91 29.51
N VAL E 104 -24.09 -74.69 29.58
CA VAL E 104 -24.72 -75.21 28.37
C VAL E 104 -26.23 -75.04 28.49
N VAL E 105 -26.94 -75.34 27.39
CA VAL E 105 -28.39 -75.34 27.37
C VAL E 105 -28.87 -76.57 28.13
N ALA E 106 -29.99 -76.43 28.83
CA ALA E 106 -30.46 -77.49 29.69
C ALA E 106 -30.89 -78.70 28.87
N PRO E 107 -30.82 -79.90 29.45
CA PRO E 107 -31.39 -81.08 28.79
C PRO E 107 -32.90 -80.99 28.73
N PRO E 108 -33.54 -81.72 27.81
CA PRO E 108 -35.01 -81.64 27.73
C PRO E 108 -35.72 -82.04 29.01
N GLN E 109 -35.20 -83.04 29.73
CA GLN E 109 -35.83 -83.43 31.00
C GLN E 109 -35.78 -82.30 32.02
N VAL E 110 -34.67 -81.56 32.07
CA VAL E 110 -34.58 -80.44 33.00
C VAL E 110 -35.52 -79.31 32.57
N LEU E 111 -35.63 -79.06 31.27
CA LEU E 111 -36.47 -77.96 30.79
C LEU E 111 -37.94 -78.21 31.09
N ALA E 112 -38.33 -79.45 31.36
CA ALA E 112 -39.72 -79.75 31.67
C ALA E 112 -40.17 -79.10 32.97
N GLN E 113 -39.33 -79.15 34.00
CA GLN E 113 -39.63 -78.74 35.36
C GLN E 113 -39.31 -77.26 35.59
N PRO E 114 -39.89 -76.64 36.61
CA PRO E 114 -39.64 -75.21 36.84
C PRO E 114 -38.21 -74.91 37.23
N ALA E 115 -37.78 -73.69 36.92
CA ALA E 115 -36.41 -73.26 37.15
C ALA E 115 -36.19 -72.91 38.63
N LEU E 116 -34.97 -72.47 38.92
CA LEU E 116 -34.63 -72.08 40.28
C LEU E 116 -35.13 -70.67 40.59
N GLN E 117 -35.68 -70.51 41.80
CA GLN E 117 -36.19 -69.21 42.25
C GLN E 117 -35.09 -68.47 43.00
N ALA E 118 -34.34 -67.67 42.25
CA ALA E 118 -33.19 -66.99 42.81
C ALA E 118 -33.61 -65.87 43.74
N GLN E 119 -32.82 -65.66 44.80
CA GLN E 119 -33.01 -64.60 45.77
C GLN E 119 -31.73 -63.78 45.85
N ALA E 120 -31.88 -62.48 46.03
CA ALA E 120 -30.77 -61.56 45.84
C ALA E 120 -29.99 -61.33 47.15
N ASP E 121 -28.82 -60.70 47.00
CA ASP E 121 -27.98 -60.28 48.11
C ASP E 121 -27.55 -61.45 48.97
N ARG E 122 -27.03 -62.49 48.34
CA ARG E 122 -26.59 -63.68 49.03
C ARG E 122 -25.09 -63.64 49.27
N VAL E 123 -24.67 -64.17 50.42
CA VAL E 123 -23.26 -64.28 50.78
C VAL E 123 -22.93 -65.76 50.89
N TYR E 124 -21.98 -66.20 50.07
CA TYR E 124 -21.62 -67.61 50.00
C TYR E 124 -20.13 -67.78 50.31
N ASP E 125 -19.78 -68.98 50.76
CA ASP E 125 -18.41 -69.33 51.11
C ASP E 125 -17.93 -70.42 50.16
N CYS E 126 -16.72 -70.24 49.62
CA CYS E 126 -16.17 -71.22 48.69
C CYS E 126 -15.89 -72.55 49.38
N ASP E 127 -15.53 -72.52 50.66
CA ASP E 127 -15.14 -73.75 51.34
C ASP E 127 -16.33 -74.67 51.55
N ASP E 128 -17.55 -74.19 51.29
CA ASP E 128 -18.73 -75.03 51.46
C ASP E 128 -18.88 -76.02 50.31
N TYR E 129 -18.45 -75.67 49.10
CA TYR E 129 -18.51 -76.55 47.96
C TYR E 129 -17.30 -77.48 47.96
N PRO E 130 -17.48 -78.80 48.04
CA PRO E 130 -16.36 -79.69 48.37
C PRO E 130 -15.21 -79.67 47.39
N PHE E 131 -15.48 -79.57 46.09
CA PHE E 131 -14.40 -79.55 45.12
C PHE E 131 -13.55 -78.29 45.25
N LEU E 132 -14.16 -77.17 45.66
CA LEU E 132 -13.37 -75.98 45.96
C LEU E 132 -12.54 -76.16 47.22
N ALA E 133 -13.06 -76.90 48.21
CA ALA E 133 -12.29 -77.17 49.41
C ALA E 133 -11.07 -78.02 49.10
N ARG E 134 -11.21 -79.02 48.22
CA ARG E 134 -10.13 -79.98 48.02
C ARG E 134 -8.96 -79.40 47.22
N ASP E 135 -9.22 -78.53 46.25
CA ASP E 135 -8.19 -78.11 45.30
C ASP E 135 -7.89 -76.62 45.45
N PRO E 136 -6.76 -76.27 46.08
CA PRO E 136 -6.39 -74.84 46.19
C PRO E 136 -6.20 -74.13 44.86
N ARG E 137 -5.73 -74.82 43.82
CA ARG E 137 -5.56 -74.18 42.53
C ARG E 137 -6.89 -73.80 41.90
N PHE E 138 -7.88 -74.70 42.00
CA PHE E 138 -9.21 -74.41 41.50
C PHE E 138 -9.83 -73.22 42.25
N LYS E 139 -9.71 -73.22 43.57
CA LYS E 139 -10.22 -72.11 44.37
C LYS E 139 -9.54 -70.81 43.97
N HIS E 140 -8.24 -70.86 43.72
CA HIS E 140 -7.50 -69.68 43.27
C HIS E 140 -8.06 -69.12 41.96
N ARG E 141 -8.20 -69.99 40.95
CA ARG E 141 -8.60 -69.52 39.64
C ARG E 141 -10.04 -69.02 39.63
N VAL E 142 -10.89 -69.53 40.52
CA VAL E 142 -12.27 -69.04 40.53
C VAL E 142 -12.38 -67.76 41.37
N TYR E 143 -11.66 -67.69 42.49
CA TYR E 143 -11.76 -66.50 43.31
C TYR E 143 -11.18 -65.28 42.62
N GLN E 144 -10.29 -65.50 41.65
CA GLN E 144 -9.81 -64.37 40.84
C GLN E 144 -10.94 -63.53 40.28
N GLN E 145 -12.02 -64.18 39.81
CA GLN E 145 -13.15 -63.43 39.27
C GLN E 145 -14.19 -63.13 40.35
N LEU E 146 -14.36 -64.04 41.31
CA LEU E 146 -15.37 -63.81 42.33
C LEU E 146 -15.08 -62.57 43.15
N SER E 147 -13.81 -62.28 43.42
CA SER E 147 -13.48 -61.11 44.23
C SER E 147 -13.84 -59.82 43.50
N ALA E 148 -13.59 -59.76 42.19
CA ALA E 148 -13.98 -58.58 41.43
C ALA E 148 -15.49 -58.43 41.37
N VAL E 149 -16.21 -59.55 41.27
CA VAL E 149 -17.66 -59.48 41.34
C VAL E 149 -18.11 -58.86 42.66
N THR E 150 -17.51 -59.28 43.77
CA THR E 150 -17.90 -58.69 45.05
C THR E 150 -17.57 -57.21 45.12
N LEU E 151 -16.38 -56.82 44.65
CA LEU E 151 -16.04 -55.41 44.68
C LEU E 151 -17.04 -54.58 43.89
N LEU E 152 -17.58 -55.12 42.80
CA LEU E 152 -18.67 -54.40 42.13
C LEU E 152 -19.95 -54.40 42.96
N ASN E 153 -20.26 -55.53 43.60
CA ASN E 153 -21.60 -55.72 44.14
C ASN E 153 -21.78 -55.14 45.55
N LEU E 154 -20.70 -54.69 46.18
CA LEU E 154 -20.80 -54.25 47.57
C LEU E 154 -21.68 -53.01 47.71
N THR E 155 -21.53 -52.05 46.81
CA THR E 155 -22.21 -50.76 46.93
C THR E 155 -22.92 -50.44 45.63
N GLY E 156 -23.73 -49.38 45.66
CA GLY E 156 -24.49 -48.92 44.51
C GLY E 156 -23.76 -47.97 43.59
N PHE E 157 -22.48 -47.70 43.84
CA PHE E 157 -21.65 -46.83 43.04
C PHE E 157 -20.71 -47.65 42.16
N GLY E 158 -19.69 -47.01 41.61
CA GLY E 158 -18.71 -47.70 40.80
C GLY E 158 -17.86 -48.65 41.61
N PRO E 159 -16.90 -49.28 40.93
CA PRO E 159 -16.05 -50.28 41.59
C PRO E 159 -15.00 -49.66 42.50
N ILE E 160 -14.49 -50.46 43.42
CA ILE E 160 -13.55 -49.99 44.44
C ILE E 160 -12.12 -50.34 44.04
N SER E 161 -11.18 -49.44 44.36
CA SER E 161 -9.76 -49.63 44.16
C SER E 161 -9.00 -49.35 45.44
N TYR E 162 -7.80 -49.92 45.54
CA TYR E 162 -7.01 -49.89 46.76
C TYR E 162 -5.66 -49.23 46.47
N VAL E 163 -5.30 -48.22 47.26
CA VAL E 163 -4.06 -47.48 47.04
C VAL E 163 -3.23 -47.53 48.32
N ARG E 164 -1.96 -47.93 48.19
CA ARG E 164 -1.05 -48.03 49.32
C ARG E 164 0.24 -47.27 49.04
N VAL E 165 0.73 -46.55 50.05
CA VAL E 165 2.05 -45.92 49.99
C VAL E 165 2.87 -46.46 51.16
N ASP E 166 4.09 -46.90 50.83
CA ASP E 166 4.99 -47.57 51.75
C ASP E 166 6.39 -47.63 51.13
N GLU E 167 7.40 -47.20 51.85
CA GLU E 167 8.77 -47.27 51.35
C GLU E 167 9.46 -48.58 51.70
N ASP E 168 8.76 -49.49 52.36
CA ASP E 168 9.39 -50.73 52.80
C ASP E 168 9.14 -51.85 51.79
N MET E 169 8.15 -51.70 50.91
CA MET E 169 7.91 -52.72 49.90
C MET E 169 8.75 -52.50 48.65
N TRP E 170 9.67 -51.54 48.66
CA TRP E 170 10.57 -51.32 47.54
C TRP E 170 11.90 -52.05 47.69
N SER E 171 12.06 -52.86 48.73
CA SER E 171 13.34 -53.49 49.01
C SER E 171 13.69 -54.50 47.93
N GLY E 172 14.99 -54.77 47.80
CA GLY E 172 15.43 -55.78 46.86
C GLY E 172 15.80 -55.18 45.52
N ASP E 173 15.50 -55.94 44.47
CA ASP E 173 15.72 -55.50 43.09
C ASP E 173 14.44 -55.11 42.38
N VAL E 174 13.39 -54.74 43.12
CA VAL E 174 12.12 -54.41 42.50
C VAL E 174 12.24 -53.19 41.61
N ASN E 175 13.19 -52.30 41.92
CA ASN E 175 13.36 -51.10 41.12
C ASN E 175 13.71 -51.41 39.68
N GLN E 176 14.59 -52.39 39.44
CA GLN E 176 14.94 -52.76 38.07
C GLN E 176 13.76 -53.38 37.34
N LEU E 177 13.05 -54.31 37.99
CA LEU E 177 11.95 -54.97 37.31
C LEU E 177 10.80 -54.00 37.06
N LEU E 178 10.75 -52.89 37.80
CA LEU E 178 9.83 -51.81 37.47
C LEU E 178 10.35 -50.98 36.31
N MET E 179 11.66 -50.71 36.27
CA MET E 179 12.21 -49.96 35.14
C MET E 179 12.03 -50.71 33.84
N ASN E 180 11.84 -52.02 33.91
CA ASN E 180 11.56 -52.79 32.70
C ASN E 180 10.22 -52.41 32.08
N TYR E 181 9.37 -51.68 32.80
CA TYR E 181 8.03 -51.37 32.31
C TYR E 181 7.92 -50.02 31.63
N PHE E 182 9.03 -49.29 31.47
CA PHE E 182 8.96 -47.96 30.88
C PHE E 182 8.39 -48.02 29.47
N GLY E 183 7.55 -47.05 29.14
CA GLY E 183 7.02 -46.94 27.80
C GLY E 183 5.71 -47.64 27.55
N HIS E 184 5.22 -48.45 28.48
CA HIS E 184 3.96 -49.14 28.27
C HIS E 184 2.81 -48.36 28.87
N THR E 185 1.65 -48.45 28.23
CA THR E 185 0.47 -47.78 28.73
C THR E 185 -0.08 -48.53 29.94
N PHE E 186 -0.92 -47.85 30.71
CA PHE E 186 -1.48 -48.48 31.90
C PHE E 186 -2.37 -49.66 31.51
N ALA E 187 -3.09 -49.53 30.40
CA ALA E 187 -3.98 -50.61 29.95
C ALA E 187 -3.20 -51.89 29.68
N GLU E 188 -2.05 -51.76 29.00
CA GLU E 188 -1.25 -52.94 28.68
C GLU E 188 -0.79 -53.64 29.94
N ILE E 189 -0.27 -52.87 30.91
CA ILE E 189 0.25 -53.45 32.15
C ILE E 189 -0.87 -54.12 32.93
N ALA E 190 -2.01 -53.43 33.08
CA ALA E 190 -3.11 -53.97 33.86
C ALA E 190 -3.66 -55.25 33.23
N TYR E 191 -3.88 -55.24 31.92
CA TYR E 191 -4.39 -56.43 31.24
C TYR E 191 -3.43 -57.60 31.38
N THR E 192 -2.14 -57.38 31.15
CA THR E 192 -1.18 -58.48 31.22
C THR E 192 -1.08 -59.03 32.64
N LEU E 193 -1.04 -58.16 33.66
CA LEU E 193 -0.96 -58.64 35.03
C LEU E 193 -2.19 -59.45 35.41
N CYS E 194 -3.38 -58.97 35.03
CA CYS E 194 -4.61 -59.70 35.34
C CYS E 194 -4.62 -61.06 34.67
N GLN E 195 -4.17 -61.13 33.41
CA GLN E 195 -4.10 -62.42 32.73
C GLN E 195 -3.11 -63.35 33.42
N ALA E 196 -1.97 -62.81 33.87
CA ALA E 196 -0.93 -63.65 34.44
C ALA E 196 -1.34 -64.21 35.80
N SER E 197 -2.21 -63.50 36.52
CA SER E 197 -2.47 -63.87 37.91
C SER E 197 -2.99 -65.30 38.08
N ALA E 198 -3.63 -65.87 37.06
CA ALA E 198 -4.32 -67.14 37.26
C ALA E 198 -3.42 -68.36 37.09
N ASN E 199 -2.19 -68.16 36.59
CA ASN E 199 -1.35 -69.29 36.20
C ASN E 199 -1.04 -70.19 37.39
N ARG E 200 -0.60 -69.61 38.50
CA ARG E 200 -0.19 -70.38 39.66
C ARG E 200 -0.41 -69.53 40.90
N PRO E 201 -0.62 -70.16 42.05
CA PRO E 201 -0.74 -69.38 43.29
C PRO E 201 0.57 -68.69 43.64
N TRP E 202 0.44 -67.53 44.29
CA TRP E 202 1.60 -66.68 44.54
C TRP E 202 1.62 -66.25 46.00
N GLU E 203 2.81 -65.78 46.44
CA GLU E 203 3.02 -65.37 47.86
C GLU E 203 2.44 -64.00 48.17
N TYR E 204 2.00 -63.78 49.41
CA TYR E 204 1.37 -62.50 49.81
C TYR E 204 2.38 -61.34 49.79
N ASP E 205 3.61 -61.61 50.18
CA ASP E 205 4.64 -60.55 50.23
C ASP E 205 5.60 -60.66 49.06
N GLY E 206 5.32 -61.53 48.08
CA GLY E 206 6.25 -61.78 46.96
C GLY E 206 6.40 -60.60 46.03
N THR E 207 7.16 -60.80 44.94
CA THR E 207 7.41 -59.70 44.03
C THR E 207 6.16 -59.32 43.24
N TYR E 208 5.33 -60.30 42.88
CA TYR E 208 4.14 -59.99 42.08
C TYR E 208 3.19 -59.06 42.84
N ALA E 209 2.97 -59.35 44.13
CA ALA E 209 2.07 -58.54 44.92
C ALA E 209 2.56 -57.12 45.06
N ARG E 210 3.86 -56.95 45.34
CA ARG E 210 4.41 -55.60 45.52
C ARG E 210 4.44 -54.87 44.20
N MET E 211 4.67 -55.58 43.10
CA MET E 211 4.55 -54.97 41.77
C MET E 211 3.16 -54.41 41.55
N THR E 212 2.13 -55.22 41.79
CA THR E 212 0.76 -54.74 41.54
C THR E 212 0.44 -53.54 42.43
N GLN E 213 0.84 -53.60 43.70
CA GLN E 213 0.55 -52.50 44.60
C GLN E 213 1.24 -51.21 44.16
N ILE E 214 2.49 -51.31 43.72
CA ILE E 214 3.22 -50.13 43.28
C ILE E 214 2.59 -49.54 42.02
N VAL E 215 2.18 -50.41 41.08
CA VAL E 215 1.53 -49.92 39.87
C VAL E 215 0.25 -49.18 40.20
N LEU E 216 -0.58 -49.76 41.08
CA LEU E 216 -1.83 -49.12 41.46
C LEU E 216 -1.58 -47.75 42.10
N SER E 217 -0.64 -47.70 43.04
CA SER E 217 -0.38 -46.45 43.75
C SER E 217 0.13 -45.38 42.79
N LEU E 218 1.05 -45.75 41.90
CA LEU E 218 1.57 -44.77 40.95
C LEU E 218 0.46 -44.23 40.06
N PHE E 219 -0.41 -45.11 39.55
CA PHE E 219 -1.48 -44.64 38.69
C PHE E 219 -2.38 -43.65 39.42
N TRP E 220 -2.81 -44.00 40.63
CA TRP E 220 -3.76 -43.12 41.33
C TRP E 220 -3.10 -41.82 41.75
N LEU E 221 -1.85 -41.87 42.20
CA LEU E 221 -1.16 -40.65 42.60
C LEU E 221 -0.98 -39.71 41.43
N SER E 222 -0.64 -40.22 40.25
CA SER E 222 -0.51 -39.35 39.09
C SER E 222 -1.87 -38.87 38.62
N TYR E 223 -2.91 -39.70 38.76
CA TYR E 223 -4.24 -39.33 38.32
C TYR E 223 -4.80 -38.16 39.13
N VAL E 224 -4.66 -38.21 40.45
CA VAL E 224 -5.12 -37.11 41.29
C VAL E 224 -4.38 -35.82 40.96
N GLY E 225 -3.14 -35.93 40.51
CA GLY E 225 -2.35 -34.77 40.17
C GLY E 225 -1.23 -34.47 41.12
N VAL E 226 -0.97 -35.33 42.11
CA VAL E 226 0.11 -35.11 43.05
C VAL E 226 1.46 -35.31 42.39
N ILE E 227 1.61 -36.39 41.63
CA ILE E 227 2.88 -36.78 41.03
C ILE E 227 2.85 -36.39 39.57
N HIS E 228 3.86 -35.64 39.13
CA HIS E 228 3.94 -35.22 37.75
C HIS E 228 5.40 -35.19 37.34
N GLN E 229 5.64 -34.61 36.17
CA GLN E 229 6.96 -34.67 35.55
C GLN E 229 8.02 -34.00 36.42
N GLN E 230 7.66 -32.95 37.16
CA GLN E 230 8.61 -32.22 37.97
C GLN E 230 8.47 -32.54 39.46
N ASN E 231 7.74 -33.59 39.80
CA ASN E 231 7.69 -34.08 41.18
C ASN E 231 7.37 -35.56 41.10
N THR E 232 8.39 -36.40 41.20
CA THR E 232 8.29 -37.82 40.89
C THR E 232 8.50 -38.66 42.13
N TYR E 233 7.89 -39.84 42.13
CA TYR E 233 8.06 -40.84 43.18
C TYR E 233 9.15 -41.81 42.76
N ARG E 234 10.38 -41.55 43.20
CA ARG E 234 11.54 -42.37 42.85
C ARG E 234 11.71 -42.48 41.34
N THR E 235 11.50 -41.36 40.64
CA THR E 235 11.70 -41.16 39.21
C THR E 235 10.61 -41.76 38.33
N PHE E 236 9.51 -42.26 38.89
CA PHE E 236 8.43 -42.84 38.11
C PHE E 236 7.21 -41.93 38.08
N TYR E 237 6.59 -41.80 36.91
CA TYR E 237 5.30 -41.13 36.87
C TYR E 237 4.54 -41.59 35.64
N PHE E 238 3.30 -41.09 35.50
CA PHE E 238 2.45 -41.41 34.36
C PHE E 238 2.11 -40.12 33.61
N GLN E 239 2.33 -40.14 32.30
CA GLN E 239 2.08 -38.99 31.44
C GLN E 239 0.81 -39.22 30.64
N CYS E 240 -0.08 -38.23 30.64
CA CYS E 240 -1.32 -38.31 29.87
C CYS E 240 -1.18 -37.45 28.63
N ASN E 241 -1.51 -38.03 27.48
CA ASN E 241 -1.36 -37.30 26.22
C ASN E 241 -2.27 -36.09 26.16
N ARG E 242 -3.53 -36.25 26.60
CA ARG E 242 -4.46 -35.12 26.62
C ARG E 242 -5.54 -35.42 27.67
N ARG E 243 -5.47 -34.71 28.79
CA ARG E 243 -6.41 -34.93 29.88
C ARG E 243 -7.78 -34.37 29.52
N GLY E 244 -8.82 -35.05 30.02
CA GLY E 244 -10.18 -34.63 29.78
C GLY E 244 -10.80 -35.12 28.49
N ASP E 245 -10.08 -35.86 27.67
CA ASP E 245 -10.67 -36.38 26.44
C ASP E 245 -11.49 -37.64 26.72
N ALA E 246 -12.19 -38.11 25.69
CA ALA E 246 -13.12 -39.22 25.86
C ALA E 246 -12.41 -40.50 26.27
N ALA E 247 -11.28 -40.80 25.65
CA ALA E 247 -10.49 -41.98 25.99
C ALA E 247 -9.05 -41.53 26.17
N GLU E 248 -8.56 -41.59 27.41
CA GLU E 248 -7.23 -41.09 27.74
C GLU E 248 -6.21 -42.21 27.72
N VAL E 249 -4.98 -41.87 27.34
CA VAL E 249 -3.88 -42.83 27.29
C VAL E 249 -2.80 -42.35 28.26
N TRP E 250 -2.49 -43.17 29.26
CA TRP E 250 -1.47 -42.86 30.26
C TRP E 250 -0.26 -43.76 30.00
N ILE E 251 0.92 -43.15 29.94
CA ILE E 251 2.16 -43.86 29.60
C ILE E 251 3.15 -43.70 30.74
N LEU E 252 3.74 -44.81 31.15
CA LEU E 252 4.73 -44.80 32.23
C LEU E 252 6.01 -44.11 31.74
N SER E 253 6.58 -43.26 32.59
CA SER E 253 7.71 -42.42 32.20
C SER E 253 8.70 -42.26 33.35
N CYS E 254 9.93 -41.93 32.97
CA CYS E 254 11.05 -41.71 33.88
C CYS E 254 11.53 -40.27 33.77
N SER E 255 11.81 -39.66 34.92
CA SER E 255 12.38 -38.31 34.96
C SER E 255 13.44 -38.25 36.05
N LEU E 256 14.51 -37.53 35.79
CA LEU E 256 15.69 -37.54 36.65
C LEU E 256 15.76 -36.26 37.50
N ASN E 257 16.13 -36.43 38.77
CA ASN E 257 16.46 -35.33 39.67
C ASN E 257 15.24 -34.48 40.06
N HIS E 258 14.10 -35.11 40.30
CA HIS E 258 12.93 -34.41 40.81
C HIS E 258 12.19 -35.29 41.80
N SER E 259 12.91 -36.15 42.51
CA SER E 259 12.28 -37.15 43.36
C SER E 259 11.70 -36.50 44.61
N ALA E 260 10.46 -36.86 44.94
CA ALA E 260 9.80 -36.28 46.09
C ALA E 260 10.22 -36.98 47.38
N GLN E 261 10.00 -36.30 48.50
CA GLN E 261 10.37 -36.79 49.82
C GLN E 261 9.19 -37.56 50.40
N ILE E 262 9.41 -38.82 50.76
CA ILE E 262 8.36 -39.72 51.21
C ILE E 262 8.60 -40.03 52.68
N ARG E 263 7.58 -39.83 53.50
CA ARG E 263 7.70 -40.12 54.92
C ARG E 263 7.74 -41.63 55.15
N PRO E 264 8.41 -42.09 56.20
CA PRO E 264 8.36 -43.52 56.54
C PRO E 264 7.00 -43.92 57.08
N GLY E 265 6.69 -45.21 57.06
CA GLY E 265 5.41 -45.71 57.50
C GLY E 265 4.56 -46.23 56.35
N ASN E 266 3.58 -47.04 56.71
CA ASN E 266 2.72 -47.76 55.78
C ASN E 266 1.30 -47.22 55.88
N ARG E 267 0.72 -46.83 54.75
CA ARG E 267 -0.64 -46.32 54.78
C ARG E 267 -1.38 -46.73 53.51
N SER E 268 -2.71 -46.70 53.58
CA SER E 268 -3.54 -47.16 52.47
C SER E 268 -4.93 -46.54 52.56
N LEU E 269 -5.69 -46.67 51.47
CA LEU E 269 -7.08 -46.25 51.45
C LEU E 269 -7.84 -46.92 50.31
N PHE E 270 -9.16 -46.85 50.38
CA PHE E 270 -10.06 -47.35 49.35
C PHE E 270 -10.78 -46.19 48.66
N VAL E 271 -10.74 -46.18 47.33
CA VAL E 271 -11.33 -45.09 46.56
C VAL E 271 -12.26 -45.68 45.51
N MET E 272 -13.25 -44.88 45.08
CA MET E 272 -14.19 -45.31 44.06
C MET E 272 -14.85 -44.10 43.42
N PRO E 273 -15.34 -44.23 42.19
CA PRO E 273 -16.13 -43.15 41.59
C PRO E 273 -17.62 -43.28 41.87
N THR E 274 -18.34 -42.16 41.91
CA THR E 274 -19.77 -42.19 42.16
C THR E 274 -20.61 -41.74 40.97
N SER E 275 -20.04 -41.03 40.01
CA SER E 275 -20.85 -40.65 38.87
C SER E 275 -20.91 -41.77 37.85
N PRO E 276 -21.95 -41.81 37.00
CA PRO E 276 -22.07 -42.92 36.04
C PRO E 276 -21.00 -42.92 34.94
N ASP E 277 -20.12 -41.93 34.94
CA ASP E 277 -19.04 -41.90 33.96
C ASP E 277 -18.12 -43.10 34.07
N TRP E 278 -18.16 -43.82 35.19
CA TRP E 278 -17.35 -45.02 35.32
C TRP E 278 -17.75 -46.09 34.30
N ASN E 279 -18.94 -45.95 33.71
CA ASN E 279 -19.32 -46.89 32.66
C ASN E 279 -18.55 -46.66 31.38
N MET E 280 -17.97 -45.47 31.23
CA MET E 280 -17.50 -45.05 29.91
C MET E 280 -15.98 -45.08 29.80
N ASP E 281 -15.27 -45.15 30.91
CA ASP E 281 -13.81 -45.20 30.90
C ASP E 281 -13.37 -46.65 31.11
N VAL E 282 -12.15 -46.96 30.68
CA VAL E 282 -11.65 -48.33 30.82
C VAL E 282 -10.66 -48.42 31.97
N ASN E 283 -10.00 -47.31 32.29
CA ASN E 283 -8.92 -47.32 33.27
C ASN E 283 -9.42 -47.72 34.64
N LEU E 284 -10.60 -47.23 35.04
CA LEU E 284 -11.10 -47.51 36.38
C LEU E 284 -11.50 -48.97 36.54
N ILE E 285 -12.11 -49.56 35.50
CA ILE E 285 -12.42 -50.99 35.57
C ILE E 285 -11.14 -51.82 35.60
N LEU E 286 -10.11 -51.40 34.87
CA LEU E 286 -8.84 -52.12 34.95
C LEU E 286 -8.25 -52.04 36.36
N SER E 287 -8.33 -50.86 36.99
CA SER E 287 -7.83 -50.73 38.35
C SER E 287 -8.61 -51.62 39.32
N SER E 288 -9.92 -51.68 39.17
CA SER E 288 -10.71 -52.54 40.04
C SER E 288 -10.37 -54.00 39.83
N THR E 289 -10.12 -54.40 38.59
CA THR E 289 -9.77 -55.80 38.32
C THR E 289 -8.41 -56.15 38.91
N LEU E 290 -7.44 -55.24 38.83
CA LEU E 290 -6.18 -55.46 39.51
C LEU E 290 -6.38 -55.59 41.02
N THR E 291 -7.25 -54.75 41.59
CA THR E 291 -7.51 -54.84 43.02
C THR E 291 -8.11 -56.20 43.38
N GLY E 292 -9.03 -56.71 42.55
CA GLY E 292 -9.60 -58.02 42.82
C GLY E 292 -8.59 -59.13 42.71
N CYS E 293 -7.72 -59.06 41.70
CA CYS E 293 -6.65 -60.06 41.57
C CYS E 293 -5.74 -60.04 42.80
N LEU E 294 -5.42 -58.85 43.30
CA LEU E 294 -4.62 -58.75 44.50
C LEU E 294 -5.34 -59.32 45.71
N CYS E 295 -6.65 -59.08 45.81
CA CYS E 295 -7.42 -59.57 46.94
C CYS E 295 -7.47 -61.10 46.96
N SER E 296 -7.47 -61.72 45.78
CA SER E 296 -7.57 -63.19 45.74
C SER E 296 -6.40 -63.85 46.46
N GLY E 297 -5.26 -63.16 46.56
CA GLY E 297 -4.09 -63.79 47.13
C GLY E 297 -3.75 -63.29 48.53
N SER E 298 -3.90 -61.99 48.75
CA SER E 298 -3.47 -61.35 49.99
C SER E 298 -4.67 -60.83 50.76
N GLN E 299 -4.47 -60.65 52.06
CA GLN E 299 -5.50 -60.10 52.93
C GLN E 299 -5.34 -58.59 53.04
N LEU E 300 -6.35 -57.85 52.61
CA LEU E 300 -6.35 -56.40 52.71
C LEU E 300 -7.11 -55.96 53.96
N PRO E 301 -6.93 -54.72 54.39
CA PRO E 301 -7.68 -54.25 55.58
C PRO E 301 -9.18 -54.19 55.31
N LEU E 302 -9.94 -54.39 56.37
CA LEU E 302 -11.40 -54.42 56.26
C LEU E 302 -11.96 -53.04 55.95
N ILE E 303 -13.11 -53.02 55.27
CA ILE E 303 -13.85 -51.78 55.05
C ILE E 303 -14.84 -51.57 56.19
N ASP E 304 -14.95 -50.33 56.66
CA ASP E 304 -15.87 -50.03 57.76
C ASP E 304 -17.31 -50.27 57.33
N ASN E 305 -18.12 -50.76 58.27
CA ASN E 305 -19.53 -51.04 57.97
C ASN E 305 -20.31 -49.77 57.66
N ASN E 306 -19.81 -48.61 58.09
CA ASN E 306 -20.55 -47.38 57.88
C ASN E 306 -20.64 -46.96 56.42
N SER E 307 -19.73 -47.45 55.57
CA SER E 307 -19.71 -47.01 54.19
C SER E 307 -20.63 -47.81 53.27
N VAL E 308 -21.19 -48.92 53.73
CA VAL E 308 -21.96 -49.80 52.86
C VAL E 308 -23.33 -50.05 53.46
N PRO E 309 -24.35 -50.34 52.64
CA PRO E 309 -25.68 -50.64 53.18
C PRO E 309 -25.66 -51.91 54.02
N ALA E 310 -26.78 -52.14 54.72
CA ALA E 310 -26.84 -53.20 55.73
C ALA E 310 -26.65 -54.59 55.12
N VAL E 311 -26.94 -54.76 53.84
CA VAL E 311 -26.76 -56.05 53.20
C VAL E 311 -25.27 -56.38 53.08
N SER E 312 -24.42 -55.37 52.92
CA SER E 312 -23.00 -55.61 52.74
C SER E 312 -22.21 -55.51 54.04
N ARG E 313 -22.88 -55.36 55.18
CA ARG E 313 -22.18 -55.20 56.44
C ARG E 313 -21.79 -56.56 57.04
N ASN E 314 -20.71 -56.54 57.81
CA ASN E 314 -20.24 -57.71 58.57
C ASN E 314 -19.95 -58.91 57.67
N ILE E 315 -19.44 -58.68 56.46
CA ILE E 315 -18.90 -59.77 55.66
C ILE E 315 -17.54 -60.12 56.23
N HIS E 316 -17.31 -61.43 56.45
CA HIS E 316 -16.20 -61.84 57.30
C HIS E 316 -14.86 -61.39 56.74
N GLY E 317 -14.67 -61.50 55.43
CA GLY E 317 -13.40 -61.14 54.84
C GLY E 317 -13.33 -59.79 54.17
N TRP E 318 -14.41 -59.03 54.15
CA TRP E 318 -14.41 -57.78 53.40
C TRP E 318 -14.74 -56.57 54.25
N THR E 319 -15.55 -56.73 55.29
CA THR E 319 -16.00 -55.61 56.10
C THR E 319 -15.87 -55.93 57.59
N GLY E 320 -15.80 -54.88 58.40
CA GLY E 320 -15.65 -55.04 59.84
C GLY E 320 -16.07 -53.77 60.55
N ARG E 321 -16.08 -53.83 61.88
CA ARG E 321 -16.49 -52.68 62.67
C ARG E 321 -15.48 -51.55 62.56
N ALA E 322 -14.20 -51.85 62.68
CA ALA E 322 -13.15 -50.85 62.59
C ALA E 322 -12.34 -51.09 61.31
N GLY E 323 -12.15 -50.03 60.54
CA GLY E 323 -11.42 -50.17 59.29
C GLY E 323 -11.37 -48.87 58.52
N ASN E 324 -11.11 -48.99 57.22
CA ASN E 324 -10.96 -47.85 56.33
C ASN E 324 -12.29 -47.54 55.65
N GLN E 325 -12.64 -46.26 55.59
CA GLN E 325 -13.84 -45.86 54.88
C GLN E 325 -13.56 -45.71 53.38
N LEU E 326 -14.63 -45.67 52.60
CA LEU E 326 -14.54 -45.54 51.15
C LEU E 326 -14.54 -44.06 50.79
N HIS E 327 -13.69 -43.69 49.85
CA HIS E 327 -13.61 -42.31 49.39
C HIS E 327 -14.16 -42.22 47.96
N GLY E 328 -15.32 -41.59 47.81
CA GLY E 328 -15.99 -41.50 46.54
C GLY E 328 -15.73 -40.17 45.87
N PHE E 329 -15.53 -40.20 44.55
CA PHE E 329 -15.18 -38.99 43.82
C PHE E 329 -15.97 -38.88 42.53
N GLN E 330 -15.95 -37.67 41.96
CA GLN E 330 -16.66 -37.35 40.73
C GLN E 330 -15.65 -36.91 39.67
N VAL E 331 -15.83 -37.40 38.43
CA VAL E 331 -14.76 -37.33 37.43
C VAL E 331 -14.45 -35.90 37.05
N ARG E 332 -15.49 -35.11 36.73
CA ARG E 332 -15.26 -33.80 36.14
C ARG E 332 -14.61 -32.84 37.12
N ARG E 333 -14.88 -33.00 38.42
CA ARG E 333 -14.22 -32.16 39.40
C ARG E 333 -12.77 -32.59 39.60
N MET E 334 -12.49 -33.90 39.48
CA MET E 334 -11.11 -34.35 39.57
C MET E 334 -10.27 -33.80 38.43
N VAL E 335 -10.86 -33.61 37.26
CA VAL E 335 -10.08 -32.98 36.18
C VAL E 335 -9.65 -31.58 36.57
N THR E 336 -10.56 -30.80 37.15
CA THR E 336 -10.23 -29.45 37.60
C THR E 336 -9.15 -29.46 38.67
N GLU E 337 -9.21 -30.42 39.59
CA GLU E 337 -8.21 -30.44 40.66
C GLU E 337 -6.83 -30.82 40.11
N PHE E 338 -6.78 -31.78 39.19
CA PHE E 338 -5.54 -32.12 38.52
C PHE E 338 -4.93 -30.90 37.86
N CYS E 339 -5.75 -30.16 37.09
CA CYS E 339 -5.25 -28.97 36.42
C CYS E 339 -4.79 -27.92 37.43
N ASP E 340 -5.50 -27.79 38.55
CA ASP E 340 -5.11 -26.83 39.57
C ASP E 340 -3.73 -27.12 40.12
N ARG E 341 -3.48 -28.38 40.52
CA ARG E 341 -2.17 -28.73 41.07
C ARG E 341 -1.08 -28.51 40.03
N LEU E 342 -1.30 -28.99 38.80
CA LEU E 342 -0.28 -28.88 37.77
C LEU E 342 0.04 -27.43 37.43
N ARG E 343 -0.99 -26.58 37.31
CA ARG E 343 -0.75 -25.17 37.01
C ARG E 343 -0.10 -24.44 38.17
N ARG E 344 -0.44 -24.82 39.41
CA ARG E 344 0.18 -24.20 40.56
C ARG E 344 1.66 -24.53 40.64
N ASP E 345 2.05 -25.74 40.24
CA ASP E 345 3.46 -26.12 40.33
C ASP E 345 4.28 -25.60 39.16
N GLY E 346 3.65 -25.00 38.16
CA GLY E 346 4.38 -24.41 37.05
C GLY E 346 4.49 -25.28 35.80
N VAL E 347 4.05 -26.53 35.85
CA VAL E 347 4.07 -27.36 34.64
C VAL E 347 3.06 -26.83 33.62
N MET E 348 1.96 -26.24 34.08
CA MET E 348 0.83 -25.90 33.23
C MET E 348 0.57 -24.40 33.27
N THR E 349 0.11 -23.86 32.16
CA THR E 349 -0.34 -22.47 32.11
C THR E 349 -1.86 -22.41 32.23
N GLN E 350 -2.38 -21.18 32.18
CA GLN E 350 -3.82 -21.00 32.35
C GLN E 350 -4.59 -21.36 31.07
N ALA E 351 -4.05 -21.00 29.90
CA ALA E 351 -4.74 -21.30 28.66
C ALA E 351 -4.89 -22.80 28.42
N GLN E 352 -3.83 -23.57 28.70
CA GLN E 352 -3.93 -25.01 28.59
C GLN E 352 -5.00 -25.55 29.53
N GLN E 353 -5.08 -25.00 30.74
CA GLN E 353 -6.11 -25.43 31.69
C GLN E 353 -7.50 -25.15 31.14
N ASN E 354 -7.72 -23.98 30.55
CA ASN E 354 -9.02 -23.67 29.97
C ASN E 354 -9.37 -24.63 28.85
N GLN E 355 -8.39 -25.00 28.02
CA GLN E 355 -8.65 -25.99 26.98
C GLN E 355 -9.07 -27.32 27.59
N VAL E 356 -8.38 -27.74 28.65
CA VAL E 356 -8.74 -28.99 29.32
C VAL E 356 -10.17 -28.93 29.87
N GLU E 357 -10.55 -27.78 30.44
CA GLU E 357 -11.88 -27.67 31.00
C GLU E 357 -12.96 -27.69 29.93
N ALA E 358 -12.72 -27.08 28.78
CA ALA E 358 -13.69 -27.17 27.70
C ALA E 358 -13.88 -28.62 27.26
N LEU E 359 -12.76 -29.35 27.09
CA LEU E 359 -12.87 -30.75 26.72
C LEU E 359 -13.68 -31.53 27.76
N ALA E 360 -13.37 -31.32 29.04
CA ALA E 360 -14.05 -32.10 30.08
C ALA E 360 -15.54 -31.82 30.09
N ASP E 361 -15.94 -30.55 29.96
CA ASP E 361 -17.36 -30.21 29.97
C ASP E 361 -18.10 -30.90 28.82
N GLN E 362 -17.59 -30.77 27.60
CA GLN E 362 -18.36 -31.34 26.50
C GLN E 362 -18.36 -32.86 26.56
N THR E 363 -17.26 -33.48 27.00
CA THR E 363 -17.24 -34.93 27.14
C THR E 363 -18.28 -35.40 28.14
N GLN E 364 -18.37 -34.72 29.29
CA GLN E 364 -19.34 -35.13 30.30
C GLN E 364 -20.76 -35.04 29.77
N GLN E 365 -21.07 -33.94 29.06
CA GLN E 365 -22.44 -33.80 28.56
C GLN E 365 -22.78 -34.89 27.55
N PHE E 366 -21.86 -35.19 26.64
CA PHE E 366 -22.10 -36.23 25.65
C PHE E 366 -22.36 -37.58 26.32
N LYS E 367 -21.51 -37.97 27.27
CA LYS E 367 -21.68 -39.24 27.94
C LYS E 367 -23.00 -39.30 28.73
N ARG E 368 -23.37 -38.20 29.39
CA ARG E 368 -24.62 -38.17 30.13
C ARG E 368 -25.81 -38.37 29.22
N ASP E 369 -25.81 -37.71 28.06
CA ASP E 369 -26.93 -37.88 27.13
C ASP E 369 -27.06 -39.33 26.70
N LYS E 370 -25.93 -39.96 26.34
CA LYS E 370 -26.00 -41.35 25.88
C LYS E 370 -26.53 -42.27 26.99
N LEU E 371 -26.05 -42.08 28.22
CA LEU E 371 -26.49 -42.95 29.30
C LEU E 371 -27.98 -42.79 29.58
N GLU E 372 -28.49 -41.55 29.56
CA GLU E 372 -29.92 -41.36 29.80
C GLU E 372 -30.77 -42.00 28.70
N THR E 373 -30.35 -41.86 27.44
CA THR E 373 -31.13 -42.47 26.36
C THR E 373 -31.17 -43.99 26.51
N TRP E 374 -30.03 -44.60 26.84
CA TRP E 374 -30.01 -46.05 27.02
C TRP E 374 -30.91 -46.47 28.19
N ALA E 375 -30.91 -45.69 29.27
CA ALA E 375 -31.77 -46.04 30.42
C ALA E 375 -33.26 -45.98 30.03
N ARG E 376 -33.64 -44.96 29.26
CA ARG E 376 -35.03 -44.87 28.83
C ARG E 376 -35.42 -46.07 27.97
N GLU E 377 -34.53 -46.47 27.04
CA GLU E 377 -34.82 -47.64 26.22
C GLU E 377 -35.00 -48.88 27.09
N ASP E 378 -34.16 -49.04 28.11
CA ASP E 378 -34.28 -50.20 29.01
C ASP E 378 -35.63 -50.22 29.70
N ASP E 379 -36.06 -49.07 30.23
CA ASP E 379 -37.33 -49.03 30.95
C ASP E 379 -38.50 -49.37 30.03
N GLN E 380 -38.48 -48.83 28.80
CA GLN E 380 -39.55 -49.15 27.86
C GLN E 380 -39.58 -50.64 27.54
N TYR E 381 -38.40 -51.25 27.32
CA TYR E 381 -38.39 -52.69 27.06
C TYR E 381 -38.98 -53.46 28.23
N ASN E 382 -38.66 -53.06 29.46
CA ASN E 382 -39.21 -53.75 30.61
C ASN E 382 -40.72 -53.64 30.67
N GLN E 383 -41.27 -52.46 30.34
CA GLN E 383 -42.73 -52.34 30.30
C GLN E 383 -43.34 -53.24 29.23
N ALA E 384 -42.70 -53.34 28.07
CA ALA E 384 -43.28 -54.15 26.99
C ALA E 384 -43.26 -55.64 27.31
N HIS E 385 -42.26 -56.12 28.05
CA HIS E 385 -42.06 -57.56 28.30
C HIS E 385 -42.02 -57.82 29.80
N PRO E 386 -43.16 -58.15 30.41
CA PRO E 386 -43.20 -58.35 31.87
C PRO E 386 -42.59 -59.65 32.35
N ASN E 387 -42.30 -60.61 31.47
CA ASN E 387 -41.77 -61.88 31.91
C ASN E 387 -40.25 -61.95 31.81
N SER E 388 -39.61 -60.99 31.14
CA SER E 388 -38.19 -61.05 30.86
C SER E 388 -37.53 -59.70 31.16
N THR E 389 -37.78 -59.18 32.35
CA THR E 389 -37.18 -57.91 32.74
C THR E 389 -35.66 -58.01 32.81
N MET E 390 -34.98 -56.91 32.47
CA MET E 390 -33.53 -56.90 32.35
C MET E 390 -33.01 -55.48 32.55
N PHE E 391 -31.71 -55.40 32.85
CA PHE E 391 -30.98 -54.13 32.85
C PHE E 391 -29.65 -54.34 32.15
N ARG E 392 -29.40 -53.56 31.09
CA ARG E 392 -28.13 -53.65 30.40
C ARG E 392 -27.01 -52.97 31.18
N THR E 393 -27.34 -52.04 32.07
CA THR E 393 -26.35 -51.27 32.80
C THR E 393 -26.81 -51.11 34.24
N LYS E 394 -25.85 -50.96 35.15
CA LYS E 394 -26.18 -50.79 36.55
C LYS E 394 -26.96 -49.49 36.75
N PRO E 395 -28.09 -49.53 37.44
CA PRO E 395 -28.94 -48.33 37.55
C PRO E 395 -28.26 -47.18 38.27
N PHE E 396 -28.64 -45.96 37.91
CA PHE E 396 -28.12 -44.75 38.53
C PHE E 396 -29.27 -43.76 38.74
N THR E 397 -28.97 -42.68 39.44
CA THR E 397 -29.95 -41.63 39.73
C THR E 397 -29.34 -40.26 39.44
N ASN E 398 -30.21 -39.27 39.31
CA ASN E 398 -29.76 -37.92 38.95
C ASN E 398 -28.85 -37.33 40.02
N ALA E 399 -29.17 -37.54 41.30
CA ALA E 399 -28.35 -36.95 42.36
C ALA E 399 -26.92 -37.49 42.34
N GLN E 400 -26.69 -38.61 41.66
CA GLN E 400 -25.34 -39.15 41.57
C GLN E 400 -24.47 -38.31 40.64
N TRP E 401 -25.06 -37.40 39.86
CA TRP E 401 -24.27 -36.54 38.99
C TRP E 401 -23.67 -35.37 39.75
N GLY E 402 -23.79 -35.35 41.07
CA GLY E 402 -23.29 -34.25 41.87
C GLY E 402 -21.82 -34.38 42.21
N ARG E 403 -21.34 -33.41 43.01
CA ARG E 403 -19.93 -33.32 43.36
C ARG E 403 -19.55 -34.04 44.64
N GLY E 404 -20.49 -34.72 45.29
CA GLY E 404 -20.30 -35.21 46.66
C GLY E 404 -18.96 -35.81 47.03
N ASN E 405 -18.31 -35.21 48.04
CA ASN E 405 -17.12 -35.74 48.69
C ASN E 405 -15.89 -35.86 47.79
N THR E 406 -15.76 -35.01 46.77
CA THR E 406 -14.62 -35.11 45.86
C THR E 406 -13.35 -34.55 46.49
N GLY E 407 -13.43 -33.34 47.03
CA GLY E 407 -12.25 -32.70 47.58
C GLY E 407 -11.68 -33.44 48.77
N ALA E 408 -12.54 -34.05 49.57
CA ALA E 408 -12.07 -34.85 50.70
C ALA E 408 -11.21 -36.02 50.22
N THR E 409 -11.64 -36.72 49.17
CA THR E 409 -10.82 -37.79 48.62
C THR E 409 -9.52 -37.25 48.03
N SER E 410 -9.56 -36.11 47.35
CA SER E 410 -8.31 -35.56 46.82
C SER E 410 -7.31 -35.26 47.93
N ALA E 411 -7.78 -34.63 49.01
CA ALA E 411 -6.90 -34.37 50.14
C ALA E 411 -6.39 -35.65 50.77
N ALA E 412 -7.25 -36.67 50.88
CA ALA E 412 -6.83 -37.93 51.48
C ALA E 412 -5.77 -38.62 50.62
N ILE E 413 -5.90 -38.55 49.29
CA ILE E 413 -4.89 -39.12 48.41
C ILE E 413 -3.58 -38.34 48.54
N ALA E 414 -3.67 -37.01 48.56
CA ALA E 414 -2.46 -36.20 48.67
C ALA E 414 -1.74 -36.42 49.98
N ALA E 415 -2.48 -36.79 51.04
CA ALA E 415 -1.84 -36.97 52.34
C ALA E 415 -0.92 -38.19 52.37
N LEU E 416 -1.05 -39.10 51.40
CA LEU E 416 -0.20 -40.29 51.41
C LEU E 416 1.27 -39.96 51.22
N ILE E 417 1.60 -39.02 50.33
CA ILE E 417 2.98 -38.61 50.13
C ILE E 417 3.48 -37.70 51.25
N MET F 1 21.95 -70.98 19.43
CA MET F 1 21.62 -69.58 19.17
C MET F 1 22.39 -69.08 17.93
N LYS F 2 21.69 -68.36 17.06
CA LYS F 2 22.24 -68.02 15.76
C LYS F 2 23.43 -67.07 15.89
N ARG F 3 24.49 -67.37 15.14
CA ARG F 3 25.68 -66.51 15.16
C ARG F 3 25.55 -65.43 14.09
N ILE F 4 25.85 -64.20 14.47
CA ILE F 4 25.70 -63.03 13.60
C ILE F 4 27.09 -62.55 13.20
N PRO F 5 27.39 -62.46 11.92
CA PRO F 5 28.73 -62.04 11.50
C PRO F 5 28.97 -60.56 11.78
N ARG F 6 30.20 -60.13 11.51
CA ARG F 6 30.60 -58.74 11.63
C ARG F 6 30.96 -58.20 10.25
N LYS F 7 30.41 -57.03 9.92
CA LYS F 7 30.80 -56.39 8.67
C LYS F 7 32.16 -55.74 8.77
N THR F 8 32.57 -55.37 9.99
CA THR F 8 33.81 -54.69 10.26
C THR F 8 34.81 -55.63 10.95
N LYS F 9 36.08 -55.52 10.57
CA LYS F 9 37.09 -56.37 11.16
C LYS F 9 37.26 -56.08 12.65
N GLY F 10 37.52 -57.14 13.40
CA GLY F 10 37.72 -57.05 14.84
C GLY F 10 39.10 -56.54 15.18
N LYS F 11 39.72 -57.18 16.17
CA LYS F 11 41.05 -56.77 16.61
C LYS F 11 42.16 -57.60 15.98
N SER F 12 41.82 -58.58 15.14
CA SER F 12 42.83 -59.39 14.49
C SER F 12 43.28 -58.74 13.19
N PRO F 40 -14.19 -77.47 5.85
CA PRO F 40 -14.29 -76.02 5.86
C PRO F 40 -13.66 -75.39 4.61
N ALA F 41 -14.38 -74.48 3.97
CA ALA F 41 -13.89 -73.87 2.74
C ALA F 41 -12.85 -72.80 3.06
N THR F 42 -11.70 -72.89 2.38
CA THR F 42 -10.65 -71.90 2.55
C THR F 42 -10.99 -70.58 1.86
N THR F 43 -11.68 -70.66 0.72
CA THR F 43 -11.90 -69.48 -0.12
C THR F 43 -12.68 -68.41 0.65
N GLU F 44 -12.17 -67.17 0.61
CA GLU F 44 -12.78 -66.03 1.25
C GLU F 44 -13.33 -65.08 0.20
N PRO F 45 -14.51 -64.48 0.43
CA PRO F 45 -15.15 -63.72 -0.66
C PRO F 45 -14.32 -62.60 -1.29
N GLY F 46 -13.81 -61.65 -0.51
CA GLY F 46 -13.26 -60.47 -1.15
C GLY F 46 -11.79 -60.49 -1.52
N THR F 47 -11.15 -61.65 -1.50
CA THR F 47 -9.70 -61.72 -1.58
C THR F 47 -9.15 -61.79 -3.01
N SER F 48 -10.00 -61.76 -4.03
CA SER F 48 -9.52 -61.85 -5.40
C SER F 48 -8.80 -60.56 -5.79
N ASN F 49 -7.86 -60.69 -6.73
CA ASN F 49 -6.90 -59.64 -7.03
C ASN F 49 -7.05 -59.06 -8.43
N ARG F 50 -8.27 -58.74 -8.85
CA ARG F 50 -8.51 -58.20 -10.18
C ARG F 50 -8.47 -56.67 -10.24
N GLU F 51 -7.98 -55.99 -9.21
CA GLU F 51 -7.85 -54.54 -9.24
C GLU F 51 -6.78 -54.11 -10.24
N GLN F 52 -7.05 -53.00 -10.93
CA GLN F 52 -6.14 -52.46 -11.93
C GLN F 52 -5.94 -50.96 -11.68
N TYR F 53 -4.82 -50.60 -11.08
CA TYR F 53 -4.51 -49.22 -10.76
C TYR F 53 -3.05 -48.91 -11.07
N LYS F 54 -2.80 -47.73 -11.63
CA LYS F 54 -1.45 -47.23 -11.84
C LYS F 54 -1.25 -45.96 -11.02
N ALA F 55 -0.09 -45.83 -10.42
CA ALA F 55 0.17 -44.71 -9.52
C ALA F 55 0.61 -43.47 -10.28
N ARG F 56 0.41 -42.33 -9.65
CA ARG F 56 0.80 -41.04 -10.23
C ARG F 56 1.06 -40.10 -9.06
N PRO F 57 2.34 -39.87 -8.69
CA PRO F 57 3.54 -40.35 -9.36
C PRO F 57 3.85 -41.84 -9.14
N GLY F 58 4.63 -42.41 -10.05
CA GLY F 58 4.89 -43.84 -10.02
C GLY F 58 5.77 -44.23 -8.85
N ILE F 59 5.66 -45.49 -8.45
CA ILE F 59 6.39 -45.96 -7.28
C ILE F 59 7.89 -46.00 -7.57
N ALA F 60 8.28 -46.50 -8.74
CA ALA F 60 9.69 -46.69 -9.01
C ALA F 60 10.46 -45.37 -9.05
N SER F 61 9.87 -44.34 -9.65
CA SER F 61 10.58 -43.07 -9.78
C SER F 61 10.91 -42.47 -8.42
N VAL F 62 9.89 -42.34 -7.56
CA VAL F 62 10.11 -41.82 -6.22
C VAL F 62 10.97 -42.76 -5.40
N GLN F 63 10.89 -44.07 -5.64
CA GLN F 63 11.73 -45.01 -4.90
C GLN F 63 13.20 -44.79 -5.22
N ARG F 64 13.54 -44.61 -6.50
CA ARG F 64 14.93 -44.37 -6.85
C ARG F 64 15.42 -43.03 -6.33
N ALA F 65 14.58 -41.99 -6.40
CA ALA F 65 14.97 -40.69 -5.86
C ALA F 65 15.22 -40.76 -4.36
N THR F 66 14.33 -41.45 -3.63
CA THR F 66 14.51 -41.61 -2.19
C THR F 66 15.74 -42.45 -1.86
N GLU F 67 16.02 -43.47 -2.66
CA GLU F 67 17.24 -44.25 -2.49
C GLU F 67 18.47 -43.36 -2.61
N SER F 68 18.48 -42.47 -3.60
CA SER F 68 19.61 -41.57 -3.75
C SER F 68 19.70 -40.59 -2.57
N ALA F 69 18.56 -40.18 -2.04
CA ALA F 69 18.58 -39.24 -0.91
C ALA F 69 18.94 -39.93 0.41
N GLU F 70 18.82 -41.25 0.50
CA GLU F 70 19.11 -41.96 1.74
C GLU F 70 20.58 -41.90 2.12
N MET F 71 21.47 -41.59 1.17
CA MET F 71 22.90 -41.77 1.39
C MET F 71 23.43 -40.81 2.44
N PRO F 72 24.24 -41.28 3.39
CA PRO F 72 24.82 -40.38 4.38
C PRO F 72 26.08 -39.69 3.86
N MET F 73 26.55 -38.73 4.64
CA MET F 73 27.67 -37.89 4.23
C MET F 73 29.00 -38.64 4.35
N LYS F 74 29.98 -38.19 3.57
CA LYS F 74 31.28 -38.85 3.55
C LYS F 74 32.14 -38.43 4.74
N ASN F 75 33.04 -39.31 5.14
CA ASN F 75 33.91 -39.02 6.27
C ASN F 75 35.14 -38.26 5.80
N ASN F 76 35.39 -37.12 6.46
CA ASN F 76 36.50 -36.22 6.13
C ASN F 76 37.54 -36.38 7.23
N ASP F 77 38.49 -37.29 7.01
CA ASP F 77 39.52 -37.57 7.99
C ASP F 77 40.84 -36.88 7.70
N GLU F 78 40.87 -35.95 6.74
CA GLU F 78 42.12 -35.29 6.38
C GLU F 78 42.55 -34.33 7.49
N GLY F 79 43.80 -34.42 7.89
CA GLY F 79 44.33 -33.60 8.96
C GLY F 79 44.26 -34.21 10.35
N THR F 80 43.87 -35.46 10.47
CA THR F 80 43.68 -36.15 11.73
C THR F 80 44.75 -37.21 11.93
N PRO F 81 45.00 -37.63 13.17
CA PRO F 81 46.10 -38.55 13.43
C PRO F 81 45.85 -39.94 12.88
N ASP F 82 46.94 -40.68 12.71
CA ASP F 82 46.88 -42.10 12.41
C ASP F 82 46.84 -42.88 13.72
N LYS F 83 46.97 -44.20 13.64
CA LYS F 83 46.95 -44.97 14.88
C LYS F 83 48.28 -44.96 15.60
N LYS F 84 49.33 -44.37 15.02
CA LYS F 84 50.62 -44.23 15.68
C LYS F 84 51.09 -42.79 15.77
N GLY F 85 50.24 -41.83 15.41
CA GLY F 85 50.55 -40.42 15.58
C GLY F 85 50.73 -39.62 14.31
N ASN F 86 51.04 -40.27 13.19
CA ASN F 86 51.26 -39.54 11.95
C ASN F 86 49.95 -38.98 11.42
N THR F 87 50.05 -37.86 10.71
CA THR F 87 48.88 -37.16 10.20
C THR F 87 48.41 -37.74 8.88
N LYS F 88 47.10 -37.79 8.69
CA LYS F 88 46.47 -38.34 7.50
C LYS F 88 46.08 -37.22 6.55
N GLY F 89 46.51 -37.30 5.31
CA GLY F 89 46.18 -36.34 4.29
C GLY F 89 47.30 -36.20 3.28
N ASP F 90 47.29 -35.08 2.56
CA ASP F 90 48.31 -34.75 1.58
C ASP F 90 48.98 -33.43 1.96
N LEU F 91 50.24 -33.27 1.53
CA LEU F 91 51.05 -32.12 1.90
C LEU F 91 50.77 -30.95 0.94
N VAL F 92 49.61 -30.33 1.14
CA VAL F 92 49.12 -29.25 0.29
C VAL F 92 48.65 -28.10 1.18
N ASN F 93 48.82 -26.87 0.70
CA ASN F 93 48.39 -25.69 1.43
C ASN F 93 46.87 -25.69 1.60
N GLU F 94 46.38 -25.03 2.66
CA GLU F 94 44.97 -25.12 3.02
C GLU F 94 44.07 -24.35 2.05
N HIS F 95 44.45 -23.13 1.68
CA HIS F 95 43.62 -22.37 0.75
C HIS F 95 43.63 -23.00 -0.64
N SER F 96 44.80 -23.46 -1.08
CA SER F 96 44.87 -24.24 -2.31
C SER F 96 43.99 -25.47 -2.20
N GLU F 97 43.94 -26.09 -1.02
CA GLU F 97 43.09 -27.25 -0.82
C GLU F 97 41.61 -26.90 -0.99
N ALA F 98 41.19 -25.75 -0.45
CA ALA F 98 39.80 -25.35 -0.58
C ALA F 98 39.43 -25.08 -2.04
N LYS F 99 40.31 -24.40 -2.77
CA LYS F 99 40.01 -24.12 -4.17
C LYS F 99 40.00 -25.39 -5.02
N ASP F 100 40.92 -26.32 -4.74
CA ASP F 100 40.93 -27.60 -5.43
C ASP F 100 39.62 -28.37 -5.18
N GLU F 101 39.14 -28.36 -3.95
CA GLU F 101 37.91 -29.06 -3.64
C GLU F 101 36.70 -28.40 -4.31
N ALA F 102 36.68 -27.07 -4.38
CA ALA F 102 35.60 -26.39 -5.08
C ALA F 102 35.56 -26.79 -6.56
N ASP F 103 36.73 -26.84 -7.20
CA ASP F 103 36.79 -27.28 -8.58
C ASP F 103 36.29 -28.71 -8.75
N GLU F 104 36.70 -29.60 -7.85
CA GLU F 104 36.28 -31.00 -7.95
C GLU F 104 34.78 -31.13 -7.81
N ALA F 105 34.19 -30.39 -6.86
CA ALA F 105 32.74 -30.45 -6.66
C ALA F 105 31.99 -29.93 -7.87
N THR F 106 32.49 -28.85 -8.48
CA THR F 106 31.84 -28.33 -9.68
C THR F 106 31.90 -29.34 -10.83
N LYS F 107 33.03 -30.01 -10.99
CA LYS F 107 33.13 -31.03 -12.04
C LYS F 107 32.15 -32.17 -11.78
N LYS F 108 32.03 -32.60 -10.53
CA LYS F 108 31.06 -33.64 -10.20
C LYS F 108 29.63 -33.19 -10.48
N GLN F 109 29.31 -31.93 -10.23
CA GLN F 109 27.98 -31.42 -10.56
C GLN F 109 27.73 -31.49 -12.08
N ALA F 110 28.71 -31.05 -12.86
CA ALA F 110 28.57 -31.13 -14.32
C ALA F 110 28.41 -32.56 -14.78
N LYS F 111 29.13 -33.49 -14.17
CA LYS F 111 28.94 -34.91 -14.49
C LYS F 111 27.53 -35.36 -14.15
N ASP F 112 27.00 -34.91 -13.02
CA ASP F 112 25.72 -35.44 -12.55
C ASP F 112 24.56 -34.94 -13.40
N THR F 113 24.61 -33.67 -13.85
CA THR F 113 23.53 -33.20 -14.72
C THR F 113 23.78 -33.51 -16.19
N ASP F 114 24.87 -34.21 -16.51
CA ASP F 114 25.25 -34.67 -17.85
C ASP F 114 25.69 -33.55 -18.78
N LYS F 115 25.76 -32.31 -18.32
CA LYS F 115 26.21 -31.22 -19.16
C LYS F 115 27.74 -31.18 -19.20
N SER F 116 28.26 -30.44 -20.18
CA SER F 116 29.69 -30.16 -20.20
C SER F 116 30.06 -29.10 -19.17
N LYS F 117 29.26 -28.04 -19.05
CA LYS F 117 29.48 -26.98 -18.09
C LYS F 117 28.35 -26.98 -17.07
N ALA F 118 28.69 -26.92 -15.80
CA ALA F 118 27.69 -26.94 -14.74
C ALA F 118 26.92 -25.64 -14.71
N GLN F 119 25.61 -25.74 -14.51
CA GLN F 119 24.78 -24.54 -14.32
C GLN F 119 24.93 -23.99 -12.92
N VAL F 120 25.13 -24.86 -11.94
CA VAL F 120 25.30 -24.49 -10.53
C VAL F 120 26.75 -24.78 -10.16
N THR F 121 27.49 -23.75 -9.80
CA THR F 121 28.94 -23.86 -9.64
C THR F 121 29.37 -23.41 -8.25
N TYR F 122 30.43 -24.03 -7.75
CA TYR F 122 31.01 -23.68 -6.46
C TYR F 122 32.29 -22.87 -6.57
N SER F 123 32.89 -22.79 -7.75
CA SER F 123 34.07 -21.98 -7.99
C SER F 123 33.70 -20.78 -8.85
N ASP F 124 34.56 -19.77 -8.83
CA ASP F 124 34.39 -18.55 -9.62
C ASP F 124 33.08 -17.85 -9.32
N THR F 125 32.46 -18.15 -8.20
CA THR F 125 31.34 -17.36 -7.73
C THR F 125 31.82 -15.95 -7.40
N GLY F 126 30.92 -14.97 -7.54
CA GLY F 126 31.32 -13.58 -7.47
C GLY F 126 31.69 -13.08 -6.10
N ILE F 127 31.95 -13.97 -5.15
CA ILE F 127 32.27 -13.61 -3.77
C ILE F 127 33.77 -13.71 -3.59
N ASN F 128 34.38 -12.64 -3.07
CA ASN F 128 35.80 -12.65 -2.77
C ASN F 128 36.07 -13.44 -1.49
N ASN F 129 36.14 -14.75 -1.64
CA ASN F 129 36.29 -15.63 -0.50
C ASN F 129 37.72 -16.15 -0.36
N ALA F 130 38.70 -15.24 -0.26
CA ALA F 130 40.11 -15.58 -0.38
C ALA F 130 40.76 -15.96 0.92
N ASN F 131 40.10 -15.79 2.06
CA ASN F 131 40.66 -16.17 3.35
C ASN F 131 40.21 -17.55 3.79
N GLU F 132 39.48 -18.28 2.96
CA GLU F 132 38.90 -19.54 3.38
C GLU F 132 39.97 -20.61 3.56
N LEU F 133 39.81 -21.43 4.59
CA LEU F 133 40.78 -22.46 4.93
C LEU F 133 40.10 -23.81 5.01
N SER F 134 40.83 -24.86 4.67
CA SER F 134 40.35 -26.23 4.72
C SER F 134 41.40 -27.11 5.36
N ARG F 135 40.96 -28.23 5.92
CA ARG F 135 41.89 -29.17 6.53
C ARG F 135 42.77 -29.84 5.48
N SER F 136 43.97 -30.19 5.89
CA SER F 136 44.94 -30.82 5.00
C SER F 136 45.99 -31.52 5.86
N GLY F 137 46.92 -32.20 5.20
CA GLY F 137 47.98 -32.89 5.90
C GLY F 137 49.23 -32.08 6.12
N ASN F 138 49.17 -30.77 5.90
CA ASN F 138 50.36 -29.95 5.97
C ASN F 138 50.72 -29.51 7.38
N VAL F 139 49.83 -29.70 8.36
CA VAL F 139 50.09 -29.28 9.74
C VAL F 139 49.71 -30.41 10.68
N ASP F 140 50.38 -30.46 11.83
CA ASP F 140 50.03 -31.40 12.88
C ASP F 140 49.27 -30.68 14.00
N ASN F 141 49.04 -31.41 15.09
CA ASN F 141 48.16 -30.93 16.15
C ASN F 141 48.78 -29.80 16.98
N GLU F 142 50.09 -29.76 17.12
CA GLU F 142 50.73 -28.69 17.88
C GLU F 142 50.97 -27.43 17.05
N GLY F 143 50.56 -27.41 15.79
CA GLY F 143 50.72 -26.22 14.98
C GLY F 143 51.93 -26.21 14.08
N GLY F 144 52.76 -27.24 14.11
CA GLY F 144 53.93 -27.30 13.26
C GLY F 144 53.64 -27.90 11.90
N SER F 145 54.68 -27.93 11.06
CA SER F 145 54.54 -28.49 9.73
C SER F 145 54.88 -29.98 9.71
N ASN F 146 54.23 -30.71 8.83
CA ASN F 146 54.56 -32.11 8.57
C ASN F 146 55.54 -32.23 7.42
N GLN F 147 56.65 -31.50 7.49
CA GLN F 147 57.75 -31.74 6.57
C GLN F 147 58.39 -33.09 6.84
N LYS F 148 58.20 -33.61 8.05
CA LYS F 148 58.77 -34.87 8.46
C LYS F 148 57.79 -35.50 9.44
N PRO F 149 57.45 -36.77 9.28
CA PRO F 149 56.41 -37.37 10.13
C PRO F 149 56.81 -37.33 11.60
N MET F 150 55.78 -37.30 12.46
CA MET F 150 55.99 -37.15 13.90
C MET F 150 56.81 -38.30 14.45
N SER F 151 56.52 -39.52 14.00
CA SER F 151 57.26 -40.67 14.51
C SER F 151 58.74 -40.56 14.21
N THR F 152 59.10 -40.02 13.03
CA THR F 152 60.50 -39.81 12.70
C THR F 152 61.16 -38.82 13.67
N ARG F 153 60.46 -37.72 13.97
CA ARG F 153 60.99 -36.73 14.89
C ARG F 153 61.19 -37.33 16.28
N ILE F 154 60.24 -38.14 16.74
CA ILE F 154 60.39 -38.83 18.02
C ILE F 154 61.62 -39.72 17.99
N ALA F 155 61.79 -40.46 16.88
CA ALA F 155 62.90 -41.40 16.78
C ALA F 155 64.25 -40.69 16.84
N GLU F 156 64.40 -39.57 16.13
CA GLU F 156 65.67 -38.86 16.15
C GLU F 156 65.94 -38.21 17.50
N ALA F 157 64.93 -37.58 18.07
CA ALA F 157 65.11 -36.94 19.37
C ALA F 157 65.48 -37.97 20.43
N THR F 158 64.96 -39.20 20.29
CA THR F 158 65.37 -40.26 21.20
C THR F 158 66.77 -40.76 20.89
N SER F 159 67.10 -40.92 19.61
CA SER F 159 68.42 -41.44 19.24
C SER F 159 69.54 -40.52 19.69
N ALA F 160 69.24 -39.24 19.91
CA ALA F 160 70.29 -38.33 20.33
C ALA F 160 70.80 -38.61 21.74
N ILE F 161 70.12 -39.47 22.50
CA ILE F 161 70.47 -39.58 23.91
C ILE F 161 70.95 -41.01 24.26
N VAL F 162 71.10 -41.86 23.25
CA VAL F 162 71.53 -43.25 23.49
C VAL F 162 72.99 -43.30 23.96
N SER F 163 73.32 -44.35 24.72
CA SER F 163 74.68 -44.60 25.17
C SER F 163 74.98 -46.09 25.05
N LYS F 164 76.27 -46.42 24.93
CA LYS F 164 76.70 -47.76 24.56
C LYS F 164 77.57 -48.37 25.63
N HIS F 165 77.95 -49.63 25.41
CA HIS F 165 78.82 -50.33 26.35
C HIS F 165 80.21 -49.71 26.37
N PRO F 166 80.87 -49.67 27.52
CA PRO F 166 82.20 -49.06 27.59
C PRO F 166 83.20 -49.84 26.76
N ALA F 167 84.15 -49.11 26.17
CA ALA F 167 85.08 -49.67 25.20
C ALA F 167 85.91 -50.81 25.78
#